data_5UW3
#
_entry.id   5UW3
#
_cell.length_a   65.495
_cell.length_b   85.591
_cell.length_c   137.720
_cell.angle_alpha   87.41
_cell.angle_beta   78.28
_cell.angle_gamma   89.33
#
_symmetry.space_group_name_H-M   'P 1'
#
loop_
_entity.id
_entity.type
_entity.pdbx_description
1 polymer 'Peptide cyclase 1'
2 polymer 'Presegetalin A1'
3 non-polymer 'CACODYLATE ION'
4 water water
#
loop_
_entity_poly.entity_id
_entity_poly.type
_entity_poly.pdbx_seq_one_letter_code
_entity_poly.pdbx_strand_id
1 'polypeptide(L)'
;MSYYHHHHHHLESTSLYKKAGSEFALMATSGFSKPLHYPPVRRDETVVDDYFGVKVADPYRWLEDPNSEETKEFVDNQEK
LANSVLEECELIDKFKQKIIDFVNFPRCGVPFRRANKYFHFYNSGLQAQNVFQMQDDLDGKPEVLYDPNLREGGRSGLSL
YSVSEDAKYFAFGIHSGLTEWVTIKILKTEDRSYLPDTLEWVKFSPAIWTHDNKGFFYCPYPPLKEGEDHMTRSAVNQEA
RYHFLGTDQSEDILLWRDLENPAHHLKCQITDDGKYFLLYILDGCDDANKVYCLDLTKLPNGLESFRGREDSAPFMKLID
SFDASYTAIANDGSVFTFQTNKDAPRKKLVRVDLNNPSVWTDLVPESKKDLLESAHAVNENQLILRYLSDVKHVLEIRDL
ESGALQHRLPIDIGSVDGITARRRDSVVFFKFTSILTPGIVYQCDLKNDPTQLKIFRESVVPDFDRSEFEVKQVFVPSKD
GTKIPIFIAARKGISLDGSHPCEMHGYGGFGINMMPTFSASRIVFLKHLGGVFCLANIRGGGEYGEEWHKAGFRDKKQNV
FDDFISAAEYLISSGYTKARRVAIEGGSNGGLLVAACINQRPDLFGCAEANCGVMDMLRFHKFTLGYLWTGDYGCSDKEE
EFKWLIKYSPIHNVRRPWEQPGNEETQYPATMILTADHDDRVVPLHSFKLLATMQHVLCTSLEDSPQKNPIIARIQRKAA
HYGRATMTQIAEVADRYGFMAKALEAPWID
;
A,B,C,D
2 'polypeptide(L)' GVPVWAFQAKDVENASAPV E,F,G,H
#
loop_
_chem_comp.id
_chem_comp.type
_chem_comp.name
_chem_comp.formula
CAC non-polymer 'CACODYLATE ION' 'C2 H6 As O2 -1'
#
# COMPACT_ATOMS: atom_id res chain seq x y z
N TYR A 38 -68.68 10.23 21.85
CA TYR A 38 -68.20 9.07 20.96
C TYR A 38 -69.26 8.74 19.95
N PRO A 39 -68.87 8.55 18.68
CA PRO A 39 -69.87 8.16 17.67
C PRO A 39 -70.40 6.74 17.86
N PRO A 40 -71.65 6.53 17.42
CA PRO A 40 -72.21 5.19 17.48
C PRO A 40 -71.49 4.26 16.58
N VAL A 41 -71.13 3.09 17.05
CA VAL A 41 -70.42 2.10 16.21
C VAL A 41 -71.11 0.79 16.37
N ARG A 42 -71.59 0.26 15.27
CA ARG A 42 -72.46 -0.91 15.30
C ARG A 42 -71.69 -2.16 15.68
N ARG A 43 -72.30 -2.96 16.58
CA ARG A 43 -71.79 -4.29 16.92
C ARG A 43 -72.60 -5.37 16.26
N ASP A 44 -71.95 -6.26 15.54
CA ASP A 44 -72.61 -7.41 15.00
C ASP A 44 -72.43 -8.57 15.98
N GLU A 45 -73.43 -8.76 16.82
CA GLU A 45 -73.34 -9.77 17.91
C GLU A 45 -73.45 -11.22 17.44
N THR A 46 -73.65 -11.43 16.16
CA THR A 46 -73.74 -12.78 15.66
C THR A 46 -72.37 -13.41 15.29
N VAL A 47 -71.33 -12.58 15.12
CA VAL A 47 -70.06 -13.09 14.59
C VAL A 47 -69.26 -13.76 15.72
N VAL A 48 -69.07 -15.09 15.60
CA VAL A 48 -68.32 -15.84 16.63
C VAL A 48 -67.58 -16.94 15.92
N ASP A 49 -66.37 -17.20 16.36
CA ASP A 49 -65.52 -18.25 15.77
C ASP A 49 -64.99 -19.15 16.87
N ASP A 50 -64.84 -20.41 16.51
CA ASP A 50 -64.30 -21.39 17.40
C ASP A 50 -62.84 -21.62 17.08
N TYR A 51 -61.96 -21.30 18.02
CA TYR A 51 -60.56 -21.68 17.90
C TYR A 51 -60.25 -22.81 18.84
N PHE A 52 -60.22 -24.04 18.34
CA PHE A 52 -59.85 -25.21 19.16
C PHE A 52 -60.65 -25.28 20.47
N GLY A 53 -61.96 -25.03 20.39
CA GLY A 53 -62.83 -25.02 21.57
C GLY A 53 -62.97 -23.71 22.29
N VAL A 54 -62.20 -22.69 21.90
CA VAL A 54 -62.34 -21.38 22.52
C VAL A 54 -63.19 -20.51 21.60
N LYS A 55 -64.27 -19.95 22.16
CA LYS A 55 -65.19 -19.12 21.39
C LYS A 55 -64.70 -17.68 21.41
N VAL A 56 -64.43 -17.11 20.24
CA VAL A 56 -64.00 -15.74 20.15
C VAL A 56 -65.05 -14.95 19.33
N ALA A 57 -65.69 -13.98 19.94
CA ALA A 57 -66.62 -13.08 19.25
C ALA A 57 -65.85 -11.94 18.54
N ASP A 58 -66.37 -11.54 17.38
CA ASP A 58 -65.76 -10.49 16.56
C ASP A 58 -66.85 -9.50 16.11
N PRO A 59 -67.40 -8.73 17.04
CA PRO A 59 -68.49 -7.82 16.71
C PRO A 59 -68.20 -6.71 15.69
N TYR A 60 -66.91 -6.40 15.44
CA TYR A 60 -66.52 -5.42 14.43
C TYR A 60 -65.84 -6.05 13.18
N ARG A 61 -66.16 -7.31 12.93
CA ARG A 61 -65.72 -7.99 11.69
C ARG A 61 -66.01 -7.15 10.42
N TRP A 62 -67.12 -6.41 10.45
CA TRP A 62 -67.57 -5.63 9.30
C TRP A 62 -66.58 -4.50 8.93
N LEU A 63 -65.78 -4.05 9.92
CA LEU A 63 -64.66 -3.12 9.65
C LEU A 63 -63.54 -3.71 8.81
N GLU A 64 -63.49 -5.03 8.61
CA GLU A 64 -62.51 -5.59 7.69
C GLU A 64 -62.76 -5.26 6.20
N ASP A 65 -63.94 -4.75 5.86
CA ASP A 65 -64.24 -4.36 4.48
C ASP A 65 -64.05 -2.86 4.39
N PRO A 66 -62.93 -2.43 3.74
CA PRO A 66 -62.62 -1.01 3.71
C PRO A 66 -63.51 -0.21 2.74
N ASN A 67 -64.31 -0.90 1.93
CA ASN A 67 -65.09 -0.26 0.88
C ASN A 67 -66.60 -0.02 1.19
N SER A 68 -67.12 -0.56 2.31
CA SER A 68 -68.53 -0.42 2.62
C SER A 68 -68.83 0.98 3.07
N GLU A 69 -70.05 1.43 2.86
CA GLU A 69 -70.39 2.76 3.36
C GLU A 69 -70.34 2.78 4.85
N GLU A 70 -70.62 1.65 5.49
CA GLU A 70 -70.61 1.63 6.96
C GLU A 70 -69.17 1.86 7.49
N THR A 71 -68.22 1.20 6.85
CA THR A 71 -66.81 1.44 7.23
C THR A 71 -66.43 2.88 6.92
N LYS A 72 -66.77 3.37 5.74
CA LYS A 72 -66.41 4.76 5.41
C LYS A 72 -67.05 5.76 6.35
N GLU A 73 -68.29 5.47 6.78
CA GLU A 73 -68.95 6.28 7.83
C GLU A 73 -68.23 6.21 9.15
N PHE A 74 -67.74 5.02 9.53
CA PHE A 74 -66.89 4.88 10.74
C PHE A 74 -65.68 5.82 10.69
N VAL A 75 -64.97 5.74 9.56
CA VAL A 75 -63.81 6.58 9.34
C VAL A 75 -64.18 8.04 9.42
N ASP A 76 -65.24 8.45 8.68
CA ASP A 76 -65.70 9.82 8.78
C ASP A 76 -65.98 10.17 10.23
N ASN A 77 -66.68 9.31 10.93
CA ASN A 77 -67.07 9.63 12.34
C ASN A 77 -65.86 9.75 13.32
N GLN A 78 -64.95 8.84 13.16
CA GLN A 78 -63.69 8.89 13.94
C GLN A 78 -62.85 10.10 13.58
N GLU A 79 -62.79 10.46 12.30
CA GLU A 79 -62.05 11.64 11.91
C GLU A 79 -62.67 12.85 12.59
N LYS A 80 -63.99 12.90 12.60
CA LYS A 80 -64.68 14.02 13.20
C LYS A 80 -64.36 14.07 14.68
N LEU A 81 -64.46 12.95 15.33
CA LEU A 81 -64.11 12.88 16.78
C LEU A 81 -62.68 13.32 17.04
N ALA A 82 -61.77 12.75 16.29
CA ALA A 82 -60.33 13.09 16.37
C ALA A 82 -60.11 14.55 16.25
N ASN A 83 -60.68 15.17 15.20
CA ASN A 83 -60.51 16.57 14.96
C ASN A 83 -61.02 17.37 16.16
N SER A 84 -62.14 16.95 16.72
CA SER A 84 -62.72 17.61 17.87
C SER A 84 -61.81 17.52 19.12
N VAL A 85 -61.17 16.38 19.32
CA VAL A 85 -60.18 16.27 20.40
C VAL A 85 -58.91 17.07 20.08
N LEU A 86 -58.40 16.93 18.86
CA LEU A 86 -57.20 17.64 18.53
C LEU A 86 -57.37 19.14 18.60
N GLU A 87 -58.57 19.67 18.32
CA GLU A 87 -58.72 21.14 18.40
C GLU A 87 -58.65 21.63 19.86
N GLU A 88 -58.86 20.75 20.84
CA GLU A 88 -58.58 21.07 22.26
C GLU A 88 -57.07 21.04 22.62
N CYS A 89 -56.24 20.53 21.71
CA CYS A 89 -54.82 20.39 21.95
C CYS A 89 -54.12 21.58 21.40
N GLU A 90 -54.00 22.59 22.23
CA GLU A 90 -53.62 23.89 21.76
C GLU A 90 -52.15 24.09 21.42
N LEU A 91 -51.33 23.05 21.64
CA LEU A 91 -49.94 23.17 21.32
C LEU A 91 -49.57 22.52 19.98
N ILE A 92 -50.54 21.93 19.28
CA ILE A 92 -50.26 21.34 18.00
C ILE A 92 -49.59 22.35 17.07
N ASP A 93 -50.12 23.57 17.01
CA ASP A 93 -49.57 24.56 16.10
C ASP A 93 -48.16 25.02 16.50
N LYS A 94 -47.91 25.13 17.81
CA LYS A 94 -46.59 25.42 18.32
C LYS A 94 -45.59 24.29 17.99
N PHE A 95 -45.99 23.04 18.13
CA PHE A 95 -45.10 21.93 17.81
C PHE A 95 -44.82 21.98 16.29
N LYS A 96 -45.87 22.15 15.49
CA LYS A 96 -45.76 22.13 14.05
C LYS A 96 -44.75 23.13 13.53
N GLN A 97 -44.78 24.36 14.03
CA GLN A 97 -43.92 25.38 13.52
C GLN A 97 -42.49 25.20 13.99
N LYS A 98 -42.33 24.78 15.22
CA LYS A 98 -41.04 24.46 15.72
C LYS A 98 -40.40 23.28 14.96
N ILE A 99 -41.19 22.27 14.56
CA ILE A 99 -40.67 21.15 13.81
C ILE A 99 -40.27 21.56 12.40
N ILE A 100 -41.13 22.33 11.74
CA ILE A 100 -40.78 22.95 10.48
C ILE A 100 -39.45 23.74 10.56
N ASP A 101 -39.29 24.56 11.58
CA ASP A 101 -38.13 25.40 11.69
C ASP A 101 -36.86 24.58 11.93
N PHE A 102 -36.97 23.56 12.74
CA PHE A 102 -35.83 22.71 12.99
C PHE A 102 -35.42 21.81 11.80
N VAL A 103 -36.38 21.40 10.97
CA VAL A 103 -36.16 20.56 9.78
C VAL A 103 -35.63 21.36 8.56
N ASN A 104 -35.68 22.70 8.65
CA ASN A 104 -35.39 23.58 7.51
C ASN A 104 -33.90 23.88 7.35
N PHE A 105 -33.21 22.84 6.89
CA PHE A 105 -31.75 22.90 6.65
C PHE A 105 -31.40 21.97 5.52
N PRO A 106 -30.46 22.39 4.66
CA PRO A 106 -30.12 21.56 3.52
C PRO A 106 -29.42 20.23 3.97
N ARG A 107 -29.79 19.15 3.26
CA ARG A 107 -29.25 17.84 3.50
C ARG A 107 -28.73 17.24 2.18
N CYS A 108 -27.43 16.93 2.19
CA CYS A 108 -26.75 16.22 1.10
C CYS A 108 -26.48 14.80 1.54
N GLY A 109 -27.12 13.82 0.88
CA GLY A 109 -26.89 12.43 1.20
C GLY A 109 -25.49 11.90 0.81
N VAL A 110 -25.15 10.69 1.26
CA VAL A 110 -23.89 10.04 0.95
C VAL A 110 -23.74 9.84 -0.57
N PRO A 111 -22.66 10.33 -1.17
CA PRO A 111 -22.46 10.19 -2.59
C PRO A 111 -21.92 8.81 -2.96
N PHE A 112 -22.26 8.37 -4.14
CA PHE A 112 -21.63 7.17 -4.68
C PHE A 112 -21.13 7.45 -6.07
N ARG A 113 -20.16 6.64 -6.47
CA ARG A 113 -19.49 6.82 -7.74
C ARG A 113 -19.85 5.80 -8.79
N ARG A 114 -20.02 6.26 -10.04
CA ARG A 114 -20.08 5.37 -11.21
C ARG A 114 -19.23 6.07 -12.27
N ALA A 115 -18.29 5.32 -12.84
CA ALA A 115 -17.38 5.86 -13.80
C ALA A 115 -16.79 7.15 -13.15
N ASN A 116 -16.85 8.28 -13.83
CA ASN A 116 -16.22 9.51 -13.23
C ASN A 116 -17.20 10.39 -12.47
N LYS A 117 -18.45 9.94 -12.40
CA LYS A 117 -19.54 10.80 -11.92
C LYS A 117 -19.89 10.39 -10.48
N TYR A 118 -20.45 11.34 -9.75
CA TYR A 118 -20.95 11.13 -8.39
C TYR A 118 -22.43 11.41 -8.35
N PHE A 119 -23.13 10.62 -7.58
CA PHE A 119 -24.59 10.70 -7.43
C PHE A 119 -24.98 10.75 -5.99
N HIS A 120 -26.00 11.57 -5.71
CA HIS A 120 -26.54 11.64 -4.37
C HIS A 120 -27.87 12.28 -4.26
N PHE A 121 -28.53 12.11 -3.12
CA PHE A 121 -29.80 12.77 -2.86
C PHE A 121 -29.57 14.10 -2.16
N TYR A 122 -30.41 15.05 -2.52
CA TYR A 122 -30.41 16.39 -1.95
C TYR A 122 -31.81 16.85 -1.52
N ASN A 123 -31.87 17.66 -0.45
CA ASN A 123 -33.12 18.36 -0.09
C ASN A 123 -32.71 19.69 0.44
N SER A 124 -33.33 20.76 -0.08
CA SER A 124 -32.98 22.13 0.35
C SER A 124 -33.46 22.38 1.80
N GLY A 125 -34.33 21.52 2.31
CA GLY A 125 -34.74 21.51 3.75
C GLY A 125 -36.17 21.06 3.85
N LEU A 126 -37.04 21.72 3.07
CA LEU A 126 -38.49 21.49 3.16
C LEU A 126 -39.15 20.98 1.91
N GLN A 127 -38.37 20.39 1.01
CA GLN A 127 -38.96 19.76 -0.19
C GLN A 127 -39.66 18.51 0.25
N ALA A 128 -40.76 18.22 -0.44
CA ALA A 128 -41.58 17.08 -0.08
C ALA A 128 -40.79 15.76 -0.07
N GLN A 129 -39.92 15.60 -1.09
CA GLN A 129 -39.03 14.43 -1.22
C GLN A 129 -37.63 14.90 -1.71
N ASN A 130 -36.65 14.03 -1.49
CA ASN A 130 -35.25 14.30 -1.86
C ASN A 130 -35.12 14.16 -3.35
N VAL A 131 -34.24 15.00 -3.87
CA VAL A 131 -33.98 15.09 -5.34
C VAL A 131 -32.68 14.31 -5.66
N PHE A 132 -32.68 13.52 -6.73
CA PHE A 132 -31.52 12.78 -7.09
C PHE A 132 -30.65 13.60 -8.03
N GLN A 133 -29.39 13.80 -7.63
CA GLN A 133 -28.49 14.71 -8.37
C GLN A 133 -27.23 13.96 -8.82
N MET A 134 -26.58 14.51 -9.83
CA MET A 134 -25.31 14.01 -10.35
C MET A 134 -24.32 15.15 -10.48
N GLN A 135 -23.06 14.82 -10.34
CA GLN A 135 -22.01 15.80 -10.54
C GLN A 135 -20.75 15.12 -11.11
N ASP A 136 -19.91 15.93 -11.75
CA ASP A 136 -18.66 15.50 -12.28
C ASP A 136 -17.59 15.51 -11.23
N ASP A 137 -17.79 16.33 -10.21
CA ASP A 137 -16.82 16.54 -9.19
C ASP A 137 -17.55 16.70 -7.90
N LEU A 138 -17.03 16.09 -6.84
CA LEU A 138 -17.68 16.09 -5.53
C LEU A 138 -18.07 17.49 -5.01
N ASP A 139 -17.31 18.52 -5.38
CA ASP A 139 -17.63 19.88 -4.93
C ASP A 139 -17.97 20.74 -6.15
N GLY A 140 -18.41 20.10 -7.23
CA GLY A 140 -18.79 20.82 -8.45
C GLY A 140 -20.28 21.04 -8.46
N LYS A 141 -20.76 21.73 -9.47
CA LYS A 141 -22.16 22.09 -9.57
C LYS A 141 -23.03 20.84 -9.82
N PRO A 142 -24.05 20.63 -8.98
CA PRO A 142 -24.94 19.48 -9.22
C PRO A 142 -25.90 19.70 -10.36
N GLU A 143 -26.27 18.63 -11.04
CA GLU A 143 -27.35 18.65 -11.97
C GLU A 143 -28.46 17.78 -11.40
N VAL A 144 -29.71 18.19 -11.58
CA VAL A 144 -30.83 17.38 -11.22
C VAL A 144 -31.03 16.28 -12.22
N LEU A 145 -31.03 15.03 -11.78
CA LEU A 145 -31.33 13.93 -12.65
C LEU A 145 -32.78 13.52 -12.56
N TYR A 146 -33.35 13.43 -11.35
CA TYR A 146 -34.77 13.17 -11.18
C TYR A 146 -35.31 13.84 -9.93
N ASP A 147 -36.42 14.54 -10.10
CA ASP A 147 -37.11 15.33 -9.00
C ASP A 147 -38.49 14.79 -8.77
N PRO A 148 -38.67 13.97 -7.70
CA PRO A 148 -39.96 13.34 -7.41
C PRO A 148 -41.04 14.31 -7.05
N ASN A 149 -40.64 15.52 -6.67
CA ASN A 149 -41.62 16.52 -6.27
C ASN A 149 -42.52 16.97 -7.41
N LEU A 150 -42.07 16.82 -8.64
CA LEU A 150 -42.86 17.20 -9.82
C LEU A 150 -43.93 16.16 -10.16
N ARG A 151 -43.98 15.07 -9.42
CA ARG A 151 -44.98 14.06 -9.68
C ARG A 151 -45.86 13.89 -8.46
N GLU A 152 -47.18 14.05 -8.62
CA GLU A 152 -48.14 13.84 -7.53
C GLU A 152 -47.75 14.65 -6.29
N GLY A 153 -47.30 15.88 -6.53
CA GLY A 153 -46.81 16.75 -5.48
C GLY A 153 -45.78 16.15 -4.53
N GLY A 154 -45.03 15.16 -5.01
CA GLY A 154 -44.04 14.44 -4.15
C GLY A 154 -44.69 13.61 -3.05
N ARG A 155 -45.82 12.95 -3.34
CA ARG A 155 -46.42 12.03 -2.36
C ARG A 155 -45.43 10.97 -1.95
N SER A 156 -44.69 10.46 -2.95
CA SER A 156 -43.69 9.44 -2.74
C SER A 156 -42.35 9.84 -3.29
N GLY A 157 -41.28 9.39 -2.65
CA GLY A 157 -39.92 9.65 -3.15
C GLY A 157 -39.37 8.42 -3.87
N LEU A 158 -38.10 8.46 -4.22
CA LEU A 158 -37.48 7.31 -4.86
C LEU A 158 -37.09 6.26 -3.83
N SER A 159 -37.45 5.04 -4.14
CA SER A 159 -37.06 3.85 -3.41
C SER A 159 -36.14 2.96 -4.28
N LEU A 160 -36.44 2.88 -5.56
CA LEU A 160 -35.52 2.24 -6.55
C LEU A 160 -34.76 3.27 -7.33
N TYR A 161 -33.45 3.20 -7.23
CA TYR A 161 -32.61 4.11 -7.93
C TYR A 161 -31.39 3.18 -8.20
N SER A 162 -30.98 3.14 -9.47
CA SER A 162 -29.84 2.40 -9.88
C SER A 162 -29.17 3.10 -11.04
N VAL A 163 -27.85 3.28 -10.96
CA VAL A 163 -27.09 3.86 -12.08
C VAL A 163 -26.18 2.80 -12.68
N SER A 164 -26.12 2.84 -14.00
CA SER A 164 -25.32 1.88 -14.75
C SER A 164 -23.84 2.07 -14.47
N GLU A 165 -23.07 1.02 -14.72
CA GLU A 165 -21.61 1.09 -14.48
C GLU A 165 -20.87 2.22 -15.26
N ASP A 166 -21.32 2.53 -16.46
CA ASP A 166 -20.73 3.59 -17.22
C ASP A 166 -21.33 5.01 -16.92
N ALA A 167 -22.22 5.10 -15.95
CA ALA A 167 -22.92 6.33 -15.53
C ALA A 167 -23.83 6.94 -16.59
N LYS A 168 -24.09 6.22 -17.66
CA LYS A 168 -24.94 6.73 -18.72
C LYS A 168 -26.44 6.58 -18.50
N TYR A 169 -26.84 5.61 -17.69
CA TYR A 169 -28.25 5.32 -17.48
C TYR A 169 -28.66 5.32 -16.02
N PHE A 170 -29.88 5.76 -15.78
CA PHE A 170 -30.45 5.75 -14.43
C PHE A 170 -31.81 5.04 -14.49
N ALA A 171 -31.91 3.89 -13.81
CA ALA A 171 -33.18 3.15 -13.73
C ALA A 171 -33.84 3.43 -12.36
N PHE A 172 -35.12 3.73 -12.34
CA PHE A 172 -35.77 4.08 -11.11
C PHE A 172 -37.23 3.68 -11.15
N GLY A 173 -37.81 3.58 -9.98
CA GLY A 173 -39.17 3.17 -9.78
C GLY A 173 -40.13 4.33 -9.47
N ILE A 174 -41.26 4.30 -10.16
CA ILE A 174 -42.33 5.27 -10.02
C ILE A 174 -43.59 4.52 -9.58
N HIS A 175 -44.21 5.00 -8.51
CA HIS A 175 -45.50 4.50 -8.07
C HIS A 175 -46.60 5.15 -8.95
N SER A 176 -47.59 4.38 -9.36
CA SER A 176 -48.66 4.84 -10.26
C SER A 176 -49.76 5.52 -9.48
N GLY A 177 -50.25 4.82 -8.48
CA GLY A 177 -51.25 5.34 -7.56
C GLY A 177 -50.82 5.05 -6.13
N LEU A 178 -51.78 4.65 -5.29
CA LEU A 178 -51.50 4.43 -3.88
C LEU A 178 -50.98 3.02 -3.58
N THR A 179 -51.09 2.11 -4.54
CA THR A 179 -50.62 0.74 -4.36
C THR A 179 -49.08 0.63 -4.21
N GLU A 180 -48.64 -0.56 -3.88
CA GLU A 180 -47.22 -0.82 -3.72
C GLU A 180 -46.52 -1.05 -5.09
N TRP A 181 -47.28 -1.25 -6.18
CA TRP A 181 -46.68 -1.58 -7.49
C TRP A 181 -45.88 -0.40 -8.07
N VAL A 182 -44.75 -0.73 -8.68
CA VAL A 182 -43.83 0.21 -9.23
C VAL A 182 -43.70 -0.08 -10.71
N THR A 183 -43.45 0.99 -11.47
CA THR A 183 -42.99 0.92 -12.85
C THR A 183 -41.54 1.38 -12.89
N ILE A 184 -40.68 0.60 -13.51
CA ILE A 184 -39.30 1.02 -13.74
C ILE A 184 -39.15 1.76 -15.10
N LYS A 185 -38.56 2.95 -15.02
CA LYS A 185 -38.25 3.75 -16.22
C LYS A 185 -36.76 3.97 -16.17
N ILE A 186 -36.21 4.32 -17.33
CA ILE A 186 -34.79 4.47 -17.50
C ILE A 186 -34.61 5.81 -18.17
N LEU A 187 -33.77 6.64 -17.55
CA LEU A 187 -33.37 7.91 -18.16
C LEU A 187 -31.87 7.93 -18.58
N LYS A 188 -31.53 8.64 -19.66
CA LYS A 188 -30.15 8.85 -20.02
C LYS A 188 -29.62 10.01 -19.20
N THR A 189 -28.50 9.80 -18.50
CA THR A 189 -27.94 10.88 -17.72
C THR A 189 -27.43 12.06 -18.58
N GLU A 190 -27.02 11.83 -19.81
CA GLU A 190 -26.40 12.89 -20.65
C GLU A 190 -27.35 14.06 -20.93
N ASP A 191 -28.62 13.76 -21.22
CA ASP A 191 -29.63 14.78 -21.51
C ASP A 191 -30.95 14.65 -20.76
N ARG A 192 -31.03 13.74 -19.80
CA ARG A 192 -32.27 13.54 -19.04
C ARG A 192 -33.47 13.11 -19.88
N SER A 193 -33.21 12.51 -21.03
CA SER A 193 -34.30 11.89 -21.82
C SER A 193 -34.63 10.45 -21.41
N TYR A 194 -35.92 10.10 -21.47
CA TYR A 194 -36.32 8.74 -21.19
C TYR A 194 -36.05 7.80 -22.36
N LEU A 195 -35.65 6.60 -22.03
CA LEU A 195 -35.80 5.47 -22.94
C LEU A 195 -37.25 5.08 -23.04
N PRO A 196 -37.65 4.40 -24.11
CA PRO A 196 -39.05 3.91 -24.16
C PRO A 196 -39.34 2.79 -23.18
N ASP A 197 -38.31 2.04 -22.80
CA ASP A 197 -38.49 0.84 -21.95
C ASP A 197 -39.38 1.14 -20.73
N THR A 198 -40.42 0.34 -20.50
CA THR A 198 -41.29 0.49 -19.31
C THR A 198 -41.50 -0.89 -18.66
N LEU A 199 -41.01 -1.09 -17.46
CA LEU A 199 -41.11 -2.40 -16.86
C LEU A 199 -42.13 -2.32 -15.77
N GLU A 200 -43.18 -3.13 -15.91
CA GLU A 200 -44.26 -3.16 -14.91
C GLU A 200 -44.16 -4.37 -13.95
N TRP A 201 -45.03 -4.40 -12.96
CA TRP A 201 -45.17 -5.54 -12.02
C TRP A 201 -43.92 -5.77 -11.16
N VAL A 202 -43.35 -4.66 -10.71
CA VAL A 202 -42.23 -4.66 -9.81
C VAL A 202 -42.74 -4.14 -8.45
N LYS A 203 -42.10 -4.59 -7.37
CA LYS A 203 -42.30 -4.02 -6.05
C LYS A 203 -40.98 -3.48 -5.46
N PHE A 204 -40.21 -4.31 -4.77
CA PHE A 204 -39.02 -3.85 -4.07
C PHE A 204 -37.69 -4.28 -4.74
N SER A 205 -37.78 -4.76 -5.97
CA SER A 205 -36.62 -5.25 -6.68
C SER A 205 -35.59 -4.13 -6.89
N PRO A 206 -34.30 -4.46 -6.83
CA PRO A 206 -33.31 -3.56 -7.32
C PRO A 206 -33.16 -3.80 -8.83
N ALA A 207 -32.34 -3.01 -9.45
CA ALA A 207 -32.01 -3.16 -10.86
C ALA A 207 -30.53 -3.29 -10.88
N ILE A 208 -30.05 -4.48 -11.19
CA ILE A 208 -28.66 -4.80 -11.04
C ILE A 208 -27.98 -4.90 -12.42
N TRP A 209 -27.07 -3.98 -12.69
CA TRP A 209 -26.53 -3.83 -14.01
C TRP A 209 -25.33 -4.71 -14.28
N THR A 210 -25.25 -5.25 -15.48
CA THR A 210 -24.05 -5.93 -15.92
C THR A 210 -23.04 -4.95 -16.31
N HIS A 211 -21.76 -5.32 -16.24
CA HIS A 211 -20.65 -4.41 -16.50
C HIS A 211 -20.48 -4.05 -17.98
N ASP A 212 -21.18 -4.78 -18.86
CA ASP A 212 -21.24 -4.46 -20.28
C ASP A 212 -22.28 -3.38 -20.58
N ASN A 213 -23.01 -2.92 -19.54
CA ASN A 213 -24.00 -1.82 -19.68
C ASN A 213 -25.14 -2.13 -20.65
N LYS A 214 -25.34 -3.42 -20.98
CA LYS A 214 -26.39 -3.83 -21.91
C LYS A 214 -27.75 -3.94 -21.28
N GLY A 215 -27.81 -4.03 -19.96
CA GLY A 215 -29.04 -4.23 -19.26
C GLY A 215 -28.84 -4.60 -17.79
N PHE A 216 -29.89 -5.09 -17.16
CA PHE A 216 -29.91 -5.37 -15.78
C PHE A 216 -30.84 -6.50 -15.39
N PHE A 217 -30.45 -7.18 -14.30
CA PHE A 217 -31.31 -8.09 -13.57
C PHE A 217 -32.31 -7.35 -12.72
N TYR A 218 -33.54 -7.89 -12.65
CA TYR A 218 -34.53 -7.39 -11.70
C TYR A 218 -35.52 -8.53 -11.41
N CYS A 219 -36.46 -8.31 -10.46
CA CYS A 219 -37.22 -9.40 -9.92
C CYS A 219 -38.70 -9.10 -9.86
N PRO A 220 -39.36 -9.15 -11.01
CA PRO A 220 -40.75 -8.80 -11.11
C PRO A 220 -41.67 -9.94 -10.74
N TYR A 221 -42.95 -9.64 -10.70
CA TYR A 221 -43.99 -10.62 -10.48
C TYR A 221 -44.74 -10.83 -11.76
N PRO A 222 -45.42 -11.98 -11.92
CA PRO A 222 -46.23 -12.18 -13.15
C PRO A 222 -47.45 -11.27 -13.23
N PRO A 223 -47.93 -10.95 -14.45
CA PRO A 223 -49.15 -10.12 -14.61
C PRO A 223 -50.38 -10.70 -13.88
N ASN A 237 -45.24 -15.78 -6.72
CA ASN A 237 -44.44 -16.36 -7.77
C ASN A 237 -43.44 -15.37 -8.39
N GLN A 238 -42.67 -14.71 -7.54
CA GLN A 238 -41.62 -13.81 -7.99
C GLN A 238 -40.64 -14.48 -8.93
N GLU A 239 -40.19 -13.74 -9.96
CA GLU A 239 -39.18 -14.23 -10.89
C GLU A 239 -37.91 -13.38 -10.86
N ALA A 240 -36.84 -13.97 -11.32
CA ALA A 240 -35.58 -13.24 -11.65
C ALA A 240 -35.51 -13.16 -13.15
N ARG A 241 -35.44 -11.93 -13.66
CA ARG A 241 -35.38 -11.65 -15.08
C ARG A 241 -34.17 -10.80 -15.45
N TYR A 242 -33.77 -10.88 -16.71
CA TYR A 242 -32.81 -9.95 -17.24
C TYR A 242 -33.47 -9.11 -18.32
N HIS A 243 -33.31 -7.80 -18.20
CA HIS A 243 -33.85 -6.85 -19.21
C HIS A 243 -32.70 -6.22 -20.00
N PHE A 244 -32.75 -6.41 -21.30
CA PHE A 244 -31.90 -5.68 -22.25
C PHE A 244 -32.46 -4.25 -22.58
N LEU A 245 -31.57 -3.24 -22.49
CA LEU A 245 -31.94 -1.87 -22.87
C LEU A 245 -32.39 -1.84 -24.32
N GLY A 246 -33.44 -1.07 -24.58
CA GLY A 246 -33.99 -0.87 -25.92
C GLY A 246 -34.98 -1.93 -26.34
N THR A 247 -35.42 -2.79 -25.42
CA THR A 247 -36.39 -3.86 -25.71
C THR A 247 -37.65 -3.76 -24.82
N ASP A 248 -38.74 -4.40 -25.27
CA ASP A 248 -40.00 -4.44 -24.50
C ASP A 248 -39.83 -5.46 -23.40
N GLN A 249 -40.51 -5.24 -22.27
CA GLN A 249 -40.46 -6.16 -21.15
C GLN A 249 -40.81 -7.63 -21.59
N SER A 250 -41.68 -7.79 -22.59
CA SER A 250 -42.07 -9.16 -23.04
C SER A 250 -40.88 -9.93 -23.53
N GLU A 251 -39.79 -9.25 -23.87
CA GLU A 251 -38.59 -9.93 -24.33
C GLU A 251 -37.59 -10.30 -23.20
N ASP A 252 -37.92 -9.99 -21.96
CA ASP A 252 -36.94 -10.16 -20.88
C ASP A 252 -36.67 -11.64 -20.65
N ILE A 253 -35.41 -11.99 -20.41
CA ILE A 253 -34.97 -13.40 -20.20
C ILE A 253 -35.33 -13.88 -18.79
N LEU A 254 -35.99 -15.03 -18.69
CA LEU A 254 -36.31 -15.64 -17.42
C LEU A 254 -35.09 -16.40 -16.90
N LEU A 255 -34.56 -16.04 -15.72
CA LEU A 255 -33.46 -16.80 -15.10
C LEU A 255 -33.94 -17.77 -14.02
N TRP A 256 -34.98 -17.39 -13.28
CA TRP A 256 -35.49 -18.25 -12.17
C TRP A 256 -36.95 -17.97 -11.82
N ARG A 257 -37.70 -19.06 -11.54
CA ARG A 257 -39.03 -19.04 -10.94
C ARG A 257 -39.08 -20.40 -10.18
N ASP A 258 -39.99 -20.53 -9.24
CA ASP A 258 -40.25 -21.78 -8.54
C ASP A 258 -41.74 -21.81 -8.28
N LEU A 259 -42.50 -22.36 -9.24
CA LEU A 259 -43.96 -22.47 -9.08
C LEU A 259 -44.35 -23.41 -7.92
N GLU A 260 -43.45 -24.31 -7.54
CA GLU A 260 -43.69 -25.24 -6.44
C GLU A 260 -43.53 -24.60 -5.08
N ASN A 261 -42.95 -23.39 -5.04
CA ASN A 261 -42.77 -22.64 -3.78
C ASN A 261 -43.11 -21.17 -4.01
N PRO A 262 -44.38 -20.88 -4.28
CA PRO A 262 -44.80 -19.56 -4.66
C PRO A 262 -44.52 -18.44 -3.66
N ALA A 263 -44.31 -18.77 -2.39
CA ALA A 263 -44.05 -17.75 -1.35
C ALA A 263 -42.56 -17.38 -1.20
N HIS A 264 -41.66 -18.16 -1.80
CA HIS A 264 -40.24 -17.85 -1.73
C HIS A 264 -39.99 -16.55 -2.49
N HIS A 265 -39.18 -15.67 -1.92
CA HIS A 265 -38.92 -14.39 -2.53
C HIS A 265 -37.42 -14.15 -2.76
N LEU A 266 -37.08 -13.11 -3.54
CA LEU A 266 -35.78 -13.05 -4.18
C LEU A 266 -35.01 -11.73 -3.95
N LYS A 267 -33.70 -11.84 -3.82
CA LYS A 267 -32.85 -10.65 -3.88
C LYS A 267 -31.73 -11.04 -4.80
N CYS A 268 -31.00 -10.07 -5.34
CA CYS A 268 -29.88 -10.40 -6.22
C CYS A 268 -28.76 -9.37 -6.22
N GLN A 269 -27.67 -9.73 -6.86
CA GLN A 269 -26.41 -9.00 -6.76
C GLN A 269 -25.49 -9.46 -7.85
N ILE A 270 -24.62 -8.57 -8.29
CA ILE A 270 -23.57 -8.94 -9.21
C ILE A 270 -22.25 -8.64 -8.52
N THR A 271 -21.23 -9.48 -8.76
CA THR A 271 -19.97 -9.23 -8.10
C THR A 271 -19.26 -8.02 -8.66
N ASP A 272 -18.35 -7.42 -7.88
CA ASP A 272 -17.66 -6.17 -8.28
C ASP A 272 -16.82 -6.27 -9.54
N ASP A 273 -16.34 -7.45 -9.84
CA ASP A 273 -15.67 -7.75 -11.10
C ASP A 273 -16.59 -7.99 -12.29
N GLY A 274 -17.89 -8.03 -12.06
CA GLY A 274 -18.88 -8.24 -13.11
C GLY A 274 -19.01 -9.67 -13.61
N LYS A 275 -18.34 -10.61 -12.95
CA LYS A 275 -18.26 -12.01 -13.44
C LYS A 275 -19.41 -12.93 -13.01
N TYR A 276 -20.00 -12.70 -11.83
CA TYR A 276 -21.02 -13.56 -11.30
C TYR A 276 -22.28 -12.86 -10.91
N PHE A 277 -23.39 -13.46 -11.32
CA PHE A 277 -24.70 -13.07 -10.87
C PHE A 277 -25.05 -13.95 -9.70
N LEU A 278 -25.42 -13.35 -8.59
CA LEU A 278 -25.84 -14.08 -7.40
C LEU A 278 -27.28 -13.88 -7.16
N LEU A 279 -28.04 -14.97 -7.01
CA LEU A 279 -29.44 -14.96 -6.65
C LEU A 279 -29.66 -15.48 -5.25
N TYR A 280 -30.37 -14.73 -4.44
CA TYR A 280 -30.65 -15.13 -3.07
C TYR A 280 -32.07 -15.45 -2.99
N ILE A 281 -32.40 -16.58 -2.38
CA ILE A 281 -33.78 -17.00 -2.20
C ILE A 281 -34.10 -17.04 -0.73
N LEU A 282 -35.20 -16.39 -0.36
CA LEU A 282 -35.61 -16.25 1.03
C LEU A 282 -37.03 -16.80 1.23
N ASP A 283 -37.31 -17.17 2.49
CA ASP A 283 -38.64 -17.60 2.90
C ASP A 283 -39.09 -16.74 4.06
N GLY A 284 -40.18 -16.03 3.93
CA GLY A 284 -40.73 -15.26 5.05
C GLY A 284 -39.72 -14.21 5.46
N CYS A 285 -39.68 -13.91 6.76
CA CYS A 285 -38.88 -12.78 7.25
C CYS A 285 -37.65 -13.25 8.00
N ASP A 286 -37.38 -14.54 7.99
CA ASP A 286 -36.20 -15.09 8.70
C ASP A 286 -34.88 -14.62 8.08
N ASP A 287 -33.83 -14.41 8.89
CA ASP A 287 -32.48 -14.00 8.41
C ASP A 287 -31.76 -15.28 7.98
N ALA A 288 -32.14 -15.74 6.78
CA ALA A 288 -31.58 -16.96 6.23
C ALA A 288 -31.91 -16.98 4.75
N ASN A 289 -31.03 -17.56 3.96
CA ASN A 289 -31.21 -17.56 2.53
C ASN A 289 -30.37 -18.58 1.80
N LYS A 290 -30.89 -18.95 0.63
CA LYS A 290 -30.16 -19.70 -0.33
C LYS A 290 -29.19 -18.76 -1.10
N VAL A 291 -28.16 -19.36 -1.71
CA VAL A 291 -27.22 -18.67 -2.58
C VAL A 291 -27.07 -19.50 -3.82
N TYR A 292 -27.52 -18.95 -4.96
CA TYR A 292 -27.24 -19.50 -6.26
C TYR A 292 -26.30 -18.57 -7.06
N CYS A 293 -25.26 -19.14 -7.69
CA CYS A 293 -24.28 -18.42 -8.40
C CYS A 293 -24.26 -18.80 -9.88
N LEU A 294 -24.28 -17.78 -10.73
CA LEU A 294 -24.19 -17.93 -12.20
C LEU A 294 -22.97 -17.22 -12.73
N ASP A 295 -22.04 -18.00 -13.28
CA ASP A 295 -20.86 -17.47 -13.92
C ASP A 295 -21.17 -16.88 -15.30
N LEU A 296 -21.12 -15.56 -15.39
CA LEU A 296 -21.47 -14.88 -16.63
C LEU A 296 -20.38 -15.00 -17.66
N THR A 297 -19.16 -15.33 -17.25
CA THR A 297 -18.07 -15.49 -18.20
C THR A 297 -18.14 -16.81 -19.00
N LYS A 298 -19.00 -17.75 -18.61
CA LYS A 298 -18.99 -19.07 -19.27
C LYS A 298 -20.17 -19.29 -20.19
N LEU A 299 -20.94 -18.26 -20.44
CA LEU A 299 -22.12 -18.41 -21.28
C LEU A 299 -21.70 -18.31 -22.73
N PRO A 300 -22.11 -19.30 -23.56
CA PRO A 300 -21.67 -19.30 -24.95
C PRO A 300 -22.05 -18.01 -25.66
N ASN A 301 -23.23 -17.50 -25.38
CA ASN A 301 -23.74 -16.28 -26.01
C ASN A 301 -24.36 -15.28 -25.03
N GLY A 302 -23.64 -14.96 -23.97
CA GLY A 302 -24.17 -13.98 -22.98
C GLY A 302 -25.51 -14.42 -22.43
N LEU A 303 -26.29 -13.47 -21.93
CA LEU A 303 -27.59 -13.81 -21.35
C LEU A 303 -28.58 -14.23 -22.41
N GLU A 304 -28.40 -13.73 -23.63
CA GLU A 304 -29.09 -14.31 -24.80
C GLU A 304 -29.05 -15.84 -24.85
N SER A 305 -27.97 -16.45 -24.41
CA SER A 305 -27.88 -17.91 -24.37
C SER A 305 -29.17 -18.57 -23.86
N PHE A 306 -29.97 -17.87 -23.05
CA PHE A 306 -31.26 -18.42 -22.57
C PHE A 306 -32.46 -17.89 -23.33
N ALA A 313 -32.19 -21.21 -15.69
CA ALA A 313 -30.71 -21.10 -15.94
C ALA A 313 -29.87 -22.06 -15.07
N PRO A 314 -28.63 -22.42 -15.52
CA PRO A 314 -27.72 -23.34 -14.81
C PRO A 314 -26.96 -22.75 -13.59
N PHE A 315 -27.70 -22.51 -12.52
CA PHE A 315 -27.06 -21.98 -11.33
C PHE A 315 -26.21 -23.03 -10.66
N MET A 316 -25.08 -22.62 -10.10
CA MET A 316 -24.37 -23.41 -9.13
C MET A 316 -25.05 -23.16 -7.77
N LYS A 317 -25.65 -24.18 -7.21
CA LYS A 317 -26.47 -24.00 -6.01
C LYS A 317 -25.56 -24.14 -4.78
N LEU A 318 -24.77 -23.11 -4.51
CA LEU A 318 -23.81 -23.13 -3.42
C LEU A 318 -24.48 -23.42 -2.05
N ILE A 319 -25.59 -22.76 -1.75
CA ILE A 319 -26.38 -23.00 -0.56
C ILE A 319 -27.82 -23.19 -0.96
N ASP A 320 -28.40 -24.35 -0.63
CA ASP A 320 -29.74 -24.72 -1.10
C ASP A 320 -30.62 -25.13 0.05
N SER A 321 -30.41 -24.51 1.21
CA SER A 321 -31.33 -24.61 2.33
C SER A 321 -31.55 -23.25 2.99
N PHE A 322 -32.48 -23.19 3.94
CA PHE A 322 -32.73 -21.97 4.68
C PHE A 322 -32.14 -21.99 6.09
N ASP A 323 -30.99 -22.61 6.25
CA ASP A 323 -30.41 -22.78 7.57
C ASP A 323 -29.71 -21.52 8.10
N ALA A 324 -29.16 -20.70 7.20
CA ALA A 324 -28.36 -19.54 7.66
C ALA A 324 -28.38 -18.43 6.61
N SER A 325 -27.94 -17.24 7.05
CA SER A 325 -27.83 -16.08 6.17
C SER A 325 -26.48 -16.09 5.56
N TYR A 326 -26.42 -15.57 4.31
CA TYR A 326 -25.25 -15.46 3.52
C TYR A 326 -25.33 -14.24 2.62
N THR A 327 -24.38 -13.32 2.82
CA THR A 327 -24.19 -12.20 1.94
C THR A 327 -22.80 -12.16 1.39
N ALA A 328 -22.68 -12.12 0.07
CA ALA A 328 -21.36 -12.09 -0.58
C ALA A 328 -20.75 -10.70 -0.39
N ILE A 329 -19.52 -10.66 0.10
CA ILE A 329 -18.81 -9.41 0.36
C ILE A 329 -17.78 -9.10 -0.72
N ALA A 330 -17.06 -10.16 -1.14
CA ALA A 330 -16.00 -10.06 -2.12
C ALA A 330 -15.67 -11.40 -2.77
N ASN A 331 -15.02 -11.34 -3.89
CA ASN A 331 -14.44 -12.52 -4.48
C ASN A 331 -13.20 -12.15 -5.23
N ASP A 332 -12.31 -13.15 -5.32
CA ASP A 332 -11.17 -13.14 -6.21
C ASP A 332 -11.32 -14.40 -7.08
N GLY A 333 -11.74 -14.21 -8.33
CA GLY A 333 -12.14 -15.35 -9.19
C GLY A 333 -13.19 -16.16 -8.49
N SER A 334 -12.95 -17.47 -8.35
CA SER A 334 -13.94 -18.36 -7.75
C SER A 334 -13.89 -18.36 -6.21
N VAL A 335 -12.96 -17.62 -5.60
CA VAL A 335 -12.81 -17.62 -4.12
C VAL A 335 -13.59 -16.46 -3.50
N PHE A 336 -14.66 -16.80 -2.79
CA PHE A 336 -15.66 -15.90 -2.23
C PHE A 336 -15.53 -15.68 -0.74
N THR A 337 -15.72 -14.43 -0.33
CA THR A 337 -15.88 -14.06 1.07
C THR A 337 -17.35 -13.73 1.35
N PHE A 338 -17.96 -14.44 2.32
CA PHE A 338 -19.30 -14.20 2.74
C PHE A 338 -19.36 -13.69 4.18
N GLN A 339 -20.38 -12.90 4.46
CA GLN A 339 -20.90 -12.71 5.81
C GLN A 339 -21.98 -13.76 6.08
N THR A 340 -21.97 -14.39 7.27
CA THR A 340 -22.96 -15.42 7.56
C THR A 340 -23.24 -15.52 9.07
N ASN A 341 -24.43 -15.98 9.40
CA ASN A 341 -24.78 -16.34 10.78
C ASN A 341 -24.73 -17.86 11.03
N LYS A 342 -24.21 -18.62 10.07
CA LYS A 342 -24.08 -20.10 10.24
C LYS A 342 -23.23 -20.43 11.47
N ASP A 343 -23.86 -21.09 12.45
CA ASP A 343 -23.16 -21.42 13.72
C ASP A 343 -22.59 -20.17 14.37
N ALA A 344 -23.19 -19.01 14.12
CA ALA A 344 -22.57 -17.76 14.54
C ALA A 344 -23.68 -16.68 14.69
N PRO A 345 -24.40 -16.73 15.80
CA PRO A 345 -25.53 -15.83 15.92
C PRO A 345 -25.16 -14.36 15.92
N ARG A 346 -23.89 -14.04 16.22
CA ARG A 346 -23.38 -12.68 16.13
C ARG A 346 -22.67 -12.40 14.78
N LYS A 347 -22.81 -13.34 13.83
CA LYS A 347 -22.24 -13.25 12.48
C LYS A 347 -20.73 -13.27 12.44
N LYS A 348 -20.20 -13.62 11.25
CA LYS A 348 -18.80 -13.72 11.01
C LYS A 348 -18.52 -13.64 9.51
N LEU A 349 -17.25 -13.52 9.13
CA LEU A 349 -16.86 -13.66 7.71
C LEU A 349 -16.16 -15.05 7.45
N VAL A 350 -16.57 -15.71 6.36
CA VAL A 350 -16.10 -17.00 5.93
C VAL A 350 -15.67 -16.94 4.45
N ARG A 351 -14.92 -17.96 4.00
CA ARG A 351 -14.36 -18.00 2.67
C ARG A 351 -14.60 -19.40 2.14
N VAL A 352 -14.95 -19.46 0.87
CA VAL A 352 -15.25 -20.71 0.18
C VAL A 352 -14.86 -20.55 -1.28
N ASP A 353 -14.32 -21.59 -1.88
CA ASP A 353 -13.99 -21.60 -3.29
C ASP A 353 -15.16 -22.30 -3.97
N LEU A 354 -15.80 -21.61 -4.92
CA LEU A 354 -16.89 -22.23 -5.64
C LEU A 354 -16.48 -23.57 -6.30
N ASN A 355 -15.21 -23.69 -6.67
CA ASN A 355 -14.71 -24.93 -7.30
C ASN A 355 -14.54 -26.05 -6.28
N ASN A 356 -14.52 -25.69 -4.99
CA ASN A 356 -14.52 -26.69 -3.91
C ASN A 356 -15.56 -26.36 -2.84
N PRO A 357 -16.87 -26.51 -3.15
CA PRO A 357 -17.86 -25.73 -2.38
C PRO A 357 -18.30 -26.38 -1.07
N SER A 358 -17.74 -27.55 -0.71
CA SER A 358 -18.04 -28.16 0.54
C SER A 358 -17.24 -27.56 1.69
N VAL A 359 -16.16 -26.87 1.37
CA VAL A 359 -15.15 -26.48 2.34
C VAL A 359 -15.18 -25.00 2.62
N TRP A 360 -15.69 -24.65 3.80
CA TRP A 360 -15.77 -23.26 4.24
C TRP A 360 -14.77 -22.98 5.35
N THR A 361 -14.10 -21.83 5.34
CA THR A 361 -13.14 -21.48 6.37
C THR A 361 -13.41 -20.11 6.97
N ASP A 362 -13.31 -19.98 8.29
CA ASP A 362 -13.48 -18.66 8.94
C ASP A 362 -12.40 -17.73 8.52
N LEU A 363 -12.80 -16.51 8.13
CA LEU A 363 -11.85 -15.46 7.83
C LEU A 363 -11.78 -14.45 8.99
N VAL A 364 -12.97 -14.00 9.43
CA VAL A 364 -13.06 -13.22 10.67
C VAL A 364 -14.00 -13.96 11.55
N PRO A 365 -13.45 -14.56 12.62
CA PRO A 365 -14.33 -15.35 13.48
C PRO A 365 -15.43 -14.51 14.18
N GLU A 366 -16.51 -15.15 14.58
CA GLU A 366 -17.56 -14.55 15.37
C GLU A 366 -17.03 -13.96 16.68
N SER A 367 -17.41 -12.72 16.99
CA SER A 367 -17.05 -12.11 18.26
C SER A 367 -17.90 -12.75 19.31
N LYS A 368 -17.29 -12.94 20.46
CA LYS A 368 -17.93 -13.48 21.64
C LYS A 368 -19.04 -12.48 22.13
N LYS A 369 -18.90 -11.20 21.81
CA LYS A 369 -19.80 -10.16 22.30
C LYS A 369 -20.56 -9.32 21.28
N ASP A 370 -19.93 -8.98 20.18
CA ASP A 370 -20.45 -8.00 19.25
C ASP A 370 -20.98 -8.60 17.92
N LEU A 371 -22.14 -8.07 17.50
CA LEU A 371 -22.72 -8.36 16.19
C LEU A 371 -21.86 -7.72 15.11
N LEU A 372 -21.52 -8.53 14.08
CA LEU A 372 -20.93 -8.02 12.87
C LEU A 372 -22.12 -7.70 11.97
N GLU A 373 -22.49 -6.44 11.97
CA GLU A 373 -23.73 -6.02 11.35
C GLU A 373 -23.57 -5.97 9.83
N SER A 374 -22.47 -5.42 9.37
CA SER A 374 -22.19 -5.36 7.91
C SER A 374 -20.72 -5.39 7.60
N ALA A 375 -20.38 -5.66 6.34
CA ALA A 375 -19.00 -5.70 5.90
C ALA A 375 -18.87 -5.24 4.46
N HIS A 376 -17.79 -4.52 4.16
CA HIS A 376 -17.68 -3.87 2.86
C HIS A 376 -16.28 -3.91 2.35
N ALA A 377 -16.10 -4.47 1.16
CA ALA A 377 -14.78 -4.48 0.55
C ALA A 377 -14.51 -3.13 -0.12
N VAL A 378 -13.33 -2.59 0.13
CA VAL A 378 -12.98 -1.27 -0.29
C VAL A 378 -11.49 -1.19 -0.55
N ASN A 379 -11.12 -0.20 -1.35
CA ASN A 379 -9.74 0.16 -1.67
C ASN A 379 -8.90 -1.02 -2.21
N GLU A 380 -9.55 -1.86 -3.03
CA GLU A 380 -8.96 -3.06 -3.63
C GLU A 380 -8.67 -4.24 -2.71
N ASN A 381 -8.06 -3.99 -1.57
CA ASN A 381 -7.63 -5.06 -0.70
C ASN A 381 -7.95 -4.93 0.80
N GLN A 382 -8.94 -4.10 1.13
CA GLN A 382 -9.40 -3.92 2.51
C GLN A 382 -10.89 -4.16 2.71
N LEU A 383 -11.23 -4.32 4.00
CA LEU A 383 -12.60 -4.55 4.43
C LEU A 383 -12.89 -3.47 5.47
N ILE A 384 -14.07 -2.87 5.42
CA ILE A 384 -14.59 -2.14 6.59
C ILE A 384 -15.67 -3.02 7.16
N LEU A 385 -15.50 -3.37 8.42
CA LEU A 385 -16.50 -4.09 9.20
C LEU A 385 -17.22 -3.06 10.12
N ARG A 386 -18.54 -3.12 10.12
CA ARG A 386 -19.38 -2.33 11.03
C ARG A 386 -19.90 -3.30 12.07
N TYR A 387 -19.36 -3.13 13.27
CA TYR A 387 -19.78 -3.89 14.45
C TYR A 387 -20.83 -3.08 15.20
N LEU A 388 -21.74 -3.80 15.88
CA LEU A 388 -22.63 -3.19 16.86
C LEU A 388 -22.27 -3.72 18.22
N SER A 389 -21.76 -2.83 19.07
CA SER A 389 -21.22 -3.19 20.38
C SER A 389 -22.03 -2.45 21.45
N ASP A 390 -22.87 -3.19 22.16
CA ASP A 390 -23.85 -2.61 23.07
C ASP A 390 -24.54 -1.44 22.43
N VAL A 391 -25.05 -1.73 21.24
CA VAL A 391 -25.90 -0.80 20.48
C VAL A 391 -25.22 0.53 20.11
N LYS A 392 -23.91 0.47 19.93
CA LYS A 392 -23.15 1.54 19.40
C LYS A 392 -22.22 0.95 18.36
N HIS A 393 -22.04 1.68 17.28
CA HIS A 393 -21.18 1.21 16.18
C HIS A 393 -19.67 1.24 16.48
N VAL A 394 -18.96 0.27 15.91
CA VAL A 394 -17.52 0.27 15.90
C VAL A 394 -17.12 -0.08 14.46
N LEU A 395 -16.31 0.75 13.86
CA LEU A 395 -15.83 0.49 12.51
C LEU A 395 -14.42 -0.06 12.58
N GLU A 396 -14.19 -1.17 11.92
CA GLU A 396 -12.82 -1.73 11.82
C GLU A 396 -12.41 -1.74 10.37
N ILE A 397 -11.13 -1.45 10.14
CA ILE A 397 -10.48 -1.62 8.85
C ILE A 397 -9.59 -2.88 8.98
N ARG A 398 -9.77 -3.83 8.06
CA ARG A 398 -9.03 -5.08 8.02
C ARG A 398 -8.47 -5.39 6.66
N ASP A 399 -7.44 -6.26 6.63
CA ASP A 399 -6.91 -6.78 5.36
C ASP A 399 -7.86 -7.82 4.79
N LEU A 400 -8.24 -7.66 3.53
CA LEU A 400 -9.24 -8.57 2.90
C LEU A 400 -8.74 -10.00 2.83
N GLU A 401 -7.50 -10.15 2.39
CA GLU A 401 -6.92 -11.47 2.20
C GLU A 401 -6.71 -12.23 3.49
N SER A 402 -6.09 -11.61 4.50
CA SER A 402 -5.80 -12.34 5.76
C SER A 402 -6.88 -12.19 6.80
N GLY A 403 -7.72 -11.17 6.66
CA GLY A 403 -8.71 -10.92 7.71
C GLY A 403 -8.12 -10.12 8.90
N ALA A 404 -6.88 -9.68 8.81
CA ALA A 404 -6.16 -9.12 9.96
C ALA A 404 -6.65 -7.73 10.25
N LEU A 405 -6.81 -7.42 11.52
CA LEU A 405 -7.18 -6.09 11.94
C LEU A 405 -6.06 -5.08 11.67
N GLN A 406 -6.41 -3.96 11.08
CA GLN A 406 -5.51 -2.86 10.82
C GLN A 406 -5.82 -1.66 11.71
N HIS A 407 -7.09 -1.24 11.79
CA HIS A 407 -7.51 -0.08 12.64
C HIS A 407 -8.89 -0.25 13.16
N ARG A 408 -9.17 0.42 14.28
CA ARG A 408 -10.41 0.25 14.95
C ARG A 408 -10.89 1.57 15.45
N LEU A 409 -12.10 1.97 15.02
CA LEU A 409 -12.69 3.29 15.32
C LEU A 409 -14.04 3.08 16.01
N PRO A 410 -14.09 3.15 17.37
CA PRO A 410 -15.38 3.19 18.11
C PRO A 410 -16.11 4.45 17.81
N ILE A 411 -17.41 4.33 17.64
CA ILE A 411 -18.26 5.50 17.27
C ILE A 411 -19.05 5.94 18.49
N ASP A 412 -19.30 7.25 18.59
CA ASP A 412 -20.11 7.78 19.67
C ASP A 412 -21.57 7.27 19.58
N ILE A 413 -22.34 7.47 20.66
CA ILE A 413 -23.78 7.18 20.63
C ILE A 413 -24.39 7.83 19.40
N GLY A 414 -25.08 7.00 18.62
CA GLY A 414 -25.62 7.39 17.30
C GLY A 414 -25.61 6.17 16.38
N SER A 415 -25.51 6.42 15.08
CA SER A 415 -25.54 5.38 14.09
C SER A 415 -24.77 5.78 12.85
N VAL A 416 -23.88 4.87 12.39
CA VAL A 416 -23.28 4.98 11.10
C VAL A 416 -23.98 4.05 10.15
N ASP A 417 -24.37 4.57 9.02
CA ASP A 417 -24.89 3.72 7.95
C ASP A 417 -24.67 4.36 6.57
N GLY A 418 -25.20 3.70 5.57
CA GLY A 418 -25.03 4.15 4.20
C GLY A 418 -23.65 4.01 3.55
N ILE A 419 -22.85 3.02 3.95
CA ILE A 419 -21.62 2.73 3.18
C ILE A 419 -22.02 2.05 1.86
N THR A 420 -21.82 2.76 0.77
CA THR A 420 -22.04 2.25 -0.59
C THR A 420 -20.76 2.14 -1.46
N ALA A 421 -19.60 2.53 -0.93
CA ALA A 421 -18.34 2.35 -1.63
C ALA A 421 -18.15 0.90 -2.11
N ARG A 422 -17.54 0.77 -3.26
CA ARG A 422 -17.26 -0.52 -3.83
C ARG A 422 -15.78 -0.83 -3.73
N ARG A 423 -15.46 -2.09 -4.01
CA ARG A 423 -14.09 -2.55 -3.85
C ARG A 423 -13.14 -1.67 -4.65
N ARG A 424 -13.58 -1.20 -5.79
CA ARG A 424 -12.65 -0.40 -6.55
C ARG A 424 -12.55 1.09 -6.16
N ASP A 425 -13.29 1.49 -5.15
CA ASP A 425 -13.25 2.89 -4.66
C ASP A 425 -12.24 3.01 -3.54
N SER A 426 -11.44 4.07 -3.56
CA SER A 426 -10.47 4.29 -2.47
C SER A 426 -10.95 5.31 -1.40
N VAL A 427 -12.03 6.03 -1.69
CA VAL A 427 -12.64 6.96 -0.75
C VAL A 427 -13.93 6.31 -0.32
N VAL A 428 -14.06 6.07 0.97
CA VAL A 428 -15.29 5.55 1.56
C VAL A 428 -16.07 6.71 2.23
N PHE A 429 -17.38 6.72 2.00
CA PHE A 429 -18.24 7.76 2.59
C PHE A 429 -19.31 7.06 3.39
N PHE A 430 -19.73 7.70 4.47
CA PHE A 430 -20.82 7.20 5.27
C PHE A 430 -21.49 8.28 6.04
N LYS A 431 -22.67 7.96 6.56
CA LYS A 431 -23.49 8.93 7.26
C LYS A 431 -23.46 8.62 8.75
N PHE A 432 -23.30 9.64 9.59
CA PHE A 432 -23.45 9.51 11.02
C PHE A 432 -24.63 10.42 11.47
N THR A 433 -25.52 9.89 12.30
CA THR A 433 -26.53 10.71 12.98
C THR A 433 -26.62 10.30 14.42
N SER A 434 -27.21 11.16 15.22
CA SER A 434 -27.49 10.81 16.61
C SER A 434 -28.61 11.70 17.12
N ILE A 435 -29.11 11.39 18.32
CA ILE A 435 -30.18 12.16 18.88
C ILE A 435 -29.85 13.66 18.84
N LEU A 436 -28.62 14.02 19.15
CA LEU A 436 -28.20 15.41 19.15
C LEU A 436 -27.26 15.81 17.98
N THR A 437 -27.14 14.97 16.94
CA THR A 437 -26.33 15.26 15.74
C THR A 437 -27.16 15.00 14.50
N PRO A 438 -27.63 16.06 13.80
CA PRO A 438 -28.54 15.90 12.71
C PRO A 438 -28.06 15.07 11.53
N GLY A 439 -26.79 15.15 11.20
CA GLY A 439 -26.37 14.33 10.06
C GLY A 439 -25.06 14.84 9.51
N ILE A 440 -24.04 14.02 9.62
CA ILE A 440 -22.73 14.25 9.02
C ILE A 440 -22.42 13.18 7.98
N VAL A 441 -21.90 13.59 6.81
CA VAL A 441 -21.31 12.66 5.86
C VAL A 441 -19.80 12.77 6.05
N TYR A 442 -19.21 11.65 6.45
CA TYR A 442 -17.83 11.52 6.69
C TYR A 442 -17.19 10.90 5.47
N GLN A 443 -15.95 11.30 5.25
CA GLN A 443 -15.15 10.63 4.23
C GLN A 443 -13.80 10.12 4.80
N CYS A 444 -13.39 8.96 4.29
CA CYS A 444 -12.13 8.32 4.69
C CYS A 444 -11.44 7.92 3.43
N ASP A 445 -10.32 8.58 3.15
CA ASP A 445 -9.55 8.34 1.95
C ASP A 445 -8.46 7.30 2.26
N LEU A 446 -8.77 6.07 1.92
CA LEU A 446 -7.98 4.95 2.33
C LEU A 446 -6.62 4.94 1.61
N LYS A 447 -6.52 5.63 0.50
CA LYS A 447 -5.30 5.65 -0.28
C LYS A 447 -4.33 6.64 0.32
N ASN A 448 -4.77 7.89 0.48
CA ASN A 448 -3.91 9.00 0.94
C ASN A 448 -3.96 9.40 2.42
N ASP A 449 -5.01 9.05 3.15
CA ASP A 449 -5.06 9.38 4.58
C ASP A 449 -5.95 8.42 5.36
N PRO A 450 -5.55 7.15 5.41
CA PRO A 450 -6.41 6.09 5.95
C PRO A 450 -6.87 6.21 7.40
N THR A 451 -6.12 6.88 8.24
CA THR A 451 -6.43 6.89 9.69
C THR A 451 -7.48 7.97 10.07
N GLN A 452 -7.74 8.91 9.17
CA GLN A 452 -8.58 10.04 9.55
C GLN A 452 -9.99 9.99 8.91
N LEU A 453 -11.01 10.23 9.73
CA LEU A 453 -12.34 10.56 9.23
C LEU A 453 -12.31 12.05 9.01
N LYS A 454 -12.72 12.51 7.84
CA LYS A 454 -12.92 13.93 7.59
C LYS A 454 -14.40 14.28 7.36
N ILE A 455 -14.84 15.43 7.86
CA ILE A 455 -16.20 15.90 7.62
C ILE A 455 -16.32 16.29 6.16
N PHE A 456 -17.21 15.61 5.41
CA PHE A 456 -17.46 16.00 4.05
C PHE A 456 -18.66 16.95 3.91
N ARG A 457 -19.76 16.65 4.59
CA ARG A 457 -20.94 17.54 4.69
C ARG A 457 -21.43 17.46 6.16
N GLU A 458 -21.94 18.57 6.67
CA GLU A 458 -22.41 18.64 8.06
C GLU A 458 -23.73 19.40 8.14
N SER A 459 -24.78 18.72 8.53
CA SER A 459 -26.09 19.34 8.67
C SER A 459 -26.06 20.24 9.90
N VAL A 460 -26.73 21.39 9.79
CA VAL A 460 -26.90 22.28 10.91
C VAL A 460 -28.37 22.58 11.16
N VAL A 461 -28.87 22.23 12.36
CA VAL A 461 -30.23 22.58 12.81
C VAL A 461 -30.20 24.04 13.22
N PRO A 462 -31.05 24.88 12.59
CA PRO A 462 -31.14 26.31 12.97
C PRO A 462 -31.61 26.51 14.42
N ASP A 463 -30.89 27.31 15.18
CA ASP A 463 -31.29 27.67 16.58
C ASP A 463 -31.32 26.45 17.53
N PHE A 464 -30.39 25.51 17.35
CA PHE A 464 -30.32 24.32 18.20
C PHE A 464 -28.94 24.29 18.77
N ASP A 465 -28.86 24.41 20.08
CA ASP A 465 -27.59 24.30 20.81
C ASP A 465 -27.59 22.96 21.50
N ARG A 466 -26.84 22.05 20.94
CA ARG A 466 -26.77 20.70 21.41
C ARG A 466 -26.15 20.58 22.80
N SER A 467 -25.36 21.55 23.20
CA SER A 467 -24.71 21.53 24.46
C SER A 467 -25.64 21.75 25.66
N GLU A 468 -26.88 22.13 25.41
CA GLU A 468 -27.89 22.15 26.47
C GLU A 468 -28.50 20.78 26.82
N PHE A 469 -28.20 19.74 26.04
CA PHE A 469 -28.83 18.44 26.24
C PHE A 469 -27.75 17.37 26.41
N GLU A 470 -28.17 16.19 26.91
CA GLU A 470 -27.25 15.07 27.00
C GLU A 470 -27.97 13.73 26.82
N VAL A 471 -27.21 12.77 26.32
CA VAL A 471 -27.72 11.44 26.03
C VAL A 471 -26.82 10.50 26.82
N LYS A 472 -27.44 9.53 27.51
CA LYS A 472 -26.66 8.50 28.13
C LYS A 472 -27.26 7.13 27.78
N GLN A 473 -26.46 6.11 27.92
CA GLN A 473 -26.94 4.74 27.83
C GLN A 473 -26.83 4.08 29.23
N VAL A 474 -27.90 3.41 29.67
CA VAL A 474 -27.90 2.62 30.88
C VAL A 474 -28.52 1.25 30.59
N PHE A 475 -28.36 0.33 31.53
CA PHE A 475 -28.85 -1.04 31.38
C PHE A 475 -29.72 -1.35 32.55
N VAL A 476 -30.86 -1.98 32.27
CA VAL A 476 -31.87 -2.12 33.28
C VAL A 476 -32.29 -3.60 33.24
N PRO A 477 -32.74 -4.14 34.36
CA PRO A 477 -33.11 -5.56 34.43
C PRO A 477 -34.54 -5.76 33.95
N SER A 478 -34.75 -6.76 33.12
CA SER A 478 -36.09 -7.19 32.81
C SER A 478 -36.58 -8.16 33.92
N LYS A 479 -37.83 -8.59 33.81
CA LYS A 479 -38.37 -9.58 34.77
C LYS A 479 -37.45 -10.76 35.02
N ASP A 480 -36.86 -11.33 33.98
CA ASP A 480 -35.99 -12.50 34.08
C ASP A 480 -34.52 -12.16 34.36
N GLY A 481 -34.24 -10.92 34.74
CA GLY A 481 -32.86 -10.48 35.00
C GLY A 481 -32.10 -9.93 33.79
N THR A 482 -32.56 -10.25 32.59
CA THR A 482 -31.77 -9.92 31.44
C THR A 482 -31.51 -8.40 31.38
N LYS A 483 -30.31 -8.01 31.01
CA LYS A 483 -29.96 -6.60 30.88
C LYS A 483 -30.56 -6.02 29.62
N ILE A 484 -31.33 -4.93 29.72
CA ILE A 484 -31.92 -4.31 28.57
C ILE A 484 -31.26 -2.94 28.45
N PRO A 485 -30.57 -2.69 27.31
CA PRO A 485 -29.98 -1.38 27.11
C PRO A 485 -31.01 -0.34 26.79
N ILE A 486 -30.92 0.86 27.39
CA ILE A 486 -31.75 1.94 26.99
C ILE A 486 -30.94 3.25 26.83
N PHE A 487 -31.34 4.07 25.86
CA PHE A 487 -30.83 5.41 25.74
C PHE A 487 -31.80 6.38 26.37
N ILE A 488 -31.28 7.37 27.11
CA ILE A 488 -32.06 8.41 27.75
C ILE A 488 -31.54 9.80 27.39
N ALA A 489 -32.42 10.63 26.79
CA ALA A 489 -32.03 11.98 26.39
C ALA A 489 -32.83 13.03 27.09
N ALA A 490 -32.16 14.12 27.50
CA ALA A 490 -32.84 15.16 28.29
C ALA A 490 -31.98 16.37 28.38
N ARG A 491 -32.59 17.50 28.74
CA ARG A 491 -31.87 18.67 29.13
C ARG A 491 -30.83 18.33 30.16
N LYS A 492 -29.63 18.93 30.06
CA LYS A 492 -28.61 18.77 31.10
C LYS A 492 -29.07 19.30 32.43
N GLY A 493 -28.67 18.63 33.51
CA GLY A 493 -28.86 19.09 34.87
C GLY A 493 -30.28 19.00 35.43
N ILE A 494 -31.17 18.20 34.83
CA ILE A 494 -32.52 18.11 35.37
C ILE A 494 -32.51 17.37 36.71
N SER A 495 -33.46 17.69 37.54
CA SER A 495 -33.68 16.97 38.79
C SER A 495 -34.47 15.71 38.57
N LEU A 496 -34.02 14.62 39.16
CA LEU A 496 -34.72 13.36 39.05
C LEU A 496 -35.75 13.31 40.17
N ASP A 497 -36.76 14.14 40.02
CA ASP A 497 -37.75 14.33 41.04
C ASP A 497 -39.10 13.79 40.59
N GLY A 498 -39.12 12.95 39.56
CA GLY A 498 -40.34 12.36 39.09
C GLY A 498 -41.29 13.24 38.24
N SER A 499 -40.93 14.49 37.98
CA SER A 499 -41.88 15.46 37.44
C SER A 499 -41.90 15.59 35.91
N HIS A 500 -41.03 14.90 35.19
CA HIS A 500 -40.85 15.21 33.74
C HIS A 500 -41.74 14.33 32.89
N PRO A 501 -42.35 14.92 31.87
CA PRO A 501 -42.99 14.03 30.93
C PRO A 501 -41.93 13.19 30.22
N CYS A 502 -42.30 11.98 29.90
CA CYS A 502 -41.37 11.01 29.30
C CYS A 502 -42.00 10.28 28.13
N GLU A 503 -41.25 10.21 27.02
CA GLU A 503 -41.65 9.50 25.84
C GLU A 503 -40.69 8.32 25.64
N MET A 504 -41.23 7.13 25.46
CA MET A 504 -40.41 5.96 25.27
C MET A 504 -40.80 5.31 23.96
N HIS A 505 -39.78 4.94 23.20
CA HIS A 505 -39.95 4.28 21.90
C HIS A 505 -39.29 2.92 21.89
N GLY A 506 -39.93 1.98 21.19
CA GLY A 506 -39.39 0.65 20.99
C GLY A 506 -40.05 -0.09 19.85
N TYR A 507 -39.53 -1.25 19.47
CA TYR A 507 -40.04 -2.05 18.35
C TYR A 507 -40.12 -3.52 18.79
N GLY A 508 -38.98 -4.19 18.84
CA GLY A 508 -38.83 -5.49 19.51
C GLY A 508 -39.29 -6.66 18.62
N GLY A 509 -38.59 -6.90 17.53
CA GLY A 509 -38.99 -7.99 16.61
C GLY A 509 -38.15 -7.99 15.33
N PHE A 510 -38.20 -9.12 14.62
CA PHE A 510 -37.74 -9.21 13.25
C PHE A 510 -36.25 -8.97 13.08
N GLY A 511 -35.47 -9.13 14.14
CA GLY A 511 -34.01 -8.86 14.11
C GLY A 511 -33.67 -7.37 13.80
N ILE A 512 -34.61 -6.47 13.95
CA ILE A 512 -34.35 -5.06 13.67
C ILE A 512 -33.60 -4.41 14.81
N ASN A 513 -32.54 -3.67 14.45
CA ASN A 513 -31.72 -2.90 15.42
C ASN A 513 -32.24 -1.47 15.56
N MET A 514 -32.60 -1.06 16.77
CA MET A 514 -33.18 0.28 17.02
C MET A 514 -32.06 1.21 17.42
N MET A 515 -31.73 2.13 16.52
CA MET A 515 -30.60 3.03 16.74
C MET A 515 -31.03 4.45 17.14
N PRO A 516 -30.21 5.12 17.93
CA PRO A 516 -30.60 6.52 18.41
C PRO A 516 -30.24 7.58 17.40
N THR A 517 -31.03 7.68 16.38
CA THR A 517 -30.79 8.63 15.28
C THR A 517 -31.39 10.01 15.54
N PHE A 518 -31.14 10.95 14.63
CA PHE A 518 -31.70 12.30 14.75
C PHE A 518 -33.18 12.45 14.39
N SER A 519 -33.94 13.10 15.28
CA SER A 519 -35.30 13.47 15.03
C SER A 519 -35.53 14.92 15.48
N ALA A 520 -36.04 15.75 14.55
CA ALA A 520 -36.21 17.18 14.87
C ALA A 520 -37.33 17.34 15.89
N SER A 521 -38.39 16.59 15.71
CA SER A 521 -39.52 16.64 16.60
C SER A 521 -39.16 16.22 18.04
N ARG A 522 -38.24 15.25 18.18
CA ARG A 522 -37.77 14.87 19.49
C ARG A 522 -37.08 16.05 20.19
N ILE A 523 -36.34 16.88 19.43
CA ILE A 523 -35.68 18.02 20.04
C ILE A 523 -36.73 19.02 20.55
N VAL A 524 -37.85 19.15 19.85
CA VAL A 524 -38.93 20.06 20.29
C VAL A 524 -39.49 19.54 21.63
N PHE A 525 -39.72 18.22 21.67
CA PHE A 525 -40.11 17.57 22.91
C PHE A 525 -39.16 17.85 24.08
N LEU A 526 -37.87 17.65 23.86
CA LEU A 526 -36.89 17.89 24.86
C LEU A 526 -36.85 19.39 25.28
N LYS A 527 -36.83 20.27 24.33
CA LYS A 527 -36.55 21.68 24.62
C LYS A 527 -37.81 22.41 25.06
N HIS A 528 -38.92 22.14 24.37
CA HIS A 528 -40.13 22.97 24.54
C HIS A 528 -41.22 22.33 25.37
N LEU A 529 -41.03 21.06 25.72
CA LEU A 529 -41.86 20.40 26.68
C LEU A 529 -41.08 19.90 27.88
N GLY A 530 -39.79 20.21 27.96
CA GLY A 530 -38.98 19.70 29.10
C GLY A 530 -39.05 18.17 29.22
N GLY A 531 -39.17 17.46 28.09
CA GLY A 531 -39.32 16.04 28.08
C GLY A 531 -38.07 15.21 28.28
N VAL A 532 -38.28 13.95 28.73
CA VAL A 532 -37.23 12.93 28.76
C VAL A 532 -37.56 11.89 27.70
N PHE A 533 -36.63 11.67 26.77
CA PHE A 533 -36.85 10.62 25.73
C PHE A 533 -36.05 9.37 26.02
N CYS A 534 -36.67 8.20 25.81
CA CYS A 534 -36.03 6.95 25.99
C CYS A 534 -36.25 6.07 24.80
N LEU A 535 -35.15 5.46 24.30
CA LEU A 535 -35.22 4.43 23.27
C LEU A 535 -34.79 3.15 23.94
N ALA A 536 -35.69 2.17 23.95
CA ALA A 536 -35.41 0.91 24.60
C ALA A 536 -35.07 -0.23 23.59
N ASN A 537 -33.90 -0.83 23.78
CA ASN A 537 -33.42 -1.95 22.94
C ASN A 537 -33.82 -3.33 23.52
N ILE A 538 -35.11 -3.59 23.43
CA ILE A 538 -35.72 -4.77 23.87
C ILE A 538 -35.41 -5.96 22.98
N ARG A 539 -35.65 -7.15 23.56
CA ARG A 539 -35.47 -8.41 22.83
C ARG A 539 -36.47 -8.52 21.66
N GLY A 540 -36.21 -9.48 20.79
CA GLY A 540 -36.89 -9.49 19.50
C GLY A 540 -36.14 -8.74 18.43
N GLY A 541 -35.34 -7.71 18.81
CA GLY A 541 -34.43 -7.06 17.88
C GLY A 541 -33.24 -7.90 17.57
N GLY A 542 -32.27 -7.36 16.83
CA GLY A 542 -31.06 -8.10 16.52
C GLY A 542 -29.82 -7.60 17.23
N GLU A 543 -29.99 -6.74 18.25
CA GLU A 543 -28.87 -5.97 18.74
C GLU A 543 -27.75 -6.80 19.33
N TYR A 544 -28.10 -7.93 19.96
CA TYR A 544 -27.09 -8.90 20.46
C TYR A 544 -27.14 -10.23 19.71
N GLY A 545 -27.49 -10.18 18.44
CA GLY A 545 -27.43 -11.35 17.60
C GLY A 545 -28.74 -12.12 17.59
N GLU A 546 -28.70 -13.24 16.89
CA GLU A 546 -29.90 -14.02 16.62
C GLU A 546 -30.54 -14.56 17.91
N GLU A 547 -29.73 -14.80 18.93
CA GLU A 547 -30.28 -15.18 20.24
C GLU A 547 -31.11 -14.09 20.88
N TRP A 548 -30.77 -12.80 20.67
CA TRP A 548 -31.63 -11.68 21.13
C TRP A 548 -32.97 -11.64 20.41
N HIS A 549 -32.93 -11.90 19.11
CA HIS A 549 -34.15 -11.99 18.28
C HIS A 549 -35.04 -13.10 18.79
N LYS A 550 -34.49 -14.28 18.91
CA LYS A 550 -35.31 -15.44 19.26
C LYS A 550 -35.80 -15.45 20.74
N ALA A 551 -35.13 -14.70 21.61
CA ALA A 551 -35.59 -14.53 22.97
C ALA A 551 -36.76 -13.56 23.01
N GLY A 552 -37.19 -13.05 21.86
CA GLY A 552 -38.30 -12.17 21.79
C GLY A 552 -39.21 -12.47 20.59
N PHE A 553 -39.37 -13.75 20.27
CA PHE A 553 -40.30 -14.13 19.20
C PHE A 553 -41.06 -15.45 19.56
N ARG A 554 -42.12 -15.70 18.81
CA ARG A 554 -42.96 -16.91 18.93
C ARG A 554 -43.52 -17.11 20.38
N ASP A 555 -43.19 -18.21 21.03
CA ASP A 555 -43.66 -18.46 22.39
C ASP A 555 -43.01 -17.43 23.37
N LYS A 556 -41.94 -16.72 22.98
CA LYS A 556 -41.29 -15.76 23.86
C LYS A 556 -41.53 -14.32 23.53
N LYS A 557 -42.55 -14.05 22.69
CA LYS A 557 -42.92 -12.73 22.32
C LYS A 557 -43.24 -11.90 23.56
N GLN A 558 -43.84 -12.54 24.59
CA GLN A 558 -44.19 -11.82 25.81
C GLN A 558 -42.95 -11.16 26.47
N ASN A 559 -41.80 -11.76 26.31
CA ASN A 559 -40.52 -11.16 26.84
C ASN A 559 -40.31 -9.74 26.35
N VAL A 560 -40.68 -9.49 25.11
CA VAL A 560 -40.54 -8.17 24.50
C VAL A 560 -41.33 -7.12 25.30
N PHE A 561 -42.56 -7.47 25.62
CA PHE A 561 -43.43 -6.59 26.36
C PHE A 561 -42.93 -6.41 27.79
N ASP A 562 -42.47 -7.49 28.41
CA ASP A 562 -41.92 -7.40 29.76
C ASP A 562 -40.66 -6.50 29.79
N ASP A 563 -39.84 -6.58 28.75
CA ASP A 563 -38.65 -5.71 28.65
C ASP A 563 -39.05 -4.25 28.63
N PHE A 564 -40.05 -3.91 27.83
CA PHE A 564 -40.47 -2.56 27.65
C PHE A 564 -41.08 -2.04 28.94
N ILE A 565 -41.93 -2.87 29.55
CA ILE A 565 -42.53 -2.53 30.80
C ILE A 565 -41.43 -2.34 31.85
N SER A 566 -40.42 -3.20 31.83
CA SER A 566 -39.28 -3.05 32.78
C SER A 566 -38.50 -1.74 32.64
N ALA A 567 -38.39 -1.27 31.40
CA ALA A 567 -37.74 0.01 31.14
C ALA A 567 -38.57 1.16 31.75
N ALA A 568 -39.88 1.12 31.57
CA ALA A 568 -40.73 2.19 32.09
C ALA A 568 -40.67 2.22 33.63
N GLU A 569 -40.64 1.03 34.23
CA GLU A 569 -40.47 0.90 35.68
C GLU A 569 -39.18 1.53 36.15
N TYR A 570 -38.11 1.34 35.38
CA TYR A 570 -36.81 1.96 35.74
C TYR A 570 -36.86 3.48 35.68
N LEU A 571 -37.48 4.02 34.61
CA LEU A 571 -37.56 5.45 34.45
C LEU A 571 -38.37 6.10 35.59
N ILE A 572 -39.38 5.39 36.09
CA ILE A 572 -40.16 5.81 37.26
C ILE A 572 -39.30 5.70 38.56
N SER A 573 -38.66 4.55 38.77
CA SER A 573 -37.93 4.33 40.04
C SER A 573 -36.77 5.27 40.15
N SER A 574 -36.16 5.63 39.00
CA SER A 574 -34.93 6.41 38.97
C SER A 574 -35.23 7.86 39.08
N GLY A 575 -36.49 8.21 38.92
CA GLY A 575 -36.93 9.58 39.16
C GLY A 575 -36.96 10.46 37.92
N TYR A 576 -36.90 9.88 36.71
CA TYR A 576 -37.06 10.72 35.53
C TYR A 576 -38.51 11.19 35.35
N THR A 577 -39.44 10.32 35.73
CA THR A 577 -40.83 10.53 35.44
C THR A 577 -41.68 9.78 36.46
N LYS A 578 -42.98 9.73 36.26
CA LYS A 578 -43.83 8.96 37.15
C LYS A 578 -44.92 8.25 36.35
N ALA A 579 -45.53 7.29 37.02
CA ALA A 579 -46.56 6.46 36.44
C ALA A 579 -47.62 7.49 35.97
N ARG A 580 -48.11 7.32 34.76
CA ARG A 580 -49.13 8.17 34.13
C ARG A 580 -48.55 9.48 33.52
N ARG A 581 -47.25 9.74 33.67
CA ARG A 581 -46.57 10.77 32.90
C ARG A 581 -45.64 10.16 31.79
N VAL A 582 -45.86 8.90 31.47
CA VAL A 582 -45.05 8.19 30.49
C VAL A 582 -45.84 7.98 29.24
N ALA A 583 -45.30 8.39 28.09
CA ALA A 583 -45.95 8.14 26.83
C ALA A 583 -45.15 7.11 26.13
N ILE A 584 -45.83 6.16 25.50
CA ILE A 584 -45.15 5.18 24.68
C ILE A 584 -45.60 5.27 23.21
N GLU A 585 -44.68 4.96 22.30
CA GLU A 585 -44.92 5.12 20.86
C GLU A 585 -44.18 4.05 20.11
N GLY A 586 -44.80 3.54 19.05
CA GLY A 586 -44.22 2.54 18.24
C GLY A 586 -45.00 2.34 16.94
N GLY A 587 -44.36 1.74 15.94
CA GLY A 587 -45.02 1.51 14.63
C GLY A 587 -44.91 0.08 14.14
N SER A 588 -46.00 -0.39 13.49
CA SER A 588 -46.09 -1.72 12.93
C SER A 588 -46.00 -2.78 14.03
N ASN A 589 -45.01 -3.64 13.97
CA ASN A 589 -44.70 -4.51 15.12
C ASN A 589 -44.52 -3.70 16.43
N GLY A 590 -44.06 -2.46 16.30
CA GLY A 590 -43.99 -1.55 17.44
C GLY A 590 -45.34 -1.01 17.88
N GLY A 591 -46.32 -1.03 16.97
CA GLY A 591 -47.66 -0.61 17.31
C GLY A 591 -48.32 -1.69 18.15
N LEU A 592 -48.07 -2.93 17.79
CA LEU A 592 -48.41 -4.10 18.64
C LEU A 592 -47.79 -4.01 20.06
N LEU A 593 -46.48 -3.71 20.09
CA LEU A 593 -45.81 -3.41 21.35
C LEU A 593 -46.62 -2.46 22.20
N VAL A 594 -46.96 -1.27 21.69
CA VAL A 594 -47.74 -0.28 22.43
C VAL A 594 -49.11 -0.85 22.89
N ALA A 595 -49.81 -1.51 22.01
CA ALA A 595 -51.18 -1.98 22.34
C ALA A 595 -51.17 -3.10 23.40
N ALA A 596 -50.23 -4.02 23.30
CA ALA A 596 -50.12 -5.06 24.31
C ALA A 596 -49.73 -4.49 25.64
N CYS A 597 -48.76 -3.55 25.64
CA CYS A 597 -48.33 -2.97 26.90
C CYS A 597 -49.44 -2.20 27.57
N ILE A 598 -50.28 -1.49 26.82
CA ILE A 598 -51.31 -0.74 27.51
C ILE A 598 -52.42 -1.65 28.05
N ASN A 599 -52.65 -2.77 27.39
CA ASN A 599 -53.62 -3.71 27.87
C ASN A 599 -53.12 -4.34 29.16
N GLN A 600 -51.81 -4.63 29.21
CA GLN A 600 -51.20 -5.36 30.34
C GLN A 600 -50.88 -4.48 31.56
N ARG A 601 -50.40 -3.26 31.33
CA ARG A 601 -50.07 -2.35 32.40
C ARG A 601 -50.55 -0.94 32.13
N PRO A 602 -51.89 -0.76 32.01
CA PRO A 602 -52.38 0.61 31.73
C PRO A 602 -52.00 1.57 32.80
N ASP A 603 -51.72 1.06 34.01
CA ASP A 603 -51.41 1.93 35.13
C ASP A 603 -50.09 2.69 34.99
N LEU A 604 -49.21 2.20 34.12
CA LEU A 604 -47.90 2.80 33.98
C LEU A 604 -47.94 4.02 33.05
N PHE A 605 -48.90 4.03 32.12
CA PHE A 605 -48.84 5.01 30.99
C PHE A 605 -49.91 6.10 30.94
N GLY A 606 -49.52 7.32 30.59
CA GLY A 606 -50.42 8.47 30.47
C GLY A 606 -50.88 8.71 29.02
N CYS A 607 -50.10 8.17 28.07
CA CYS A 607 -50.38 8.41 26.66
C CYS A 607 -49.82 7.24 25.87
N ALA A 608 -50.58 6.75 24.90
CA ALA A 608 -50.10 5.71 24.03
C ALA A 608 -50.38 6.05 22.55
N GLU A 609 -49.37 5.89 21.69
CA GLU A 609 -49.49 6.25 20.26
C GLU A 609 -49.00 5.09 19.45
N ALA A 610 -49.95 4.40 18.81
CA ALA A 610 -49.67 3.18 18.09
C ALA A 610 -49.88 3.43 16.60
N ASN A 611 -48.78 3.38 15.85
CA ASN A 611 -48.78 3.63 14.45
C ASN A 611 -48.90 2.33 13.70
N CYS A 612 -49.92 2.26 12.86
CA CYS A 612 -50.22 1.13 12.00
C CYS A 612 -49.86 -0.20 12.63
N GLY A 613 -50.44 -0.46 13.79
CA GLY A 613 -50.04 -1.67 14.53
C GLY A 613 -50.73 -2.93 14.08
N VAL A 614 -50.14 -4.07 14.36
CA VAL A 614 -50.78 -5.37 14.14
C VAL A 614 -51.59 -5.75 15.39
N MET A 615 -52.89 -5.50 15.32
CA MET A 615 -53.78 -5.55 16.50
C MET A 615 -54.67 -6.81 16.68
N ASP A 616 -55.02 -7.50 15.62
CA ASP A 616 -55.77 -8.77 15.64
C ASP A 616 -54.76 -9.81 15.29
N MET A 617 -54.17 -10.41 16.32
CA MET A 617 -53.11 -11.38 16.13
C MET A 617 -53.71 -12.71 15.77
N LEU A 618 -55.03 -12.85 15.87
CA LEU A 618 -55.68 -14.08 15.38
C LEU A 618 -55.89 -14.11 13.88
N ARG A 619 -56.08 -12.94 13.26
CA ARG A 619 -56.46 -12.90 11.84
C ARG A 619 -55.45 -12.17 10.95
N PHE A 620 -54.38 -11.60 11.52
CA PHE A 620 -53.32 -10.88 10.70
C PHE A 620 -52.79 -11.67 9.51
N HIS A 621 -52.61 -12.96 9.68
CA HIS A 621 -52.01 -13.78 8.63
C HIS A 621 -52.93 -13.87 7.35
N LYS A 622 -54.19 -13.44 7.46
CA LYS A 622 -55.18 -13.57 6.36
C LYS A 622 -55.16 -12.40 5.37
N PHE A 623 -54.44 -11.32 5.67
CA PHE A 623 -54.50 -10.10 4.88
C PHE A 623 -53.14 -9.71 4.31
N THR A 624 -53.16 -9.30 3.04
CA THR A 624 -51.99 -8.91 2.24
C THR A 624 -50.70 -9.63 2.59
N LEU A 625 -49.74 -8.96 3.22
CA LEU A 625 -48.47 -9.66 3.41
C LEU A 625 -48.30 -10.20 4.85
N GLY A 626 -49.40 -10.22 5.60
CA GLY A 626 -49.39 -10.73 6.97
C GLY A 626 -48.84 -12.15 7.08
N TYR A 627 -49.02 -12.95 6.02
CA TYR A 627 -48.52 -14.31 6.04
C TYR A 627 -47.01 -14.37 6.21
N LEU A 628 -46.27 -13.34 5.81
CA LEU A 628 -44.79 -13.43 6.00
C LEU A 628 -44.28 -13.29 7.48
N TRP A 629 -45.17 -12.92 8.41
CA TRP A 629 -44.79 -12.58 9.83
C TRP A 629 -44.99 -13.75 10.78
N THR A 630 -45.46 -14.87 10.25
CA THR A 630 -45.75 -16.03 11.07
C THR A 630 -44.46 -16.59 11.62
N GLY A 631 -43.34 -16.32 10.95
CA GLY A 631 -42.02 -16.70 11.43
C GLY A 631 -41.76 -16.08 12.82
N ASP A 632 -42.09 -14.81 12.98
CA ASP A 632 -41.93 -14.18 14.30
C ASP A 632 -43.11 -14.45 15.25
N TYR A 633 -44.34 -14.53 14.75
CA TYR A 633 -45.49 -14.46 15.61
C TYR A 633 -46.14 -15.79 15.93
N GLY A 634 -45.88 -16.79 15.12
CA GLY A 634 -46.81 -17.93 14.95
C GLY A 634 -48.06 -17.60 14.17
N CYS A 635 -49.01 -18.53 14.22
CA CYS A 635 -50.24 -18.51 13.43
C CYS A 635 -51.39 -19.19 14.15
N SER A 636 -52.56 -18.53 14.23
CA SER A 636 -53.71 -19.06 14.98
C SER A 636 -54.37 -20.27 14.36
N ASP A 637 -53.92 -20.67 13.16
CA ASP A 637 -54.32 -21.94 12.55
C ASP A 637 -53.75 -23.13 13.28
N LYS A 638 -52.77 -22.91 14.13
CA LYS A 638 -52.14 -24.04 14.82
C LYS A 638 -52.35 -23.83 16.35
N GLU A 639 -52.89 -24.86 17.01
CA GLU A 639 -53.43 -24.69 18.36
C GLU A 639 -52.37 -24.14 19.36
N GLU A 640 -51.17 -24.70 19.32
CA GLU A 640 -50.13 -24.31 20.21
C GLU A 640 -49.82 -22.80 20.07
N GLU A 641 -49.85 -22.32 18.82
CA GLU A 641 -49.44 -20.98 18.55
C GLU A 641 -50.64 -20.08 18.84
N PHE A 642 -51.87 -20.52 18.52
CA PHE A 642 -53.06 -19.82 19.02
C PHE A 642 -52.89 -19.50 20.48
N LYS A 643 -52.37 -20.46 21.25
CA LYS A 643 -52.36 -20.35 22.72
C LYS A 643 -51.37 -19.21 23.17
N TRP A 644 -50.30 -18.99 22.43
CA TRP A 644 -49.41 -17.79 22.62
C TRP A 644 -50.20 -16.54 22.26
N LEU A 645 -50.85 -16.57 21.11
CA LEU A 645 -51.37 -15.37 20.49
C LEU A 645 -52.53 -14.77 21.24
N ILE A 646 -53.44 -15.64 21.74
CA ILE A 646 -54.64 -15.16 22.42
C ILE A 646 -54.30 -14.43 23.71
N LYS A 647 -53.19 -14.75 24.31
CA LYS A 647 -52.83 -14.07 25.56
C LYS A 647 -52.41 -12.61 25.44
N TYR A 648 -51.89 -12.24 24.27
CA TYR A 648 -51.48 -10.82 24.05
C TYR A 648 -52.16 -10.08 22.84
N SER A 649 -52.88 -10.78 21.97
CA SER A 649 -53.61 -10.11 20.89
C SER A 649 -54.35 -8.87 21.35
N PRO A 650 -53.94 -7.71 20.88
CA PRO A 650 -54.52 -6.52 21.44
C PRO A 650 -56.06 -6.42 21.42
N ILE A 651 -56.73 -6.79 20.32
CA ILE A 651 -58.20 -6.59 20.30
C ILE A 651 -58.96 -7.59 21.18
N HIS A 652 -58.24 -8.60 21.66
CA HIS A 652 -58.80 -9.63 22.50
C HIS A 652 -58.47 -9.46 23.98
N ASN A 653 -57.81 -8.35 24.34
CA ASN A 653 -57.33 -8.18 25.68
C ASN A 653 -57.56 -6.83 26.20
N VAL A 654 -58.57 -6.15 25.65
CA VAL A 654 -59.03 -4.92 26.22
C VAL A 654 -59.97 -5.25 27.40
N ARG A 655 -59.61 -4.74 28.59
CA ARG A 655 -60.35 -5.03 29.83
C ARG A 655 -60.35 -3.81 30.68
N ARG A 656 -61.43 -3.60 31.42
CA ARG A 656 -61.58 -2.44 32.26
C ARG A 656 -60.69 -2.56 33.49
N PRO A 657 -59.61 -1.78 33.55
CA PRO A 657 -58.68 -2.00 34.66
C PRO A 657 -59.28 -1.73 36.06
N TRP A 658 -60.25 -0.82 36.12
CA TRP A 658 -60.90 -0.45 37.37
C TRP A 658 -61.76 -1.54 38.00
N GLU A 659 -62.08 -2.59 37.26
CA GLU A 659 -62.78 -3.75 37.78
C GLU A 659 -61.86 -4.80 38.43
N GLN A 660 -60.56 -4.58 38.38
CA GLN A 660 -59.63 -5.44 39.10
C GLN A 660 -59.41 -4.94 40.53
N PRO A 661 -59.53 -5.86 41.50
CA PRO A 661 -59.38 -5.49 42.91
C PRO A 661 -58.05 -4.79 43.17
N GLY A 662 -58.08 -3.70 43.90
CA GLY A 662 -56.92 -2.87 44.13
C GLY A 662 -56.67 -1.85 43.01
N ASN A 663 -57.29 -2.03 41.85
CA ASN A 663 -56.93 -1.22 40.69
C ASN A 663 -58.03 -0.20 40.30
N GLU A 664 -58.83 0.19 41.29
CA GLU A 664 -60.04 1.00 41.04
C GLU A 664 -59.72 2.41 40.52
N GLU A 665 -58.53 2.92 40.78
CA GLU A 665 -58.13 4.26 40.30
C GLU A 665 -57.60 4.35 38.82
N THR A 666 -57.46 3.19 38.20
CA THR A 666 -56.73 3.07 36.98
C THR A 666 -57.65 3.18 35.78
N GLN A 667 -57.23 3.97 34.78
CA GLN A 667 -57.84 3.93 33.45
C GLN A 667 -56.76 3.73 32.35
N TYR A 668 -57.20 3.47 31.12
CA TYR A 668 -56.26 3.44 30.00
C TYR A 668 -55.71 4.81 29.78
N PRO A 669 -54.41 4.85 29.39
CA PRO A 669 -53.90 6.11 28.90
C PRO A 669 -54.77 6.73 27.73
N ALA A 670 -54.68 8.04 27.56
CA ALA A 670 -55.08 8.73 26.33
C ALA A 670 -54.38 8.06 25.18
N THR A 671 -55.15 7.55 24.23
CA THR A 671 -54.64 6.67 23.21
C THR A 671 -54.95 7.29 21.85
N MET A 672 -53.92 7.42 21.00
CA MET A 672 -54.07 7.75 19.57
C MET A 672 -53.62 6.56 18.79
N ILE A 673 -54.53 6.03 18.01
CA ILE A 673 -54.25 4.98 17.09
C ILE A 673 -54.06 5.65 15.68
N LEU A 674 -52.88 5.52 15.06
CA LEU A 674 -52.62 6.16 13.76
C LEU A 674 -52.55 5.14 12.66
N THR A 675 -53.15 5.44 11.53
CA THR A 675 -52.95 4.64 10.32
C THR A 675 -53.29 5.43 9.02
N ALA A 676 -52.61 5.04 7.93
CA ALA A 676 -52.91 5.53 6.57
C ALA A 676 -54.10 4.74 6.07
N ASP A 677 -55.01 5.39 5.38
CA ASP A 677 -56.28 4.76 4.97
C ASP A 677 -56.04 3.63 3.98
N HIS A 678 -54.92 3.64 3.24
CA HIS A 678 -54.54 2.59 2.24
C HIS A 678 -53.18 1.91 2.54
N ASP A 679 -52.92 1.66 3.81
CA ASP A 679 -51.80 0.83 4.18
C ASP A 679 -52.08 -0.56 3.69
N ASP A 680 -51.30 -1.02 2.71
CA ASP A 680 -51.41 -2.38 2.18
C ASP A 680 -50.41 -3.34 2.81
N ARG A 681 -49.55 -2.84 3.71
CA ARG A 681 -48.60 -3.69 4.41
C ARG A 681 -49.22 -4.21 5.72
N VAL A 682 -49.61 -3.28 6.57
CA VAL A 682 -50.48 -3.53 7.73
C VAL A 682 -51.86 -2.95 7.47
N VAL A 683 -52.82 -3.81 7.11
CA VAL A 683 -54.17 -3.33 6.79
C VAL A 683 -54.86 -2.61 7.94
N PRO A 684 -55.60 -1.54 7.64
CA PRO A 684 -56.07 -0.64 8.69
C PRO A 684 -57.21 -1.20 9.51
N LEU A 685 -57.82 -2.27 9.05
CA LEU A 685 -58.79 -2.98 9.92
C LEU A 685 -58.19 -3.22 11.32
N HIS A 686 -56.88 -3.39 11.42
CA HIS A 686 -56.22 -3.66 12.74
C HIS A 686 -56.49 -2.51 13.67
N SER A 687 -56.12 -1.34 13.21
CA SER A 687 -56.34 -0.15 13.92
C SER A 687 -57.84 0.09 14.19
N PHE A 688 -58.69 -0.15 13.20
CA PHE A 688 -60.12 0.22 13.33
C PHE A 688 -60.81 -0.71 14.36
N LYS A 689 -60.53 -1.98 14.28
CA LYS A 689 -61.09 -2.90 15.22
C LYS A 689 -60.61 -2.63 16.65
N LEU A 690 -59.33 -2.27 16.81
CA LEU A 690 -58.86 -1.97 18.16
C LEU A 690 -59.53 -0.74 18.67
N LEU A 691 -59.65 0.29 17.83
CA LEU A 691 -60.35 1.52 18.23
C LEU A 691 -61.79 1.20 18.71
N ALA A 692 -62.49 0.39 17.94
CA ALA A 692 -63.93 0.11 18.19
C ALA A 692 -64.06 -0.66 19.51
N THR A 693 -63.19 -1.66 19.66
CA THR A 693 -63.13 -2.45 20.88
C THR A 693 -62.81 -1.61 22.13
N MET A 694 -61.78 -0.79 22.08
CA MET A 694 -61.49 0.07 23.21
C MET A 694 -62.63 0.99 23.52
N GLN A 695 -63.20 1.64 22.48
CA GLN A 695 -64.24 2.63 22.75
C GLN A 695 -65.44 1.97 23.45
N HIS A 696 -65.74 0.78 23.02
CA HIS A 696 -66.85 0.05 23.53
C HIS A 696 -66.61 -0.38 24.96
N VAL A 697 -65.58 -1.19 25.15
CA VAL A 697 -65.29 -1.80 26.45
C VAL A 697 -65.15 -0.72 27.51
N LEU A 698 -64.48 0.36 27.15
CA LEU A 698 -64.06 1.33 28.12
C LEU A 698 -64.96 2.54 28.19
N CYS A 699 -65.76 2.81 27.17
CA CYS A 699 -66.51 4.08 27.17
C CYS A 699 -68.03 3.93 26.94
N THR A 700 -68.42 3.47 25.75
CA THR A 700 -69.84 3.49 25.33
C THR A 700 -70.68 2.30 25.83
N SER A 701 -70.03 1.25 26.30
CA SER A 701 -70.71 0.18 27.01
C SER A 701 -71.15 0.54 28.46
N LEU A 702 -70.81 1.73 28.94
CA LEU A 702 -71.15 2.17 30.29
C LEU A 702 -71.89 3.50 30.25
N GLU A 703 -72.70 3.75 31.27
CA GLU A 703 -73.43 5.02 31.34
C GLU A 703 -72.47 6.18 31.61
N ASP A 704 -71.63 6.08 32.64
CA ASP A 704 -70.77 7.21 33.01
C ASP A 704 -69.39 6.68 33.35
N SER A 705 -68.70 6.18 32.33
CA SER A 705 -67.43 5.46 32.53
C SER A 705 -66.38 6.25 33.31
N PRO A 706 -65.53 5.55 34.09
CA PRO A 706 -64.35 6.21 34.67
C PRO A 706 -63.30 6.62 33.59
N GLN A 707 -63.41 6.05 32.39
CA GLN A 707 -62.44 6.29 31.31
C GLN A 707 -62.64 7.66 30.77
N LYS A 708 -61.89 8.62 31.30
CA LYS A 708 -61.94 9.99 30.85
C LYS A 708 -60.89 10.33 29.79
N ASN A 709 -59.74 9.67 29.83
CA ASN A 709 -58.71 9.87 28.80
C ASN A 709 -59.25 9.46 27.41
N PRO A 710 -59.10 10.35 26.41
CA PRO A 710 -59.64 10.09 25.10
C PRO A 710 -58.98 8.96 24.35
N ILE A 711 -59.81 8.24 23.63
CA ILE A 711 -59.38 7.16 22.77
C ILE A 711 -59.83 7.52 21.33
N ILE A 712 -58.86 7.84 20.44
CA ILE A 712 -59.14 8.36 19.10
C ILE A 712 -58.18 7.73 18.06
N ALA A 713 -58.56 7.81 16.79
CA ALA A 713 -57.69 7.41 15.67
C ALA A 713 -57.38 8.60 14.80
N ARG A 714 -56.11 8.72 14.40
CA ARG A 714 -55.73 9.73 13.42
C ARG A 714 -55.54 9.01 12.13
N ILE A 715 -56.51 9.17 11.24
CA ILE A 715 -56.52 8.39 10.02
C ILE A 715 -56.05 9.32 8.91
N GLN A 716 -54.98 8.96 8.25
CA GLN A 716 -54.46 9.75 7.16
C GLN A 716 -55.20 9.37 5.86
N ARG A 717 -55.87 10.36 5.28
CA ARG A 717 -56.54 10.17 3.99
C ARG A 717 -55.54 10.07 2.81
N LYS A 718 -55.86 9.22 1.84
CA LYS A 718 -55.13 9.09 0.59
C LYS A 718 -53.62 8.91 0.86
N ALA A 719 -53.33 7.89 1.66
CA ALA A 719 -51.96 7.56 2.04
C ALA A 719 -51.76 6.08 1.98
N ALA A 720 -50.60 5.67 1.47
CA ALA A 720 -50.12 4.29 1.59
C ALA A 720 -49.19 4.18 2.81
N HIS A 721 -48.65 2.99 3.04
CA HIS A 721 -47.66 2.80 4.11
C HIS A 721 -46.39 3.63 3.84
N TYR A 722 -45.99 3.62 2.57
CA TYR A 722 -44.82 4.34 2.07
C TYR A 722 -45.35 5.70 1.67
N GLY A 723 -44.45 6.65 1.72
CA GLY A 723 -44.66 7.94 1.07
C GLY A 723 -43.97 9.02 1.85
N ARG A 724 -44.67 9.43 2.90
CA ARG A 724 -44.18 10.35 3.90
C ARG A 724 -43.53 11.62 3.32
N ALA A 725 -44.24 12.38 2.48
CA ALA A 725 -43.77 13.71 2.13
C ALA A 725 -43.52 14.53 3.40
N THR A 726 -42.55 15.42 3.34
CA THR A 726 -42.13 16.16 4.50
C THR A 726 -43.31 16.74 5.30
N MET A 727 -44.15 17.51 4.63
CA MET A 727 -45.21 18.22 5.35
C MET A 727 -46.28 17.26 5.88
N THR A 728 -46.56 16.19 5.15
CA THR A 728 -47.48 15.18 5.60
C THR A 728 -46.97 14.53 6.87
N GLN A 729 -45.67 14.19 6.88
CA GLN A 729 -45.10 13.57 8.07
C GLN A 729 -45.08 14.59 9.21
N ILE A 730 -44.73 15.84 8.90
CA ILE A 730 -44.67 16.86 10.00
C ILE A 730 -46.07 17.03 10.61
N ALA A 731 -47.10 17.05 9.78
CA ALA A 731 -48.47 17.23 10.31
C ALA A 731 -48.82 16.13 11.27
N GLU A 732 -48.48 14.90 10.90
CA GLU A 732 -48.78 13.74 11.74
C GLU A 732 -48.10 13.83 13.10
N VAL A 733 -46.82 14.13 13.06
CA VAL A 733 -45.98 14.19 14.27
C VAL A 733 -46.37 15.36 15.17
N ALA A 734 -46.74 16.49 14.56
CA ALA A 734 -47.28 17.61 15.33
C ALA A 734 -48.54 17.22 16.10
N ASP A 735 -49.45 16.50 15.45
CA ASP A 735 -50.66 16.07 16.08
C ASP A 735 -50.31 15.11 17.21
N ARG A 736 -49.40 14.16 16.97
CA ARG A 736 -49.03 13.17 17.99
C ARG A 736 -48.39 13.81 19.21
N TYR A 737 -47.53 14.80 19.06
CA TYR A 737 -46.99 15.52 20.19
C TYR A 737 -47.97 16.51 20.94
N GLY A 738 -48.80 17.23 20.19
CA GLY A 738 -49.82 18.06 20.81
C GLY A 738 -50.76 17.23 21.69
N PHE A 739 -51.22 16.10 21.18
CA PHE A 739 -52.02 15.19 21.91
C PHE A 739 -51.30 14.68 23.18
N MET A 740 -50.06 14.24 23.01
CA MET A 740 -49.25 13.84 24.14
C MET A 740 -49.12 14.92 25.17
N ALA A 741 -48.88 16.17 24.79
CA ALA A 741 -48.69 17.21 25.78
C ALA A 741 -49.97 17.45 26.60
N LYS A 742 -51.09 17.30 25.91
CA LYS A 742 -52.41 17.44 26.56
C LYS A 742 -52.71 16.26 27.46
N ALA A 743 -52.44 15.06 26.96
CA ALA A 743 -52.55 13.82 27.76
C ALA A 743 -51.71 13.83 29.03
N LEU A 744 -50.48 14.32 28.95
CA LEU A 744 -49.60 14.34 30.11
C LEU A 744 -49.69 15.64 30.92
N GLU A 745 -50.62 16.55 30.56
CA GLU A 745 -50.75 17.82 31.23
C GLU A 745 -49.44 18.57 31.31
N ALA A 746 -48.71 18.62 30.19
CA ALA A 746 -47.39 19.20 30.17
C ALA A 746 -47.45 20.57 29.49
N PRO A 747 -47.02 21.62 30.18
CA PRO A 747 -46.97 22.95 29.59
C PRO A 747 -45.81 23.17 28.62
N TRP A 748 -46.03 24.09 27.68
CA TRP A 748 -45.01 24.51 26.74
C TRP A 748 -44.01 25.44 27.43
N ILE A 749 -42.74 25.29 27.10
CA ILE A 749 -41.69 26.11 27.63
C ILE A 749 -41.08 26.94 26.50
N ASN B 14 -34.84 6.16 2.22
CA ASN B 14 -34.64 7.53 1.64
C ASN B 14 -35.69 8.55 2.13
N ALA B 15 -35.77 8.71 3.44
CA ALA B 15 -36.74 9.61 4.04
C ALA B 15 -36.41 11.07 3.68
N SER B 16 -37.46 11.88 3.44
CA SER B 16 -37.27 13.22 2.90
C SER B 16 -36.70 14.15 3.94
N ALA B 17 -36.90 13.80 5.23
CA ALA B 17 -36.49 14.66 6.32
C ALA B 17 -36.42 13.84 7.66
N PRO B 18 -35.53 14.17 8.56
CA PRO B 18 -35.50 13.53 9.91
C PRO B 18 -36.54 14.16 10.89
N VAL B 19 -37.79 13.80 10.69
CA VAL B 19 -38.86 14.43 11.38
C VAL B 19 -38.91 13.89 12.85
N MET C 27 72.89 19.32 -4.33
CA MET C 27 71.46 18.97 -4.39
C MET C 27 71.17 17.89 -5.43
N ALA C 28 72.22 17.16 -5.82
CA ALA C 28 72.09 15.97 -6.70
C ALA C 28 73.10 14.82 -6.38
N THR C 29 72.61 13.59 -6.51
CA THR C 29 73.36 12.38 -6.33
C THR C 29 73.59 11.72 -7.67
N SER C 30 74.40 10.67 -7.70
CA SER C 30 74.45 9.81 -8.87
C SER C 30 73.12 9.13 -9.21
N GLY C 31 72.93 8.81 -10.46
CA GLY C 31 71.68 8.26 -10.94
C GLY C 31 72.06 6.86 -11.32
N PHE C 32 71.24 6.23 -12.13
CA PHE C 32 71.44 4.90 -12.55
C PHE C 32 72.75 4.71 -13.33
N SER C 33 73.60 3.75 -12.89
CA SER C 33 74.97 3.55 -13.41
C SER C 33 75.19 2.16 -13.98
N LYS C 34 74.81 1.14 -13.23
CA LYS C 34 75.08 -0.22 -13.62
C LYS C 34 74.52 -0.59 -15.00
N PRO C 35 75.29 -1.37 -15.79
CA PRO C 35 74.77 -1.78 -17.11
C PRO C 35 73.58 -2.70 -16.94
N LEU C 36 72.57 -2.52 -17.77
CA LEU C 36 71.36 -3.29 -17.65
C LEU C 36 71.45 -4.37 -18.66
N HIS C 37 71.05 -5.55 -18.26
CA HIS C 37 71.08 -6.67 -19.13
C HIS C 37 69.65 -6.97 -19.42
N TYR C 38 69.10 -6.48 -20.51
CA TYR C 38 67.70 -6.71 -20.76
C TYR C 38 67.56 -8.14 -21.28
N PRO C 39 66.63 -8.90 -20.71
CA PRO C 39 66.47 -10.27 -21.13
C PRO C 39 65.93 -10.40 -22.55
N PRO C 40 66.26 -11.51 -23.21
CA PRO C 40 65.69 -11.76 -24.53
C PRO C 40 64.18 -11.97 -24.46
N VAL C 41 63.45 -11.34 -25.35
CA VAL C 41 62.02 -11.50 -25.39
C VAL C 41 61.67 -11.79 -26.83
N ARG C 42 61.05 -12.94 -27.08
CA ARG C 42 60.67 -13.33 -28.45
C ARG C 42 59.56 -12.45 -29.10
N ARG C 43 59.76 -12.12 -30.38
CA ARG C 43 58.74 -11.44 -31.20
C ARG C 43 58.11 -12.41 -32.20
N ASP C 44 56.79 -12.52 -32.20
CA ASP C 44 56.12 -13.29 -33.22
C ASP C 44 55.73 -12.37 -34.37
N GLU C 45 56.58 -12.31 -35.41
CA GLU C 45 56.38 -11.36 -36.48
C GLU C 45 55.31 -11.80 -37.49
N THR C 46 54.62 -12.90 -37.21
CA THR C 46 53.48 -13.29 -38.04
C THR C 46 52.13 -12.70 -37.60
N VAL C 47 52.02 -12.19 -36.37
CA VAL C 47 50.73 -11.74 -35.86
C VAL C 47 50.45 -10.34 -36.38
N VAL C 48 49.44 -10.22 -37.25
CA VAL C 48 49.05 -8.94 -37.80
C VAL C 48 47.54 -8.94 -37.95
N ASP C 49 46.90 -7.83 -37.60
CA ASP C 49 45.45 -7.73 -37.66
C ASP C 49 45.09 -6.53 -38.49
N ASP C 50 43.97 -6.66 -39.20
CA ASP C 50 43.43 -5.57 -39.98
C ASP C 50 42.32 -4.89 -39.20
N TYR C 51 42.52 -3.61 -38.89
CA TYR C 51 41.42 -2.81 -38.32
C TYR C 51 40.95 -1.84 -39.33
N PHE C 52 39.88 -2.18 -40.03
CA PHE C 52 39.31 -1.26 -41.04
C PHE C 52 40.35 -0.73 -42.05
N GLY C 53 41.20 -1.63 -42.55
CA GLY C 53 42.25 -1.26 -43.47
C GLY C 53 43.58 -0.85 -42.86
N VAL C 54 43.62 -0.68 -41.53
CA VAL C 54 44.88 -0.33 -40.86
C VAL C 54 45.51 -1.61 -40.31
N LYS C 55 46.76 -1.87 -40.71
CA LYS C 55 47.44 -3.09 -40.30
C LYS C 55 48.13 -2.81 -38.99
N VAL C 56 47.81 -3.62 -38.00
CA VAL C 56 48.46 -3.51 -36.69
C VAL C 56 49.13 -4.83 -36.33
N ALA C 57 50.43 -4.80 -36.17
CA ALA C 57 51.18 -5.99 -35.74
C ALA C 57 51.11 -6.12 -34.22
N ASP C 58 51.09 -7.36 -33.72
CA ASP C 58 51.05 -7.67 -32.29
C ASP C 58 52.12 -8.72 -31.93
N PRO C 59 53.41 -8.35 -32.00
CA PRO C 59 54.46 -9.35 -31.86
C PRO C 59 54.54 -10.03 -30.50
N TYR C 60 53.90 -9.45 -29.45
CA TYR C 60 53.89 -10.05 -28.10
C TYR C 60 52.51 -10.57 -27.73
N ARG C 61 51.70 -10.91 -28.74
CA ARG C 61 50.41 -11.61 -28.55
C ARG C 61 50.50 -12.77 -27.58
N TRP C 62 51.64 -13.48 -27.65
CA TRP C 62 51.84 -14.70 -26.84
C TRP C 62 51.88 -14.43 -25.35
N LEU C 63 52.25 -13.21 -24.96
CA LEU C 63 52.14 -12.78 -23.56
C LEU C 63 50.73 -12.73 -23.00
N GLU C 64 49.72 -12.82 -23.87
CA GLU C 64 48.34 -12.91 -23.38
C GLU C 64 47.99 -14.20 -22.70
N ASP C 65 48.83 -15.23 -22.85
CA ASP C 65 48.61 -16.51 -22.18
C ASP C 65 49.48 -16.59 -20.91
N PRO C 66 48.85 -16.51 -19.74
CA PRO C 66 49.62 -16.37 -18.51
C PRO C 66 50.21 -17.71 -18.06
N ASN C 67 49.79 -18.80 -18.70
CA ASN C 67 50.14 -20.15 -18.27
C ASN C 67 51.25 -20.85 -19.08
N SER C 68 51.70 -20.26 -20.19
CA SER C 68 52.77 -20.85 -20.98
C SER C 68 54.11 -20.74 -20.27
N GLU C 69 55.01 -21.66 -20.55
CA GLU C 69 56.36 -21.56 -19.98
C GLU C 69 57.08 -20.32 -20.49
N GLU C 70 56.79 -19.93 -21.72
CA GLU C 70 57.43 -18.78 -22.26
C GLU C 70 56.98 -17.49 -21.49
N THR C 71 55.71 -17.39 -21.19
CA THR C 71 55.26 -16.25 -20.37
C THR C 71 55.87 -16.31 -18.97
N LYS C 72 55.82 -17.47 -18.33
CA LYS C 72 56.38 -17.57 -16.98
C LYS C 72 57.86 -17.24 -16.95
N GLU C 73 58.56 -17.65 -18.00
CA GLU C 73 59.96 -17.30 -18.18
C GLU C 73 60.18 -15.80 -18.30
N PHE C 74 59.33 -15.16 -19.09
CA PHE C 74 59.35 -13.69 -19.20
C PHE C 74 59.28 -13.04 -17.81
N VAL C 75 58.30 -13.47 -17.04
CA VAL C 75 58.06 -12.96 -15.69
C VAL C 75 59.28 -13.20 -14.81
N ASP C 76 59.78 -14.43 -14.83
CA ASP C 76 61.02 -14.70 -14.09
C ASP C 76 62.14 -13.74 -14.53
N ASN C 77 62.32 -13.57 -15.85
CA ASN C 77 63.41 -12.71 -16.33
C ASN C 77 63.26 -11.24 -15.92
N GLN C 78 62.05 -10.74 -16.05
CA GLN C 78 61.79 -9.36 -15.67
C GLN C 78 61.95 -9.15 -14.17
N GLU C 79 61.52 -10.13 -13.37
CA GLU C 79 61.72 -10.03 -11.91
C GLU C 79 63.20 -9.94 -11.57
N LYS C 80 63.99 -10.76 -12.25
CA LYS C 80 65.41 -10.72 -12.04
C LYS C 80 66.00 -9.34 -12.41
N LEU C 81 65.64 -8.82 -13.58
CA LEU C 81 66.09 -7.51 -13.99
C LEU C 81 65.68 -6.41 -12.99
N ALA C 82 64.40 -6.43 -12.63
CA ALA C 82 63.89 -5.45 -11.61
C ALA C 82 64.68 -5.48 -10.34
N ASN C 83 64.88 -6.68 -9.80
CA ASN C 83 65.62 -6.78 -8.54
C ASN C 83 67.01 -6.16 -8.69
N SER C 84 67.64 -6.41 -9.84
CA SER C 84 68.97 -5.90 -10.06
C SER C 84 68.99 -4.38 -10.09
N VAL C 85 67.97 -3.78 -10.70
CA VAL C 85 67.92 -2.32 -10.67
C VAL C 85 67.56 -1.76 -9.28
N LEU C 86 66.60 -2.38 -8.63
CA LEU C 86 66.23 -1.93 -7.26
C LEU C 86 67.33 -2.04 -6.26
N GLU C 87 68.22 -3.00 -6.47
CA GLU C 87 69.36 -3.10 -5.58
C GLU C 87 70.28 -1.88 -5.62
N GLU C 88 70.29 -1.20 -6.74
CA GLU C 88 71.03 0.03 -6.92
C GLU C 88 70.33 1.26 -6.25
N CYS C 89 69.09 1.09 -5.83
CA CYS C 89 68.31 2.20 -5.24
C CYS C 89 68.45 2.17 -3.74
N GLU C 90 69.47 2.87 -3.25
CA GLU C 90 69.88 2.67 -1.87
C GLU C 90 69.02 3.42 -0.82
N LEU C 91 67.98 4.14 -1.23
CA LEU C 91 67.09 4.74 -0.26
C LEU C 91 65.84 3.94 -0.05
N ILE C 92 65.70 2.78 -0.70
CA ILE C 92 64.50 1.96 -0.47
C ILE C 92 64.33 1.64 1.01
N ASP C 93 65.41 1.26 1.67
CA ASP C 93 65.32 0.92 3.08
C ASP C 93 64.97 2.09 4.00
N LYS C 94 65.52 3.25 3.69
CA LYS C 94 65.19 4.47 4.42
C LYS C 94 63.72 4.90 4.20
N PHE C 95 63.23 4.80 2.98
CA PHE C 95 61.80 5.09 2.75
C PHE C 95 60.95 4.08 3.53
N LYS C 96 61.31 2.82 3.41
CA LYS C 96 60.48 1.77 4.03
C LYS C 96 60.29 2.03 5.53
N GLN C 97 61.36 2.35 6.27
CA GLN C 97 61.22 2.51 7.70
C GLN C 97 60.43 3.73 8.04
N LYS C 98 60.62 4.78 7.27
CA LYS C 98 59.95 5.97 7.55
C LYS C 98 58.45 5.83 7.27
N ILE C 99 58.10 5.00 6.29
CA ILE C 99 56.69 4.78 5.99
C ILE C 99 56.06 4.00 7.10
N ILE C 100 56.75 2.93 7.54
CA ILE C 100 56.34 2.17 8.66
C ILE C 100 56.06 3.10 9.84
N ASP C 101 56.99 3.98 10.16
CA ASP C 101 56.90 4.80 11.34
C ASP C 101 55.78 5.78 11.27
N PHE C 102 55.60 6.39 10.11
CA PHE C 102 54.49 7.34 9.97
C PHE C 102 53.11 6.71 9.90
N VAL C 103 53.00 5.45 9.46
CA VAL C 103 51.71 4.77 9.44
C VAL C 103 51.32 4.01 10.72
N ASN C 104 52.25 4.03 11.70
CA ASN C 104 52.11 3.30 12.95
C ASN C 104 51.36 4.04 14.03
N PHE C 105 50.06 4.15 13.77
CA PHE C 105 49.16 4.89 14.64
C PHE C 105 47.77 4.25 14.57
N PRO C 106 47.07 4.16 15.73
CA PRO C 106 45.80 3.43 15.72
C PRO C 106 44.71 4.19 14.90
N ARG C 107 43.84 3.42 14.24
CA ARG C 107 42.83 3.92 13.41
C ARG C 107 41.54 3.23 13.76
N CYS C 108 40.59 4.03 14.24
CA CYS C 108 39.22 3.61 14.53
C CYS C 108 38.34 4.18 13.41
N GLY C 109 37.76 3.29 12.60
CA GLY C 109 36.87 3.67 11.57
C GLY C 109 35.51 4.18 12.05
N VAL C 110 34.72 4.72 11.12
CA VAL C 110 33.44 5.28 11.42
C VAL C 110 32.45 4.22 11.96
N PRO C 111 31.91 4.42 13.14
CA PRO C 111 30.99 3.44 13.73
C PRO C 111 29.60 3.52 13.11
N PHE C 112 28.97 2.37 12.96
CA PHE C 112 27.55 2.36 12.59
C PHE C 112 26.76 1.61 13.65
N ARG C 113 25.47 1.91 13.72
CA ARG C 113 24.62 1.32 14.74
C ARG C 113 23.62 0.27 14.21
N ARG C 114 23.42 -0.82 14.96
CA ARG C 114 22.29 -1.78 14.74
C ARG C 114 21.73 -2.10 16.11
N ALA C 115 20.41 -1.94 16.25
CA ALA C 115 19.75 -2.03 17.53
C ALA C 115 20.45 -1.02 18.43
N ASN C 116 21.00 -1.43 19.55
CA ASN C 116 21.73 -0.49 20.39
C ASN C 116 23.21 -0.91 20.57
N LYS C 117 23.79 -1.54 19.56
CA LYS C 117 25.20 -1.90 19.49
C LYS C 117 25.85 -1.02 18.43
N TYR C 118 27.15 -0.83 18.58
CA TYR C 118 27.93 -0.11 17.58
C TYR C 118 29.04 -1.02 16.99
N PHE C 119 29.31 -0.81 15.72
CA PHE C 119 30.28 -1.62 14.97
C PHE C 119 31.21 -0.72 14.25
N HIS C 120 32.49 -1.16 14.21
CA HIS C 120 33.45 -0.46 13.44
C HIS C 120 34.71 -1.27 13.19
N PHE C 121 35.52 -0.79 12.25
CA PHE C 121 36.83 -1.37 11.97
C PHE C 121 37.90 -0.66 12.78
N TYR C 122 38.86 -1.45 13.23
CA TYR C 122 39.98 -1.01 14.01
C TYR C 122 41.31 -1.57 13.48
N ASN C 123 42.38 -0.77 13.57
CA ASN C 123 43.70 -1.27 13.28
C ASN C 123 44.61 -0.55 14.30
N SER C 124 45.46 -1.33 14.98
CA SER C 124 46.38 -0.76 15.98
C SER C 124 47.48 0.08 15.32
N GLY C 125 47.65 -0.07 14.03
CA GLY C 125 48.57 0.76 13.25
C GLY C 125 49.22 -0.07 12.16
N LEU C 126 49.76 -1.22 12.54
CA LEU C 126 50.49 -2.07 11.57
C LEU C 126 49.94 -3.47 11.36
N GLN C 127 48.67 -3.68 11.68
CA GLN C 127 48.06 -4.98 11.44
C GLN C 127 47.87 -5.10 9.94
N ALA C 128 48.05 -6.33 9.42
CA ALA C 128 47.93 -6.57 8.02
C ALA C 128 46.57 -6.06 7.42
N GLN C 129 45.49 -6.33 8.14
CA GLN C 129 44.16 -5.93 7.80
C GLN C 129 43.40 -5.43 9.05
N ASN C 130 42.37 -4.62 8.81
CA ASN C 130 41.55 -4.06 9.89
C ASN C 130 40.68 -5.11 10.45
N VAL C 131 40.47 -4.97 11.75
CA VAL C 131 39.67 -5.91 12.55
C VAL C 131 38.25 -5.34 12.77
N PHE C 132 37.24 -6.21 12.64
CA PHE C 132 35.84 -5.74 12.83
C PHE C 132 35.43 -5.97 14.27
N GLN C 133 34.94 -4.91 14.93
CA GLN C 133 34.69 -4.89 16.37
C GLN C 133 33.23 -4.45 16.65
N MET C 134 32.74 -4.84 17.80
CA MET C 134 31.41 -4.50 18.32
C MET C 134 31.51 -3.93 19.72
N GLN C 135 30.65 -2.97 20.03
CA GLN C 135 30.55 -2.37 21.36
C GLN C 135 29.11 -2.29 21.73
N ASP C 136 28.86 -2.35 23.03
CA ASP C 136 27.53 -2.02 23.61
C ASP C 136 27.34 -0.54 23.77
N ASP C 137 28.44 0.18 23.76
CA ASP C 137 28.42 1.63 23.94
C ASP C 137 29.56 2.24 23.18
N LEU C 138 29.37 3.44 22.64
CA LEU C 138 30.43 4.11 21.86
C LEU C 138 31.74 4.27 22.58
N ASP C 139 31.70 4.40 23.92
CA ASP C 139 32.92 4.54 24.73
C ASP C 139 33.15 3.33 25.57
N GLY C 140 32.57 2.20 25.17
CA GLY C 140 32.70 0.99 25.94
C GLY C 140 33.74 0.11 25.32
N LYS C 141 34.02 -1.01 26.00
CA LYS C 141 35.10 -1.90 25.61
C LYS C 141 34.75 -2.60 24.31
N PRO C 142 35.66 -2.61 23.32
CA PRO C 142 35.33 -3.32 22.07
C PRO C 142 35.52 -4.81 22.18
N GLU C 143 34.72 -5.58 21.47
CA GLU C 143 34.93 -6.98 21.32
C GLU C 143 35.28 -7.24 19.85
N VAL C 144 36.22 -8.13 19.60
CA VAL C 144 36.53 -8.57 18.25
C VAL C 144 35.46 -9.50 17.71
N LEU C 145 34.87 -9.14 16.61
CA LEU C 145 33.91 -10.00 15.96
C LEU C 145 34.57 -10.83 14.86
N TYR C 146 35.43 -10.20 14.03
CA TYR C 146 36.15 -10.94 13.03
C TYR C 146 37.52 -10.30 12.81
N ASP C 147 38.56 -11.14 12.85
CA ASP C 147 39.95 -10.72 12.65
C ASP C 147 40.53 -11.41 11.44
N PRO C 148 40.53 -10.73 10.28
CA PRO C 148 41.11 -11.27 9.05
C PRO C 148 42.58 -11.67 9.11
N ASN C 149 43.32 -11.12 10.06
CA ASN C 149 44.72 -11.42 10.20
C ASN C 149 44.98 -12.86 10.60
N LEU C 150 44.01 -13.54 11.18
CA LEU C 150 44.14 -14.96 11.53
C LEU C 150 43.96 -15.90 10.32
N ARG C 151 43.63 -15.37 9.16
CA ARG C 151 43.42 -16.19 7.98
C ARG C 151 44.42 -15.79 6.90
N GLU C 152 45.22 -16.75 6.44
CA GLU C 152 46.19 -16.50 5.38
C GLU C 152 47.11 -15.29 5.70
N GLY C 153 47.46 -15.18 6.96
CA GLY C 153 48.26 -14.05 7.48
C GLY C 153 47.70 -12.67 7.14
N GLY C 154 46.38 -12.57 6.92
CA GLY C 154 45.76 -11.31 6.50
C GLY C 154 46.11 -10.88 5.09
N ARG C 155 46.20 -11.82 4.12
CA ARG C 155 46.44 -11.43 2.71
C ARG C 155 45.36 -10.51 2.22
N SER C 156 44.12 -10.82 2.62
CA SER C 156 42.99 -9.98 2.32
C SER C 156 42.16 -9.62 3.57
N GLY C 157 41.53 -8.45 3.52
CA GLY C 157 40.67 -8.02 4.58
C GLY C 157 39.21 -8.24 4.20
N LEU C 158 38.31 -7.67 4.97
CA LEU C 158 36.89 -7.73 4.66
C LEU C 158 36.45 -6.65 3.63
N SER C 159 35.70 -7.11 2.64
CA SER C 159 35.03 -6.18 1.70
C SER C 159 33.52 -6.22 1.91
N LEU C 160 33.00 -7.35 2.36
CA LEU C 160 31.60 -7.45 2.71
C LEU C 160 31.46 -7.59 4.21
N TYR C 161 30.66 -6.71 4.79
CA TYR C 161 30.44 -6.76 6.27
C TYR C 161 29.14 -6.11 6.78
N SER C 162 28.13 -6.96 6.96
CA SER C 162 26.74 -6.58 7.06
C SER C 162 26.23 -7.11 8.35
N VAL C 163 25.64 -6.27 9.17
CA VAL C 163 25.08 -6.72 10.44
C VAL C 163 23.56 -6.66 10.35
N SER C 164 22.92 -7.64 10.94
CA SER C 164 21.46 -7.71 10.93
C SER C 164 20.81 -6.62 11.79
N GLU C 165 19.55 -6.34 11.52
CA GLU C 165 18.85 -5.25 12.20
C GLU C 165 18.74 -5.42 13.70
N ASP C 166 18.69 -6.66 14.18
CA ASP C 166 18.67 -6.94 15.61
C ASP C 166 20.08 -7.10 16.21
N ALA C 167 21.12 -6.88 15.40
CA ALA C 167 22.50 -6.93 15.83
C ALA C 167 22.99 -8.34 16.25
N LYS C 168 22.21 -9.38 15.95
CA LYS C 168 22.54 -10.74 16.35
C LYS C 168 23.43 -11.48 15.34
N TYR C 169 23.40 -11.05 14.10
CA TYR C 169 24.14 -11.73 13.08
C TYR C 169 25.05 -10.86 12.25
N PHE C 170 26.20 -11.42 11.88
CA PHE C 170 27.19 -10.71 11.05
C PHE C 170 27.53 -11.52 9.81
N ALA C 171 27.16 -11.02 8.61
CA ALA C 171 27.46 -11.69 7.35
C ALA C 171 28.67 -11.04 6.73
N PHE C 172 29.64 -11.83 6.31
CA PHE C 172 30.86 -11.28 5.76
C PHE C 172 31.49 -12.14 4.68
N GLY C 173 32.30 -11.50 3.83
CA GLY C 173 32.90 -12.13 2.66
C GLY C 173 34.36 -12.51 2.87
N ILE C 174 34.67 -13.73 2.54
CA ILE C 174 36.02 -14.27 2.66
C ILE C 174 36.46 -14.63 1.24
N HIS C 175 37.66 -14.24 0.87
CA HIS C 175 38.27 -14.74 -0.37
C HIS C 175 38.86 -16.11 -0.08
N SER C 176 38.66 -17.05 -0.97
CA SER C 176 39.11 -18.39 -0.62
C SER C 176 40.42 -18.77 -1.30
N GLY C 177 40.75 -18.17 -2.45
CA GLY C 177 42.12 -18.15 -2.95
C GLY C 177 42.47 -16.77 -3.49
N LEU C 178 43.22 -16.72 -4.59
CA LEU C 178 43.65 -15.42 -5.14
C LEU C 178 42.59 -14.77 -6.01
N THR C 179 41.58 -15.53 -6.40
CA THR C 179 40.56 -14.99 -7.30
C THR C 179 39.69 -13.91 -6.65
N GLU C 180 38.83 -13.31 -7.45
CA GLU C 180 37.87 -12.32 -6.98
C GLU C 180 36.65 -12.92 -6.26
N TRP C 181 36.45 -14.23 -6.38
CA TRP C 181 35.27 -14.84 -5.83
C TRP C 181 35.29 -14.77 -4.29
N VAL C 182 34.13 -14.46 -3.74
CA VAL C 182 33.93 -14.30 -2.30
C VAL C 182 32.98 -15.41 -1.87
N THR C 183 33.20 -15.92 -0.66
CA THR C 183 32.28 -16.75 0.01
C THR C 183 31.69 -15.89 1.15
N ILE C 184 30.36 -15.89 1.26
CA ILE C 184 29.69 -15.30 2.41
C ILE C 184 29.48 -16.32 3.51
N LYS C 185 29.97 -15.98 4.70
CA LYS C 185 29.69 -16.74 5.93
C LYS C 185 28.95 -15.80 6.91
N ILE C 186 28.36 -16.40 7.94
CA ILE C 186 27.54 -15.70 8.91
C ILE C 186 27.96 -16.17 10.28
N LEU C 187 28.20 -15.21 11.17
CA LEU C 187 28.49 -15.46 12.57
C LEU C 187 27.39 -14.92 13.47
N LYS C 188 27.20 -15.54 14.64
CA LYS C 188 26.39 -14.98 15.68
C LYS C 188 27.24 -14.04 16.51
N THR C 189 26.78 -12.81 16.68
CA THR C 189 27.54 -11.83 17.44
C THR C 189 27.66 -12.20 18.92
N GLU C 190 26.71 -12.93 19.46
CA GLU C 190 26.63 -13.19 20.93
C GLU C 190 27.88 -13.99 21.37
N ASP C 191 28.28 -14.99 20.57
CA ASP C 191 29.39 -15.86 20.93
C ASP C 191 30.40 -16.13 19.83
N ARG C 192 30.27 -15.45 18.70
CA ARG C 192 31.16 -15.58 17.60
C ARG C 192 31.16 -16.97 16.95
N SER C 193 30.10 -17.71 17.13
CA SER C 193 29.95 -19.03 16.48
C SER C 193 29.46 -18.86 15.03
N TYR C 194 29.99 -19.65 14.12
CA TYR C 194 29.56 -19.63 12.75
C TYR C 194 28.26 -20.42 12.54
N LEU C 195 27.38 -19.89 11.71
CA LEU C 195 26.28 -20.67 11.15
C LEU C 195 26.86 -21.58 10.07
N PRO C 196 26.14 -22.66 9.70
CA PRO C 196 26.70 -23.55 8.65
C PRO C 196 26.59 -22.96 7.28
N ASP C 197 25.63 -22.02 7.10
CA ASP C 197 25.37 -21.40 5.79
C ASP C 197 26.65 -20.95 5.10
N THR C 198 26.80 -21.31 3.82
CA THR C 198 27.95 -20.89 3.04
C THR C 198 27.48 -20.44 1.67
N LEU C 199 27.67 -19.18 1.32
CA LEU C 199 27.16 -18.73 0.04
C LEU C 199 28.32 -18.47 -0.86
N GLU C 200 28.41 -19.23 -1.95
CA GLU C 200 29.47 -19.08 -2.95
C GLU C 200 29.05 -18.25 -4.18
N TRP C 201 30.02 -17.92 -5.01
CA TRP C 201 29.77 -17.31 -6.31
C TRP C 201 29.29 -15.89 -6.18
N VAL C 202 29.86 -15.19 -5.20
CA VAL C 202 29.59 -13.79 -4.95
C VAL C 202 30.85 -13.02 -5.33
N LYS C 203 30.67 -11.76 -5.76
CA LYS C 203 31.78 -10.83 -5.94
C LYS C 203 31.64 -9.57 -5.07
N PHE C 204 30.98 -8.52 -5.54
CA PHE C 204 30.86 -7.26 -4.80
C PHE C 204 29.48 -7.03 -4.14
N SER C 205 28.65 -8.06 -4.08
CA SER C 205 27.30 -7.92 -3.60
C SER C 205 27.31 -7.54 -2.12
N PRO C 206 26.35 -6.73 -1.70
CA PRO C 206 26.11 -6.56 -0.32
C PRO C 206 25.14 -7.65 0.15
N ALA C 207 24.89 -7.68 1.44
CA ALA C 207 23.94 -8.61 2.06
C ALA C 207 22.96 -7.72 2.77
N ILE C 208 21.75 -7.68 2.27
CA ILE C 208 20.76 -6.72 2.71
C ILE C 208 19.65 -7.38 3.51
N TRP C 209 19.60 -7.09 4.80
CA TRP C 209 18.79 -7.84 5.72
C TRP C 209 17.37 -7.31 5.80
N THR C 210 16.43 -8.23 5.88
CA THR C 210 15.02 -7.85 6.11
C THR C 210 14.86 -7.65 7.58
N HIS C 211 13.89 -6.84 7.95
CA HIS C 211 13.70 -6.47 9.32
C HIS C 211 13.19 -7.61 10.24
N ASP C 212 12.72 -8.70 9.64
CA ASP C 212 12.35 -9.86 10.41
C ASP C 212 13.60 -10.69 10.89
N ASN C 213 14.80 -10.31 10.40
CA ASN C 213 16.03 -11.02 10.69
C ASN C 213 16.07 -12.45 10.20
N LYS C 214 15.16 -12.84 9.29
CA LYS C 214 15.15 -14.23 8.80
C LYS C 214 16.22 -14.51 7.77
N GLY C 215 16.75 -13.47 7.15
CA GLY C 215 17.63 -13.60 6.04
C GLY C 215 17.90 -12.29 5.30
N PHE C 216 18.54 -12.41 4.14
CA PHE C 216 19.05 -11.22 3.42
C PHE C 216 19.07 -11.44 1.93
N PHE C 217 18.88 -10.33 1.23
CA PHE C 217 19.07 -10.27 -0.21
C PHE C 217 20.54 -10.20 -0.55
N TYR C 218 20.94 -10.83 -1.64
CA TYR C 218 22.30 -10.67 -2.17
C TYR C 218 22.29 -11.04 -3.67
N CYS C 219 23.40 -10.80 -4.36
CA CYS C 219 23.42 -10.85 -5.82
C CYS C 219 24.54 -11.74 -6.40
N PRO C 220 24.34 -13.05 -6.37
CA PRO C 220 25.38 -13.96 -6.79
C PRO C 220 25.35 -14.26 -8.26
N TYR C 221 26.32 -15.04 -8.72
CA TYR C 221 26.38 -15.49 -10.10
C TYR C 221 26.07 -16.97 -10.11
N PRO C 222 25.64 -17.52 -11.26
CA PRO C 222 25.27 -18.94 -11.29
C PRO C 222 26.50 -19.83 -11.04
N PRO C 223 26.30 -21.03 -10.43
CA PRO C 223 27.37 -21.98 -10.01
C PRO C 223 28.48 -22.26 -11.02
N ALA C 235 31.02 -13.23 -13.15
CA ALA C 235 31.23 -13.22 -14.58
C ALA C 235 30.00 -12.68 -15.32
N VAL C 236 28.96 -13.51 -15.54
CA VAL C 236 27.75 -12.98 -16.18
C VAL C 236 26.47 -13.64 -15.74
N ASN C 237 25.35 -13.09 -16.22
CA ASN C 237 24.02 -13.56 -15.80
C ASN C 237 23.79 -13.45 -14.27
N GLN C 238 24.22 -12.34 -13.71
CA GLN C 238 24.06 -12.10 -12.26
C GLN C 238 22.60 -12.21 -11.86
N GLU C 239 22.35 -12.76 -10.68
CA GLU C 239 21.02 -12.90 -10.16
C GLU C 239 20.84 -12.06 -8.89
N ALA C 240 19.58 -11.81 -8.56
CA ALA C 240 19.19 -11.33 -7.26
C ALA C 240 18.48 -12.46 -6.56
N ARG C 241 18.98 -12.77 -5.36
CA ARG C 241 18.46 -13.88 -4.55
C ARG C 241 18.18 -13.46 -3.13
N TYR C 242 17.31 -14.21 -2.47
CA TYR C 242 17.11 -14.07 -1.05
C TYR C 242 17.54 -15.36 -0.31
N HIS C 243 18.35 -15.19 0.72
CA HIS C 243 18.86 -16.34 1.50
C HIS C 243 18.25 -16.36 2.89
N PHE C 244 17.58 -17.47 3.21
CA PHE C 244 17.07 -17.70 4.55
C PHE C 244 18.17 -18.29 5.48
N LEU C 245 18.36 -17.68 6.65
CA LEU C 245 19.27 -18.24 7.62
C LEU C 245 18.89 -19.70 7.95
N GLY C 246 19.91 -20.53 8.03
CA GLY C 246 19.79 -21.97 8.43
C GLY C 246 19.56 -22.91 7.26
N THR C 247 19.64 -22.39 6.04
CA THR C 247 19.36 -23.14 4.83
C THR C 247 20.61 -23.18 3.98
N ASP C 248 20.68 -24.16 3.08
CA ASP C 248 21.72 -24.22 2.05
C ASP C 248 21.46 -23.23 0.92
N GLN C 249 22.51 -22.76 0.28
CA GLN C 249 22.42 -21.83 -0.84
C GLN C 249 21.52 -22.34 -1.97
N SER C 250 21.49 -23.66 -2.19
CA SER C 250 20.63 -24.24 -3.20
C SER C 250 19.19 -23.90 -2.98
N GLU C 251 18.82 -23.54 -1.77
CA GLU C 251 17.44 -23.25 -1.45
C GLU C 251 17.07 -21.76 -1.58
N ASP C 252 18.02 -20.94 -2.00
CA ASP C 252 17.80 -19.50 -2.00
C ASP C 252 16.75 -19.17 -3.04
N ILE C 253 15.90 -18.20 -2.74
CA ILE C 253 14.80 -17.74 -3.65
C ILE C 253 15.32 -16.83 -4.76
N LEU C 254 14.97 -17.14 -6.01
CA LEU C 254 15.36 -16.33 -7.16
C LEU C 254 14.37 -15.16 -7.29
N LEU C 255 14.87 -13.91 -7.20
CA LEU C 255 14.00 -12.74 -7.45
C LEU C 255 14.14 -12.11 -8.86
N TRP C 256 15.35 -12.18 -9.45
CA TRP C 256 15.57 -11.58 -10.77
C TRP C 256 16.76 -12.20 -11.47
N ARG C 257 16.63 -12.38 -12.79
CA ARG C 257 17.78 -12.76 -13.63
C ARG C 257 18.07 -12.22 -15.07
N ASP C 258 17.14 -12.03 -15.93
CA ASP C 258 17.58 -11.61 -17.34
C ASP C 258 18.69 -12.35 -18.22
N LEU C 259 18.34 -13.53 -18.71
CA LEU C 259 19.21 -14.28 -19.61
C LEU C 259 19.38 -13.59 -20.97
N GLU C 260 18.43 -12.73 -21.34
CA GLU C 260 18.49 -11.99 -22.59
C GLU C 260 19.49 -10.82 -22.53
N ASN C 261 19.96 -10.44 -21.34
CA ASN C 261 20.96 -9.38 -21.19
C ASN C 261 22.02 -9.79 -20.17
N PRO C 262 22.87 -10.77 -20.55
CA PRO C 262 23.76 -11.38 -19.61
C PRO C 262 24.80 -10.46 -19.01
N ALA C 263 25.09 -9.34 -19.65
CA ALA C 263 26.11 -8.42 -19.13
C ALA C 263 25.55 -7.40 -18.13
N HIS C 264 24.23 -7.29 -18.02
CA HIS C 264 23.65 -6.31 -17.06
C HIS C 264 24.02 -6.76 -15.68
N HIS C 265 24.46 -5.83 -14.85
CA HIS C 265 24.78 -6.17 -13.46
C HIS C 265 23.94 -5.42 -12.38
N LEU C 266 24.02 -5.83 -11.14
CA LEU C 266 22.99 -5.51 -10.16
C LEU C 266 23.54 -4.87 -8.89
N LYS C 267 22.81 -3.92 -8.34
CA LYS C 267 23.04 -3.50 -6.94
C LYS C 267 21.69 -3.55 -6.25
N CYS C 268 21.64 -3.56 -4.92
CA CYS C 268 20.35 -3.60 -4.24
C CYS C 268 20.35 -2.98 -2.86
N GLN C 269 19.17 -2.81 -2.31
CA GLN C 269 18.94 -1.94 -1.14
C GLN C 269 17.56 -2.23 -0.57
N ILE C 270 17.37 -1.99 0.72
CA ILE C 270 16.05 -2.12 1.32
C ILE C 270 15.77 -0.78 1.93
N THR C 271 14.53 -0.34 1.90
CA THR C 271 14.25 0.95 2.51
C THR C 271 14.36 0.91 4.05
N ASP C 272 14.60 2.09 4.68
CA ASP C 272 14.84 2.15 6.14
C ASP C 272 13.66 1.61 6.94
N ASP C 273 12.45 1.75 6.39
CA ASP C 273 11.23 1.16 7.03
C ASP C 273 11.05 -0.35 6.83
N GLY C 274 11.89 -0.96 6.02
CA GLY C 274 11.81 -2.39 5.77
C GLY C 274 10.78 -2.84 4.77
N LYS C 275 10.09 -1.90 4.15
CA LYS C 275 8.92 -2.22 3.33
C LYS C 275 9.19 -2.54 1.85
N TYR C 276 10.23 -1.94 1.27
CA TYR C 276 10.54 -2.17 -0.12
C TYR C 276 11.96 -2.67 -0.37
N PHE C 277 12.04 -3.68 -1.20
CA PHE C 277 13.32 -4.12 -1.73
C PHE C 277 13.51 -3.37 -3.07
N LEU C 278 14.64 -2.70 -3.22
CA LEU C 278 14.99 -1.99 -4.45
C LEU C 278 16.11 -2.69 -5.18
N LEU C 279 15.90 -2.97 -6.46
CA LEU C 279 16.90 -3.54 -7.31
C LEU C 279 17.33 -2.55 -8.35
N TYR C 280 18.64 -2.33 -8.45
CA TYR C 280 19.19 -1.44 -9.44
C TYR C 280 19.93 -2.24 -10.49
N ILE C 281 19.66 -1.93 -11.75
CA ILE C 281 20.24 -2.66 -12.88
C ILE C 281 21.07 -1.71 -13.67
N LEU C 282 22.32 -2.10 -13.88
CA LEU C 282 23.29 -1.27 -14.52
C LEU C 282 23.86 -1.95 -15.76
N ASP C 283 24.38 -1.13 -16.66
CA ASP C 283 25.03 -1.62 -17.87
C ASP C 283 26.41 -0.96 -17.90
N GLY C 284 27.45 -1.77 -17.90
CA GLY C 284 28.79 -1.19 -17.99
C GLY C 284 29.16 -0.32 -16.78
N CYS C 285 29.90 0.75 -17.00
CA CYS C 285 30.35 1.61 -15.88
C CYS C 285 29.71 2.97 -15.91
N ASP C 286 28.74 3.18 -16.80
CA ASP C 286 28.05 4.47 -16.86
C ASP C 286 27.32 4.76 -15.54
N ASP C 287 27.22 6.04 -15.19
CA ASP C 287 26.44 6.47 -13.99
C ASP C 287 24.98 6.61 -14.44
N ALA C 288 24.33 5.45 -14.56
CA ALA C 288 22.95 5.36 -15.00
C ALA C 288 22.45 3.99 -14.63
N ASN C 289 21.19 3.92 -14.30
CA ASN C 289 20.60 2.67 -13.84
C ASN C 289 19.09 2.62 -13.84
N LYS C 290 18.60 1.39 -13.94
CA LYS C 290 17.21 1.09 -13.71
C LYS C 290 16.90 1.06 -12.19
N VAL C 291 15.62 1.26 -11.86
CA VAL C 291 15.10 1.10 -10.54
C VAL C 291 13.84 0.21 -10.56
N TYR C 292 13.91 -0.95 -9.91
CA TYR C 292 12.78 -1.81 -9.68
C TYR C 292 12.46 -1.90 -8.21
N CYS C 293 11.18 -1.74 -7.87
CA CYS C 293 10.73 -1.71 -6.50
C CYS C 293 9.78 -2.90 -6.23
N LEU C 294 10.08 -3.64 -5.17
CA LEU C 294 9.25 -4.76 -4.70
C LEU C 294 8.69 -4.49 -3.29
N ASP C 295 7.36 -4.33 -3.22
CA ASP C 295 6.67 -4.12 -1.97
C ASP C 295 6.59 -5.42 -1.15
N LEU C 296 7.37 -5.49 -0.09
CA LEU C 296 7.46 -6.70 0.71
C LEU C 296 6.22 -6.82 1.57
N THR C 297 5.48 -5.72 1.79
CA THR C 297 4.30 -5.80 2.68
C THR C 297 3.11 -6.47 1.96
N LYS C 298 3.18 -6.67 0.65
CA LYS C 298 2.03 -7.17 -0.09
C LYS C 298 2.15 -8.61 -0.51
N LEU C 299 3.16 -9.28 -0.02
CA LEU C 299 3.37 -10.68 -0.39
C LEU C 299 2.48 -11.54 0.51
N PRO C 300 1.68 -12.43 -0.09
CA PRO C 300 0.77 -13.25 0.71
C PRO C 300 1.50 -14.06 1.78
N ASN C 301 2.69 -14.58 1.44
CA ASN C 301 3.47 -15.41 2.36
C ASN C 301 4.95 -15.03 2.46
N GLY C 302 5.26 -13.75 2.62
CA GLY C 302 6.65 -13.29 2.63
C GLY C 302 7.43 -13.71 1.38
N LEU C 303 8.74 -13.84 1.51
CA LEU C 303 9.57 -14.19 0.37
C LEU C 303 9.44 -15.64 -0.03
N GLU C 304 9.08 -16.49 0.94
CA GLU C 304 8.58 -17.86 0.69
C GLU C 304 7.48 -17.85 -0.40
N SER C 305 6.63 -16.81 -0.49
CA SER C 305 5.66 -16.70 -1.59
C SER C 305 6.39 -17.09 -2.86
N SER C 312 11.17 -14.49 -12.39
CA SER C 312 11.33 -13.18 -11.73
C SER C 312 10.07 -12.66 -11.00
N ALA C 313 10.29 -12.05 -9.85
CA ALA C 313 9.24 -11.55 -8.96
C ALA C 313 8.53 -10.31 -9.59
N PRO C 314 7.34 -9.92 -9.07
CA PRO C 314 6.52 -8.80 -9.59
C PRO C 314 7.02 -7.40 -9.18
N PHE C 315 8.14 -6.99 -9.79
CA PHE C 315 8.70 -5.68 -9.54
C PHE C 315 7.85 -4.58 -10.21
N MET C 316 7.75 -3.44 -9.55
CA MET C 316 7.24 -2.23 -10.13
C MET C 316 8.42 -1.56 -10.80
N LYS C 317 8.38 -1.49 -12.11
CA LYS C 317 9.54 -1.06 -12.87
C LYS C 317 9.53 0.45 -13.00
N LEU C 318 9.86 1.13 -11.91
CA LEU C 318 9.77 2.57 -11.84
C LEU C 318 10.59 3.27 -12.92
N ILE C 319 11.82 2.84 -13.09
CA ILE C 319 12.69 3.29 -14.17
C ILE C 319 13.19 2.03 -14.90
N ASP C 320 12.95 1.97 -16.20
CA ASP C 320 13.29 0.78 -16.99
C ASP C 320 14.13 1.15 -18.22
N SER C 321 14.95 2.20 -18.09
CA SER C 321 15.94 2.52 -19.12
C SER C 321 17.25 2.92 -18.45
N PHE C 322 18.29 3.13 -19.26
CA PHE C 322 19.56 3.55 -18.75
C PHE C 322 19.81 5.03 -19.01
N ASP C 323 18.78 5.86 -18.91
CA ASP C 323 18.95 7.28 -19.24
C ASP C 323 19.64 8.10 -18.16
N ALA C 324 19.55 7.69 -16.90
CA ALA C 324 20.05 8.49 -15.82
C ALA C 324 20.34 7.62 -14.57
N SER C 325 21.05 8.19 -13.61
CA SER C 325 21.31 7.57 -12.32
C SER C 325 20.22 7.90 -11.38
N TYR C 326 19.94 6.93 -10.48
CA TYR C 326 18.92 7.04 -9.49
C TYR C 326 19.34 6.26 -8.24
N THR C 327 19.46 6.97 -7.12
CA THR C 327 19.68 6.36 -5.81
C THR C 327 18.61 6.78 -4.85
N ALA C 328 17.86 5.82 -4.31
CA ALA C 328 16.85 6.10 -3.32
C ALA C 328 17.47 6.61 -2.01
N ILE C 329 16.97 7.73 -1.54
CA ILE C 329 17.52 8.35 -0.31
C ILE C 329 16.57 8.14 0.84
N ALA C 330 15.26 8.29 0.57
CA ALA C 330 14.23 8.09 1.63
C ALA C 330 12.88 7.79 1.02
N ASN C 331 12.00 7.29 1.84
CA ASN C 331 10.62 7.22 1.46
C ASN C 331 9.70 7.34 2.68
N ASP C 332 8.51 7.82 2.41
CA ASP C 332 7.40 7.88 3.36
C ASP C 332 6.26 7.13 2.64
N GLY C 333 6.02 5.91 3.04
CA GLY C 333 5.10 5.03 2.30
C GLY C 333 5.55 4.93 0.84
N SER C 334 4.63 5.24 -0.09
CA SER C 334 4.92 5.10 -1.52
C SER C 334 5.65 6.30 -2.08
N VAL C 335 5.92 7.32 -1.25
CA VAL C 335 6.51 8.63 -1.75
C VAL C 335 8.00 8.63 -1.52
N PHE C 336 8.72 8.49 -2.61
CA PHE C 336 10.16 8.33 -2.65
C PHE C 336 10.96 9.56 -2.98
N THR C 337 12.09 9.76 -2.29
CA THR C 337 13.08 10.80 -2.64
C THR C 337 14.34 10.13 -3.21
N PHE C 338 14.72 10.53 -4.42
CA PHE C 338 15.87 10.00 -5.16
C PHE C 338 16.90 11.10 -5.42
N GLN C 339 18.16 10.73 -5.39
CA GLN C 339 19.22 11.48 -6.01
C GLN C 339 19.34 11.04 -7.47
N THR C 340 19.47 11.98 -8.40
CA THR C 340 19.50 11.65 -9.82
C THR C 340 20.31 12.68 -10.61
N ASN C 341 20.86 12.22 -11.73
CA ASN C 341 21.50 13.12 -12.71
C ASN C 341 20.60 13.38 -13.91
N LYS C 342 19.32 12.99 -13.83
CA LYS C 342 18.35 13.24 -14.92
C LYS C 342 18.18 14.71 -15.20
N ASP C 343 18.56 15.13 -16.43
CA ASP C 343 18.60 16.58 -16.77
C ASP C 343 19.45 17.42 -15.81
N ALA C 344 20.43 16.82 -15.12
CA ALA C 344 21.10 17.49 -14.02
C ALA C 344 22.52 16.89 -13.85
N PRO C 345 23.44 17.33 -14.70
CA PRO C 345 24.76 16.76 -14.63
C PRO C 345 25.50 16.98 -13.32
N ARG C 346 25.11 17.97 -12.50
CA ARG C 346 25.64 18.11 -11.18
C ARG C 346 24.81 17.42 -10.10
N LYS C 347 23.78 16.65 -10.52
CA LYS C 347 22.86 15.94 -9.66
C LYS C 347 21.92 16.82 -8.85
N LYS C 348 20.84 16.21 -8.40
CA LYS C 348 19.80 16.88 -7.60
C LYS C 348 19.00 15.87 -6.84
N LEU C 349 18.12 16.32 -5.95
CA LEU C 349 17.12 15.46 -5.36
C LEU C 349 15.71 15.72 -5.96
N VAL C 350 15.02 14.62 -6.22
CA VAL C 350 13.65 14.59 -6.79
C VAL C 350 12.73 13.67 -5.95
N ARG C 351 11.43 13.83 -6.14
CA ARG C 351 10.41 13.11 -5.38
C ARG C 351 9.39 12.58 -6.36
N VAL C 352 8.94 11.34 -6.14
CA VAL C 352 7.98 10.65 -6.99
C VAL C 352 7.12 9.69 -6.14
N ASP C 353 5.83 9.59 -6.44
CA ASP C 353 4.96 8.67 -5.74
C ASP C 353 4.88 7.43 -6.64
N LEU C 354 5.24 6.27 -6.10
CA LEU C 354 5.12 5.04 -6.88
C LEU C 354 3.71 4.81 -7.44
N ASN C 355 2.70 5.33 -6.75
CA ASN C 355 1.31 5.17 -7.21
C ASN C 355 1.00 6.07 -8.42
N ASN C 356 1.84 7.08 -8.62
CA ASN C 356 1.72 7.98 -9.80
C ASN C 356 3.08 8.20 -10.45
N PRO C 357 3.64 7.17 -11.12
CA PRO C 357 5.07 7.15 -11.28
C PRO C 357 5.59 7.95 -12.47
N SER C 358 4.71 8.63 -13.23
CA SER C 358 5.16 9.50 -14.29
C SER C 358 5.64 10.82 -13.85
N VAL C 359 5.19 11.21 -12.67
CA VAL C 359 5.29 12.57 -12.22
C VAL C 359 6.39 12.75 -11.19
N TRP C 360 7.48 13.38 -11.62
CA TRP C 360 8.64 13.63 -10.74
C TRP C 360 8.74 15.11 -10.43
N THR C 361 9.06 15.48 -9.20
CA THR C 361 9.20 16.86 -8.83
C THR C 361 10.51 17.14 -8.14
N ASP C 362 11.15 18.24 -8.49
CA ASP C 362 12.45 18.58 -7.82
C ASP C 362 12.16 18.89 -6.36
N LEU C 363 13.00 18.33 -5.49
CA LEU C 363 13.00 18.64 -4.06
C LEU C 363 14.18 19.56 -3.72
N VAL C 364 15.39 19.15 -4.14
CA VAL C 364 16.56 20.08 -4.04
C VAL C 364 17.08 20.25 -5.44
N PRO C 365 16.86 21.43 -6.04
CA PRO C 365 17.25 21.62 -7.45
C PRO C 365 18.75 21.50 -7.66
N GLU C 366 19.16 21.21 -8.87
CA GLU C 366 20.56 21.13 -9.23
C GLU C 366 21.24 22.47 -8.96
N SER C 367 22.41 22.44 -8.34
CA SER C 367 23.22 23.65 -8.18
C SER C 367 23.78 24.00 -9.53
N LYS C 368 23.85 25.30 -9.80
CA LYS C 368 24.46 25.81 -11.03
C LYS C 368 25.95 25.50 -11.03
N LYS C 369 26.51 25.26 -9.85
CA LYS C 369 27.95 25.14 -9.72
C LYS C 369 28.51 23.85 -9.14
N ASP C 370 27.83 23.32 -8.14
CA ASP C 370 28.42 22.27 -7.30
C ASP C 370 27.75 20.93 -7.49
N LEU C 371 28.59 19.90 -7.60
CA LEU C 371 28.12 18.51 -7.60
C LEU C 371 27.49 18.17 -6.27
N LEU C 372 26.28 17.59 -6.32
CA LEU C 372 25.68 16.96 -5.17
C LEU C 372 26.18 15.51 -5.23
N GLU C 373 27.22 15.24 -4.44
CA GLU C 373 27.91 13.99 -4.52
C GLU C 373 27.15 12.88 -3.82
N SER C 374 26.59 13.18 -2.66
CA SER C 374 25.77 12.21 -1.93
C SER C 374 24.73 12.84 -0.98
N ALA C 375 23.73 12.04 -0.60
CA ALA C 375 22.69 12.53 0.29
C ALA C 375 22.23 11.46 1.23
N HIS C 376 21.92 11.84 2.48
CA HIS C 376 21.63 10.85 3.50
C HIS C 376 20.48 11.32 4.37
N ALA C 377 19.44 10.51 4.50
CA ALA C 377 18.34 10.79 5.44
C ALA C 377 18.71 10.40 6.84
N VAL C 378 18.52 11.33 7.77
CA VAL C 378 18.99 11.16 9.12
C VAL C 378 18.05 11.88 10.07
N ASN C 379 18.13 11.48 11.31
CA ASN C 379 17.40 12.10 12.41
C ASN C 379 15.88 12.21 12.15
N GLU C 380 15.30 11.16 11.57
CA GLU C 380 13.88 11.03 11.26
C GLU C 380 13.41 11.96 10.11
N ASN C 381 13.76 13.22 10.15
CA ASN C 381 13.20 14.18 9.22
C ASN C 381 14.17 15.15 8.57
N GLN C 382 15.46 14.80 8.58
CA GLN C 382 16.46 15.61 7.94
C GLN C 382 17.26 14.88 6.87
N LEU C 383 18.03 15.67 6.14
CA LEU C 383 18.95 15.19 5.10
C LEU C 383 20.30 15.83 5.36
N ILE C 384 21.38 15.08 5.22
CA ILE C 384 22.70 15.70 5.07
C ILE C 384 23.17 15.48 3.62
N LEU C 385 23.47 16.58 2.96
CA LEU C 385 23.94 16.62 1.59
C LEU C 385 25.43 16.89 1.60
N ARG C 386 26.14 16.09 0.85
CA ARG C 386 27.56 16.28 0.65
C ARG C 386 27.77 16.83 -0.77
N TYR C 387 28.10 18.12 -0.82
CA TYR C 387 28.42 18.82 -2.04
C TYR C 387 29.93 18.79 -2.24
N LEU C 388 30.35 18.82 -3.50
CA LEU C 388 31.75 19.00 -3.86
C LEU C 388 31.82 20.31 -4.62
N SER C 389 32.55 21.28 -4.06
CA SER C 389 32.61 22.65 -4.54
C SER C 389 34.08 23.01 -4.81
N ASP C 390 34.44 23.13 -6.09
CA ASP C 390 35.81 23.21 -6.54
C ASP C 390 36.68 22.20 -5.79
N VAL C 391 36.24 20.95 -5.85
CA VAL C 391 36.96 19.80 -5.27
C VAL C 391 37.23 19.90 -3.74
N LYS C 392 36.31 20.54 -3.02
CA LYS C 392 36.36 20.58 -1.59
C LYS C 392 34.89 20.41 -1.06
N HIS C 393 34.74 19.59 -0.05
CA HIS C 393 33.41 19.23 0.41
C HIS C 393 32.71 20.36 1.12
N VAL C 394 31.39 20.33 1.01
CA VAL C 394 30.53 21.22 1.78
C VAL C 394 29.37 20.36 2.25
N LEU C 395 29.11 20.35 3.55
CA LEU C 395 28.03 19.59 4.08
C LEU C 395 26.88 20.50 4.42
N GLU C 396 25.69 20.09 4.02
CA GLU C 396 24.47 20.84 4.34
C GLU C 396 23.50 19.93 5.08
N ILE C 397 22.83 20.50 6.10
CA ILE C 397 21.68 19.87 6.74
C ILE C 397 20.39 20.56 6.23
N ARG C 398 19.45 19.74 5.79
CA ARG C 398 18.22 20.21 5.20
C ARG C 398 17.01 19.47 5.76
N ASP C 399 15.84 20.08 5.64
CA ASP C 399 14.62 19.41 6.01
C ASP C 399 14.23 18.39 4.94
N LEU C 400 13.93 17.17 5.34
CA LEU C 400 13.57 16.09 4.36
C LEU C 400 12.28 16.40 3.57
N GLU C 401 11.26 16.81 4.28
CA GLU C 401 9.97 17.13 3.62
C GLU C 401 10.04 18.32 2.62
N SER C 402 10.55 19.46 3.04
CA SER C 402 10.49 20.65 2.20
C SER C 402 11.74 20.83 1.36
N GLY C 403 12.84 20.20 1.76
CA GLY C 403 14.09 20.41 1.06
C GLY C 403 14.81 21.67 1.54
N ALA C 404 14.28 22.34 2.54
CA ALA C 404 14.83 23.64 2.98
C ALA C 404 16.16 23.56 3.65
N LEU C 405 17.07 24.45 3.30
CA LEU C 405 18.38 24.53 3.98
C LEU C 405 18.28 24.96 5.43
N GLN C 406 18.88 24.18 6.34
CA GLN C 406 18.92 24.49 7.74
C GLN C 406 20.32 24.94 8.22
N HIS C 407 21.38 24.20 7.87
CA HIS C 407 22.76 24.60 8.19
C HIS C 407 23.72 24.21 7.09
N ARG C 408 24.85 24.90 7.04
CA ARG C 408 25.84 24.69 5.99
C ARG C 408 27.24 24.73 6.57
N LEU C 409 28.04 23.68 6.34
CA LEU C 409 29.39 23.55 6.89
C LEU C 409 30.40 23.29 5.78
N PRO C 410 31.16 24.34 5.39
CA PRO C 410 32.26 24.17 4.41
C PRO C 410 33.38 23.41 5.08
N ILE C 411 34.02 22.53 4.33
CA ILE C 411 35.08 21.67 4.89
C ILE C 411 36.41 22.14 4.31
N ASP C 412 37.48 22.03 5.10
CA ASP C 412 38.82 22.38 4.65
C ASP C 412 39.30 21.43 3.54
N ILE C 413 40.39 21.82 2.86
CA ILE C 413 41.05 20.94 1.88
C ILE C 413 41.27 19.55 2.53
N GLY C 414 40.82 18.51 1.81
CA GLY C 414 40.67 17.18 2.30
C GLY C 414 39.39 16.53 1.77
N SER C 415 38.90 15.53 2.49
CA SER C 415 37.76 14.78 2.05
C SER C 415 36.97 14.25 3.25
N VAL C 416 35.65 14.42 3.19
CA VAL C 416 34.72 13.80 4.06
C VAL C 416 34.03 12.66 3.40
N ASP C 417 34.05 11.49 4.01
CA ASP C 417 33.24 10.38 3.52
C ASP C 417 32.78 9.44 4.63
N GLY C 418 32.15 8.33 4.22
CA GLY C 418 31.79 7.28 5.12
C GLY C 418 30.60 7.58 5.99
N ILE C 419 29.70 8.44 5.55
CA ILE C 419 28.42 8.61 6.28
C ILE C 419 27.53 7.37 6.09
N THR C 420 27.36 6.60 7.17
CA THR C 420 26.52 5.43 7.21
C THR C 420 25.27 5.53 8.12
N ALA C 421 25.10 6.63 8.86
CA ALA C 421 23.88 6.89 9.62
C ALA C 421 22.57 6.72 8.82
N ARG C 422 21.60 6.18 9.51
CA ARG C 422 20.31 5.86 8.88
C ARG C 422 19.27 6.82 9.40
N ARG C 423 18.10 6.76 8.78
CA ARG C 423 17.08 7.73 9.08
C ARG C 423 16.69 7.64 10.56
N ARG C 424 16.73 6.43 11.14
CA ARG C 424 16.48 6.18 12.59
C ARG C 424 17.59 6.65 13.57
N ASP C 425 18.73 7.14 13.06
CA ASP C 425 19.82 7.58 13.91
C ASP C 425 19.77 9.10 14.09
N SER C 426 20.06 9.61 15.30
CA SER C 426 20.18 11.08 15.54
C SER C 426 21.61 11.63 15.61
N VAL C 427 22.58 10.74 15.65
CA VAL C 427 23.99 11.08 15.67
C VAL C 427 24.59 10.59 14.35
N VAL C 428 25.15 11.51 13.60
CA VAL C 428 25.83 11.23 12.33
C VAL C 428 27.33 11.25 12.50
N PHE C 429 27.99 10.20 11.99
CA PHE C 429 29.44 10.12 12.06
C PHE C 429 29.95 10.13 10.65
N PHE C 430 31.14 10.73 10.49
CA PHE C 430 31.87 10.66 9.23
C PHE C 430 33.35 10.85 9.42
N LYS C 431 34.10 10.50 8.36
CA LYS C 431 35.52 10.53 8.40
C LYS C 431 36.06 11.72 7.60
N PHE C 432 37.04 12.44 8.17
CA PHE C 432 37.75 13.48 7.46
C PHE C 432 39.23 13.10 7.39
N THR C 433 39.80 13.21 6.21
CA THR C 433 41.22 13.03 6.04
C THR C 433 41.73 14.14 5.09
N SER C 434 43.04 14.39 5.11
CA SER C 434 43.66 15.32 4.19
C SER C 434 45.12 15.03 4.05
N ILE C 435 45.78 15.68 3.14
CA ILE C 435 47.21 15.46 2.93
C ILE C 435 47.96 15.60 4.22
N LEU C 436 47.57 16.58 5.04
CA LEU C 436 48.25 16.80 6.32
C LEU C 436 47.41 16.42 7.58
N THR C 437 46.30 15.70 7.40
CA THR C 437 45.40 15.26 8.52
C THR C 437 45.11 13.80 8.38
N PRO C 438 45.75 12.96 9.23
CA PRO C 438 45.67 11.50 9.02
C PRO C 438 44.29 10.88 9.13
N GLY C 439 43.42 11.41 9.96
CA GLY C 439 42.09 10.79 10.01
C GLY C 439 41.37 11.19 11.27
N ILE C 440 40.27 11.94 11.11
CA ILE C 440 39.39 12.31 12.20
C ILE C 440 38.01 11.68 11.93
N VAL C 441 37.43 11.09 12.97
CA VAL C 441 36.02 10.70 12.91
C VAL C 441 35.30 11.80 13.70
N TYR C 442 34.44 12.50 12.98
CA TYR C 442 33.62 13.53 13.54
C TYR C 442 32.25 12.98 13.86
N GLN C 443 31.66 13.59 14.89
CA GLN C 443 30.30 13.34 15.24
C GLN C 443 29.46 14.62 15.25
N CYS C 444 28.22 14.49 14.78
CA CYS C 444 27.26 15.59 14.79
C CYS C 444 25.96 15.04 15.37
N ASP C 445 25.62 15.53 16.56
CA ASP C 445 24.40 15.18 17.23
C ASP C 445 23.29 16.13 16.77
N LEU C 446 22.50 15.65 15.80
CA LEU C 446 21.50 16.48 15.17
C LEU C 446 20.37 16.84 16.10
N LYS C 447 20.19 16.05 17.15
CA LYS C 447 19.08 16.25 18.04
C LYS C 447 19.43 17.39 19.01
N ASN C 448 20.57 17.27 19.69
CA ASN C 448 20.99 18.21 20.75
C ASN C 448 22.01 19.29 20.40
N ASP C 449 22.79 19.13 19.34
CA ASP C 449 23.78 20.14 18.99
C ASP C 449 24.13 20.14 17.51
N PRO C 450 23.12 20.42 16.66
CA PRO C 450 23.23 20.24 15.21
C PRO C 450 24.33 21.03 14.51
N THR C 451 24.72 22.17 15.07
CA THR C 451 25.69 23.08 14.43
C THR C 451 27.16 22.64 14.54
N GLN C 452 27.43 21.80 15.52
CA GLN C 452 28.81 21.51 15.90
C GLN C 452 29.26 20.16 15.38
N LEU C 453 30.46 20.14 14.78
CA LEU C 453 31.17 18.93 14.48
C LEU C 453 32.11 18.67 15.66
N LYS C 454 31.87 17.60 16.41
CA LYS C 454 32.73 17.27 17.53
C LYS C 454 33.70 16.16 17.11
N ILE C 455 34.93 16.26 17.59
CA ILE C 455 35.94 15.18 17.35
C ILE C 455 35.57 13.95 18.17
N PHE C 456 35.27 12.84 17.51
CA PHE C 456 35.01 11.59 18.21
C PHE C 456 36.29 10.72 18.34
N ARG C 457 37.07 10.57 17.25
CA ARG C 457 38.38 9.92 17.27
C ARG C 457 39.32 10.78 16.43
N GLU C 458 40.58 10.90 16.85
CA GLU C 458 41.57 11.67 16.09
C GLU C 458 42.90 10.87 15.95
N SER C 459 43.29 10.55 14.74
CA SER C 459 44.52 9.90 14.48
C SER C 459 45.66 10.90 14.69
N VAL C 460 46.78 10.39 15.20
CA VAL C 460 48.03 11.20 15.32
C VAL C 460 49.26 10.51 14.69
N VAL C 461 49.86 11.16 13.69
CA VAL C 461 51.07 10.63 13.01
C VAL C 461 52.24 10.90 13.96
N PRO C 462 52.97 9.87 14.33
CA PRO C 462 54.10 10.03 15.26
C PRO C 462 55.20 10.91 14.65
N ASP C 463 55.64 11.91 15.38
CA ASP C 463 56.83 12.73 14.96
C ASP C 463 56.56 13.48 13.66
N PHE C 464 55.33 13.97 13.51
CA PHE C 464 54.93 14.72 12.33
C PHE C 464 54.43 16.04 12.84
N ASP C 465 55.13 17.10 12.49
CA ASP C 465 54.65 18.44 12.75
C ASP C 465 54.04 19.01 11.45
N ARG C 466 52.73 19.07 11.40
CA ARG C 466 52.03 19.47 10.20
C ARG C 466 52.29 20.92 9.87
N SER C 467 52.66 21.71 10.87
CA SER C 467 52.83 23.15 10.66
C SER C 467 54.07 23.47 9.85
N GLU C 468 54.95 22.50 9.59
CA GLU C 468 56.06 22.69 8.67
C GLU C 468 55.68 22.62 7.16
N PHE C 469 54.46 22.19 6.87
CA PHE C 469 54.06 21.95 5.48
C PHE C 469 52.82 22.75 5.17
N GLU C 470 52.53 22.89 3.89
CA GLU C 470 51.26 23.56 3.47
C GLU C 470 50.75 22.97 2.15
N VAL C 471 49.45 23.07 2.00
CA VAL C 471 48.75 22.60 0.84
C VAL C 471 47.98 23.83 0.33
N LYS C 472 47.99 24.00 -0.99
CA LYS C 472 47.15 24.98 -1.62
C LYS C 472 46.45 24.41 -2.82
N GLN C 473 45.39 25.07 -3.24
CA GLN C 473 44.77 24.75 -4.51
C GLN C 473 45.00 25.88 -5.45
N VAL C 474 45.38 25.58 -6.67
CA VAL C 474 45.44 26.58 -7.74
C VAL C 474 44.76 26.03 -9.00
N PHE C 475 44.51 26.88 -9.97
CA PHE C 475 43.82 26.48 -11.23
C PHE C 475 44.69 26.86 -12.43
N VAL C 476 44.87 25.91 -13.34
CA VAL C 476 45.86 26.05 -14.38
C VAL C 476 45.16 25.78 -15.70
N PRO C 477 45.58 26.46 -16.80
CA PRO C 477 44.99 26.21 -18.09
C PRO C 477 45.40 24.94 -18.75
N SER C 478 44.43 24.17 -19.26
CA SER C 478 44.81 23.16 -20.22
C SER C 478 45.06 23.72 -21.64
N LYS C 479 45.36 22.85 -22.60
CA LYS C 479 45.59 23.29 -24.01
C LYS C 479 44.39 24.07 -24.58
N ASP C 480 43.18 23.64 -24.30
CA ASP C 480 41.97 24.30 -24.77
C ASP C 480 41.47 25.43 -23.83
N GLY C 481 42.31 25.91 -22.92
CA GLY C 481 41.95 26.95 -21.95
C GLY C 481 41.29 26.47 -20.65
N THR C 482 40.68 25.30 -20.63
CA THR C 482 39.85 24.90 -19.51
C THR C 482 40.66 24.97 -18.22
N LYS C 483 40.04 25.42 -17.13
CA LYS C 483 40.81 25.51 -15.90
C LYS C 483 40.82 24.15 -15.23
N ILE C 484 42.00 23.72 -14.83
CA ILE C 484 42.18 22.44 -14.19
C ILE C 484 42.60 22.73 -12.79
N PRO C 485 41.83 22.29 -11.81
CA PRO C 485 42.21 22.47 -10.45
C PRO C 485 43.35 21.51 -10.07
N ILE C 486 44.35 22.00 -9.38
CA ILE C 486 45.38 21.13 -8.82
C ILE C 486 45.67 21.47 -7.36
N PHE C 487 46.01 20.46 -6.56
CA PHE C 487 46.50 20.67 -5.21
C PHE C 487 48.02 20.53 -5.25
N ILE C 488 48.70 21.41 -4.53
CA ILE C 488 50.16 21.38 -4.38
C ILE C 488 50.56 21.37 -2.91
N ALA C 489 51.31 20.33 -2.50
CA ALA C 489 51.79 20.20 -1.14
C ALA C 489 53.30 20.23 -1.08
N ALA C 490 53.81 20.96 -0.10
CA ALA C 490 55.26 21.14 0.02
C ALA C 490 55.60 21.74 1.39
N ARG C 491 56.85 21.55 1.80
CA ARG C 491 57.40 22.31 2.94
C ARG C 491 57.08 23.77 2.80
N LYS C 492 56.71 24.43 3.89
CA LYS C 492 56.50 25.87 3.86
C LYS C 492 57.79 26.58 3.51
N GLY C 493 57.66 27.69 2.79
CA GLY C 493 58.75 28.63 2.53
C GLY C 493 59.80 28.16 1.54
N ILE C 494 59.51 27.17 0.71
CA ILE C 494 60.51 26.73 -0.28
C ILE C 494 60.67 27.80 -1.33
N SER C 495 61.86 27.87 -1.91
CA SER C 495 62.09 28.75 -3.04
C SER C 495 61.59 28.13 -4.31
N LEU C 496 60.92 28.91 -5.12
CA LEU C 496 60.46 28.43 -6.43
C LEU C 496 61.56 28.64 -7.46
N ASP C 497 62.61 27.87 -7.31
CA ASP C 497 63.82 28.03 -8.09
C ASP C 497 64.03 26.87 -9.00
N GLY C 498 62.97 26.07 -9.24
CA GLY C 498 63.08 24.92 -10.15
C GLY C 498 63.80 23.68 -9.67
N SER C 499 64.29 23.67 -8.46
CA SER C 499 65.18 22.59 -7.99
C SER C 499 64.54 21.41 -7.29
N HIS C 500 63.24 21.40 -7.06
CA HIS C 500 62.66 20.37 -6.19
C HIS C 500 62.16 19.18 -6.98
N PRO C 501 62.35 17.98 -6.43
CA PRO C 501 61.70 16.85 -7.12
C PRO C 501 60.18 17.00 -6.96
N CYS C 502 59.44 16.50 -7.93
CA CYS C 502 58.05 16.67 -7.91
C CYS C 502 57.37 15.37 -8.32
N GLU C 503 56.35 15.00 -7.56
CA GLU C 503 55.51 13.82 -7.84
C GLU C 503 54.09 14.29 -8.14
N MET C 504 53.55 13.88 -9.26
CA MET C 504 52.19 14.27 -9.64
C MET C 504 51.35 13.01 -9.86
N HIS C 505 50.15 13.04 -9.31
CA HIS C 505 49.21 11.94 -9.34
C HIS C 505 47.92 12.37 -10.01
N GLY C 506 47.33 11.46 -10.76
CA GLY C 506 46.04 11.73 -11.41
C GLY C 506 45.40 10.42 -11.84
N TYR C 507 44.14 10.49 -12.30
CA TYR C 507 43.39 9.27 -12.71
C TYR C 507 42.72 9.64 -14.04
N GLY C 508 41.64 10.43 -13.94
CA GLY C 508 41.01 11.05 -15.15
C GLY C 508 40.10 10.11 -15.91
N GLY C 509 39.01 9.73 -15.30
CA GLY C 509 38.06 8.79 -15.95
C GLY C 509 36.96 8.31 -15.03
N PHE C 510 35.90 7.77 -15.64
CA PHE C 510 34.88 6.99 -14.94
C PHE C 510 34.08 7.79 -13.91
N GLY C 511 34.05 9.11 -14.04
CA GLY C 511 33.38 9.96 -13.05
C GLY C 511 34.00 9.90 -11.66
N ILE C 512 35.22 9.39 -11.52
CA ILE C 512 35.84 9.26 -10.21
C ILE C 512 36.44 10.61 -9.76
N ASN C 513 36.15 10.94 -8.51
CA ASN C 513 36.62 12.18 -7.90
C ASN C 513 37.91 11.97 -7.11
N MET C 514 38.95 12.72 -7.47
CA MET C 514 40.27 12.51 -6.88
C MET C 514 40.43 13.50 -5.75
N MET C 515 40.44 12.99 -4.53
CA MET C 515 40.46 13.86 -3.36
C MET C 515 41.84 13.85 -2.68
N PRO C 516 42.25 14.97 -2.08
CA PRO C 516 43.55 15.04 -1.39
C PRO C 516 43.56 14.39 -0.01
N THR C 517 43.55 13.07 0.02
CA THR C 517 43.48 12.32 1.27
C THR C 517 44.86 12.11 1.86
N PHE C 518 44.89 11.55 3.08
CA PHE C 518 46.16 11.25 3.77
C PHE C 518 46.90 10.07 3.17
N SER C 519 48.20 10.27 2.93
CA SER C 519 49.15 9.22 2.63
C SER C 519 50.43 9.42 3.47
N ALA C 520 50.80 8.36 4.19
CA ALA C 520 51.99 8.44 5.01
C ALA C 520 53.25 8.52 4.14
N SER C 521 53.30 7.72 3.08
CA SER C 521 54.46 7.75 2.17
C SER C 521 54.64 9.10 1.49
N ARG C 522 53.54 9.82 1.26
CA ARG C 522 53.65 11.17 0.71
C ARG C 522 54.34 12.13 1.68
N ILE C 523 54.10 11.96 2.98
CA ILE C 523 54.78 12.81 3.98
C ILE C 523 56.27 12.54 4.04
N VAL C 524 56.67 11.28 3.86
CA VAL C 524 58.10 10.94 3.71
C VAL C 524 58.69 11.68 2.52
N PHE C 525 58.02 11.58 1.40
CA PHE C 525 58.45 12.26 0.17
C PHE C 525 58.63 13.76 0.44
N LEU C 526 57.63 14.39 1.04
CA LEU C 526 57.74 15.83 1.36
C LEU C 526 58.88 16.12 2.36
N LYS C 527 58.97 15.35 3.42
CA LYS C 527 59.90 15.70 4.50
C LYS C 527 61.33 15.21 4.22
N HIS C 528 61.46 14.01 3.72
CA HIS C 528 62.78 13.38 3.61
C HIS C 528 63.39 13.41 2.20
N LEU C 529 62.59 13.81 1.21
CA LEU C 529 63.14 14.04 -0.12
C LEU C 529 62.93 15.45 -0.54
N GLY C 530 62.40 16.30 0.35
CA GLY C 530 62.17 17.74 -0.01
C GLY C 530 61.33 17.85 -1.26
N GLY C 531 60.38 16.92 -1.39
CA GLY C 531 59.52 16.89 -2.59
C GLY C 531 58.37 17.84 -2.62
N VAL C 532 57.89 18.13 -3.84
CA VAL C 532 56.62 18.83 -4.05
C VAL C 532 55.62 17.80 -4.60
N PHE C 533 54.49 17.68 -3.98
CA PHE C 533 53.43 16.75 -4.45
C PHE C 533 52.29 17.53 -5.09
N CYS C 534 51.77 17.00 -6.20
CA CYS C 534 50.65 17.59 -6.87
C CYS C 534 49.61 16.53 -7.19
N LEU C 535 48.36 16.84 -6.88
CA LEU C 535 47.21 16.00 -7.29
C LEU C 535 46.45 16.82 -8.28
N ALA C 536 46.28 16.28 -9.47
CA ALA C 536 45.67 17.02 -10.54
C ALA C 536 44.25 16.50 -10.85
N ASN C 537 43.25 17.38 -10.69
CA ASN C 537 41.82 17.06 -11.01
C ASN C 537 41.47 17.27 -12.47
N ILE C 538 42.04 16.41 -13.29
CA ILE C 538 41.87 16.38 -14.70
C ILE C 538 40.46 15.87 -15.12
N ARG C 539 40.10 16.21 -16.36
CA ARG C 539 38.77 15.84 -16.86
C ARG C 539 38.66 14.32 -16.96
N GLY C 540 37.44 13.83 -17.21
CA GLY C 540 37.21 12.40 -17.14
C GLY C 540 36.78 11.98 -15.75
N GLY C 541 37.23 12.68 -14.72
CA GLY C 541 36.66 12.54 -13.41
C GLY C 541 35.26 13.09 -13.31
N GLY C 542 34.70 13.08 -12.10
CA GLY C 542 33.35 13.60 -11.90
C GLY C 542 33.31 14.89 -11.14
N GLU C 543 34.45 15.57 -11.01
CA GLU C 543 34.55 16.66 -10.02
C GLU C 543 33.60 17.87 -10.28
N TYR C 544 33.38 18.19 -11.57
CA TYR C 544 32.42 19.22 -11.95
C TYR C 544 31.22 18.62 -12.67
N GLY C 545 30.84 17.41 -12.32
CA GLY C 545 29.61 16.81 -12.85
C GLY C 545 29.85 15.99 -14.08
N GLU C 546 28.76 15.54 -14.66
CA GLU C 546 28.83 14.64 -15.77
C GLU C 546 29.48 15.28 -17.01
N GLU C 547 29.31 16.59 -17.18
CA GLU C 547 30.02 17.29 -18.27
C GLU C 547 31.56 17.23 -18.13
N TRP C 548 32.09 17.23 -16.91
CA TRP C 548 33.53 17.03 -16.69
C TRP C 548 33.97 15.62 -17.12
N HIS C 549 33.15 14.65 -16.76
CA HIS C 549 33.36 13.22 -17.13
C HIS C 549 33.39 13.10 -18.65
N LYS C 550 32.37 13.62 -19.30
CA LYS C 550 32.22 13.46 -20.74
C LYS C 550 33.21 14.27 -21.54
N ALA C 551 33.77 15.32 -20.95
CA ALA C 551 34.85 16.06 -21.62
C ALA C 551 36.16 15.32 -21.54
N GLY C 552 36.18 14.15 -20.92
CA GLY C 552 37.37 13.36 -20.81
C GLY C 552 37.15 11.90 -21.07
N PHE C 553 36.22 11.59 -21.96
CA PHE C 553 35.94 10.23 -22.33
C PHE C 553 35.69 10.10 -23.81
N ARG C 554 35.73 8.86 -24.29
CA ARG C 554 35.46 8.50 -25.67
C ARG C 554 36.32 9.28 -26.69
N ASP C 555 35.70 10.06 -27.57
CA ASP C 555 36.42 10.86 -28.56
C ASP C 555 37.27 11.93 -27.87
N LYS C 556 36.98 12.25 -26.61
CA LYS C 556 37.70 13.34 -25.89
C LYS C 556 38.63 12.82 -24.78
N LYS C 557 38.94 11.53 -24.81
CA LYS C 557 39.89 10.96 -23.87
C LYS C 557 41.24 11.68 -23.92
N GLN C 558 41.64 12.13 -25.11
CA GLN C 558 42.91 12.85 -25.22
C GLN C 558 42.99 14.11 -24.33
N ASN C 559 41.84 14.75 -24.09
CA ASN C 559 41.81 15.91 -23.18
C ASN C 559 42.43 15.59 -21.83
N VAL C 560 42.20 14.36 -21.35
CA VAL C 560 42.70 13.93 -20.02
C VAL C 560 44.23 14.05 -19.96
N PHE C 561 44.86 13.53 -20.98
CA PHE C 561 46.34 13.54 -21.12
C PHE C 561 46.86 14.96 -21.27
N ASP C 562 46.16 15.77 -22.10
CA ASP C 562 46.49 17.17 -22.24
C ASP C 562 46.37 17.95 -20.94
N ASP C 563 45.33 17.67 -20.17
CA ASP C 563 45.22 18.31 -18.82
C ASP C 563 46.40 18.00 -17.91
N PHE C 564 46.79 16.74 -17.88
CA PHE C 564 47.87 16.28 -16.98
C PHE C 564 49.23 16.86 -17.42
N ILE C 565 49.45 16.85 -18.74
CA ILE C 565 50.58 17.51 -19.29
C ILE C 565 50.59 18.98 -18.93
N SER C 566 49.44 19.62 -19.08
CA SER C 566 49.35 21.06 -18.73
C SER C 566 49.74 21.36 -17.30
N ALA C 567 49.33 20.49 -16.39
CA ALA C 567 49.67 20.68 -14.97
C ALA C 567 51.19 20.59 -14.76
N ALA C 568 51.82 19.60 -15.36
CA ALA C 568 53.31 19.46 -15.25
C ALA C 568 53.97 20.71 -15.81
N GLU C 569 53.46 21.22 -16.93
CA GLU C 569 54.02 22.42 -17.50
C GLU C 569 53.91 23.61 -16.54
N TYR C 570 52.78 23.73 -15.83
CA TYR C 570 52.61 24.78 -14.87
C TYR C 570 53.58 24.64 -13.72
N LEU C 571 53.74 23.43 -13.19
CA LEU C 571 54.66 23.19 -12.09
C LEU C 571 56.12 23.55 -12.46
N ILE C 572 56.47 23.37 -13.75
CA ILE C 572 57.77 23.83 -14.27
C ILE C 572 57.84 25.34 -14.42
N SER C 573 56.85 25.94 -15.09
CA SER C 573 56.90 27.39 -15.33
C SER C 573 56.86 28.17 -14.05
N SER C 574 56.12 27.68 -13.03
CA SER C 574 55.96 28.40 -11.78
C SER C 574 57.16 28.26 -10.87
N GLY C 575 58.05 27.30 -11.19
CA GLY C 575 59.32 27.12 -10.50
C GLY C 575 59.36 26.13 -9.38
N TYR C 576 58.35 25.27 -9.28
CA TYR C 576 58.41 24.23 -8.28
C TYR C 576 59.46 23.18 -8.64
N THR C 577 59.66 22.94 -9.94
CA THR C 577 60.43 21.83 -10.39
C THR C 577 60.91 22.12 -11.78
N LYS C 578 61.51 21.14 -12.44
CA LYS C 578 61.94 21.32 -13.82
C LYS C 578 61.79 20.06 -14.61
N ALA C 579 61.87 20.21 -15.92
CA ALA C 579 61.47 19.12 -16.82
C ALA C 579 61.88 17.73 -16.44
N ARG C 580 63.13 17.45 -16.26
CA ARG C 580 63.39 16.00 -16.01
C ARG C 580 63.34 15.58 -14.50
N ARG C 581 62.77 16.45 -13.68
CA ARG C 581 62.68 16.21 -12.25
C ARG C 581 61.21 16.03 -11.78
N VAL C 582 60.35 15.71 -12.72
CA VAL C 582 58.94 15.42 -12.44
C VAL C 582 58.69 13.93 -12.56
N ALA C 583 58.13 13.33 -11.52
CA ALA C 583 57.70 11.94 -11.57
C ALA C 583 56.20 11.93 -11.64
N ILE C 584 55.64 11.03 -12.43
CA ILE C 584 54.19 10.85 -12.44
C ILE C 584 53.81 9.43 -12.05
N GLU C 585 52.66 9.30 -11.41
CA GLU C 585 52.19 7.97 -10.91
C GLU C 585 50.70 7.88 -10.99
N GLY C 586 50.21 6.69 -11.30
CA GLY C 586 48.77 6.47 -11.42
C GLY C 586 48.44 4.97 -11.51
N GLY C 587 47.19 4.59 -11.23
CA GLY C 587 46.79 3.17 -11.26
C GLY C 587 45.54 2.88 -12.08
N SER C 588 45.53 1.73 -12.75
CA SER C 588 44.41 1.28 -13.61
C SER C 588 44.18 2.24 -14.78
N ASN C 589 43.03 2.87 -14.83
CA ASN C 589 42.84 3.97 -15.79
C ASN C 589 43.91 5.08 -15.59
N GLY C 590 44.39 5.24 -14.38
CA GLY C 590 45.52 6.15 -14.08
C GLY C 590 46.88 5.57 -14.53
N GLY C 591 46.97 4.27 -14.72
CA GLY C 591 48.15 3.68 -15.33
C GLY C 591 48.24 3.96 -16.84
N LEU C 592 47.10 3.86 -17.52
CA LEU C 592 46.92 4.40 -18.86
C LEU C 592 47.32 5.89 -19.01
N LEU C 593 46.81 6.72 -18.09
CA LEU C 593 47.22 8.15 -18.00
C LEU C 593 48.74 8.27 -18.06
N VAL C 594 49.45 7.60 -17.15
CA VAL C 594 50.91 7.65 -17.12
C VAL C 594 51.54 7.21 -18.47
N ALA C 595 51.08 6.08 -19.01
CA ALA C 595 51.72 5.50 -20.19
C ALA C 595 51.52 6.40 -21.40
N ALA C 596 50.32 6.93 -21.57
CA ALA C 596 50.05 7.82 -22.73
C ALA C 596 50.86 9.06 -22.59
N CYS C 597 50.96 9.57 -21.37
CA CYS C 597 51.69 10.83 -21.19
C CYS C 597 53.18 10.65 -21.44
N ILE C 598 53.77 9.52 -21.05
CA ILE C 598 55.22 9.37 -21.36
C ILE C 598 55.49 9.07 -22.83
N ASN C 599 54.54 8.43 -23.54
CA ASN C 599 54.65 8.29 -24.95
C ASN C 599 54.63 9.69 -25.62
N GLN C 600 53.72 10.57 -25.16
CA GLN C 600 53.45 11.81 -25.83
C GLN C 600 54.45 12.92 -25.49
N ARG C 601 54.89 12.98 -24.24
CA ARG C 601 55.80 14.02 -23.79
C ARG C 601 56.90 13.45 -22.86
N PRO C 602 57.70 12.52 -23.38
CA PRO C 602 58.76 11.95 -22.53
C PRO C 602 59.72 12.99 -22.03
N ASP C 603 59.83 14.12 -22.73
CA ASP C 603 60.76 15.17 -22.33
C ASP C 603 60.40 15.84 -21.01
N LEU C 604 59.14 15.72 -20.57
CA LEU C 604 58.72 16.44 -19.38
C LEU C 604 59.11 15.67 -18.13
N PHE C 605 59.24 14.37 -18.25
CA PHE C 605 59.26 13.50 -17.06
C PHE C 605 60.61 12.81 -16.80
N GLY C 606 60.99 12.73 -15.53
CA GLY C 606 62.16 11.97 -15.08
C GLY C 606 61.88 10.57 -14.60
N CYS C 607 60.64 10.33 -14.20
CA CYS C 607 60.27 9.03 -13.62
C CYS C 607 58.81 8.78 -13.90
N ALA C 608 58.47 7.56 -14.24
CA ALA C 608 57.05 7.20 -14.45
C ALA C 608 56.72 5.87 -13.78
N GLU C 609 55.63 5.85 -13.01
CA GLU C 609 55.23 4.63 -12.31
C GLU C 609 53.77 4.32 -12.59
N ALA C 610 53.53 3.24 -13.34
CA ALA C 610 52.19 2.90 -13.83
C ALA C 610 51.75 1.63 -13.19
N ASN C 611 50.74 1.74 -12.35
CA ASN C 611 50.23 0.60 -11.62
C ASN C 611 49.05 -0.04 -12.37
N CYS C 612 49.18 -1.31 -12.70
CA CYS C 612 48.18 -2.14 -13.36
C CYS C 612 47.36 -1.37 -14.39
N GLY C 613 48.06 -0.78 -15.34
CA GLY C 613 47.43 0.08 -16.33
C GLY C 613 46.77 -0.65 -17.48
N VAL C 614 45.83 0.01 -18.15
CA VAL C 614 45.21 -0.53 -19.34
C VAL C 614 46.05 0.00 -20.49
N MET C 615 46.91 -0.88 -21.00
CA MET C 615 47.86 -0.60 -22.00
C MET C 615 47.28 -1.51 -23.14
N ASP C 616 47.41 -1.29 -24.35
CA ASP C 616 46.46 -2.17 -25.21
C ASP C 616 44.96 -1.83 -25.23
N MET C 617 44.72 -0.66 -25.78
CA MET C 617 43.41 -0.15 -25.88
C MET C 617 42.66 -0.78 -27.05
N LEU C 618 43.36 -1.53 -27.91
CA LEU C 618 42.66 -2.25 -29.00
C LEU C 618 42.05 -3.54 -28.58
N ARG C 619 42.61 -4.17 -27.54
CA ARG C 619 42.12 -5.49 -27.11
C ARG C 619 41.60 -5.60 -25.71
N PHE C 620 41.69 -4.52 -24.91
CA PHE C 620 41.25 -4.58 -23.51
C PHE C 620 39.88 -5.20 -23.35
N HIS C 621 38.97 -4.92 -24.29
CA HIS C 621 37.57 -5.37 -24.13
C HIS C 621 37.41 -6.91 -24.17
N LYS C 622 38.45 -7.60 -24.63
CA LYS C 622 38.38 -9.04 -24.78
C LYS C 622 38.71 -9.84 -23.50
N PHE C 623 39.18 -9.20 -22.43
CA PHE C 623 39.62 -9.93 -21.23
C PHE C 623 38.84 -9.55 -19.98
N THR C 624 38.53 -10.55 -19.15
CA THR C 624 37.82 -10.45 -17.86
C THR C 624 37.20 -9.12 -17.42
N LEU C 625 36.07 -8.71 -17.92
CA LEU C 625 35.44 -7.46 -17.37
C LEU C 625 35.95 -6.17 -18.04
N GLY C 626 37.00 -6.25 -18.87
CA GLY C 626 37.36 -5.11 -19.74
C GLY C 626 36.16 -4.64 -20.58
N TYR C 627 35.22 -5.54 -20.86
CA TYR C 627 34.06 -5.18 -21.64
C TYR C 627 33.24 -4.07 -20.91
N LEU C 628 33.34 -3.98 -19.60
CA LEU C 628 32.66 -2.91 -18.89
C LEU C 628 33.14 -1.44 -19.13
N TRP C 629 34.34 -1.29 -19.71
CA TRP C 629 35.00 0.02 -19.82
C TRP C 629 34.78 0.69 -21.20
N THR C 630 34.03 0.04 -22.07
CA THR C 630 33.80 0.54 -23.38
C THR C 630 32.93 1.80 -23.34
N GLY C 631 32.14 1.95 -22.28
CA GLY C 631 31.45 3.19 -22.05
C GLY C 631 32.37 4.37 -22.01
N ASP C 632 33.45 4.30 -21.23
CA ASP C 632 34.41 5.40 -21.21
C ASP C 632 35.37 5.43 -22.40
N TYR C 633 35.77 4.28 -22.91
CA TYR C 633 36.87 4.25 -23.86
C TYR C 633 36.47 4.12 -25.28
N GLY C 634 35.28 3.64 -25.55
CA GLY C 634 34.96 3.03 -26.88
C GLY C 634 35.51 1.63 -27.02
N CYS C 635 35.44 1.14 -28.25
CA CYS C 635 35.77 -0.26 -28.58
C CYS C 635 36.27 -0.33 -30.00
N SER C 636 37.41 -0.99 -30.21
CA SER C 636 38.02 -1.07 -31.52
C SER C 636 37.24 -1.89 -32.57
N ASP C 637 36.16 -2.56 -32.15
CA ASP C 637 35.21 -3.23 -33.07
C ASP C 637 34.43 -2.21 -33.89
N LYS C 638 34.44 -0.92 -33.51
CA LYS C 638 33.74 0.11 -34.28
C LYS C 638 34.73 1.11 -34.82
N GLU C 639 34.66 1.38 -36.11
CA GLU C 639 35.73 2.09 -36.81
C GLU C 639 35.97 3.49 -36.25
N GLU C 640 34.89 4.22 -36.00
CA GLU C 640 34.99 5.55 -35.42
C GLU C 640 35.75 5.53 -34.08
N GLU C 641 35.55 4.48 -33.30
CA GLU C 641 36.09 4.40 -31.98
C GLU C 641 37.51 3.87 -32.06
N PHE C 642 37.74 2.87 -32.92
CA PHE C 642 39.13 2.53 -33.27
C PHE C 642 40.00 3.75 -33.53
N LYS C 643 39.48 4.72 -34.30
CA LYS C 643 40.26 5.85 -34.70
C LYS C 643 40.68 6.74 -33.52
N TRP C 644 39.83 6.80 -32.49
CA TRP C 644 40.23 7.48 -31.21
C TRP C 644 41.33 6.66 -30.56
N LEU C 645 41.08 5.35 -30.49
CA LEU C 645 41.87 4.46 -29.60
C LEU C 645 43.30 4.32 -30.07
N ILE C 646 43.49 4.20 -31.39
CA ILE C 646 44.80 3.96 -31.93
C ILE C 646 45.74 5.12 -31.68
N LYS C 647 45.21 6.32 -31.57
CA LYS C 647 46.09 7.48 -31.41
C LYS C 647 46.81 7.52 -30.05
N TYR C 648 46.20 6.91 -29.05
CA TYR C 648 46.81 6.93 -27.70
C TYR C 648 47.09 5.56 -27.06
N SER C 649 46.58 4.49 -27.62
CA SER C 649 46.83 3.16 -27.04
C SER C 649 48.31 3.00 -26.70
N PRO C 650 48.63 2.77 -25.42
CA PRO C 650 50.04 2.84 -25.09
C PRO C 650 50.97 1.87 -25.85
N ILE C 651 50.55 0.61 -26.06
CA ILE C 651 51.47 -0.32 -26.70
C ILE C 651 51.62 -0.07 -28.20
N HIS C 652 50.79 0.81 -28.73
CA HIS C 652 50.84 1.19 -30.16
C HIS C 652 51.42 2.52 -30.38
N ASN C 653 51.96 3.15 -29.35
CA ASN C 653 52.52 4.48 -29.49
C ASN C 653 53.85 4.74 -28.83
N VAL C 654 54.61 3.67 -28.70
CA VAL C 654 55.97 3.80 -28.21
C VAL C 654 56.87 4.15 -29.40
N ARG C 655 57.56 5.27 -29.27
CA ARG C 655 58.44 5.76 -30.32
C ARG C 655 59.67 6.34 -29.70
N ARG C 656 60.78 6.23 -30.43
CA ARG C 656 62.05 6.77 -30.00
C ARG C 656 62.06 8.28 -30.09
N PRO C 657 61.98 8.99 -28.96
CA PRO C 657 61.93 10.43 -29.04
C PRO C 657 63.15 11.12 -29.68
N TRP C 658 64.31 10.50 -29.54
CA TRP C 658 65.56 11.08 -30.07
C TRP C 658 65.67 11.07 -31.59
N GLU C 659 64.81 10.31 -32.27
CA GLU C 659 64.69 10.36 -33.72
C GLU C 659 63.86 11.55 -34.24
N GLN C 660 63.21 12.30 -33.37
CA GLN C 660 62.52 13.50 -33.79
C GLN C 660 63.47 14.70 -33.84
N PRO C 661 63.45 15.43 -34.98
CA PRO C 661 64.31 16.60 -35.12
C PRO C 661 64.17 17.60 -33.97
N GLY C 662 65.30 18.10 -33.48
CA GLY C 662 65.31 18.97 -32.32
C GLY C 662 65.22 18.20 -31.00
N ASN C 663 64.84 16.92 -31.03
CA ASN C 663 64.57 16.19 -29.77
C ASN C 663 65.64 15.15 -29.42
N GLU C 664 66.87 15.39 -29.92
CA GLU C 664 67.94 14.38 -29.87
C GLU C 664 68.39 14.11 -28.44
N GLU C 665 68.17 15.07 -27.55
CA GLU C 665 68.54 14.93 -26.12
C GLU C 665 67.52 14.20 -25.22
N THR C 666 66.40 13.81 -25.80
CA THR C 666 65.30 13.24 -25.01
C THR C 666 65.28 11.73 -25.00
N GLN C 667 65.04 11.17 -23.81
CA GLN C 667 64.74 9.75 -23.68
C GLN C 667 63.48 9.57 -22.82
N TYR C 668 62.96 8.35 -22.77
CA TYR C 668 61.87 8.08 -21.84
C TYR C 668 62.37 8.22 -20.41
N PRO C 669 61.49 8.72 -19.52
CA PRO C 669 61.78 8.58 -18.12
C PRO C 669 62.08 7.15 -17.68
N ALA C 670 62.82 7.04 -16.58
CA ALA C 670 62.95 5.81 -15.84
C ALA C 670 61.52 5.34 -15.52
N THR C 671 61.18 4.12 -15.94
CA THR C 671 59.79 3.67 -15.94
C THR C 671 59.71 2.37 -15.12
N MET C 672 58.82 2.35 -14.14
CA MET C 672 58.43 1.11 -13.42
C MET C 672 56.97 0.83 -13.73
N ILE C 673 56.74 -0.32 -14.29
CA ILE C 673 55.42 -0.83 -14.57
C ILE C 673 55.11 -1.83 -13.45
N LEU C 674 54.09 -1.55 -12.63
CA LEU C 674 53.76 -2.43 -11.52
C LEU C 674 52.52 -3.21 -11.82
N THR C 675 52.53 -4.49 -11.50
CA THR C 675 51.31 -5.28 -11.53
C THR C 675 51.41 -6.52 -10.60
N ALA C 676 50.27 -6.91 -10.06
CA ALA C 676 50.10 -8.20 -9.33
C ALA C 676 50.01 -9.32 -10.35
N ASP C 677 50.62 -10.46 -10.07
CA ASP C 677 50.70 -11.54 -11.09
C ASP C 677 49.32 -12.12 -11.39
N HIS C 678 48.36 -11.99 -10.45
CA HIS C 678 46.97 -12.50 -10.61
C HIS C 678 45.91 -11.41 -10.51
N ASP C 679 46.21 -10.25 -11.10
CA ASP C 679 45.21 -9.21 -11.27
C ASP C 679 44.20 -9.75 -12.30
N ASP C 680 42.97 -10.01 -11.84
CA ASP C 680 41.88 -10.46 -12.71
C ASP C 680 40.96 -9.29 -13.10
N ARG C 681 41.25 -8.08 -12.62
CA ARG C 681 40.50 -6.89 -13.01
C ARG C 681 41.12 -6.27 -14.26
N VAL C 682 42.40 -5.87 -14.12
CA VAL C 682 43.22 -5.46 -15.24
C VAL C 682 44.27 -6.56 -15.46
N VAL C 683 44.03 -7.39 -16.46
CA VAL C 683 44.91 -8.51 -16.73
C VAL C 683 46.33 -8.04 -17.04
N PRO C 684 47.31 -8.74 -16.47
CA PRO C 684 48.72 -8.32 -16.54
C PRO C 684 49.36 -8.36 -17.91
N LEU C 685 48.78 -9.07 -18.87
CA LEU C 685 49.22 -8.92 -20.24
C LEU C 685 49.36 -7.47 -20.66
N HIS C 686 48.52 -6.57 -20.14
CA HIS C 686 48.64 -5.15 -20.50
C HIS C 686 50.01 -4.64 -20.16
N SER C 687 50.37 -4.81 -18.88
CA SER C 687 51.66 -4.39 -18.37
C SER C 687 52.77 -5.13 -19.12
N PHE C 688 52.61 -6.42 -19.38
CA PHE C 688 53.69 -7.22 -19.98
C PHE C 688 53.97 -6.83 -21.42
N LYS C 689 52.91 -6.64 -22.20
CA LYS C 689 53.04 -6.21 -23.58
C LYS C 689 53.65 -4.83 -23.65
N LEU C 690 53.27 -3.93 -22.75
CA LEU C 690 53.86 -2.58 -22.78
C LEU C 690 55.34 -2.67 -22.43
N LEU C 691 55.65 -3.42 -21.39
CA LEU C 691 57.05 -3.62 -21.00
C LEU C 691 57.91 -4.18 -22.18
N ALA C 692 57.39 -5.20 -22.86
CA ALA C 692 58.10 -5.82 -24.00
C ALA C 692 58.29 -4.80 -25.14
N THR C 693 57.20 -4.08 -25.46
CA THR C 693 57.25 -3.07 -26.48
C THR C 693 58.24 -1.96 -26.18
N MET C 694 58.20 -1.40 -24.96
CA MET C 694 59.16 -0.36 -24.61
C MET C 694 60.57 -0.87 -24.65
N GLN C 695 60.79 -2.06 -24.08
CA GLN C 695 62.17 -2.57 -24.01
C GLN C 695 62.75 -2.79 -25.43
N HIS C 696 61.92 -3.30 -26.33
CA HIS C 696 62.30 -3.51 -27.73
C HIS C 696 62.57 -2.21 -28.44
N VAL C 697 61.57 -1.34 -28.51
CA VAL C 697 61.67 -0.12 -29.30
C VAL C 697 62.82 0.74 -28.83
N LEU C 698 62.97 0.82 -27.51
CA LEU C 698 63.84 1.83 -26.94
C LEU C 698 65.19 1.27 -26.57
N CYS C 699 65.30 -0.05 -26.43
CA CYS C 699 66.55 -0.61 -25.86
C CYS C 699 67.19 -1.73 -26.69
N THR C 700 66.50 -2.86 -26.81
CA THR C 700 67.12 -4.07 -27.41
C THR C 700 67.11 -4.10 -28.94
N SER C 701 66.32 -3.25 -29.58
CA SER C 701 66.38 -3.10 -31.03
C SER C 701 67.60 -2.33 -31.50
N LEU C 702 68.37 -1.74 -30.58
CA LEU C 702 69.54 -0.92 -30.93
C LEU C 702 70.79 -1.49 -30.30
N GLU C 703 71.95 -1.21 -30.92
CA GLU C 703 73.21 -1.71 -30.40
C GLU C 703 73.58 -1.00 -29.11
N ASP C 704 73.58 0.32 -29.11
CA ASP C 704 73.98 1.05 -27.91
C ASP C 704 73.02 2.25 -27.69
N SER C 705 71.78 1.93 -27.33
CA SER C 705 70.71 2.92 -27.28
C SER C 705 71.03 4.14 -26.41
N PRO C 706 70.52 5.30 -26.80
CA PRO C 706 70.55 6.45 -25.90
C PRO C 706 69.65 6.28 -24.64
N GLN C 707 68.72 5.32 -24.66
CA GLN C 707 67.80 5.10 -23.58
C GLN C 707 68.56 4.49 -22.42
N LYS C 708 69.04 5.36 -21.53
CA LYS C 708 69.81 4.93 -20.40
C LYS C 708 68.93 4.69 -19.16
N ASN C 709 67.89 5.51 -18.99
CA ASN C 709 66.94 5.34 -17.88
C ASN C 709 66.30 3.96 -17.95
N PRO C 710 66.25 3.24 -16.82
CA PRO C 710 65.77 1.87 -16.84
C PRO C 710 64.30 1.72 -17.04
N ILE C 711 63.92 0.66 -17.71
CA ILE C 711 62.52 0.34 -17.96
C ILE C 711 62.30 -1.07 -17.40
N ILE C 712 61.58 -1.16 -16.28
CA ILE C 712 61.42 -2.40 -15.53
C ILE C 712 59.98 -2.60 -15.08
N ALA C 713 59.64 -3.84 -14.75
CA ALA C 713 58.35 -4.15 -14.13
C ALA C 713 58.55 -4.67 -12.71
N ARG C 714 57.73 -4.20 -11.78
CA ARG C 714 57.72 -4.76 -10.41
C ARG C 714 56.49 -5.65 -10.31
N ILE C 715 56.71 -6.96 -10.40
CA ILE C 715 55.63 -7.89 -10.52
C ILE C 715 55.44 -8.51 -9.18
N GLN C 716 54.29 -8.32 -8.58
CA GLN C 716 54.06 -8.82 -7.25
C GLN C 716 53.57 -10.28 -7.39
N ARG C 717 54.33 -11.19 -6.78
CA ARG C 717 53.96 -12.62 -6.81
C ARG C 717 52.80 -12.88 -5.86
N LYS C 718 51.94 -13.81 -6.27
CA LYS C 718 50.86 -14.31 -5.42
C LYS C 718 50.01 -13.19 -4.87
N ALA C 719 49.59 -12.32 -5.80
CA ALA C 719 48.78 -11.17 -5.45
C ALA C 719 47.62 -11.05 -6.42
N ALA C 720 46.48 -10.68 -5.88
CA ALA C 720 45.35 -10.24 -6.67
C ALA C 720 45.33 -8.71 -6.72
N HIS C 721 44.37 -8.16 -7.46
CA HIS C 721 44.18 -6.71 -7.53
C HIS C 721 43.88 -6.17 -6.12
N TYR C 722 43.03 -6.89 -5.38
CA TYR C 722 42.43 -6.40 -4.09
C TYR C 722 43.22 -6.35 -2.78
N GLY C 723 42.94 -5.24 -2.07
CA GLY C 723 43.24 -4.97 -0.66
C GLY C 723 44.43 -5.68 -0.05
N ARG C 724 45.59 -5.45 -0.62
CA ARG C 724 46.77 -5.97 -0.02
C ARG C 724 47.08 -5.47 1.47
N ALA C 725 47.69 -6.44 2.13
CA ALA C 725 48.09 -6.30 3.49
C ALA C 725 49.06 -5.13 3.69
N THR C 726 48.97 -4.50 4.84
CA THR C 726 49.83 -3.33 5.18
C THR C 726 51.28 -3.46 4.75
N MET C 727 51.94 -4.53 5.20
CA MET C 727 53.39 -4.70 4.88
C MET C 727 53.71 -4.99 3.41
N THR C 728 52.84 -5.72 2.73
CA THR C 728 52.93 -5.88 1.28
C THR C 728 52.81 -4.56 0.51
N GLN C 729 51.85 -3.73 0.93
CA GLN C 729 51.67 -2.44 0.33
C GLN C 729 52.87 -1.52 0.65
N ILE C 730 53.34 -1.53 1.87
CA ILE C 730 54.46 -0.68 2.28
C ILE C 730 55.72 -1.08 1.47
N ALA C 731 55.95 -2.36 1.28
CA ALA C 731 57.13 -2.81 0.47
C ALA C 731 57.06 -2.27 -0.97
N GLU C 732 55.88 -2.33 -1.58
CA GLU C 732 55.69 -1.82 -2.94
C GLU C 732 56.00 -0.32 -3.04
N VAL C 733 55.40 0.42 -2.14
CA VAL C 733 55.54 1.87 -2.15
C VAL C 733 56.95 2.30 -1.80
N ALA C 734 57.59 1.62 -0.87
CA ALA C 734 59.02 1.84 -0.60
C ALA C 734 59.89 1.61 -1.86
N ASP C 735 59.61 0.56 -2.63
CA ASP C 735 60.33 0.32 -3.86
C ASP C 735 60.05 1.44 -4.88
N ARG C 736 58.78 1.83 -4.99
CA ARG C 736 58.44 2.86 -5.98
C ARG C 736 59.10 4.24 -5.63
N TYR C 737 59.14 4.63 -4.35
CA TYR C 737 59.84 5.87 -3.96
C TYR C 737 61.41 5.81 -4.01
N GLY C 738 62.02 4.66 -3.66
CA GLY C 738 63.44 4.50 -3.83
C GLY C 738 63.88 4.60 -5.30
N PHE C 739 63.11 3.93 -6.21
CA PHE C 739 63.29 4.06 -7.62
C PHE C 739 63.18 5.52 -8.09
N MET C 740 62.12 6.21 -7.66
CA MET C 740 61.91 7.57 -7.97
C MET C 740 63.06 8.44 -7.52
N ALA C 741 63.55 8.27 -6.30
CA ALA C 741 64.60 9.18 -5.80
C ALA C 741 65.86 8.98 -6.62
N LYS C 742 66.12 7.73 -7.02
CA LYS C 742 67.31 7.40 -7.87
C LYS C 742 67.15 7.90 -9.31
N ALA C 743 65.97 7.68 -9.88
CA ALA C 743 65.60 8.32 -11.16
C ALA C 743 65.75 9.86 -11.18
N LEU C 744 65.32 10.54 -10.13
CA LEU C 744 65.38 12.01 -10.10
C LEU C 744 66.72 12.55 -9.46
N GLU C 745 67.64 11.67 -9.15
CA GLU C 745 68.90 12.06 -8.56
C GLU C 745 68.67 12.93 -7.34
N ALA C 746 67.71 12.55 -6.50
CA ALA C 746 67.30 13.35 -5.35
C ALA C 746 67.87 12.76 -4.08
N PRO C 747 68.57 13.57 -3.26
CA PRO C 747 69.16 13.08 -2.03
C PRO C 747 68.15 13.02 -0.89
N TRP C 748 68.42 12.13 0.06
CA TRP C 748 67.68 12.04 1.30
C TRP C 748 68.03 13.18 2.25
N ILE C 749 67.05 13.68 2.94
CA ILE C 749 67.22 14.74 3.93
C ILE C 749 66.83 14.16 5.29
N ASP C 750 67.72 14.21 6.27
CA ASP C 750 67.46 13.57 7.57
C ASP C 750 66.34 14.24 8.38
N ASN D 14 37.89 -0.18 2.59
CA ASN D 14 38.39 -0.78 3.83
C ASN D 14 39.91 -1.11 3.75
N ALA D 15 40.68 -0.17 3.19
CA ALA D 15 42.13 -0.30 3.13
C ALA D 15 42.72 -0.45 4.53
N SER D 16 43.73 -1.30 4.68
CA SER D 16 44.26 -1.60 6.04
C SER D 16 45.05 -0.41 6.62
N ALA D 17 45.51 0.47 5.74
CA ALA D 17 46.40 1.57 6.14
C ALA D 17 46.53 2.62 5.00
N PRO D 18 46.65 3.90 5.34
CA PRO D 18 46.83 5.03 4.34
C PRO D 18 48.33 5.16 3.99
N VAL D 19 48.80 4.19 3.25
CA VAL D 19 50.23 4.02 2.99
C VAL D 19 50.72 5.12 2.05
N GLY E 31 -29.67 -28.78 57.59
CA GLY E 31 -29.02 -27.47 57.97
C GLY E 31 -28.59 -27.44 59.40
N PHE E 32 -28.19 -26.27 59.88
CA PHE E 32 -27.84 -26.12 61.28
C PHE E 32 -29.03 -26.33 62.18
N SER E 33 -28.91 -27.25 63.13
CA SER E 33 -30.02 -27.68 63.99
C SER E 33 -29.79 -27.28 65.43
N LYS E 34 -28.61 -27.62 65.96
CA LYS E 34 -28.32 -27.47 67.39
C LYS E 34 -28.30 -26.03 67.92
N PRO E 35 -28.86 -25.82 69.13
CA PRO E 35 -28.74 -24.51 69.76
C PRO E 35 -27.28 -24.16 70.02
N LEU E 36 -26.92 -22.92 69.82
CA LEU E 36 -25.53 -22.51 70.00
C LEU E 36 -25.39 -21.83 71.29
N HIS E 37 -24.22 -21.95 71.86
CA HIS E 37 -23.95 -21.38 73.13
C HIS E 37 -22.92 -20.33 72.92
N TYR E 38 -23.36 -19.09 72.77
CA TYR E 38 -22.45 -18.03 72.49
C TYR E 38 -21.76 -17.62 73.75
N PRO E 39 -20.44 -17.44 73.71
CA PRO E 39 -19.71 -17.10 74.95
C PRO E 39 -20.00 -15.67 75.39
N PRO E 40 -19.89 -15.39 76.68
CA PRO E 40 -19.99 -14.02 77.17
C PRO E 40 -18.86 -13.15 76.68
N VAL E 41 -19.20 -11.95 76.22
CA VAL E 41 -18.23 -11.01 75.73
C VAL E 41 -18.52 -9.71 76.38
N ARG E 42 -17.56 -9.19 77.13
CA ARG E 42 -17.73 -7.94 77.86
C ARG E 42 -17.86 -6.68 76.99
N ARG E 43 -18.80 -5.79 77.35
CA ARG E 43 -19.00 -4.48 76.71
C ARG E 43 -18.52 -3.35 77.63
N ASP E 44 -17.65 -2.50 77.12
CA ASP E 44 -17.25 -1.32 77.85
C ASP E 44 -18.14 -0.14 77.42
N GLU E 45 -19.20 0.11 78.20
CA GLU E 45 -20.22 1.09 77.78
C GLU E 45 -19.76 2.51 78.03
N THR E 46 -18.54 2.72 78.50
CA THR E 46 -17.99 4.08 78.67
C THR E 46 -17.24 4.63 77.43
N VAL E 47 -16.91 3.77 76.47
CA VAL E 47 -16.10 4.21 75.33
C VAL E 47 -17.02 4.87 74.29
N VAL E 48 -16.88 6.17 74.11
CA VAL E 48 -17.71 6.93 73.19
C VAL E 48 -16.88 8.04 72.61
N ASP E 49 -16.97 8.23 71.30
CA ASP E 49 -16.16 9.22 70.61
C ASP E 49 -17.07 10.14 69.83
N ASP E 50 -16.65 11.40 69.73
CA ASP E 50 -17.39 12.41 69.00
C ASP E 50 -16.77 12.60 67.62
N TYR E 51 -17.49 12.21 66.57
CA TYR E 51 -17.01 12.51 65.21
C TYR E 51 -17.84 13.64 64.65
N PHE E 52 -17.32 14.87 64.74
CA PHE E 52 -17.99 16.05 64.17
C PHE E 52 -19.45 16.20 64.64
N GLY E 53 -19.68 15.98 65.92
CA GLY E 53 -21.04 15.99 66.49
C GLY E 53 -21.80 14.68 66.50
N VAL E 54 -21.26 13.63 65.87
CA VAL E 54 -21.94 12.32 65.87
C VAL E 54 -21.26 11.46 66.93
N LYS E 55 -22.04 10.96 67.86
CA LYS E 55 -21.50 10.16 68.95
C LYS E 55 -21.46 8.71 68.54
N VAL E 56 -20.29 8.09 68.62
CA VAL E 56 -20.14 6.68 68.20
C VAL E 56 -19.55 5.89 69.33
N ALA E 57 -20.31 4.91 69.81
CA ALA E 57 -19.86 4.11 70.94
C ALA E 57 -18.97 2.99 70.37
N ASP E 58 -17.97 2.56 71.15
CA ASP E 58 -17.06 1.44 70.78
C ASP E 58 -16.94 0.50 71.94
N PRO E 59 -17.99 -0.27 72.23
CA PRO E 59 -17.97 -1.12 73.42
C PRO E 59 -16.90 -2.25 73.44
N TYR E 60 -16.35 -2.63 72.26
CA TYR E 60 -15.36 -3.67 72.17
C TYR E 60 -14.00 -3.09 71.80
N ARG E 61 -13.79 -1.82 72.15
CA ARG E 61 -12.48 -1.19 72.02
C ARG E 61 -11.34 -2.05 72.57
N TRP E 62 -11.63 -2.76 73.65
CA TRP E 62 -10.63 -3.55 74.36
C TRP E 62 -10.05 -4.68 73.50
N LEU E 63 -10.84 -5.17 72.55
CA LEU E 63 -10.37 -6.17 71.56
C LEU E 63 -9.28 -5.65 70.63
N GLU E 64 -8.99 -4.34 70.64
CA GLU E 64 -7.85 -3.80 69.90
C GLU E 64 -6.49 -4.16 70.48
N ASP E 65 -6.46 -4.67 71.71
CA ASP E 65 -5.19 -5.10 72.33
C ASP E 65 -5.10 -6.61 72.20
N PRO E 66 -4.22 -7.11 71.29
CA PRO E 66 -4.14 -8.55 71.05
C PRO E 66 -3.45 -9.32 72.17
N ASN E 67 -2.81 -8.62 73.10
CA ASN E 67 -2.00 -9.23 74.12
C ASN E 67 -2.67 -9.40 75.50
N SER E 68 -3.86 -8.81 75.74
CA SER E 68 -4.55 -8.92 77.03
C SER E 68 -5.13 -10.31 77.24
N GLU E 69 -5.22 -10.75 78.50
CA GLU E 69 -5.78 -12.08 78.72
C GLU E 69 -7.24 -12.07 78.30
N GLU E 70 -7.89 -10.93 78.43
CA GLU E 70 -9.32 -10.86 78.06
C GLU E 70 -9.47 -11.08 76.54
N THR E 71 -8.60 -10.44 75.77
CA THR E 71 -8.61 -10.73 74.33
C THR E 71 -8.27 -12.17 74.04
N LYS E 72 -7.21 -12.69 74.65
CA LYS E 72 -6.84 -14.09 74.40
C LYS E 72 -7.96 -15.06 74.80
N GLU E 73 -8.67 -14.74 75.87
CA GLU E 73 -9.83 -15.54 76.30
C GLU E 73 -10.95 -15.50 75.28
N PHE E 74 -11.22 -14.31 74.77
CA PHE E 74 -12.19 -14.16 73.65
C PHE E 74 -11.85 -15.10 72.50
N VAL E 75 -10.59 -15.03 72.06
CA VAL E 75 -10.12 -15.95 71.02
C VAL E 75 -10.34 -17.41 71.39
N ASP E 76 -9.90 -17.79 72.58
CA ASP E 76 -10.11 -19.18 73.02
C ASP E 76 -11.59 -19.56 72.99
N ASN E 77 -12.44 -18.66 73.45
CA ASN E 77 -13.90 -18.94 73.49
C ASN E 77 -14.53 -19.07 72.06
N GLN E 78 -14.13 -18.16 71.18
CA GLN E 78 -14.61 -18.23 69.80
C GLN E 78 -14.07 -19.43 69.03
N GLU E 79 -12.81 -19.79 69.26
CA GLU E 79 -12.30 -21.04 68.73
C GLU E 79 -13.12 -22.26 69.18
N LYS E 80 -13.45 -22.29 70.46
CA LYS E 80 -14.20 -23.42 70.99
C LYS E 80 -15.58 -23.48 70.33
N LEU E 81 -16.26 -22.33 70.25
CA LEU E 81 -17.55 -22.26 69.57
C LEU E 81 -17.44 -22.74 68.12
N ALA E 82 -16.47 -22.20 67.40
CA ALA E 82 -16.23 -22.56 65.99
C ALA E 82 -16.05 -24.02 65.78
N ASN E 83 -15.17 -24.62 66.60
CA ASN E 83 -14.93 -26.02 66.52
C ASN E 83 -16.22 -26.81 66.75
N SER E 84 -17.04 -26.37 67.68
CA SER E 84 -18.29 -27.04 67.94
C SER E 84 -19.23 -27.00 66.73
N VAL E 85 -19.27 -25.87 66.04
CA VAL E 85 -20.14 -25.75 64.87
C VAL E 85 -19.55 -26.57 63.72
N LEU E 86 -18.26 -26.44 63.49
CA LEU E 86 -17.65 -27.16 62.42
C LEU E 86 -17.75 -28.68 62.59
N GLU E 87 -17.79 -29.19 63.84
CA GLU E 87 -18.03 -30.62 64.13
C GLU E 87 -19.36 -31.11 63.56
N GLU E 88 -20.33 -30.22 63.49
CA GLU E 88 -21.63 -30.53 62.86
C GLU E 88 -21.60 -30.58 61.31
N CYS E 89 -20.51 -30.07 60.72
CA CYS E 89 -20.46 -29.89 59.29
C CYS E 89 -19.79 -31.11 58.75
N GLU E 90 -20.61 -32.08 58.41
CA GLU E 90 -20.12 -33.43 58.14
C GLU E 90 -19.47 -33.63 56.77
N LEU E 91 -19.49 -32.64 55.90
CA LEU E 91 -18.80 -32.76 54.64
C LEU E 91 -17.40 -32.15 54.64
N ILE E 92 -16.95 -31.59 55.75
CA ILE E 92 -15.61 -31.00 55.77
C ILE E 92 -14.56 -32.05 55.35
N ASP E 93 -14.66 -33.24 55.90
CA ASP E 93 -13.66 -34.28 55.58
C ASP E 93 -13.72 -34.73 54.11
N LYS E 94 -14.91 -34.78 53.53
CA LYS E 94 -15.08 -35.10 52.14
C LYS E 94 -14.51 -34.02 51.25
N PHE E 95 -14.75 -32.75 51.59
CA PHE E 95 -14.19 -31.69 50.78
C PHE E 95 -12.65 -31.77 50.88
N LYS E 96 -12.14 -31.95 52.08
CA LYS E 96 -10.71 -31.91 52.34
C LYS E 96 -9.96 -32.96 51.48
N GLN E 97 -10.47 -34.19 51.44
CA GLN E 97 -9.79 -35.26 50.72
C GLN E 97 -9.89 -35.04 49.19
N LYS E 98 -11.02 -34.52 48.75
CA LYS E 98 -11.18 -34.22 47.35
C LYS E 98 -10.31 -33.10 46.90
N ILE E 99 -10.06 -32.11 47.75
CA ILE E 99 -9.19 -31.00 47.45
C ILE E 99 -7.75 -31.47 47.37
N ILE E 100 -7.33 -32.25 48.36
CA ILE E 100 -6.04 -32.93 48.35
C ILE E 100 -5.81 -33.75 47.09
N ASP E 101 -6.78 -34.58 46.70
CA ASP E 101 -6.66 -35.39 45.54
C ASP E 101 -6.60 -34.56 44.23
N PHE E 102 -7.38 -33.51 44.13
CA PHE E 102 -7.33 -32.65 42.97
C PHE E 102 -6.07 -31.80 42.88
N VAL E 103 -5.47 -31.43 44.00
CA VAL E 103 -4.22 -30.62 44.02
C VAL E 103 -2.97 -31.44 43.78
N ASN E 104 -3.10 -32.77 43.84
CA ASN E 104 -1.95 -33.68 43.82
C ASN E 104 -1.45 -34.01 42.40
N PHE E 105 -0.84 -32.99 41.81
CA PHE E 105 -0.28 -33.02 40.49
C PHE E 105 0.96 -32.15 40.42
N PRO E 106 2.00 -32.63 39.70
CA PRO E 106 3.21 -31.84 39.63
C PRO E 106 2.97 -30.53 38.85
N ARG E 107 3.67 -29.47 39.31
CA ARG E 107 3.61 -28.17 38.75
C ARG E 107 5.01 -27.62 38.53
N CYS E 108 5.30 -27.33 37.26
CA CYS E 108 6.52 -26.68 36.83
C CYS E 108 6.19 -25.24 36.42
N GLY E 109 6.75 -24.25 37.14
CA GLY E 109 6.52 -22.84 36.83
C GLY E 109 7.20 -22.35 35.57
N VAL E 110 6.88 -21.10 35.17
CA VAL E 110 7.51 -20.48 33.99
C VAL E 110 9.02 -20.37 34.19
N PRO E 111 9.82 -20.91 33.26
CA PRO E 111 11.28 -20.81 33.41
C PRO E 111 11.80 -19.45 32.99
N PHE E 112 12.83 -18.99 33.63
CA PHE E 112 13.52 -17.85 33.14
C PHE E 112 15.00 -18.18 33.00
N ARG E 113 15.66 -17.40 32.15
CA ARG E 113 17.04 -17.70 31.78
C ARG E 113 18.03 -16.63 32.27
N ARG E 114 19.21 -17.08 32.72
CA ARG E 114 20.38 -16.20 33.04
C ARG E 114 21.59 -16.91 32.50
N ALA E 115 22.37 -16.22 31.70
CA ALA E 115 23.54 -16.81 31.06
C ALA E 115 23.06 -18.10 30.35
N ASN E 116 23.63 -19.26 30.66
CA ASN E 116 23.25 -20.47 29.97
C ASN E 116 22.48 -21.40 30.87
N LYS E 117 21.89 -20.86 31.94
CA LYS E 117 21.09 -21.65 32.86
C LYS E 117 19.63 -21.24 32.85
N TYR E 118 18.77 -22.19 33.26
CA TYR E 118 17.38 -21.98 33.36
C TYR E 118 16.95 -22.20 34.81
N PHE E 119 16.00 -21.40 35.28
CA PHE E 119 15.51 -21.48 36.61
C PHE E 119 14.01 -21.55 36.61
N HIS E 120 13.47 -22.31 37.56
CA HIS E 120 12.04 -22.34 37.79
C HIS E 120 11.66 -22.94 39.11
N PHE E 121 10.44 -22.70 39.53
CA PHE E 121 9.86 -23.32 40.69
C PHE E 121 9.20 -24.62 40.29
N TYR E 122 9.33 -25.58 41.21
CA TYR E 122 8.70 -26.91 41.07
C TYR E 122 7.98 -27.35 42.35
N ASN E 123 6.89 -28.09 42.20
CA ASN E 123 6.20 -28.68 43.29
C ASN E 123 5.73 -30.03 42.79
N SER E 124 6.01 -31.09 43.55
CA SER E 124 5.62 -32.45 43.15
C SER E 124 4.11 -32.63 43.25
N GLY E 125 3.43 -31.73 43.99
CA GLY E 125 1.95 -31.69 44.07
C GLY E 125 1.49 -31.24 45.45
N LEU E 126 2.04 -31.87 46.49
CA LEU E 126 1.59 -31.62 47.86
C LEU E 126 2.70 -31.13 48.78
N GLN E 127 3.76 -30.61 48.23
CA GLN E 127 4.82 -30.01 49.05
C GLN E 127 4.27 -28.71 49.63
N ALA E 128 4.66 -28.43 50.85
CA ALA E 128 4.17 -27.24 51.55
C ALA E 128 4.39 -25.93 50.74
N GLN E 129 5.57 -25.82 50.13
CA GLN E 129 5.97 -24.71 49.29
C GLN E 129 6.76 -25.22 48.04
N ASN E 130 6.82 -24.39 47.03
CA ASN E 130 7.51 -24.68 45.77
C ASN E 130 8.99 -24.56 45.97
N VAL E 131 9.71 -25.46 45.27
CA VAL E 131 11.16 -25.58 45.37
C VAL E 131 11.77 -24.84 44.19
N PHE E 132 12.82 -24.07 44.45
CA PHE E 132 13.51 -23.35 43.37
C PHE E 132 14.65 -24.18 42.78
N GLN E 133 14.61 -24.39 41.48
CA GLN E 133 15.49 -25.37 40.76
C GLN E 133 16.20 -24.70 39.64
N MET E 134 17.35 -25.25 39.27
CA MET E 134 18.19 -24.78 38.19
C MET E 134 18.49 -25.95 37.22
N GLN E 135 18.60 -25.64 35.93
CA GLN E 135 18.97 -26.62 34.92
C GLN E 135 19.93 -25.98 33.97
N ASP E 136 20.71 -26.82 33.28
CA ASP E 136 21.54 -26.40 32.17
C ASP E 136 20.75 -26.40 30.88
N ASP E 137 19.68 -27.19 30.86
CA ASP E 137 18.88 -27.39 29.68
C ASP E 137 17.43 -27.49 30.09
N LEU E 138 16.53 -26.92 29.31
CA LEU E 138 15.09 -26.91 29.61
C LEU E 138 14.49 -28.28 29.91
N ASP E 139 15.01 -29.34 29.29
CA ASP E 139 14.48 -30.69 29.56
C ASP E 139 15.55 -31.53 30.25
N GLY E 140 16.52 -30.88 30.91
CA GLY E 140 17.63 -31.57 31.56
C GLY E 140 17.32 -31.73 33.03
N LYS E 141 18.21 -32.43 33.72
CA LYS E 141 17.97 -32.82 35.10
C LYS E 141 18.04 -31.58 36.01
N PRO E 142 17.00 -31.36 36.82
CA PRO E 142 17.04 -30.21 37.70
C PRO E 142 17.89 -30.41 38.94
N GLU E 143 18.51 -29.35 39.40
CA GLU E 143 19.20 -29.36 40.67
C GLU E 143 18.39 -28.39 41.61
N VAL E 144 18.17 -28.80 42.85
CA VAL E 144 17.53 -27.96 43.83
C VAL E 144 18.49 -26.86 44.26
N LEU E 145 18.09 -25.61 44.09
CA LEU E 145 18.89 -24.49 44.58
C LEU E 145 18.47 -24.12 46.00
N TYR E 146 17.16 -24.04 46.24
CA TYR E 146 16.65 -23.73 47.57
C TYR E 146 15.29 -24.40 47.80
N ASP E 147 15.18 -25.08 48.93
CA ASP E 147 13.96 -25.80 49.34
C ASP E 147 13.36 -25.25 50.63
N PRO E 148 12.31 -24.39 50.52
CA PRO E 148 11.72 -23.76 51.68
C PRO E 148 11.11 -24.73 52.68
N ASN E 149 10.83 -25.94 52.23
CA ASN E 149 10.19 -26.91 53.06
C ASN E 149 11.04 -27.36 54.20
N LEU E 150 12.34 -27.15 54.09
CA LEU E 150 13.28 -27.54 55.14
C LEU E 150 13.31 -26.54 56.26
N ARG E 151 12.63 -25.42 56.11
CA ARG E 151 12.70 -24.38 57.12
C ARG E 151 11.32 -24.11 57.71
N GLU E 152 11.19 -24.27 59.03
CA GLU E 152 9.88 -24.06 59.72
C GLU E 152 8.74 -24.87 59.04
N GLY E 153 9.06 -26.08 58.63
CA GLY E 153 8.14 -26.97 57.90
C GLY E 153 7.47 -26.38 56.66
N GLY E 154 8.14 -25.43 56.02
CA GLY E 154 7.56 -24.70 54.90
C GLY E 154 6.40 -23.81 55.22
N ARG E 155 6.41 -23.14 56.39
CA ARG E 155 5.31 -22.21 56.74
C ARG E 155 5.18 -21.15 55.67
N SER E 156 6.33 -20.64 55.22
CA SER E 156 6.37 -19.66 54.16
C SER E 156 7.30 -20.08 53.00
N GLY E 157 6.97 -19.63 51.79
CA GLY E 157 7.77 -19.96 50.60
C GLY E 157 8.64 -18.78 50.23
N LEU E 158 9.26 -18.87 49.06
CA LEU E 158 10.01 -17.74 48.53
C LEU E 158 9.10 -16.70 47.88
N SER E 159 9.27 -15.47 48.30
CA SER E 159 8.66 -14.32 47.64
C SER E 159 9.74 -13.45 46.96
N LEU E 160 10.95 -13.39 47.55
CA LEU E 160 12.10 -12.69 46.95
C LEU E 160 13.09 -13.72 46.42
N TYR E 161 13.36 -13.66 45.13
CA TYR E 161 14.24 -14.62 44.48
C TYR E 161 14.77 -13.70 43.37
N SER E 162 16.09 -13.74 43.20
CA SER E 162 16.74 -13.01 42.17
C SER E 162 18.03 -13.71 41.79
N VAL E 163 18.23 -13.99 40.50
CA VAL E 163 19.51 -14.56 40.02
C VAL E 163 20.35 -13.56 39.29
N SER E 164 21.67 -13.63 39.50
CA SER E 164 22.60 -12.66 38.93
C SER E 164 22.69 -12.90 37.42
N GLU E 165 23.08 -11.88 36.70
CA GLU E 165 23.17 -11.93 35.27
C GLU E 165 24.06 -13.03 34.73
N ASP E 166 25.10 -13.38 35.48
CA ASP E 166 25.99 -14.46 35.10
C ASP E 166 25.59 -15.83 35.66
N ALA E 167 24.46 -15.88 36.34
CA ALA E 167 23.89 -17.12 36.89
C ALA E 167 24.71 -17.77 38.02
N LYS E 168 25.71 -17.07 38.51
CA LYS E 168 26.52 -17.55 39.61
C LYS E 168 25.97 -17.30 41.00
N TYR E 169 25.06 -16.33 41.17
CA TYR E 169 24.51 -16.05 42.48
C TYR E 169 23.01 -15.96 42.54
N PHE E 170 22.48 -16.37 43.68
CA PHE E 170 21.03 -16.39 43.92
C PHE E 170 20.77 -15.68 45.23
N ALA E 171 20.08 -14.55 45.13
CA ALA E 171 19.66 -13.76 46.34
C ALA E 171 18.20 -14.02 46.66
N PHE E 172 17.87 -14.33 47.90
CA PHE E 172 16.50 -14.65 48.27
C PHE E 172 16.20 -14.24 49.70
N GLY E 173 14.92 -14.04 49.96
CA GLY E 173 14.40 -13.65 51.27
C GLY E 173 13.89 -14.80 52.11
N ILE E 174 14.27 -14.77 53.37
CA ILE E 174 13.77 -15.71 54.36
C ILE E 174 13.05 -14.95 55.47
N HIS E 175 11.86 -15.45 55.87
CA HIS E 175 11.16 -14.93 57.06
C HIS E 175 11.73 -15.59 58.31
N SER E 176 11.89 -14.87 59.39
CA SER E 176 12.33 -15.52 60.64
C SER E 176 11.30 -15.28 61.76
N GLY E 177 10.26 -16.08 61.73
CA GLY E 177 9.15 -15.90 62.64
C GLY E 177 7.96 -15.39 61.87
N LEU E 178 6.97 -14.91 62.61
CA LEU E 178 5.67 -14.63 62.01
C LEU E 178 5.53 -13.23 61.42
N THR E 179 6.47 -12.35 61.74
CA THR E 179 6.43 -11.00 61.23
C THR E 179 6.66 -10.92 59.72
N GLU E 180 6.43 -9.74 59.19
CA GLU E 180 6.62 -9.48 57.75
C GLU E 180 8.12 -9.27 57.38
N TRP E 181 9.01 -9.10 58.36
CA TRP E 181 10.43 -8.83 58.08
C TRP E 181 11.14 -10.01 57.41
N VAL E 182 11.97 -9.70 56.44
CA VAL E 182 12.72 -10.66 55.63
C VAL E 182 14.21 -10.42 55.86
N THR E 183 14.98 -11.51 55.81
CA THR E 183 16.44 -11.46 55.72
C THR E 183 16.84 -11.91 54.32
N ILE E 184 17.67 -11.13 53.66
CA ILE E 184 18.23 -11.55 52.38
C ILE E 184 19.52 -12.34 52.58
N LYS E 185 19.60 -13.50 51.94
CA LYS E 185 20.82 -14.28 51.87
C LYS E 185 21.18 -14.48 50.41
N ILE E 186 22.44 -14.86 50.16
CA ILE E 186 22.97 -15.10 48.80
C ILE E 186 23.72 -16.44 48.75
N LEU E 187 23.29 -17.30 47.82
CA LEU E 187 23.91 -18.61 47.58
C LEU E 187 24.68 -18.58 46.32
N LYS E 188 25.73 -19.36 46.25
CA LYS E 188 26.41 -19.60 44.97
C LYS E 188 25.78 -20.77 44.30
N THR E 189 25.39 -20.59 43.04
CA THR E 189 24.69 -21.65 42.35
C THR E 189 25.58 -22.87 42.05
N GLU E 190 26.88 -22.65 41.93
CA GLU E 190 27.81 -23.70 41.57
C GLU E 190 27.86 -24.84 42.62
N ASP E 191 27.86 -24.51 43.91
CA ASP E 191 27.88 -25.53 44.98
C ASP E 191 26.88 -25.36 46.09
N ARG E 192 25.96 -24.40 45.97
CA ARG E 192 24.92 -24.17 46.96
C ARG E 192 25.47 -23.72 48.32
N SER E 193 26.65 -23.13 48.32
CA SER E 193 27.18 -22.55 49.52
C SER E 193 26.69 -21.11 49.72
N TYR E 194 26.48 -20.72 50.97
CA TYR E 194 26.06 -19.36 51.29
C TYR E 194 27.23 -18.41 51.38
N LEU E 195 27.05 -17.20 50.87
CA LEU E 195 27.93 -16.11 51.17
C LEU E 195 27.64 -15.69 52.62
N PRO E 196 28.59 -15.03 53.30
CA PRO E 196 28.33 -14.54 54.65
C PRO E 196 27.36 -13.42 54.74
N ASP E 197 27.22 -12.66 53.65
CA ASP E 197 26.35 -11.51 53.61
C ASP E 197 24.93 -11.80 54.16
N THR E 198 24.47 -10.99 55.11
CA THR E 198 23.11 -11.12 55.65
C THR E 198 22.45 -9.77 55.73
N LEU E 199 21.40 -9.55 54.96
CA LEU E 199 20.82 -8.21 54.91
C LEU E 199 19.48 -8.27 55.62
N GLU E 200 19.35 -7.48 56.68
CA GLU E 200 18.14 -7.39 57.49
C GLU E 200 17.29 -6.16 57.18
N TRP E 201 16.10 -6.15 57.75
CA TRP E 201 15.21 -5.00 57.65
C TRP E 201 14.66 -4.78 56.27
N VAL E 202 14.36 -5.90 55.60
CA VAL E 202 13.77 -5.86 54.27
C VAL E 202 12.32 -6.36 54.40
N LYS E 203 11.44 -5.89 53.53
CA LYS E 203 10.07 -6.42 53.43
C LYS E 203 9.78 -6.95 52.04
N PHE E 204 9.33 -6.10 51.12
CA PHE E 204 8.95 -6.60 49.80
C PHE E 204 9.94 -6.25 48.67
N SER E 205 11.10 -5.74 49.03
CA SER E 205 12.04 -5.27 48.07
C SER E 205 12.49 -6.38 47.14
N PRO E 206 12.74 -6.05 45.89
CA PRO E 206 13.46 -6.96 45.05
C PRO E 206 14.97 -6.75 45.25
N ALA E 207 15.75 -7.58 44.60
CA ALA E 207 17.17 -7.46 44.59
C ALA E 207 17.53 -7.33 43.17
N ILE E 208 17.99 -6.15 42.80
CA ILE E 208 18.17 -5.84 41.40
C ILE E 208 19.64 -5.80 41.06
N TRP E 209 20.09 -6.76 40.25
CA TRP E 209 21.51 -6.94 40.02
C TRP E 209 22.04 -6.04 38.95
N THR E 210 23.25 -5.50 39.19
CA THR E 210 23.95 -4.81 38.14
C THR E 210 24.60 -5.83 37.23
N HIS E 211 24.80 -5.46 35.96
CA HIS E 211 25.32 -6.38 34.96
C HIS E 211 26.80 -6.76 35.09
N ASP E 212 27.53 -6.04 35.95
CA ASP E 212 28.87 -6.41 36.30
C ASP E 212 28.92 -7.58 37.31
N ASN E 213 27.74 -8.00 37.83
CA ASN E 213 27.68 -9.04 38.86
C ASN E 213 28.35 -8.71 40.21
N LYS E 214 28.62 -7.44 40.50
CA LYS E 214 29.28 -7.09 41.75
C LYS E 214 28.33 -6.97 42.94
N GLY E 215 27.03 -6.84 42.68
CA GLY E 215 26.05 -6.59 43.70
C GLY E 215 24.71 -6.16 43.16
N PHE E 216 23.85 -5.69 44.04
CA PHE E 216 22.48 -5.42 43.71
C PHE E 216 21.89 -4.29 44.53
N PHE E 217 20.91 -3.62 43.88
CA PHE E 217 20.09 -2.62 44.53
C PHE E 217 19.01 -3.33 45.33
N TYR E 218 18.67 -2.77 46.48
CA TYR E 218 17.47 -3.22 47.23
C TYR E 218 16.99 -2.06 48.10
N CYS E 219 15.85 -2.22 48.73
CA CYS E 219 15.15 -1.11 49.37
C CYS E 219 14.72 -1.45 50.83
N PRO E 220 15.64 -1.38 51.76
CA PRO E 220 15.41 -1.77 53.14
C PRO E 220 14.86 -0.62 53.94
N TYR E 221 14.51 -0.89 55.18
CA TYR E 221 14.09 0.12 56.12
C TYR E 221 15.21 0.30 57.15
N PRO E 222 15.22 1.44 57.87
CA PRO E 222 16.23 1.60 58.90
C PRO E 222 15.98 0.67 60.12
N PRO E 223 17.03 0.34 60.86
CA PRO E 223 16.84 -0.53 62.03
C PRO E 223 15.65 -0.20 62.95
N VAL E 236 8.58 2.62 57.92
CA VAL E 236 8.71 3.91 57.21
C VAL E 236 10.14 4.39 56.99
N ASN E 237 10.28 5.47 56.23
CA ASN E 237 11.58 5.99 55.86
C ASN E 237 12.36 4.95 55.06
N GLN E 238 11.68 4.25 54.16
CA GLN E 238 12.35 3.30 53.23
C GLN E 238 13.51 3.94 52.49
N GLU E 239 14.56 3.19 52.29
CA GLU E 239 15.74 3.66 51.60
C GLU E 239 15.99 2.82 50.36
N ALA E 240 16.71 3.40 49.40
CA ALA E 240 17.29 2.64 48.28
C ALA E 240 18.78 2.53 48.55
N ARG E 241 19.28 1.30 48.57
CA ARG E 241 20.66 0.96 48.87
C ARG E 241 21.26 0.07 47.79
N TYR E 242 22.57 0.15 47.67
CA TYR E 242 23.31 -0.81 46.84
C TYR E 242 24.26 -1.66 47.69
N HIS E 243 24.14 -2.96 47.55
CA HIS E 243 24.92 -3.91 48.32
C HIS E 243 25.95 -4.55 47.41
N PHE E 244 27.21 -4.36 47.77
CA PHE E 244 28.32 -5.10 47.19
C PHE E 244 28.47 -6.52 47.80
N LEU E 245 28.59 -7.53 46.92
CA LEU E 245 28.87 -8.88 47.39
C LEU E 245 30.14 -8.89 48.21
N GLY E 246 30.12 -9.63 49.30
CA GLY E 246 31.31 -9.88 50.16
C GLY E 246 31.48 -8.84 51.27
N THR E 247 30.49 -7.98 51.45
CA THR E 247 30.57 -6.88 52.43
C THR E 247 29.43 -7.04 53.44
N ASP E 248 29.58 -6.44 54.60
CA ASP E 248 28.54 -6.35 55.62
C ASP E 248 27.48 -5.30 55.16
N GLN E 249 26.24 -5.47 55.61
CA GLN E 249 25.14 -4.53 55.30
C GLN E 249 25.46 -3.11 55.74
N SER E 250 26.22 -2.97 56.84
CA SER E 250 26.65 -1.61 57.29
C SER E 250 27.41 -0.84 56.23
N GLU E 251 27.99 -1.53 55.26
CA GLU E 251 28.77 -0.87 54.22
C GLU E 251 27.93 -0.51 52.98
N ASP E 252 26.67 -0.83 52.99
CA ASP E 252 25.86 -0.65 51.75
C ASP E 252 25.71 0.85 51.44
N ILE E 253 25.80 1.20 50.16
CA ILE E 253 25.75 2.60 49.69
C ILE E 253 24.31 3.14 49.71
N LEU E 254 24.10 4.30 50.31
CA LEU E 254 22.79 4.92 50.33
C LEU E 254 22.60 5.65 48.99
N LEU E 255 21.57 5.29 48.23
CA LEU E 255 21.23 6.10 47.02
C LEU E 255 20.09 7.10 47.22
N TRP E 256 19.11 6.79 48.09
CA TRP E 256 17.97 7.64 48.31
C TRP E 256 17.28 7.40 49.64
N ARG E 257 16.80 8.50 50.27
CA ARG E 257 15.92 8.38 51.47
C ARG E 257 14.73 9.32 51.82
N ASP E 258 14.80 10.58 51.63
CA ASP E 258 13.61 11.39 52.09
C ASP E 258 12.95 11.31 53.54
N LEU E 259 13.66 11.89 54.50
CA LEU E 259 13.16 11.99 55.86
C LEU E 259 11.98 12.98 55.96
N GLU E 260 11.85 13.87 55.00
CA GLU E 260 10.70 14.84 54.95
C GLU E 260 9.40 14.15 54.58
N ASN E 261 9.47 12.97 53.96
CA ASN E 261 8.27 12.26 53.49
C ASN E 261 8.35 10.79 53.85
N PRO E 262 8.23 10.50 55.14
CA PRO E 262 8.55 9.18 55.63
C PRO E 262 7.61 8.10 55.15
N ALA E 263 6.41 8.46 54.67
CA ALA E 263 5.46 7.47 54.19
C ALA E 263 5.65 7.12 52.68
N HIS E 264 6.46 7.87 51.94
CA HIS E 264 6.71 7.54 50.52
C HIS E 264 7.46 6.21 50.44
N HIS E 265 7.03 5.31 49.54
CA HIS E 265 7.66 4.03 49.40
C HIS E 265 8.22 3.77 48.00
N LEU E 266 9.04 2.73 47.84
CA LEU E 266 9.92 2.64 46.69
C LEU E 266 9.78 1.34 45.91
N LYS E 267 9.99 1.43 44.60
CA LYS E 267 10.27 0.28 43.77
C LYS E 267 11.44 0.61 42.88
N CYS E 268 12.08 -0.40 42.28
CA CYS E 268 13.22 -0.10 41.43
C CYS E 268 13.48 -1.16 40.34
N GLN E 269 14.35 -0.81 39.42
CA GLN E 269 14.50 -1.55 38.19
C GLN E 269 15.82 -1.14 37.59
N ILE E 270 16.48 -2.06 36.85
CA ILE E 270 17.64 -1.65 36.00
C ILE E 270 17.22 -1.93 34.56
N THR E 271 17.61 -1.08 33.62
CA THR E 271 17.22 -1.30 32.24
C THR E 271 17.87 -2.51 31.65
N ASP E 272 17.31 -3.03 30.58
CA ASP E 272 17.88 -4.25 29.88
C ASP E 272 19.32 -4.16 29.47
N ASP E 273 19.75 -2.97 29.10
CA ASP E 273 21.11 -2.69 28.71
C ASP E 273 22.02 -2.49 29.90
N GLY E 274 21.48 -2.49 31.10
CA GLY E 274 22.31 -2.38 32.34
C GLY E 274 22.84 -0.99 32.58
N LYS E 275 22.37 -0.02 31.81
CA LYS E 275 22.93 1.34 31.88
C LYS E 275 22.27 2.25 32.93
N TYR E 276 20.99 2.07 33.16
CA TYR E 276 20.24 2.96 34.05
C TYR E 276 19.57 2.26 35.18
N PHE E 277 19.76 2.84 36.36
CA PHE E 277 19.00 2.44 37.53
C PHE E 277 17.81 3.37 37.64
N LEU E 278 16.63 2.80 37.69
CA LEU E 278 15.40 3.57 37.78
C LEU E 278 14.84 3.37 39.17
N LEU E 279 14.55 4.49 39.83
CA LEU E 279 13.87 4.46 41.13
C LEU E 279 12.47 5.04 40.99
N TYR E 280 11.50 4.27 41.45
CA TYR E 280 10.13 4.74 41.42
C TYR E 280 9.70 5.06 42.85
N ILE E 281 9.07 6.20 43.02
CA ILE E 281 8.57 6.64 44.34
C ILE E 281 7.07 6.72 44.33
N LEU E 282 6.46 6.12 45.32
CA LEU E 282 5.02 6.00 45.41
C LEU E 282 4.50 6.55 46.74
N ASP E 283 3.25 6.99 46.71
CA ASP E 283 2.57 7.47 47.91
C ASP E 283 1.29 6.66 48.08
N GLY E 284 1.11 5.98 49.19
CA GLY E 284 -0.14 5.27 49.42
C GLY E 284 -0.33 4.17 48.43
N CYS E 285 -1.58 3.88 48.08
CA CYS E 285 -1.85 2.76 47.17
C CYS E 285 -2.27 3.24 45.77
N ASP E 286 -2.22 4.55 45.53
CA ASP E 286 -2.62 5.10 44.22
C ASP E 286 -1.72 4.59 43.08
N ASP E 287 -2.29 4.41 41.87
CA ASP E 287 -1.50 4.02 40.68
C ASP E 287 -0.89 5.30 40.09
N ALA E 288 0.18 5.73 40.71
CA ALA E 288 0.90 6.95 40.31
C ALA E 288 2.24 6.91 40.97
N ASN E 289 3.24 7.44 40.28
CA ASN E 289 4.60 7.37 40.77
C ASN E 289 5.55 8.35 40.14
N LYS E 290 6.58 8.68 40.93
CA LYS E 290 7.72 9.40 40.44
C LYS E 290 8.68 8.45 39.67
N VAL E 291 9.48 9.04 38.78
CA VAL E 291 10.52 8.33 38.05
C VAL E 291 11.83 9.12 38.17
N TYR E 292 12.81 8.51 38.85
CA TYR E 292 14.18 9.04 38.91
C TYR E 292 15.13 8.08 38.18
N CYS E 293 16.01 8.63 37.37
CA CYS E 293 16.90 7.86 36.50
C CYS E 293 18.34 8.20 36.79
N LEU E 294 19.11 7.15 37.05
CA LEU E 294 20.53 7.27 37.33
C LEU E 294 21.32 6.54 36.23
N ASP E 295 22.09 7.31 35.49
CA ASP E 295 23.00 6.79 34.48
C ASP E 295 24.25 6.15 35.11
N LEU E 296 24.32 4.83 35.12
CA LEU E 296 25.42 4.14 35.78
C LEU E 296 26.68 4.26 34.97
N THR E 297 26.56 4.61 33.70
CA THR E 297 27.76 4.71 32.85
C THR E 297 28.52 6.02 33.09
N LYS E 298 27.93 6.99 33.80
CA LYS E 298 28.56 8.30 33.97
C LYS E 298 29.12 8.53 35.37
N LEU E 299 29.23 7.49 36.15
CA LEU E 299 29.82 7.63 37.50
C LEU E 299 31.32 7.57 37.41
N PRO E 300 32.02 8.55 38.03
CA PRO E 300 33.49 8.59 37.95
C PRO E 300 34.13 7.31 38.52
N ASN E 301 33.56 6.78 39.59
CA ASN E 301 34.07 5.56 40.24
C ASN E 301 32.96 4.54 40.59
N GLY E 302 32.09 4.20 39.63
CA GLY E 302 31.01 3.21 39.89
C GLY E 302 30.16 3.63 41.06
N LEU E 303 29.52 2.67 41.70
CA LEU E 303 28.65 2.97 42.82
C LEU E 303 29.43 3.35 44.08
N GLU E 304 30.65 2.90 44.16
CA GLU E 304 31.64 3.50 45.11
C GLU E 304 31.69 5.05 45.10
N SER E 305 31.54 5.66 43.93
CA SER E 305 31.48 7.13 43.84
C SER E 305 30.68 7.77 44.99
N PHE E 306 29.71 7.06 45.57
CA PHE E 306 28.93 7.62 46.68
C PHE E 306 29.34 7.13 48.06
N ARG E 307 30.61 6.76 48.19
CA ARG E 307 31.09 6.09 49.45
C ARG E 307 30.82 6.89 50.75
N ALA E 313 22.15 10.47 45.89
CA ALA E 313 22.76 10.36 44.55
C ALA E 313 22.13 11.31 43.53
N PRO E 314 22.85 11.66 42.42
CA PRO E 314 22.43 12.62 41.38
C PRO E 314 21.43 12.05 40.34
N PHE E 315 20.21 11.82 40.80
CA PHE E 315 19.19 11.32 39.91
C PHE E 315 18.78 12.43 38.96
N MET E 316 18.47 12.02 37.74
CA MET E 316 17.70 12.83 36.84
C MET E 316 16.23 12.61 37.21
N LYS E 317 15.61 13.65 37.72
CA LYS E 317 14.24 13.52 38.20
C LYS E 317 13.28 13.74 37.01
N LEU E 318 13.16 12.73 36.15
CA LEU E 318 12.30 12.80 34.98
C LEU E 318 10.86 13.16 35.33
N ILE E 319 10.26 12.48 36.31
CA ILE E 319 8.92 12.76 36.82
C ILE E 319 9.00 12.90 38.34
N ASP E 320 8.60 14.06 38.85
CA ASP E 320 8.78 14.39 40.27
C ASP E 320 7.45 14.82 40.89
N SER E 321 6.35 14.20 40.44
CA SER E 321 5.07 14.38 41.07
C SER E 321 4.32 13.07 41.08
N PHE E 322 3.17 13.07 41.73
CA PHE E 322 2.32 11.88 41.76
C PHE E 322 1.09 12.00 40.85
N ASP E 323 1.25 12.63 39.69
CA ASP E 323 0.13 12.83 38.78
C ASP E 323 -0.29 11.61 37.99
N ALA E 324 0.64 10.71 37.73
CA ALA E 324 0.35 9.56 36.85
C ALA E 324 1.30 8.40 37.11
N SER E 325 0.93 7.22 36.61
CA SER E 325 1.79 6.04 36.66
C SER E 325 2.68 6.02 35.49
N TYR E 326 3.90 5.50 35.74
CA TYR E 326 4.94 5.38 34.73
C TYR E 326 5.76 4.14 34.96
N THR E 327 5.80 3.25 33.96
CA THR E 327 6.64 2.06 34.03
C THR E 327 7.47 1.98 32.78
N ALA E 328 8.78 1.93 32.95
CA ALA E 328 9.66 1.84 31.83
C ALA E 328 9.59 0.47 31.17
N ILE E 329 9.39 0.46 29.87
CA ILE E 329 9.24 -0.81 29.08
C ILE E 329 10.50 -1.11 28.34
N ALA E 330 11.08 -0.08 27.73
CA ALA E 330 12.30 -0.19 26.93
C ALA E 330 13.02 1.10 26.81
N ASN E 331 14.27 1.01 26.46
CA ASN E 331 15.01 2.19 26.05
C ASN E 331 16.04 1.85 25.03
N ASP E 332 16.26 2.81 24.14
CA ASP E 332 17.37 2.72 23.12
C ASP E 332 18.28 3.92 23.48
N GLY E 333 19.38 3.67 24.18
CA GLY E 333 20.20 4.75 24.80
C GLY E 333 19.31 5.63 25.70
N SER E 334 19.27 6.93 25.42
CA SER E 334 18.53 7.85 26.27
C SER E 334 17.04 7.94 25.91
N VAL E 335 16.58 7.20 24.87
CA VAL E 335 15.20 7.32 24.37
C VAL E 335 14.37 6.21 25.00
N PHE E 336 13.49 6.60 25.92
CA PHE E 336 12.69 5.69 26.75
C PHE E 336 11.26 5.53 26.29
N THR E 337 10.75 4.32 26.39
CA THR E 337 9.34 4.00 26.16
C THR E 337 8.73 3.62 27.51
N PHE E 338 7.70 4.39 27.91
CA PHE E 338 6.94 4.14 29.14
C PHE E 338 5.51 3.73 28.86
N GLN E 339 5.00 2.86 29.72
CA GLN E 339 3.59 2.71 29.91
C GLN E 339 3.10 3.74 30.94
N THR E 340 2.00 4.40 30.67
CA THR E 340 1.48 5.44 31.60
C THR E 340 -0.03 5.56 31.54
N ASN E 341 -0.62 6.06 32.65
CA ASN E 341 -2.02 6.46 32.68
C ASN E 341 -2.20 7.98 32.60
N LYS E 342 -1.14 8.72 32.27
CA LYS E 342 -1.23 10.20 32.12
C LYS E 342 -2.21 10.55 31.02
N ASP E 343 -3.26 11.26 31.37
CA ASP E 343 -4.34 11.62 30.43
C ASP E 343 -4.89 10.37 29.73
N ALA E 344 -4.79 9.23 30.37
CA ALA E 344 -5.15 7.98 29.69
C ALA E 344 -5.58 6.95 30.74
N PRO E 345 -6.85 7.01 31.18
CA PRO E 345 -7.23 6.08 32.25
C PRO E 345 -7.22 4.62 31.87
N ARG E 346 -7.18 4.29 30.57
CA ARG E 346 -6.99 2.95 30.09
C ARG E 346 -5.55 2.67 29.67
N LYS E 347 -4.65 3.59 29.98
CA LYS E 347 -3.19 3.45 29.77
C LYS E 347 -2.80 3.52 28.29
N LYS E 348 -1.54 3.90 28.08
CA LYS E 348 -0.98 3.99 26.77
C LYS E 348 0.55 3.87 26.81
N LEU E 349 1.20 3.76 25.65
CA LEU E 349 2.63 3.83 25.57
C LEU E 349 3.08 5.16 24.99
N VAL E 350 4.08 5.75 25.68
CA VAL E 350 4.67 7.04 25.30
C VAL E 350 6.21 6.95 25.21
N ARG E 351 6.81 7.93 24.56
CA ARG E 351 8.25 7.96 24.35
C ARG E 351 8.77 9.34 24.73
N VAL E 352 9.94 9.36 25.35
CA VAL E 352 10.62 10.57 25.73
C VAL E 352 12.15 10.34 25.69
N ASP E 353 12.90 11.34 25.34
CA ASP E 353 14.33 11.32 25.36
C ASP E 353 14.80 12.00 26.63
N LEU E 354 15.56 11.30 27.46
CA LEU E 354 16.04 11.87 28.70
C LEU E 354 16.90 13.12 28.50
N ASN E 355 17.56 13.22 27.37
CA ASN E 355 18.33 14.41 27.02
C ASN E 355 17.46 15.59 26.60
N ASN E 356 16.22 15.33 26.18
CA ASN E 356 15.26 16.38 25.80
C ASN E 356 13.86 16.07 26.43
N PRO E 357 13.82 16.11 27.77
CA PRO E 357 12.67 15.52 28.51
C PRO E 357 11.34 16.30 28.48
N SER E 358 11.29 17.48 27.83
CA SER E 358 10.08 18.25 27.78
C SER E 358 9.08 17.66 26.80
N VAL E 359 9.56 16.82 25.88
CA VAL E 359 8.78 16.38 24.76
C VAL E 359 8.41 14.92 24.85
N TRP E 360 7.16 14.66 25.18
CA TRP E 360 6.67 13.30 25.27
C TRP E 360 5.75 13.05 24.06
N THR E 361 5.86 11.90 23.42
CA THR E 361 5.07 11.61 22.31
C THR E 361 4.37 10.25 22.44
N ASP E 362 3.09 10.15 22.03
CA ASP E 362 2.40 8.87 22.11
C ASP E 362 3.02 7.90 21.13
N LEU E 363 3.30 6.69 21.57
CA LEU E 363 3.76 5.61 20.67
C LEU E 363 2.60 4.66 20.33
N VAL E 364 1.87 4.23 21.37
CA VAL E 364 0.62 3.47 21.17
C VAL E 364 -0.45 4.25 21.93
N PRO E 365 -1.31 4.97 21.17
CA PRO E 365 -2.35 5.74 21.87
C PRO E 365 -3.27 4.88 22.74
N GLU E 366 -3.93 5.52 23.69
CA GLU E 366 -4.92 4.86 24.56
C GLU E 366 -6.06 4.29 23.72
N SER E 367 -6.46 3.08 24.00
CA SER E 367 -7.65 2.51 23.37
C SER E 367 -8.87 3.20 23.99
N LYS E 368 -9.88 3.45 23.16
CA LYS E 368 -11.18 3.95 23.66
C LYS E 368 -11.89 2.91 24.57
N LYS E 369 -11.53 1.66 24.47
CA LYS E 369 -12.26 0.58 25.19
C LYS E 369 -11.41 -0.33 26.10
N ASP E 370 -10.17 -0.64 25.71
CA ASP E 370 -9.42 -1.65 26.41
C ASP E 370 -8.26 -1.10 27.25
N LEU E 371 -8.11 -1.65 28.44
CA LEU E 371 -6.95 -1.39 29.34
C LEU E 371 -5.74 -1.99 28.77
N LEU E 372 -4.68 -1.21 28.65
CA LEU E 372 -3.37 -1.73 28.31
C LEU E 372 -2.75 -2.11 29.64
N GLU E 373 -2.86 -3.36 30.00
CA GLU E 373 -2.53 -3.81 31.35
C GLU E 373 -1.07 -3.92 31.57
N SER E 374 -0.36 -4.46 30.57
CA SER E 374 1.13 -4.54 30.60
C SER E 374 1.73 -4.55 29.21
N ALA E 375 3.03 -4.32 29.15
CA ALA E 375 3.78 -4.29 27.88
C ALA E 375 5.17 -4.79 28.10
N HIS E 376 5.70 -5.50 27.12
CA HIS E 376 6.98 -6.19 27.25
C HIS E 376 7.78 -6.16 25.94
N ALA E 377 9.01 -5.70 26.05
CA ALA E 377 9.90 -5.71 24.96
C ALA E 377 10.45 -7.06 24.69
N VAL E 378 10.41 -7.49 23.44
CA VAL E 378 10.78 -8.91 23.07
C VAL E 378 11.33 -8.99 21.67
N ASN E 379 12.05 -10.04 21.41
CA ASN E 379 12.63 -10.32 20.05
C ASN E 379 13.42 -9.12 19.55
N GLU E 380 14.13 -8.44 20.46
CA GLU E 380 14.90 -7.23 20.25
C GLU E 380 14.12 -5.96 19.89
N ASN E 381 13.28 -6.04 18.85
CA ASN E 381 12.66 -4.86 18.27
C ASN E 381 11.12 -4.93 18.22
N GLN E 382 10.56 -5.76 19.05
CA GLN E 382 9.12 -5.83 19.22
C GLN E 382 8.63 -5.61 20.68
N LEU E 383 7.30 -5.46 20.77
CA LEU E 383 6.57 -5.30 22.01
C LEU E 383 5.44 -6.31 21.98
N ILE E 384 5.19 -6.98 23.10
CA ILE E 384 3.93 -7.62 23.34
C ILE E 384 3.16 -6.74 24.32
N LEU E 385 1.96 -6.32 23.89
CA LEU E 385 1.00 -5.62 24.72
C LEU E 385 -0.09 -6.60 25.21
N ARG E 386 -0.33 -6.57 26.52
CA ARG E 386 -1.34 -7.37 27.13
C ARG E 386 -2.47 -6.43 27.40
N TYR E 387 -3.52 -6.57 26.59
CA TYR E 387 -4.76 -5.79 26.76
C TYR E 387 -5.74 -6.63 27.57
N LEU E 388 -6.57 -5.95 28.34
CA LEU E 388 -7.71 -6.56 29.03
C LEU E 388 -8.96 -5.98 28.39
N SER E 389 -9.71 -6.83 27.69
CA SER E 389 -10.82 -6.45 26.86
C SER E 389 -12.05 -7.12 27.37
N ASP E 390 -12.90 -6.34 28.06
CA ASP E 390 -14.00 -6.93 28.84
C ASP E 390 -13.55 -8.15 29.66
N VAL E 391 -12.52 -7.88 30.45
CA VAL E 391 -11.96 -8.83 31.39
C VAL E 391 -11.43 -10.13 30.77
N LYS E 392 -10.94 -10.07 29.54
CA LYS E 392 -10.25 -11.19 28.91
C LYS E 392 -9.04 -10.63 28.26
N HIS E 393 -7.96 -11.36 28.32
CA HIS E 393 -6.75 -10.91 27.69
C HIS E 393 -6.69 -10.96 26.16
N VAL E 394 -6.01 -9.99 25.58
CA VAL E 394 -5.72 -9.98 24.16
C VAL E 394 -4.25 -9.59 24.09
N LEU E 395 -3.46 -10.40 23.38
CA LEU E 395 -2.08 -10.12 23.25
C LEU E 395 -1.87 -9.52 21.83
N GLU E 396 -1.18 -8.39 21.77
CA GLU E 396 -0.78 -7.79 20.49
C GLU E 396 0.74 -7.72 20.39
N ILE E 397 1.24 -8.05 19.20
CA ILE E 397 2.65 -7.89 18.86
C ILE E 397 2.76 -6.68 17.98
N ARG E 398 3.67 -5.79 18.37
CA ARG E 398 3.86 -4.56 17.69
C ARG E 398 5.32 -4.27 17.45
N ASP E 399 5.59 -3.42 16.48
CA ASP E 399 6.94 -2.96 16.24
C ASP E 399 7.34 -1.90 17.31
N LEU E 400 8.47 -2.09 17.94
CA LEU E 400 8.91 -1.22 19.06
C LEU E 400 9.14 0.21 18.57
N GLU E 401 9.83 0.35 17.45
CA GLU E 401 10.14 1.66 16.91
C GLU E 401 8.94 2.48 16.44
N SER E 402 8.06 1.88 15.63
CA SER E 402 6.95 2.62 15.01
C SER E 402 5.69 2.47 15.79
N GLY E 403 5.60 1.45 16.68
CA GLY E 403 4.35 1.24 17.42
C GLY E 403 3.34 0.44 16.58
N ALA E 404 3.73 0.05 15.34
CA ALA E 404 2.77 -0.50 14.37
C ALA E 404 2.33 -1.91 14.75
N LEU E 405 1.03 -2.18 14.64
CA LEU E 405 0.48 -3.50 14.97
C LEU E 405 0.93 -4.53 13.97
N GLN E 406 1.41 -5.66 14.45
CA GLN E 406 1.82 -6.80 13.61
C GLN E 406 0.88 -7.98 13.72
N HIS E 407 0.51 -8.39 14.96
CA HIS E 407 -0.41 -9.51 15.14
C HIS E 407 -1.23 -9.26 16.38
N ARG E 408 -2.36 -9.92 16.41
CA ARG E 408 -3.30 -9.77 17.49
C ARG E 408 -3.88 -11.13 17.82
N LEU E 409 -3.69 -11.59 19.07
CA LEU E 409 -4.13 -12.91 19.54
C LEU E 409 -5.08 -12.74 20.73
N PRO E 410 -6.40 -12.95 20.49
CA PRO E 410 -7.38 -12.98 21.59
C PRO E 410 -7.22 -14.23 22.38
N ILE E 411 -7.31 -14.15 23.69
CA ILE E 411 -7.13 -15.28 24.61
C ILE E 411 -8.49 -15.70 25.16
N ASP E 412 -8.66 -17.00 25.38
CA ASP E 412 -9.88 -17.52 25.94
C ASP E 412 -10.08 -16.97 27.35
N ILE E 413 -11.30 -17.16 27.87
CA ILE E 413 -11.56 -16.88 29.29
C ILE E 413 -10.51 -17.55 30.17
N GLY E 414 -9.93 -16.76 31.09
CA GLY E 414 -8.79 -17.16 31.88
C GLY E 414 -7.83 -15.96 32.06
N SER E 415 -6.56 -16.24 32.28
CA SER E 415 -5.58 -15.20 32.49
C SER E 415 -4.21 -15.61 31.97
N VAL E 416 -3.59 -14.76 31.17
CA VAL E 416 -2.17 -14.89 30.82
C VAL E 416 -1.34 -13.95 31.67
N ASP E 417 -0.31 -14.49 32.30
CA ASP E 417 0.63 -13.63 33.06
C ASP E 417 2.03 -14.30 33.14
N GLY E 418 2.95 -13.67 33.86
CA GLY E 418 4.25 -14.20 34.12
C GLY E 418 5.24 -14.31 32.98
N ILE E 419 5.13 -13.51 31.96
CA ILE E 419 6.16 -13.55 30.92
C ILE E 419 7.57 -13.30 31.55
N THR E 420 8.59 -14.10 31.15
CA THR E 420 9.96 -14.01 31.70
C THR E 420 10.97 -13.47 30.73
N ALA E 421 10.53 -13.05 29.56
CA ALA E 421 11.44 -12.60 28.55
C ALA E 421 12.41 -11.43 28.86
N ARG E 422 13.61 -11.59 28.35
CA ARG E 422 14.54 -10.42 28.24
C ARG E 422 14.31 -9.84 26.85
N ARG E 423 14.66 -8.59 26.67
CA ARG E 423 14.29 -7.89 25.46
C ARG E 423 14.79 -8.60 24.20
N ARG E 424 16.00 -9.16 24.25
CA ARG E 424 16.59 -9.84 23.08
C ARG E 424 15.92 -11.16 22.77
N ASP E 425 15.12 -11.71 23.68
CA ASP E 425 14.71 -13.12 23.48
C ASP E 425 13.70 -13.27 22.36
N SER E 426 13.94 -14.19 21.40
CA SER E 426 13.03 -14.46 20.36
C SER E 426 11.97 -15.53 20.70
N VAL E 427 12.29 -16.40 21.66
CA VAL E 427 11.35 -17.39 22.23
C VAL E 427 11.01 -16.94 23.63
N VAL E 428 9.73 -16.75 23.88
CA VAL E 428 9.24 -16.26 25.19
C VAL E 428 8.30 -17.28 25.84
N PHE E 429 8.30 -17.30 27.18
CA PHE E 429 7.44 -18.19 27.96
C PHE E 429 6.55 -17.37 28.83
N PHE E 430 5.34 -17.86 29.02
CA PHE E 430 4.38 -17.28 29.95
C PHE E 430 3.36 -18.32 30.43
N LYS E 431 2.55 -17.92 31.41
CA LYS E 431 1.61 -18.84 32.01
C LYS E 431 0.15 -18.50 31.66
N PHE E 432 -0.69 -19.51 31.46
CA PHE E 432 -2.15 -19.37 31.33
C PHE E 432 -2.85 -20.29 32.37
N THR E 433 -3.85 -19.74 33.05
CA THR E 433 -4.76 -20.55 33.90
C THR E 433 -6.19 -20.10 33.64
N SER E 434 -7.13 -20.97 34.00
CA SER E 434 -8.52 -20.61 33.91
C SER E 434 -9.31 -21.49 34.88
N ILE E 435 -10.59 -21.20 35.01
CA ILE E 435 -11.40 -21.95 35.97
C ILE E 435 -11.32 -23.45 35.67
N LEU E 436 -11.29 -23.81 34.39
CA LEU E 436 -11.21 -25.20 33.98
C LEU E 436 -9.87 -25.63 33.39
N THR E 437 -8.82 -24.80 33.56
CA THR E 437 -7.50 -25.10 33.04
C THR E 437 -6.49 -24.85 34.12
N PRO E 438 -5.92 -25.93 34.72
CA PRO E 438 -5.10 -25.77 35.91
C PRO E 438 -3.82 -24.97 35.73
N GLY E 439 -3.20 -25.04 34.57
CA GLY E 439 -1.98 -24.25 34.46
C GLY E 439 -1.16 -24.78 33.32
N ILE E 440 -0.99 -23.94 32.30
CA ILE E 440 -0.19 -24.20 31.14
C ILE E 440 0.95 -23.20 31.09
N VAL E 441 2.15 -23.68 30.82
CA VAL E 441 3.25 -22.80 30.41
C VAL E 441 3.32 -22.87 28.91
N TYR E 442 3.08 -21.73 28.26
CA TYR E 442 3.17 -21.59 26.81
C TYR E 442 4.52 -21.06 26.43
N GLN E 443 4.95 -21.50 25.26
CA GLN E 443 6.10 -20.93 24.58
C GLN E 443 5.69 -20.35 23.21
N CYS E 444 6.32 -19.24 22.83
CA CYS E 444 6.03 -18.61 21.55
C CYS E 444 7.32 -18.22 20.88
N ASP E 445 7.53 -18.72 19.65
CA ASP E 445 8.68 -18.32 18.83
C ASP E 445 8.28 -17.13 17.98
N LEU E 446 8.66 -15.93 18.46
CA LEU E 446 8.26 -14.72 17.83
C LEU E 446 8.87 -14.55 16.47
N LYS E 447 10.01 -15.21 16.24
CA LYS E 447 10.75 -15.00 14.99
C LYS E 447 10.09 -15.80 13.91
N ASN E 448 9.97 -17.10 14.14
CA ASN E 448 9.52 -18.04 13.11
C ASN E 448 8.06 -18.42 13.15
N ASP E 449 7.37 -18.29 14.27
CA ASP E 449 5.93 -18.61 14.28
C ASP E 449 5.14 -17.82 15.35
N PRO E 450 5.04 -16.48 15.17
CA PRO E 450 4.52 -15.56 16.26
C PRO E 450 3.05 -15.77 16.66
N THR E 451 2.23 -16.29 15.75
CA THR E 451 0.79 -16.49 15.96
C THR E 451 0.46 -17.79 16.72
N GLN E 452 1.44 -18.66 16.93
CA GLN E 452 1.22 -19.94 17.59
C GLN E 452 1.76 -19.96 19.01
N LEU E 453 0.87 -20.26 19.92
CA LEU E 453 1.24 -20.50 21.29
C LEU E 453 1.39 -21.99 21.47
N LYS E 454 2.59 -22.48 21.82
CA LYS E 454 2.83 -23.93 21.93
C LYS E 454 2.82 -24.30 23.40
N ILE E 455 2.22 -25.43 23.72
CA ILE E 455 2.26 -25.96 25.09
C ILE E 455 3.66 -26.47 25.48
N PHE E 456 4.29 -25.84 26.47
CA PHE E 456 5.60 -26.28 26.96
C PHE E 456 5.49 -27.20 28.20
N ARG E 457 4.60 -26.86 29.13
CA ARG E 457 4.22 -27.71 30.26
C ARG E 457 2.71 -27.57 30.43
N GLU E 458 2.07 -28.66 30.80
CA GLU E 458 0.60 -28.67 31.01
C GLU E 458 0.24 -29.43 32.29
N SER E 459 -0.32 -28.71 33.27
CA SER E 459 -0.76 -29.34 34.52
C SER E 459 -1.98 -30.19 34.24
N VAL E 460 -2.10 -31.32 34.93
CA VAL E 460 -3.25 -32.23 34.77
C VAL E 460 -3.85 -32.56 36.15
N VAL E 461 -5.11 -32.20 36.34
CA VAL E 461 -5.84 -32.53 37.54
C VAL E 461 -6.26 -34.00 37.43
N PRO E 462 -5.85 -34.85 38.38
CA PRO E 462 -6.29 -36.24 38.38
C PRO E 462 -7.83 -36.42 38.46
N ASP E 463 -8.40 -37.19 37.56
CA ASP E 463 -9.85 -37.54 37.58
C ASP E 463 -10.72 -36.31 37.42
N PHE E 464 -10.33 -35.38 36.56
CA PHE E 464 -11.10 -34.17 36.31
C PHE E 464 -11.34 -34.12 34.82
N ASP E 465 -12.59 -34.24 34.43
CA ASP E 465 -12.96 -34.10 33.03
C ASP E 465 -13.58 -32.72 32.81
N ARG E 466 -12.79 -31.83 32.22
CA ARG E 466 -13.19 -30.44 32.05
C ARG E 466 -14.33 -30.29 31.05
N SER E 467 -14.50 -31.27 30.17
CA SER E 467 -15.58 -31.18 29.20
C SER E 467 -16.96 -31.36 29.77
N GLU E 468 -17.11 -31.74 31.05
CA GLU E 468 -18.41 -31.74 31.71
C GLU E 468 -18.89 -30.35 32.21
N PHE E 469 -18.01 -29.32 32.15
CA PHE E 469 -18.31 -28.02 32.75
C PHE E 469 -18.14 -26.95 31.69
N GLU E 470 -18.67 -25.75 31.96
CA GLU E 470 -18.48 -24.61 31.04
C GLU E 470 -18.48 -23.29 31.82
N VAL E 471 -17.79 -22.32 31.24
CA VAL E 471 -17.64 -20.99 31.81
C VAL E 471 -18.17 -20.02 30.78
N LYS E 472 -19.00 -19.07 31.22
CA LYS E 472 -19.52 -18.09 30.37
C LYS E 472 -19.37 -16.72 31.00
N GLN E 473 -19.39 -15.68 30.18
CA GLN E 473 -19.38 -14.32 30.69
C GLN E 473 -20.69 -13.68 30.31
N VAL E 474 -21.34 -12.98 31.25
CA VAL E 474 -22.51 -12.18 30.95
C VAL E 474 -22.34 -10.80 31.59
N PHE E 475 -23.18 -9.86 31.18
CA PHE E 475 -23.10 -8.49 31.74
C PHE E 475 -24.46 -8.22 32.38
N VAL E 476 -24.44 -7.75 33.59
CA VAL E 476 -25.68 -7.58 34.34
C VAL E 476 -25.83 -6.11 34.84
N PRO E 477 -27.09 -5.65 35.02
CA PRO E 477 -27.33 -4.23 35.35
C PRO E 477 -27.20 -3.94 36.81
N SER E 478 -26.43 -2.93 37.18
CA SER E 478 -26.35 -2.49 38.54
C SER E 478 -27.45 -1.43 38.82
N LYS E 479 -27.62 -1.09 40.09
CA LYS E 479 -28.65 -0.10 40.46
C LYS E 479 -28.62 1.23 39.72
N ASP E 480 -27.43 1.74 39.46
CA ASP E 480 -27.28 3.03 38.77
C ASP E 480 -27.30 2.97 37.25
N GLY E 481 -27.63 1.83 36.69
CA GLY E 481 -27.65 1.67 35.23
C GLY E 481 -26.35 1.17 34.59
N THR E 482 -25.25 1.04 35.38
CA THR E 482 -23.99 0.46 34.88
C THR E 482 -24.03 -1.03 34.65
N LYS E 483 -23.43 -1.48 33.58
CA LYS E 483 -23.37 -2.93 33.36
C LYS E 483 -22.09 -3.54 33.95
N ILE E 484 -22.24 -4.63 34.66
CA ILE E 484 -21.14 -5.27 35.43
C ILE E 484 -20.86 -6.61 34.79
N PRO E 485 -19.59 -6.85 34.41
CA PRO E 485 -19.31 -8.18 33.89
C PRO E 485 -19.24 -9.24 34.98
N ILE E 486 -19.79 -10.44 34.73
CA ILE E 486 -19.56 -11.56 35.60
C ILE E 486 -19.22 -12.84 34.79
N PHE E 487 -18.41 -13.72 35.39
CA PHE E 487 -18.18 -15.06 34.91
C PHE E 487 -19.05 -16.01 35.72
N ILE E 488 -19.65 -16.97 35.02
CA ILE E 488 -20.40 -18.03 35.63
C ILE E 488 -19.89 -19.41 35.17
N ALA E 489 -19.52 -20.25 36.14
CA ALA E 489 -19.07 -21.61 35.87
C ALA E 489 -20.03 -22.61 36.49
N ALA E 490 -20.30 -23.67 35.73
CA ALA E 490 -21.23 -24.69 36.18
C ALA E 490 -21.17 -25.89 35.27
N ARG E 491 -21.65 -27.03 35.78
CA ARG E 491 -21.82 -28.22 34.91
C ARG E 491 -22.61 -27.84 33.66
N LYS E 492 -22.26 -28.43 32.52
CA LYS E 492 -22.95 -28.19 31.26
C LYS E 492 -24.37 -28.71 31.37
N GLY E 493 -25.31 -28.00 30.75
CA GLY E 493 -26.68 -28.44 30.59
C GLY E 493 -27.55 -28.39 31.83
N ILE E 494 -27.18 -27.61 32.85
CA ILE E 494 -28.05 -27.53 34.04
C ILE E 494 -29.34 -26.75 33.76
N SER E 495 -30.41 -27.10 34.46
CA SER E 495 -31.68 -26.37 34.37
C SER E 495 -31.65 -25.14 35.23
N LEU E 496 -32.10 -24.03 34.68
CA LEU E 496 -32.14 -22.81 35.42
C LEU E 496 -33.47 -22.74 36.21
N ASP E 497 -33.55 -23.57 37.22
CA ASP E 497 -34.80 -23.82 37.94
C ASP E 497 -34.66 -23.33 39.35
N GLY E 498 -33.64 -22.53 39.63
CA GLY E 498 -33.42 -21.95 40.95
C GLY E 498 -32.83 -22.84 42.02
N SER E 499 -32.54 -24.08 41.69
CA SER E 499 -32.23 -25.09 42.70
C SER E 499 -30.75 -25.25 43.08
N HIS E 500 -29.82 -24.53 42.45
CA HIS E 500 -28.39 -24.83 42.66
C HIS E 500 -27.75 -23.97 43.72
N PRO E 501 -26.85 -24.53 44.51
CA PRO E 501 -26.14 -23.64 45.39
C PRO E 501 -25.17 -22.81 44.59
N CYS E 502 -24.89 -21.61 45.08
CA CYS E 502 -24.13 -20.71 44.32
C CYS E 502 -23.12 -20.00 45.20
N GLU E 503 -21.90 -19.96 44.75
CA GLU E 503 -20.83 -19.21 45.44
C GLU E 503 -20.43 -18.03 44.60
N MET E 504 -20.38 -16.84 45.19
CA MET E 504 -19.98 -15.67 44.43
C MET E 504 -18.82 -15.00 45.12
N HIS E 505 -17.84 -14.63 44.31
CA HIS E 505 -16.59 -14.03 44.79
C HIS E 505 -16.42 -12.65 44.15
N GLY E 506 -15.85 -11.75 44.93
CA GLY E 506 -15.53 -10.42 44.45
C GLY E 506 -14.54 -9.73 45.34
N TYR E 507 -14.05 -8.60 44.92
CA TYR E 507 -13.08 -7.83 45.69
C TYR E 507 -13.51 -6.38 45.66
N GLY E 508 -13.27 -5.70 44.53
CA GLY E 508 -13.83 -4.39 44.31
C GLY E 508 -13.05 -3.25 44.98
N GLY E 509 -11.84 -2.99 44.50
CA GLY E 509 -11.06 -1.89 45.06
C GLY E 509 -9.64 -1.89 44.59
N PHE E 510 -8.96 -0.78 44.85
CA PHE E 510 -7.50 -0.70 44.68
C PHE E 510 -6.98 -0.87 43.25
N GLY E 511 -7.84 -0.70 42.26
CA GLY E 511 -7.46 -0.95 40.86
C GLY E 511 -7.12 -2.42 40.59
N ILE E 512 -7.53 -3.34 41.47
CA ILE E 512 -7.18 -4.75 41.27
C ILE E 512 -8.13 -5.44 40.27
N ASN E 513 -7.54 -6.20 39.32
CA ASN E 513 -8.27 -6.92 38.27
C ASN E 513 -8.51 -8.35 38.64
N MET E 514 -9.77 -8.74 38.74
CA MET E 514 -10.12 -10.06 39.28
C MET E 514 -10.30 -11.00 38.10
N MET E 515 -9.42 -11.97 37.97
CA MET E 515 -9.40 -12.83 36.81
C MET E 515 -9.89 -14.22 37.16
N PRO E 516 -10.49 -14.92 36.19
CA PRO E 516 -11.00 -16.25 36.44
C PRO E 516 -9.89 -17.33 36.34
N THR E 517 -9.08 -17.42 37.40
CA THR E 517 -7.97 -18.38 37.46
C THR E 517 -8.39 -19.73 38.05
N PHE E 518 -7.47 -20.69 38.01
CA PHE E 518 -7.75 -22.06 38.51
C PHE E 518 -7.77 -22.19 40.02
N SER E 519 -8.82 -22.86 40.53
CA SER E 519 -8.92 -23.31 41.93
C SER E 519 -9.41 -24.76 41.99
N ALA E 520 -8.64 -25.62 42.68
CA ALA E 520 -9.03 -27.04 42.79
C ALA E 520 -10.27 -27.16 43.64
N SER E 521 -10.34 -26.41 44.71
CA SER E 521 -11.49 -26.47 45.61
C SER E 521 -12.78 -26.06 44.87
N ARG E 522 -12.67 -25.13 43.92
CA ARG E 522 -13.85 -24.66 43.20
C ARG E 522 -14.37 -25.82 42.37
N ILE E 523 -13.46 -26.63 41.80
CA ILE E 523 -13.93 -27.79 41.03
C ILE E 523 -14.68 -28.76 41.92
N VAL E 524 -14.22 -28.94 43.15
CA VAL E 524 -14.96 -29.82 44.09
C VAL E 524 -16.36 -29.28 44.31
N PHE E 525 -16.44 -27.98 44.53
CA PHE E 525 -17.75 -27.30 44.61
C PHE E 525 -18.67 -27.55 43.41
N LEU E 526 -18.16 -27.33 42.20
CA LEU E 526 -18.92 -27.56 40.98
C LEU E 526 -19.32 -29.05 40.82
N LYS E 527 -18.38 -29.97 41.08
CA LYS E 527 -18.64 -31.35 40.78
C LYS E 527 -19.39 -32.05 41.92
N HIS E 528 -18.95 -31.83 43.14
CA HIS E 528 -19.43 -32.64 44.30
C HIS E 528 -20.50 -31.98 45.16
N LEU E 529 -20.75 -30.72 44.88
CA LEU E 529 -21.90 -30.03 45.44
C LEU E 529 -22.86 -29.49 44.37
N GLY E 530 -22.64 -29.83 43.10
CA GLY E 530 -23.51 -29.33 42.04
C GLY E 530 -23.62 -27.80 42.06
N GLY E 531 -22.53 -27.11 42.39
CA GLY E 531 -22.50 -25.65 42.55
C GLY E 531 -22.42 -24.87 41.27
N VAL E 532 -22.87 -23.61 41.36
CA VAL E 532 -22.65 -22.57 40.34
C VAL E 532 -21.68 -21.55 40.94
N PHE E 533 -20.57 -21.31 40.26
CA PHE E 533 -19.58 -20.32 40.74
C PHE E 533 -19.70 -19.02 39.91
N CYS E 534 -19.60 -17.87 40.58
CA CYS E 534 -19.66 -16.60 39.92
C CYS E 534 -18.54 -15.71 40.44
N LEU E 535 -17.79 -15.15 39.51
CA LEU E 535 -16.78 -14.13 39.84
C LEU E 535 -17.30 -12.84 39.26
N ALA E 536 -17.45 -11.83 40.10
CA ALA E 536 -18.08 -10.57 39.70
C ALA E 536 -17.05 -9.46 39.63
N ASN E 537 -16.93 -8.84 38.44
CA ASN E 537 -15.98 -7.75 38.16
C ASN E 537 -16.58 -6.35 38.46
N ILE E 538 -16.87 -6.18 39.73
CA ILE E 538 -17.43 -4.99 40.25
C ILE E 538 -16.46 -3.80 40.17
N ARG E 539 -17.05 -2.62 40.29
CA ARG E 539 -16.29 -1.38 40.30
C ARG E 539 -15.38 -1.27 41.49
N GLY E 540 -14.44 -0.31 41.46
CA GLY E 540 -13.37 -0.31 42.41
C GLY E 540 -12.16 -1.12 41.93
N GLY E 541 -12.37 -2.16 41.10
CA GLY E 541 -11.27 -2.80 40.44
C GLY E 541 -10.70 -1.95 39.32
N GLY E 542 -9.75 -2.49 38.56
CA GLY E 542 -9.17 -1.71 37.43
C GLY E 542 -9.57 -2.18 36.07
N GLU E 543 -10.61 -2.99 35.96
CA GLU E 543 -10.80 -3.79 34.78
C GLU E 543 -11.11 -2.94 33.54
N TYR E 544 -11.81 -1.80 33.73
CA TYR E 544 -12.06 -0.87 32.63
C TYR E 544 -11.29 0.43 32.83
N GLY E 545 -10.14 0.37 33.49
CA GLY E 545 -9.30 1.53 33.66
C GLY E 545 -9.54 2.28 34.95
N GLU E 546 -8.87 3.42 35.06
CA GLU E 546 -8.92 4.24 36.25
C GLU E 546 -10.33 4.72 36.57
N GLU E 547 -11.16 4.91 35.55
CA GLU E 547 -12.54 5.34 35.77
C GLU E 547 -13.35 4.25 36.49
N TRP E 548 -13.05 3.00 36.26
CA TRP E 548 -13.71 1.89 36.94
C TRP E 548 -13.33 1.84 38.40
N HIS E 549 -12.05 2.15 38.67
CA HIS E 549 -11.51 2.20 39.98
C HIS E 549 -12.21 3.33 40.75
N LYS E 550 -12.23 4.51 40.17
CA LYS E 550 -12.73 5.68 40.84
C LYS E 550 -14.25 5.71 40.99
N ALA E 551 -14.97 4.93 40.17
CA ALA E 551 -16.36 4.76 40.33
C ALA E 551 -16.69 3.84 41.48
N GLY E 552 -15.68 3.32 42.19
CA GLY E 552 -15.87 2.43 43.28
C GLY E 552 -14.89 2.72 44.37
N PHE E 553 -14.61 4.00 44.59
CA PHE E 553 -13.76 4.41 45.68
C PHE E 553 -14.29 5.72 46.32
N ARG E 554 -13.80 5.98 47.50
CA ARG E 554 -14.09 7.19 48.25
C ARG E 554 -15.61 7.42 48.46
N ASP E 555 -16.14 8.54 47.95
CA ASP E 555 -17.58 8.84 48.07
C ASP E 555 -18.43 7.78 47.34
N LYS E 556 -17.82 7.03 46.44
CA LYS E 556 -18.55 6.08 45.62
C LYS E 556 -18.29 4.63 45.93
N LYS E 557 -17.69 4.38 47.10
CA LYS E 557 -17.46 3.03 47.52
C LYS E 557 -18.76 2.24 47.54
N GLN E 558 -19.87 2.88 47.89
CA GLN E 558 -21.16 2.16 47.96
C GLN E 558 -21.52 1.47 46.63
N ASN E 559 -21.11 2.06 45.53
CA ASN E 559 -21.32 1.45 44.21
C ASN E 559 -20.80 0.00 44.12
N VAL E 560 -19.68 -0.28 44.78
CA VAL E 560 -19.07 -1.62 44.82
C VAL E 560 -20.07 -2.65 45.37
N PHE E 561 -20.66 -2.29 46.49
CA PHE E 561 -21.61 -3.18 47.19
C PHE E 561 -22.88 -3.32 46.36
N ASP E 562 -23.36 -2.22 45.77
CA ASP E 562 -24.51 -2.32 44.90
C ASP E 562 -24.28 -3.22 43.69
N ASP E 563 -23.10 -3.11 43.08
CA ASP E 563 -22.75 -4.00 41.97
C ASP E 563 -22.77 -5.47 42.35
N PHE E 564 -22.22 -5.80 43.51
CA PHE E 564 -22.20 -7.17 44.00
C PHE E 564 -23.59 -7.71 44.31
N ILE E 565 -24.41 -6.86 44.91
CA ILE E 565 -25.78 -7.18 45.13
C ILE E 565 -26.53 -7.40 43.83
N SER E 566 -26.30 -6.55 42.84
CA SER E 566 -26.90 -6.68 41.56
C SER E 566 -26.58 -7.96 40.85
N ALA E 567 -25.34 -8.44 41.03
CA ALA E 567 -24.97 -9.75 40.47
C ALA E 567 -25.74 -10.94 41.14
N ALA E 568 -25.87 -10.91 42.45
CA ALA E 568 -26.66 -11.91 43.15
C ALA E 568 -28.10 -11.89 42.68
N GLU E 569 -28.67 -10.70 42.56
CA GLU E 569 -30.01 -10.56 42.04
C GLU E 569 -30.21 -11.12 40.65
N TYR E 570 -29.21 -10.94 39.78
CA TYR E 570 -29.25 -11.54 38.46
C TYR E 570 -29.23 -13.04 38.52
N LEU E 571 -28.35 -13.60 39.36
CA LEU E 571 -28.23 -15.06 39.45
C LEU E 571 -29.54 -15.69 39.92
N ILE E 572 -30.25 -14.98 40.81
CA ILE E 572 -31.58 -15.38 41.27
C ILE E 572 -32.66 -15.26 40.17
N SER E 573 -32.74 -14.07 39.54
CA SER E 573 -33.78 -13.80 38.55
C SER E 573 -33.66 -14.72 37.39
N SER E 574 -32.44 -15.04 36.99
CA SER E 574 -32.18 -15.84 35.78
C SER E 574 -32.28 -17.34 36.04
N GLY E 575 -32.44 -17.71 37.32
CA GLY E 575 -32.76 -19.07 37.69
C GLY E 575 -31.58 -19.95 38.00
N TYR E 576 -30.39 -19.38 38.23
CA TYR E 576 -29.27 -20.27 38.63
C TYR E 576 -29.46 -20.78 40.06
N THR E 577 -30.06 -19.93 40.90
CA THR E 577 -30.04 -20.16 42.31
C THR E 577 -31.20 -19.40 42.90
N LYS E 578 -31.30 -19.40 44.23
CA LYS E 578 -32.31 -18.60 44.88
C LYS E 578 -31.77 -17.95 46.14
N ALA E 579 -32.52 -16.99 46.64
CA ALA E 579 -32.08 -16.17 47.74
C ALA E 579 -31.33 -16.87 48.86
N ARG E 580 -31.89 -17.89 49.50
CA ARG E 580 -31.19 -18.54 50.65
C ARG E 580 -30.05 -19.48 50.23
N ARG E 581 -29.81 -19.58 48.95
CA ARG E 581 -28.86 -20.51 48.45
C ARG E 581 -27.59 -19.87 47.87
N VAL E 582 -27.35 -18.62 48.18
CA VAL E 582 -26.17 -17.90 47.65
C VAL E 582 -25.18 -17.71 48.75
N ALA E 583 -23.95 -18.14 48.52
CA ALA E 583 -22.84 -17.87 49.43
C ALA E 583 -21.94 -16.85 48.83
N ILE E 584 -21.49 -15.91 49.63
CA ILE E 584 -20.53 -14.93 49.18
C ILE E 584 -19.23 -15.00 49.96
N GLU E 585 -18.11 -14.75 49.30
CA GLU E 585 -16.79 -14.89 49.87
C GLU E 585 -15.85 -13.83 49.34
N GLY E 586 -14.98 -13.33 50.20
CA GLY E 586 -14.02 -12.29 49.78
C GLY E 586 -13.02 -12.02 50.88
N GLY E 587 -11.89 -11.44 50.51
CA GLY E 587 -10.76 -11.30 51.43
C GLY E 587 -10.19 -9.90 51.45
N SER E 588 -9.80 -9.45 52.64
CA SER E 588 -9.25 -8.10 52.85
C SER E 588 -10.26 -7.04 52.50
N ASN E 589 -9.97 -6.19 51.50
CA ASN E 589 -11.01 -5.31 50.98
C ASN E 589 -12.27 -6.12 50.52
N GLY E 590 -12.06 -7.35 50.08
CA GLY E 590 -13.15 -8.23 49.76
C GLY E 590 -13.89 -8.75 51.00
N GLY E 591 -13.23 -8.74 52.16
CA GLY E 591 -13.91 -9.12 53.39
C GLY E 591 -14.88 -8.02 53.84
N LEU E 592 -14.44 -6.77 53.68
CA LEU E 592 -15.32 -5.59 53.75
C LEU E 592 -16.53 -5.70 52.80
N LEU E 593 -16.26 -6.03 51.56
CA LEU E 593 -17.34 -6.30 50.58
C LEU E 593 -18.42 -7.23 51.18
N VAL E 594 -17.98 -8.40 51.63
CA VAL E 594 -18.92 -9.41 52.22
C VAL E 594 -19.71 -8.80 53.42
N ALA E 595 -19.03 -8.12 54.29
CA ALA E 595 -19.64 -7.65 55.54
C ALA E 595 -20.65 -6.56 55.24
N ALA E 596 -20.30 -5.65 54.32
CA ALA E 596 -21.23 -4.55 53.98
C ALA E 596 -22.48 -5.13 53.30
N CYS E 597 -22.29 -6.11 52.45
CA CYS E 597 -23.41 -6.71 51.75
C CYS E 597 -24.31 -7.49 52.65
N ILE E 598 -23.78 -8.20 53.66
CA ILE E 598 -24.69 -8.90 54.50
C ILE E 598 -25.44 -7.94 55.46
N ASN E 599 -24.84 -6.82 55.83
CA ASN E 599 -25.50 -5.80 56.63
C ASN E 599 -26.64 -5.17 55.84
N GLN E 600 -26.41 -4.95 54.54
CA GLN E 600 -27.36 -4.24 53.68
C GLN E 600 -28.48 -5.13 53.13
N ARG E 601 -28.16 -6.33 52.73
CA ARG E 601 -29.14 -7.28 52.13
C ARG E 601 -28.98 -8.67 52.69
N PRO E 602 -29.25 -8.81 53.98
CA PRO E 602 -29.06 -10.13 54.57
C PRO E 602 -30.03 -11.13 53.98
N ASP E 603 -31.15 -10.64 53.43
CA ASP E 603 -32.16 -11.52 52.85
C ASP E 603 -31.67 -12.27 51.59
N LEU E 604 -30.61 -11.80 50.97
CA LEU E 604 -30.18 -12.39 49.70
C LEU E 604 -29.27 -13.60 49.88
N PHE E 605 -28.65 -13.69 51.04
CA PHE E 605 -27.57 -14.66 51.20
C PHE E 605 -27.88 -15.76 52.20
N GLY E 606 -27.42 -16.96 51.89
CA GLY E 606 -27.48 -18.09 52.80
C GLY E 606 -26.21 -18.32 53.58
N CYS E 607 -25.09 -17.81 53.06
CA CYS E 607 -23.80 -18.03 53.74
C CYS E 607 -22.84 -16.91 53.39
N ALA E 608 -22.06 -16.47 54.35
CA ALA E 608 -21.11 -15.41 54.12
C ALA E 608 -19.78 -15.75 54.75
N GLU E 609 -18.71 -15.63 53.94
CA GLU E 609 -17.34 -15.92 54.44
C GLU E 609 -16.40 -14.76 54.17
N ALA E 610 -15.93 -14.13 55.22
CA ALA E 610 -15.18 -12.87 55.12
C ALA E 610 -13.82 -13.15 55.69
N ASN E 611 -12.83 -13.13 54.81
CA ASN E 611 -11.47 -13.40 55.17
C ASN E 611 -10.75 -12.08 55.47
N CYS E 612 -10.19 -11.98 56.67
CA CYS E 612 -9.39 -10.87 57.13
C CYS E 612 -9.86 -9.52 56.60
N GLY E 613 -11.14 -9.21 56.88
CA GLY E 613 -11.78 -8.05 56.31
C GLY E 613 -11.45 -6.76 57.06
N VAL E 614 -11.57 -5.61 56.39
CA VAL E 614 -11.47 -4.31 57.06
C VAL E 614 -12.87 -3.97 57.50
N MET E 615 -13.14 -4.18 58.78
CA MET E 615 -14.49 -4.05 59.39
C MET E 615 -14.83 -2.78 60.19
N ASP E 616 -13.84 -2.07 60.72
CA ASP E 616 -13.99 -0.75 61.40
C ASP E 616 -13.40 0.30 60.50
N MET E 617 -14.28 0.92 59.71
CA MET E 617 -13.85 1.85 58.72
C MET E 617 -13.56 3.20 59.36
N LEU E 618 -13.91 3.36 60.64
CA LEU E 618 -13.57 4.61 61.35
C LEU E 618 -12.20 4.64 61.95
N ARG E 619 -11.62 3.48 62.26
CA ARG E 619 -10.33 3.42 62.89
C ARG E 619 -9.25 2.68 62.12
N PHE E 620 -9.56 2.08 60.97
CA PHE E 620 -8.53 1.30 60.20
C PHE E 620 -7.21 2.02 60.02
N HIS E 621 -7.25 3.32 59.87
CA HIS E 621 -6.08 4.09 59.46
C HIS E 621 -5.08 4.13 60.62
N LYS E 622 -5.51 3.75 61.82
CA LYS E 622 -4.67 3.85 63.00
C LYS E 622 -3.75 2.69 63.22
N PHE E 623 -3.88 1.59 62.45
CA PHE E 623 -3.15 0.37 62.70
C PHE E 623 -2.30 -0.07 61.52
N THR E 624 -1.08 -0.51 61.82
CA THR E 624 -0.07 -1.01 60.89
C THR E 624 -0.11 -0.36 59.52
N LEU E 625 -0.59 -1.06 58.51
CA LEU E 625 -0.55 -0.56 57.12
C LEU E 625 -1.77 0.27 56.73
N GLY E 626 -2.71 0.41 57.63
CA GLY E 626 -4.02 0.94 57.29
C GLY E 626 -3.96 2.34 56.72
N TYR E 627 -2.95 3.10 57.12
CA TYR E 627 -2.83 4.43 56.64
C TYR E 627 -2.70 4.43 55.11
N LEU E 628 -2.23 3.34 54.52
CA LEU E 628 -2.04 3.34 53.08
C LEU E 628 -3.33 3.31 52.27
N TRP E 629 -4.43 2.99 52.92
CA TRP E 629 -5.71 2.74 52.25
C TRP E 629 -6.67 3.94 52.19
N THR E 630 -6.23 5.08 52.75
CA THR E 630 -7.03 6.24 52.81
C THR E 630 -7.27 6.80 51.44
N GLY E 631 -6.37 6.47 50.50
CA GLY E 631 -6.58 6.80 49.13
C GLY E 631 -7.90 6.22 48.62
N ASP E 632 -8.15 4.95 48.86
CA ASP E 632 -9.36 4.31 48.36
C ASP E 632 -10.56 4.59 49.29
N TYR E 633 -10.33 4.71 50.58
CA TYR E 633 -11.47 4.69 51.49
C TYR E 633 -11.50 6.13 51.86
N GLY E 634 -12.36 6.71 52.57
CA GLY E 634 -11.48 7.99 52.95
C GLY E 634 -10.70 7.86 54.28
N CYS E 635 -10.84 8.87 55.15
CA CYS E 635 -10.34 8.84 56.51
C CYS E 635 -11.31 9.59 57.42
N SER E 636 -11.70 8.98 58.53
CA SER E 636 -12.68 9.58 59.44
C SER E 636 -12.18 10.84 60.20
N ASP E 637 -10.91 11.22 60.03
CA ASP E 637 -10.36 12.49 60.53
C ASP E 637 -10.87 13.67 59.72
N LYS E 638 -11.51 13.44 58.56
CA LYS E 638 -12.10 14.52 57.78
C LYS E 638 -13.60 14.33 57.71
N GLU E 639 -14.35 15.38 58.01
CA GLU E 639 -15.78 15.27 58.20
C GLU E 639 -16.52 14.74 56.98
N GLU E 640 -16.22 15.29 55.83
CA GLU E 640 -16.84 14.85 54.56
C GLU E 640 -16.62 13.32 54.37
N GLU E 641 -15.44 12.85 54.74
CA GLU E 641 -15.08 11.46 54.49
C GLU E 641 -15.66 10.58 55.57
N PHE E 642 -15.62 11.03 56.83
CA PHE E 642 -16.42 10.39 57.86
C PHE E 642 -17.85 10.06 57.38
N LYS E 643 -18.49 11.02 56.71
CA LYS E 643 -19.90 10.88 56.34
C LYS E 643 -20.12 9.76 55.33
N TRP E 644 -19.15 9.54 54.45
CA TRP E 644 -19.16 8.33 53.57
C TRP E 644 -19.01 7.09 54.41
N LEU E 645 -18.00 7.12 55.27
CA LEU E 645 -17.53 5.90 55.96
C LEU E 645 -18.53 5.33 56.92
N ILE E 646 -19.22 6.19 57.65
CA ILE E 646 -20.17 5.73 58.66
C ILE E 646 -21.35 4.97 58.05
N LYS E 647 -21.68 5.27 56.81
CA LYS E 647 -22.86 4.61 56.23
C LYS E 647 -22.66 3.14 55.94
N TYR E 648 -21.40 2.74 55.69
CA TYR E 648 -21.14 1.31 55.35
C TYR E 648 -20.16 0.58 56.29
N SER E 649 -19.44 1.31 57.16
CA SER E 649 -18.55 0.65 58.10
C SER E 649 -19.21 -0.56 58.76
N PRO E 650 -18.68 -1.77 58.54
CA PRO E 650 -19.44 -2.93 58.95
C PRO E 650 -19.76 -3.02 60.46
N ILE E 651 -18.84 -2.65 61.35
CA ILE E 651 -19.15 -2.77 62.78
C ILE E 651 -20.13 -1.74 63.27
N HIS E 652 -20.41 -0.74 62.42
CA HIS E 652 -21.34 0.32 62.76
C HIS E 652 -22.68 0.19 62.05
N ASN E 653 -22.92 -0.94 61.37
CA ASN E 653 -24.14 -1.10 60.57
C ASN E 653 -24.76 -2.47 60.73
N VAL E 654 -24.48 -3.12 61.87
CA VAL E 654 -25.14 -4.34 62.22
C VAL E 654 -26.50 -4.00 62.82
N ARG E 655 -27.56 -4.50 62.18
CA ARG E 655 -28.92 -4.21 62.60
C ARG E 655 -29.73 -5.48 62.44
N ARG E 656 -30.72 -5.65 63.34
CA ARG E 656 -31.64 -6.78 63.27
C ARG E 656 -32.62 -6.65 62.09
N PRO E 657 -32.44 -7.46 61.03
CA PRO E 657 -33.31 -7.25 59.85
C PRO E 657 -34.81 -7.51 60.12
N TRP E 658 -35.11 -8.37 61.07
CA TRP E 658 -36.48 -8.71 61.38
C TRP E 658 -37.30 -7.59 62.06
N GLU E 659 -36.62 -6.54 62.54
CA GLU E 659 -37.29 -5.34 63.07
C GLU E 659 -37.68 -4.34 61.96
N GLN E 660 -37.31 -4.59 60.71
CA GLN E 660 -37.75 -3.73 59.57
C GLN E 660 -39.06 -4.18 58.98
N PRO E 661 -39.94 -3.21 58.68
CA PRO E 661 -41.29 -3.52 58.25
C PRO E 661 -41.29 -4.37 57.01
N GLY E 662 -42.08 -5.43 57.03
CA GLY E 662 -42.12 -6.37 55.93
C GLY E 662 -41.02 -7.40 56.00
N ASN E 663 -40.01 -7.18 56.82
CA ASN E 663 -38.81 -8.07 56.77
C ASN E 663 -38.71 -9.06 57.95
N GLU E 664 -39.87 -9.41 58.54
CA GLU E 664 -39.90 -10.25 59.76
C GLU E 664 -39.32 -11.65 59.52
N GLU E 665 -39.33 -12.12 58.28
CA GLU E 665 -38.81 -13.46 57.93
C GLU E 665 -37.29 -13.52 57.77
N THR E 666 -36.61 -12.39 57.88
CA THR E 666 -35.20 -12.34 57.53
C THR E 666 -34.29 -12.45 58.72
N GLN E 667 -33.25 -13.26 58.57
CA GLN E 667 -32.07 -13.19 59.48
C GLN E 667 -30.77 -12.99 58.69
N TYR E 668 -29.67 -12.75 59.40
CA TYR E 668 -28.35 -12.82 58.75
C TYR E 668 -28.08 -14.23 58.24
N PRO E 669 -27.36 -14.34 57.10
CA PRO E 669 -26.82 -15.63 56.70
C PRO E 669 -25.91 -16.21 57.82
N ALA E 670 -25.72 -17.51 57.78
CA ALA E 670 -24.67 -18.20 58.47
C ALA E 670 -23.35 -17.52 58.06
N THR E 671 -22.60 -17.05 59.04
CA THR E 671 -21.45 -16.19 58.79
C THR E 671 -20.20 -16.79 59.41
N MET E 672 -19.13 -16.97 58.59
CA MET E 672 -17.81 -17.31 59.10
C MET E 672 -16.92 -16.14 58.84
N ILE E 673 -16.36 -15.62 59.91
CA ILE E 673 -15.33 -14.56 59.84
C ILE E 673 -13.94 -15.23 60.00
N LEU E 674 -13.09 -15.18 58.96
CA LEU E 674 -11.80 -15.89 59.04
C LEU E 674 -10.66 -14.90 59.24
N THR E 675 -9.73 -15.21 60.10
CA THR E 675 -8.50 -14.43 60.20
C THR E 675 -7.33 -15.25 60.82
N ALA E 676 -6.11 -14.91 60.40
CA ALA E 676 -4.88 -15.37 61.03
C ALA E 676 -4.69 -14.55 62.31
N ASP E 677 -4.24 -15.20 63.38
CA ASP E 677 -4.08 -14.55 64.68
C ASP E 677 -3.01 -13.46 64.65
N HIS E 678 -2.03 -13.57 63.73
CA HIS E 678 -0.93 -12.59 63.56
C HIS E 678 -0.87 -11.94 62.15
N ASP E 679 -2.06 -11.69 61.61
CA ASP E 679 -2.15 -10.81 60.44
C ASP E 679 -1.68 -9.42 60.86
N ASP E 680 -0.54 -9.00 60.32
CA ASP E 680 -0.03 -7.61 60.52
C ASP E 680 -0.40 -6.66 59.36
N ARG E 681 -1.07 -7.16 58.34
CA ARG E 681 -1.54 -6.31 57.25
C ARG E 681 -2.94 -5.75 57.60
N VAL E 682 -3.90 -6.66 57.77
CA VAL E 682 -5.23 -6.34 58.29
C VAL E 682 -5.33 -6.88 59.69
N VAL E 683 -5.19 -5.99 60.66
CA VAL E 683 -5.13 -6.43 62.07
C VAL E 683 -6.43 -7.13 62.48
N PRO E 684 -6.33 -8.21 63.28
CA PRO E 684 -7.48 -9.05 63.55
C PRO E 684 -8.54 -8.42 64.48
N LEU E 685 -8.20 -7.32 65.15
CA LEU E 685 -9.26 -6.54 65.83
C LEU E 685 -10.46 -6.26 64.93
N HIS E 686 -10.24 -6.15 63.63
CA HIS E 686 -11.38 -5.89 62.73
C HIS E 686 -12.39 -7.01 62.76
N SER E 687 -11.90 -8.20 62.51
CA SER E 687 -12.67 -9.37 62.56
C SER E 687 -13.28 -9.55 63.96
N PHE E 688 -12.50 -9.31 65.01
CA PHE E 688 -12.97 -9.62 66.40
C PHE E 688 -14.11 -8.65 66.81
N LYS E 689 -13.92 -7.37 66.54
CA LYS E 689 -14.95 -6.37 66.83
C LYS E 689 -16.22 -6.66 66.01
N LEU E 690 -16.09 -7.13 64.77
CA LEU E 690 -17.29 -7.41 64.01
C LEU E 690 -18.00 -8.63 64.60
N LEU E 691 -17.25 -9.64 64.89
CA LEU E 691 -17.81 -10.85 65.49
C LEU E 691 -18.58 -10.50 66.78
N ALA E 692 -17.97 -9.66 67.61
CA ALA E 692 -18.55 -9.33 68.92
C ALA E 692 -19.86 -8.53 68.70
N THR E 693 -19.77 -7.56 67.81
CA THR E 693 -20.93 -6.77 67.45
C THR E 693 -22.09 -7.61 66.90
N MET E 694 -21.83 -8.46 65.93
CA MET E 694 -22.88 -9.32 65.39
C MET E 694 -23.47 -10.20 66.46
N GLN E 695 -22.62 -10.82 67.27
CA GLN E 695 -23.14 -11.80 68.24
C GLN E 695 -24.04 -11.12 69.25
N HIS E 696 -23.65 -9.93 69.67
CA HIS E 696 -24.44 -9.11 70.58
C HIS E 696 -25.78 -8.67 69.98
N VAL E 697 -25.71 -7.94 68.88
CA VAL E 697 -26.90 -7.35 68.27
C VAL E 697 -27.92 -8.42 67.91
N LEU E 698 -27.42 -9.52 67.39
CA LEU E 698 -28.29 -10.48 66.75
C LEU E 698 -28.64 -11.63 67.63
N CYS E 699 -27.83 -11.91 68.64
CA CYS E 699 -28.01 -13.18 69.34
C CYS E 699 -28.12 -13.04 70.86
N THR E 700 -27.07 -12.56 71.52
CA THR E 700 -27.03 -12.56 72.99
C THR E 700 -27.78 -11.39 73.67
N SER E 701 -28.09 -10.33 72.94
CA SER E 701 -28.94 -9.25 73.47
C SER E 701 -30.42 -9.64 73.59
N LEU E 702 -30.80 -10.82 73.07
CA LEU E 702 -32.19 -11.27 73.06
C LEU E 702 -32.33 -12.64 73.72
N GLU E 703 -33.51 -12.91 74.24
CA GLU E 703 -33.78 -14.16 74.96
C GLU E 703 -33.91 -15.34 74.00
N ASP E 704 -34.68 -15.17 72.94
CA ASP E 704 -34.88 -16.28 72.01
C ASP E 704 -34.83 -15.80 70.57
N SER E 705 -33.62 -15.33 70.16
CA SER E 705 -33.47 -14.58 68.95
C SER E 705 -33.99 -15.33 67.72
N PRO E 706 -34.60 -14.61 66.78
CA PRO E 706 -34.83 -15.23 65.49
C PRO E 706 -33.54 -15.64 64.74
N GLN E 707 -32.38 -15.09 65.16
CA GLN E 707 -31.12 -15.40 64.51
C GLN E 707 -30.66 -16.77 64.88
N LYS E 708 -30.96 -17.74 64.02
CA LYS E 708 -30.56 -19.11 64.24
C LYS E 708 -29.33 -19.55 63.45
N ASN E 709 -29.12 -18.95 62.30
CA ASN E 709 -27.88 -19.20 61.54
C ASN E 709 -26.67 -18.82 62.37
N PRO E 710 -25.69 -19.72 62.46
CA PRO E 710 -24.50 -19.44 63.25
C PRO E 710 -23.60 -18.31 62.76
N ILE E 711 -23.03 -17.60 63.71
CA ILE E 711 -22.10 -16.53 63.49
C ILE E 711 -20.80 -16.86 64.28
N ILE E 712 -19.75 -17.28 63.54
CA ILE E 712 -18.53 -17.81 64.14
C ILE E 712 -17.29 -17.19 63.47
N ALA E 713 -16.14 -17.27 64.18
CA ALA E 713 -14.88 -16.93 63.56
C ALA E 713 -13.97 -18.18 63.45
N ARG E 714 -13.31 -18.36 62.31
CA ARG E 714 -12.27 -19.39 62.20
C ARG E 714 -10.95 -18.66 62.33
N ILE E 715 -10.29 -18.82 63.48
CA ILE E 715 -9.09 -18.04 63.79
C ILE E 715 -7.91 -18.96 63.63
N GLN E 716 -7.01 -18.66 62.69
CA GLN E 716 -5.89 -19.56 62.45
C GLN E 716 -4.79 -19.18 63.45
N ARG E 717 -4.39 -20.16 64.26
CA ARG E 717 -3.30 -19.98 65.22
C ARG E 717 -1.91 -19.96 64.51
N LYS E 718 -1.02 -19.12 65.01
CA LYS E 718 0.38 -19.05 64.56
C LYS E 718 0.50 -18.88 63.05
N ALA E 719 -0.20 -17.87 62.56
CA ALA E 719 -0.26 -17.58 61.14
C ALA E 719 -0.13 -16.09 60.93
N ALA E 720 0.63 -15.73 59.90
CA ALA E 720 0.68 -14.37 59.37
C ALA E 720 -0.29 -14.27 58.20
N HIS E 721 -0.40 -13.06 57.63
CA HIS E 721 -1.21 -12.86 56.46
C HIS E 721 -0.68 -13.73 55.31
N TYR E 722 0.66 -13.77 55.20
CA TYR E 722 1.39 -14.49 54.17
C TYR E 722 1.67 -15.86 54.79
N GLY E 723 1.87 -16.82 53.91
CA GLY E 723 2.45 -18.10 54.21
C GLY E 723 1.83 -19.12 53.30
N ARG E 724 0.64 -19.52 53.72
CA ARG E 724 -0.22 -20.41 53.05
C ARG E 724 0.51 -21.68 52.58
N ALA E 725 1.17 -22.44 53.49
CA ALA E 725 1.60 -23.79 53.12
C ALA E 725 0.39 -24.54 52.58
N THR E 726 0.64 -25.40 51.61
CA THR E 726 -0.40 -26.17 51.01
C THR E 726 -1.44 -26.69 52.00
N MET E 727 -1.00 -27.47 52.98
CA MET E 727 -1.97 -28.18 53.83
C MET E 727 -2.74 -27.23 54.73
N THR E 728 -2.08 -26.17 55.20
CA THR E 728 -2.73 -25.16 55.97
C THR E 728 -3.84 -24.47 55.16
N GLN E 729 -3.53 -24.11 53.92
CA GLN E 729 -4.53 -23.52 53.08
C GLN E 729 -5.67 -24.52 52.75
N ILE E 730 -5.32 -25.77 52.48
CA ILE E 730 -6.37 -26.76 52.19
C ILE E 730 -7.31 -26.90 53.40
N ALA E 731 -6.76 -26.90 54.61
CA ALA E 731 -7.61 -27.08 55.81
C ALA E 731 -8.61 -25.95 55.94
N GLU E 732 -8.15 -24.74 55.69
CA GLU E 732 -9.03 -23.54 55.77
C GLU E 732 -10.17 -23.60 54.76
N VAL E 733 -9.81 -23.90 53.53
CA VAL E 733 -10.76 -23.98 52.46
C VAL E 733 -11.75 -25.15 52.60
N ALA E 734 -11.28 -26.30 53.08
CA ALA E 734 -12.17 -27.38 53.43
C ALA E 734 -13.24 -26.94 54.48
N ASP E 735 -12.81 -26.23 55.52
CA ASP E 735 -13.69 -25.76 56.59
C ASP E 735 -14.70 -24.78 56.00
N ARG E 736 -14.22 -23.88 55.14
CA ARG E 736 -15.11 -22.88 54.58
C ARG E 736 -16.17 -23.51 53.65
N TYR E 737 -15.82 -24.51 52.85
CA TYR E 737 -16.79 -25.24 52.05
C TYR E 737 -17.76 -26.17 52.83
N GLY E 738 -17.27 -26.85 53.84
CA GLY E 738 -18.14 -27.67 54.64
C GLY E 738 -19.19 -26.82 55.35
N PHE E 739 -18.77 -25.68 55.88
CA PHE E 739 -19.67 -24.73 56.53
C PHE E 739 -20.71 -24.19 55.52
N MET E 740 -20.23 -23.85 54.33
CA MET E 740 -21.10 -23.45 53.26
C MET E 740 -22.12 -24.51 52.92
N ALA E 741 -21.72 -25.77 52.77
CA ALA E 741 -22.65 -26.79 52.29
C ALA E 741 -23.74 -26.99 53.33
N LYS E 742 -23.34 -26.88 54.57
CA LYS E 742 -24.28 -26.99 55.69
C LYS E 742 -25.23 -25.78 55.71
N ALA E 743 -24.66 -24.56 55.59
CA ALA E 743 -25.44 -23.33 55.57
C ALA E 743 -26.46 -23.32 54.45
N LEU E 744 -26.07 -23.80 53.27
CA LEU E 744 -26.97 -23.83 52.14
C LEU E 744 -27.83 -25.08 52.03
N GLU E 745 -27.71 -25.99 52.98
CA GLU E 745 -28.42 -27.24 52.91
C GLU E 745 -28.22 -27.92 51.61
N ALA E 746 -26.96 -27.98 51.17
CA ALA E 746 -26.61 -28.64 49.93
C ALA E 746 -26.00 -30.02 50.16
N PRO E 747 -26.58 -31.07 49.55
CA PRO E 747 -26.02 -32.44 49.67
C PRO E 747 -24.80 -32.70 48.79
N TRP E 748 -23.95 -33.62 49.25
CA TRP E 748 -22.81 -34.08 48.49
C TRP E 748 -23.26 -34.98 47.35
N ILE E 749 -22.61 -34.85 46.20
CA ILE E 749 -22.91 -35.69 45.03
C ILE E 749 -21.73 -36.55 44.66
N ASN F 14 3.85 -16.60 44.01
CA ASN F 14 4.47 -17.93 44.15
C ASN F 14 3.69 -18.84 45.14
N ALA F 15 2.38 -18.93 44.93
CA ALA F 15 1.54 -19.80 45.72
C ALA F 15 1.95 -21.27 45.54
N SER F 16 1.93 -22.04 46.62
CA SER F 16 2.44 -23.42 46.61
C SER F 16 1.52 -24.31 45.83
N ALA F 17 0.25 -23.90 45.69
CA ALA F 17 -0.76 -24.76 45.09
C ALA F 17 -2.01 -23.92 44.76
N PRO F 18 -2.71 -24.24 43.67
CA PRO F 18 -3.96 -23.54 43.30
C PRO F 18 -5.14 -24.16 44.06
N VAL F 19 -5.20 -23.85 45.32
CA VAL F 19 -6.25 -24.43 46.13
C VAL F 19 -7.64 -23.83 45.79
N THR G 29 7.07 -3.77 -81.77
CA THR G 29 8.43 -4.34 -82.08
C THR G 29 9.52 -3.61 -81.29
N SER G 30 10.11 -2.59 -81.91
CA SER G 30 11.38 -2.05 -81.41
C SER G 30 11.31 -1.22 -80.12
N GLY G 31 12.43 -1.16 -79.43
CA GLY G 31 12.56 -0.28 -78.28
C GLY G 31 12.94 1.11 -78.72
N PHE G 32 13.59 1.85 -77.82
CA PHE G 32 14.05 3.20 -78.09
C PHE G 32 15.07 3.21 -79.22
N SER G 33 14.86 4.09 -80.20
CA SER G 33 15.69 4.16 -81.40
C SER G 33 16.38 5.53 -81.60
N LYS G 34 15.61 6.60 -81.50
CA LYS G 34 16.13 7.91 -81.85
C LYS G 34 17.32 8.34 -80.98
N PRO G 35 18.33 8.97 -81.60
CA PRO G 35 19.44 9.48 -80.79
C PRO G 35 18.93 10.51 -79.82
N LEU G 36 19.48 10.54 -78.61
CA LEU G 36 19.03 11.49 -77.60
C LEU G 36 20.01 12.59 -77.51
N HIS G 37 19.50 13.77 -77.27
CA HIS G 37 20.32 14.94 -77.19
C HIS G 37 20.26 15.41 -75.78
N TYR G 38 21.22 15.02 -74.96
CA TYR G 38 21.16 15.36 -73.57
C TYR G 38 21.62 16.81 -73.40
N PRO G 39 20.86 17.62 -72.66
CA PRO G 39 21.22 19.02 -72.54
C PRO G 39 22.50 19.22 -71.71
N PRO G 40 23.22 20.30 -71.95
CA PRO G 40 24.39 20.62 -71.12
C PRO G 40 23.97 20.92 -69.70
N VAL G 41 24.70 20.35 -68.75
CA VAL G 41 24.44 20.62 -67.36
C VAL G 41 25.78 20.96 -66.72
N ARG G 42 25.88 22.14 -66.15
CA ARG G 42 27.14 22.60 -65.54
C ARG G 42 27.57 21.84 -64.28
N ARG G 43 28.85 21.48 -64.22
CA ARG G 43 29.46 20.85 -63.01
C ARG G 43 30.31 21.84 -62.26
N ASP G 44 30.06 22.00 -60.97
CA ASP G 44 30.96 22.81 -60.15
C ASP G 44 31.99 21.88 -59.46
N GLU G 45 33.18 21.74 -60.07
CA GLU G 45 34.18 20.79 -59.61
C GLU G 45 34.92 21.20 -58.32
N THR G 46 34.58 22.36 -57.79
CA THR G 46 35.18 22.78 -56.55
C THR G 46 34.44 22.34 -55.27
N VAL G 47 33.17 21.90 -55.38
CA VAL G 47 32.35 21.66 -54.18
C VAL G 47 32.72 20.31 -53.63
N VAL G 48 33.33 20.32 -52.45
CA VAL G 48 33.81 19.07 -51.85
C VAL G 48 33.57 19.19 -50.39
N ASP G 49 33.18 18.09 -49.77
CA ASP G 49 33.00 18.07 -48.31
C ASP G 49 33.81 16.92 -47.76
N ASP G 50 34.29 17.11 -46.55
CA ASP G 50 34.99 16.07 -45.83
C ASP G 50 34.06 15.40 -44.84
N TYR G 51 33.75 14.13 -45.04
CA TYR G 51 32.95 13.39 -44.06
C TYR G 51 33.85 12.42 -43.36
N PHE G 52 34.34 12.82 -42.19
CA PHE G 52 35.16 11.92 -41.38
C PHE G 52 36.33 11.32 -42.16
N GLY G 53 37.01 12.17 -42.94
CA GLY G 53 38.13 11.76 -43.76
C GLY G 53 37.80 11.28 -45.15
N VAL G 54 36.51 11.12 -45.48
CA VAL G 54 36.12 10.76 -46.84
C VAL G 54 35.73 12.02 -47.59
N LYS G 55 36.36 12.27 -48.73
CA LYS G 55 36.12 13.46 -49.54
C LYS G 55 35.01 13.15 -50.50
N VAL G 56 33.92 13.92 -50.42
CA VAL G 56 32.76 13.71 -51.27
C VAL G 56 32.54 14.94 -52.06
N ALA G 57 32.64 14.81 -53.37
CA ALA G 57 32.39 15.95 -54.26
C ALA G 57 30.88 16.05 -54.48
N ASP G 58 30.38 17.27 -54.65
CA ASP G 58 28.94 17.54 -54.99
C ASP G 58 28.84 18.51 -56.17
N PRO G 59 29.21 18.07 -57.38
CA PRO G 59 29.25 19.01 -58.53
C PRO G 59 27.95 19.63 -58.95
N TYR G 60 26.80 19.07 -58.52
CA TYR G 60 25.48 19.68 -58.82
C TYR G 60 24.81 20.28 -57.58
N ARG G 61 25.61 20.69 -56.62
CA ARG G 61 25.15 21.45 -55.45
C ARG G 61 24.21 22.61 -55.81
N TRP G 62 24.50 23.23 -56.93
CA TRP G 62 23.75 24.42 -57.37
C TRP G 62 22.29 24.12 -57.67
N LEU G 63 21.99 22.88 -58.04
CA LEU G 63 20.58 22.44 -58.22
C LEU G 63 19.75 22.46 -56.93
N GLU G 64 20.38 22.61 -55.76
CA GLU G 64 19.64 22.78 -54.51
C GLU G 64 18.90 24.08 -54.38
N ASP G 65 19.18 25.06 -55.24
CA ASP G 65 18.45 26.33 -55.24
C ASP G 65 17.39 26.32 -56.36
N PRO G 66 16.09 26.24 -55.98
CA PRO G 66 15.06 26.02 -57.00
C PRO G 66 14.71 27.31 -57.72
N ASN G 67 15.23 28.43 -57.23
CA ASN G 67 14.90 29.75 -57.77
C ASN G 67 15.91 30.37 -58.74
N SER G 68 17.09 29.78 -58.90
CA SER G 68 18.10 30.33 -59.81
C SER G 68 17.66 30.15 -61.25
N GLU G 69 18.12 31.04 -62.12
CA GLU G 69 17.83 30.86 -63.55
C GLU G 69 18.51 29.63 -64.12
N GLU G 70 19.65 29.27 -63.57
CA GLU G 70 20.32 28.10 -64.00
C GLU G 70 19.44 26.85 -63.69
N THR G 71 18.91 26.79 -62.48
CA THR G 71 18.06 25.64 -62.12
C THR G 71 16.79 25.62 -62.98
N LYS G 72 16.16 26.77 -63.14
CA LYS G 72 14.95 26.82 -63.99
C LYS G 72 15.24 26.38 -65.41
N GLU G 73 16.41 26.77 -65.91
CA GLU G 73 16.86 26.35 -67.23
C GLU G 73 17.05 24.86 -67.31
N PHE G 74 17.66 24.28 -66.28
CA PHE G 74 17.80 22.84 -66.19
C PHE G 74 16.43 22.16 -66.36
N VAL G 75 15.48 22.60 -65.56
CA VAL G 75 14.13 22.07 -65.63
C VAL G 75 13.51 22.22 -67.02
N ASP G 76 13.58 23.43 -67.56
CA ASP G 76 13.17 23.59 -68.96
C ASP G 76 13.86 22.60 -69.90
N ASN G 77 15.16 22.46 -69.80
CA ASN G 77 15.90 21.55 -70.69
C ASN G 77 15.52 20.04 -70.53
N GLN G 78 15.36 19.62 -69.27
CA GLN G 78 14.91 18.27 -69.01
C GLN G 78 13.48 17.97 -69.45
N GLU G 79 12.60 18.96 -69.33
CA GLU G 79 11.24 18.85 -69.83
C GLU G 79 11.22 18.65 -71.34
N LYS G 80 12.07 19.41 -72.01
CA LYS G 80 12.17 19.31 -73.44
C LYS G 80 12.64 17.92 -73.82
N LEU G 81 13.69 17.45 -73.18
CA LEU G 81 14.19 16.12 -73.48
C LEU G 81 13.10 15.04 -73.23
N ALA G 82 12.47 15.11 -72.06
CA ALA G 82 11.40 14.16 -71.66
C ALA G 82 10.32 14.10 -72.68
N ASN G 83 9.84 15.27 -73.08
CA ASN G 83 8.79 15.34 -74.10
C ASN G 83 9.21 14.67 -75.40
N SER G 84 10.45 14.89 -75.79
CA SER G 84 10.96 14.28 -77.00
C SER G 84 11.00 12.75 -76.92
N VAL G 85 11.36 12.22 -75.76
CA VAL G 85 11.37 10.79 -75.60
C VAL G 85 9.96 10.22 -75.52
N LEU G 86 9.13 10.86 -74.73
CA LEU G 86 7.77 10.36 -74.62
C LEU G 86 7.05 10.38 -75.95
N GLU G 87 7.35 11.32 -76.84
CA GLU G 87 6.66 11.33 -78.14
C GLU G 87 7.01 10.08 -78.96
N GLU G 88 8.13 9.44 -78.67
CA GLU G 88 8.56 8.17 -79.27
C GLU G 88 7.75 6.97 -78.67
N CYS G 89 7.00 7.20 -77.57
CA CYS G 89 6.31 6.13 -76.87
C CYS G 89 4.88 6.12 -77.32
N GLU G 90 4.65 5.35 -78.36
CA GLU G 90 3.40 5.47 -79.09
C GLU G 90 2.19 4.79 -78.44
N LEU G 91 2.36 4.13 -77.27
CA LEU G 91 1.20 3.54 -76.59
C LEU G 91 0.71 4.41 -75.45
N ILE G 92 1.32 5.59 -75.23
CA ILE G 92 0.80 6.48 -74.19
C ILE G 92 -0.68 6.82 -74.38
N ASP G 93 -1.08 7.15 -75.63
CA ASP G 93 -2.47 7.48 -75.89
C ASP G 93 -3.46 6.32 -75.69
N LYS G 94 -3.05 5.11 -76.07
CA LYS G 94 -3.80 3.90 -75.80
C LYS G 94 -3.93 3.56 -74.32
N PHE G 95 -2.86 3.72 -73.55
CA PHE G 95 -2.94 3.53 -72.10
C PHE G 95 -3.88 4.58 -71.50
N LYS G 96 -3.69 5.81 -71.90
CA LYS G 96 -4.45 6.90 -71.30
C LYS G 96 -5.96 6.72 -71.43
N GLN G 97 -6.43 6.36 -72.62
CA GLN G 97 -7.86 6.22 -72.81
C GLN G 97 -8.40 5.02 -72.06
N LYS G 98 -7.63 3.94 -72.06
CA LYS G 98 -8.04 2.77 -71.30
C LYS G 98 -8.12 3.02 -69.78
N ILE G 99 -7.23 3.86 -69.25
CA ILE G 99 -7.24 4.20 -67.81
C ILE G 99 -8.44 5.09 -67.48
N ILE G 100 -8.69 6.06 -68.34
CA ILE G 100 -9.90 6.86 -68.25
C ILE G 100 -11.16 6.00 -68.27
N ASP G 101 -11.26 5.06 -69.19
CA ASP G 101 -12.47 4.27 -69.33
C ASP G 101 -12.65 3.35 -68.11
N PHE G 102 -11.56 2.77 -67.61
CA PHE G 102 -11.61 1.91 -66.43
C PHE G 102 -11.91 2.65 -65.11
N VAL G 103 -11.54 3.92 -65.01
CA VAL G 103 -11.76 4.74 -63.83
C VAL G 103 -13.12 5.42 -63.78
N ASN G 104 -13.86 5.33 -64.91
CA ASN G 104 -15.09 6.06 -65.10
C ASN G 104 -16.31 5.31 -64.55
N PHE G 105 -16.32 5.22 -63.20
CA PHE G 105 -17.38 4.57 -62.45
C PHE G 105 -17.62 5.34 -61.18
N PRO G 106 -18.89 5.43 -60.75
CA PRO G 106 -19.15 6.21 -59.50
C PRO G 106 -18.62 5.48 -58.25
N ARG G 107 -18.06 6.29 -57.33
CA ARG G 107 -17.51 5.84 -56.09
C ARG G 107 -18.14 6.61 -54.90
N CYS G 108 -18.80 5.84 -54.02
CA CYS G 108 -19.39 6.35 -52.75
C CYS G 108 -18.52 5.88 -51.60
N GLY G 109 -17.83 6.83 -50.93
CA GLY G 109 -16.99 6.51 -49.81
C GLY G 109 -17.76 6.05 -48.57
N VAL G 110 -17.03 5.52 -47.59
CA VAL G 110 -17.61 5.02 -46.37
C VAL G 110 -18.35 6.17 -45.62
N PRO G 111 -19.64 6.01 -45.35
CA PRO G 111 -20.40 7.00 -44.60
C PRO G 111 -20.13 7.00 -43.10
N PHE G 112 -20.15 8.19 -42.50
CA PHE G 112 -20.14 8.30 -41.04
C PHE G 112 -21.32 9.14 -40.55
N ARG G 113 -21.71 8.88 -39.30
CA ARG G 113 -22.89 9.50 -38.73
C ARG G 113 -22.57 10.61 -37.74
N ARG G 114 -23.36 11.70 -37.77
CA ARG G 114 -23.37 12.72 -36.71
C ARG G 114 -24.83 13.04 -36.48
N ALA G 115 -25.29 13.01 -35.22
CA ALA G 115 -26.70 13.18 -34.90
C ALA G 115 -27.54 12.25 -35.78
N ASN G 116 -28.47 12.77 -36.56
CA ASN G 116 -29.28 11.88 -37.40
C ASN G 116 -28.94 12.08 -38.85
N LYS G 117 -27.72 12.54 -39.17
CA LYS G 117 -27.29 12.78 -40.55
C LYS G 117 -26.12 11.88 -40.90
N TYR G 118 -25.91 11.70 -42.19
CA TYR G 118 -24.78 10.88 -42.70
C TYR G 118 -23.96 11.69 -43.63
N PHE G 119 -22.66 11.43 -43.63
CA PHE G 119 -21.74 12.14 -44.46
C PHE G 119 -20.83 11.17 -45.19
N HIS G 120 -20.46 11.56 -46.41
CA HIS G 120 -19.48 10.81 -47.13
C HIS G 120 -18.95 11.53 -48.33
N PHE G 121 -17.85 11.03 -48.88
CA PHE G 121 -17.32 11.53 -50.16
C PHE G 121 -17.93 10.77 -51.35
N TYR G 122 -18.12 11.48 -52.45
CA TYR G 122 -18.63 10.95 -53.71
C TYR G 122 -17.81 11.47 -54.89
N ASN G 123 -17.66 10.63 -55.91
CA ASN G 123 -17.10 11.00 -57.15
C ASN G 123 -17.92 10.24 -58.21
N SER G 124 -18.39 10.96 -59.24
CA SER G 124 -19.17 10.37 -60.32
C SER G 124 -18.29 9.44 -61.17
N GLY G 125 -16.97 9.60 -61.07
CA GLY G 125 -16.03 8.75 -61.76
C GLY G 125 -14.79 9.50 -62.19
N LEU G 126 -14.99 10.61 -62.88
CA LEU G 126 -13.92 11.38 -63.41
C LEU G 126 -13.85 12.81 -62.92
N GLN G 127 -14.46 13.10 -61.77
CA GLN G 127 -14.29 14.45 -61.17
C GLN G 127 -12.86 14.56 -60.65
N ALA G 128 -12.30 15.76 -60.74
CA ALA G 128 -10.92 15.99 -60.33
C ALA G 128 -10.67 15.56 -58.87
N GLN G 129 -11.62 15.89 -58.00
CA GLN G 129 -11.59 15.56 -56.57
C GLN G 129 -12.98 15.14 -56.08
N ASN G 130 -13.03 14.38 -54.99
CA ASN G 130 -14.23 13.87 -54.43
C ASN G 130 -14.96 15.04 -53.79
N VAL G 131 -16.27 14.91 -53.83
CA VAL G 131 -17.21 15.89 -53.30
C VAL G 131 -17.74 15.42 -51.96
N PHE G 132 -17.79 16.32 -50.99
CA PHE G 132 -18.29 15.95 -49.66
C PHE G 132 -19.81 16.18 -49.56
N GLN G 133 -20.56 15.14 -49.22
CA GLN G 133 -22.00 15.15 -49.30
C GLN G 133 -22.60 14.82 -47.95
N MET G 134 -23.83 15.30 -47.75
CA MET G 134 -24.65 15.00 -46.52
C MET G 134 -26.02 14.39 -46.92
N GLN G 135 -26.54 13.49 -46.10
CA GLN G 135 -27.87 12.90 -46.27
C GLN G 135 -28.59 12.86 -44.94
N ASP G 136 -29.92 12.83 -45.01
CA ASP G 136 -30.73 12.52 -43.86
C ASP G 136 -30.85 11.05 -43.64
N ASP G 137 -30.69 10.30 -44.72
CA ASP G 137 -30.96 8.86 -44.72
C ASP G 137 -29.90 8.21 -45.60
N LEU G 138 -29.40 7.05 -45.19
CA LEU G 138 -28.34 6.38 -45.95
C LEU G 138 -28.63 6.15 -47.43
N ASP G 139 -29.89 5.98 -47.78
CA ASP G 139 -30.26 5.78 -49.17
C ASP G 139 -31.12 6.94 -49.64
N GLY G 140 -30.98 8.09 -48.97
CA GLY G 140 -31.75 9.28 -49.33
C GLY G 140 -30.92 10.19 -50.19
N LYS G 141 -31.53 11.27 -50.66
CA LYS G 141 -30.94 12.15 -51.66
C LYS G 141 -29.78 12.95 -51.04
N PRO G 142 -28.63 12.98 -51.71
CA PRO G 142 -27.49 13.68 -51.11
C PRO G 142 -27.50 15.12 -51.42
N GLU G 143 -26.95 15.91 -50.53
CA GLU G 143 -26.76 17.34 -50.76
C GLU G 143 -25.26 17.57 -50.73
N VAL G 144 -24.77 18.40 -51.62
CA VAL G 144 -23.37 18.77 -51.64
C VAL G 144 -23.03 19.76 -50.52
N LEU G 145 -22.10 19.40 -49.67
CA LEU G 145 -21.65 20.30 -48.60
C LEU G 145 -20.47 21.12 -49.07
N TYR G 146 -19.52 20.48 -49.76
CA TYR G 146 -18.39 21.17 -50.31
C TYR G 146 -17.81 20.45 -51.50
N ASP G 147 -17.65 21.21 -52.59
CA ASP G 147 -17.13 20.70 -53.87
C ASP G 147 -15.79 21.36 -54.20
N PRO G 148 -14.67 20.63 -53.96
CA PRO G 148 -13.36 21.13 -54.23
C PRO G 148 -13.09 21.45 -55.70
N ASN G 149 -13.86 20.87 -56.58
CA ASN G 149 -13.67 21.06 -57.99
C ASN G 149 -13.92 22.47 -58.45
N LEU G 150 -14.68 23.24 -57.67
CA LEU G 150 -14.97 24.64 -57.98
C LEU G 150 -13.85 25.56 -57.58
N ARG G 151 -12.82 25.05 -56.91
CA ARG G 151 -11.71 25.89 -56.50
C ARG G 151 -10.42 25.45 -57.20
N GLU G 152 -9.76 26.36 -57.92
CA GLU G 152 -8.52 26.03 -58.62
C GLU G 152 -8.63 24.76 -59.49
N GLY G 153 -9.78 24.60 -60.14
CA GLY G 153 -10.08 23.44 -60.98
C GLY G 153 -9.88 22.10 -60.30
N GLY G 154 -9.99 22.08 -58.97
CA GLY G 154 -9.80 20.85 -58.20
C GLY G 154 -8.37 20.38 -58.20
N ARG G 155 -7.39 21.31 -58.14
CA ARG G 155 -5.97 20.91 -57.99
C ARG G 155 -5.77 20.05 -56.77
N SER G 156 -6.43 20.43 -55.68
CA SER G 156 -6.38 19.68 -54.43
C SER G 156 -7.78 19.38 -53.89
N GLY G 157 -7.90 18.27 -53.20
CA GLY G 157 -9.17 17.88 -52.59
C GLY G 157 -9.15 18.18 -51.09
N LEU G 158 -10.12 17.67 -50.39
CA LEU G 158 -10.14 17.82 -48.94
C LEU G 158 -9.27 16.79 -48.23
N SER G 159 -8.45 17.30 -47.32
CA SER G 159 -7.69 16.49 -46.38
C SER G 159 -8.26 16.65 -44.95
N LEU G 160 -8.76 17.83 -44.64
CA LEU G 160 -9.41 18.07 -43.37
C LEU G 160 -10.89 18.24 -43.57
N TYR G 161 -11.64 17.39 -42.92
CA TYR G 161 -13.06 17.45 -43.01
C TYR G 161 -13.41 17.01 -41.60
N SER G 162 -14.35 17.75 -40.97
CA SER G 162 -14.79 17.44 -39.64
C SER G 162 -16.18 17.98 -39.41
N VAL G 163 -17.10 17.16 -38.97
CA VAL G 163 -18.48 17.57 -38.72
C VAL G 163 -18.73 17.55 -37.24
N SER G 164 -19.43 18.56 -36.77
CA SER G 164 -19.72 18.70 -35.35
C SER G 164 -20.68 17.63 -34.86
N GLU G 165 -20.71 17.43 -33.55
CA GLU G 165 -21.56 16.41 -32.98
C GLU G 165 -23.04 16.57 -33.25
N ASP G 166 -23.50 17.80 -33.36
CA ASP G 166 -24.92 18.07 -33.66
C ASP G 166 -25.18 18.13 -35.17
N ALA G 167 -24.15 17.83 -36.00
CA ALA G 167 -24.26 17.83 -37.45
C ALA G 167 -24.59 19.21 -38.06
N LYS G 168 -24.50 20.27 -37.27
CA LYS G 168 -24.75 21.62 -37.78
C LYS G 168 -23.59 22.30 -38.44
N TYR G 169 -22.36 21.88 -38.13
CA TYR G 169 -21.19 22.57 -38.64
C TYR G 169 -20.16 21.67 -39.29
N PHE G 170 -19.50 22.19 -40.32
CA PHE G 170 -18.51 21.45 -41.10
C PHE G 170 -17.28 22.32 -41.12
N ALA G 171 -16.21 21.85 -40.48
CA ALA G 171 -14.89 22.50 -40.57
C ALA G 171 -14.00 21.76 -41.59
N PHE G 172 -13.35 22.51 -42.47
CA PHE G 172 -12.53 21.91 -43.51
C PHE G 172 -11.37 22.79 -43.91
N GLY G 173 -10.35 22.15 -44.48
CA GLY G 173 -9.09 22.79 -44.87
C GLY G 173 -9.06 23.12 -46.34
N ILE G 174 -8.65 24.34 -46.65
CA ILE G 174 -8.39 24.78 -48.04
C ILE G 174 -6.89 25.14 -48.15
N HIS G 175 -6.26 24.63 -49.20
CA HIS G 175 -4.91 25.06 -49.56
C HIS G 175 -5.05 26.37 -50.31
N SER G 176 -4.21 27.32 -50.03
CA SER G 176 -4.38 28.60 -50.73
C SER G 176 -3.58 28.65 -52.01
N GLY G 177 -2.33 28.22 -51.96
CA GLY G 177 -1.50 28.11 -53.15
C GLY G 177 -0.89 26.72 -53.16
N LEU G 178 0.36 26.63 -53.60
CA LEU G 178 1.00 25.31 -53.80
C LEU G 178 1.65 24.78 -52.51
N THR G 179 1.78 25.64 -51.49
CA THR G 179 2.44 25.22 -50.24
C THR G 179 1.58 24.21 -49.47
N GLU G 180 2.17 23.65 -48.42
CA GLU G 180 1.46 22.70 -47.56
C GLU G 180 0.49 23.42 -46.56
N TRP G 181 0.58 24.75 -46.40
CA TRP G 181 -0.28 25.45 -45.42
C TRP G 181 -1.76 25.38 -45.79
N VAL G 182 -2.58 25.19 -44.77
CA VAL G 182 -4.03 25.05 -44.89
C VAL G 182 -4.69 26.17 -44.09
N THR G 183 -5.83 26.66 -44.60
CA THR G 183 -6.76 27.50 -43.84
C THR G 183 -7.96 26.63 -43.48
N ILE G 184 -8.35 26.63 -42.20
CA ILE G 184 -9.62 26.06 -41.83
C ILE G 184 -10.77 27.08 -41.95
N LYS G 185 -11.83 26.68 -42.67
CA LYS G 185 -13.10 27.42 -42.71
C LYS G 185 -14.21 26.52 -42.17
N ILE G 186 -15.36 27.13 -41.83
CA ILE G 186 -16.44 26.46 -41.17
C ILE G 186 -17.75 26.91 -41.86
N LEU G 187 -18.52 25.92 -42.27
CA LEU G 187 -19.83 26.13 -42.90
C LEU G 187 -20.90 25.60 -42.03
N LYS G 188 -22.09 26.19 -42.16
CA LYS G 188 -23.29 25.61 -41.59
C LYS G 188 -23.85 24.61 -42.57
N THR G 189 -24.08 23.40 -42.11
CA THR G 189 -24.61 22.38 -42.98
C THR G 189 -25.99 22.69 -43.52
N GLU G 190 -26.79 23.45 -42.78
CA GLU G 190 -28.19 23.62 -43.22
C GLU G 190 -28.31 24.36 -44.53
N ASP G 191 -27.52 25.42 -44.70
CA ASP G 191 -27.60 26.25 -45.92
C ASP G 191 -26.29 26.49 -46.60
N ARG G 192 -25.22 25.87 -46.11
CA ARG G 192 -23.95 26.03 -46.77
C ARG G 192 -23.35 27.44 -46.60
N SER G 193 -23.87 28.24 -45.69
CA SER G 193 -23.31 29.56 -45.42
C SER G 193 -22.03 29.44 -44.55
N TYR G 194 -21.06 30.27 -44.84
CA TYR G 194 -19.83 30.32 -44.08
C TYR G 194 -19.98 31.12 -42.78
N LEU G 195 -19.35 30.62 -41.73
CA LEU G 195 -19.02 31.41 -40.57
C LEU G 195 -17.88 32.34 -40.94
N PRO G 196 -17.74 33.47 -40.23
CA PRO G 196 -16.58 34.28 -40.51
C PRO G 196 -15.25 33.67 -40.08
N ASP G 197 -15.28 32.80 -39.09
CA ASP G 197 -14.05 32.23 -38.53
C ASP G 197 -13.06 31.69 -39.57
N THR G 198 -11.81 32.12 -39.47
CA THR G 198 -10.80 31.66 -40.42
C THR G 198 -9.54 31.29 -39.63
N LEU G 199 -9.11 30.04 -39.69
CA LEU G 199 -7.95 29.64 -38.90
C LEU G 199 -6.78 29.32 -39.82
N GLU G 200 -5.70 30.08 -39.67
CA GLU G 200 -4.51 29.94 -40.51
C GLU G 200 -3.40 29.14 -39.81
N TRP G 201 -2.35 28.84 -40.56
CA TRP G 201 -1.15 28.24 -40.02
C TRP G 201 -1.37 26.81 -39.54
N VAL G 202 -2.19 26.09 -40.30
CA VAL G 202 -2.48 24.71 -40.03
C VAL G 202 -1.81 23.90 -41.14
N LYS G 203 -1.42 22.68 -40.83
CA LYS G 203 -0.96 21.70 -41.85
C LYS G 203 -1.83 20.44 -41.84
N PHE G 204 -1.52 19.46 -40.99
CA PHE G 204 -2.22 18.17 -40.99
C PHE G 204 -3.14 17.94 -39.80
N SER G 205 -3.40 18.98 -39.03
CA SER G 205 -4.21 18.86 -37.87
C SER G 205 -5.64 18.43 -38.21
N PRO G 206 -6.25 17.64 -37.35
CA PRO G 206 -7.66 17.45 -37.41
C PRO G 206 -8.36 18.60 -36.65
N ALA G 207 -9.67 18.57 -36.69
CA ALA G 207 -10.47 19.54 -35.92
C ALA G 207 -11.38 18.67 -35.08
N ILE G 208 -11.14 18.68 -33.78
CA ILE G 208 -11.76 17.76 -32.91
C ILE G 208 -12.82 18.48 -32.04
N TRP G 209 -14.09 18.14 -32.22
CA TRP G 209 -15.19 18.91 -31.63
C TRP G 209 -15.59 18.47 -30.25
N THR G 210 -15.86 19.45 -29.37
CA THR G 210 -16.40 19.11 -28.05
C THR G 210 -17.87 18.87 -28.19
N HIS G 211 -18.43 18.11 -27.27
CA HIS G 211 -19.83 17.69 -27.38
C HIS G 211 -20.85 18.83 -27.17
N ASP G 212 -20.40 19.95 -26.61
CA ASP G 212 -21.25 21.09 -26.42
C ASP G 212 -21.44 21.86 -27.73
N ASN G 213 -20.75 21.45 -28.79
CA ASN G 213 -20.80 22.14 -30.08
C ASN G 213 -20.34 23.61 -30.04
N LYS G 214 -19.56 23.97 -29.03
CA LYS G 214 -19.05 25.35 -28.94
C LYS G 214 -17.77 25.60 -29.73
N GLY G 215 -17.05 24.55 -30.10
CA GLY G 215 -15.81 24.67 -30.80
C GLY G 215 -15.03 23.38 -30.93
N PHE G 216 -13.74 23.48 -31.31
CA PHE G 216 -12.90 22.32 -31.56
C PHE G 216 -11.44 22.56 -31.24
N PHE G 217 -10.78 21.47 -30.89
CA PHE G 217 -9.32 21.43 -30.73
C PHE G 217 -8.67 21.28 -32.08
N TYR G 218 -7.54 21.96 -32.28
CA TYR G 218 -6.74 21.78 -33.47
C TYR G 218 -5.28 22.12 -33.12
N CYS G 219 -4.36 21.84 -34.04
CA CYS G 219 -2.91 21.89 -33.71
C CYS G 219 -2.13 22.70 -34.72
N PRO G 220 -2.19 24.01 -34.58
CA PRO G 220 -1.56 24.91 -35.57
C PRO G 220 -0.10 25.21 -35.23
N TYR G 221 0.54 25.96 -36.09
CA TYR G 221 1.89 26.45 -35.85
C TYR G 221 1.80 27.98 -35.58
N PRO G 222 2.80 28.59 -34.92
CA PRO G 222 2.88 30.05 -34.61
C PRO G 222 2.65 31.04 -35.78
N ASN G 237 7.62 24.09 -33.51
CA ASN G 237 6.96 24.67 -32.33
C ASN G 237 5.45 24.56 -32.45
N GLN G 238 4.98 23.43 -32.97
CA GLN G 238 3.56 23.17 -33.05
C GLN G 238 2.85 23.36 -31.68
N GLU G 239 1.61 23.87 -31.70
CA GLU G 239 0.81 24.06 -30.53
C GLU G 239 -0.50 23.25 -30.59
N ALA G 240 -1.07 23.00 -29.41
CA ALA G 240 -2.39 22.51 -29.29
C ALA G 240 -3.26 23.68 -28.81
N ARG G 241 -4.32 23.97 -29.57
CA ARG G 241 -5.23 25.10 -29.33
C ARG G 241 -6.71 24.67 -29.34
N TYR G 242 -7.53 25.43 -28.64
CA TYR G 242 -8.97 25.28 -28.73
C TYR G 242 -9.62 26.53 -29.32
N HIS G 243 -10.46 26.32 -30.33
CA HIS G 243 -11.12 27.42 -31.03
C HIS G 243 -12.60 27.42 -30.73
N PHE G 244 -13.07 28.53 -30.16
CA PHE G 244 -14.51 28.77 -29.98
C PHE G 244 -15.21 29.36 -31.25
N LEU G 245 -16.30 28.76 -31.68
CA LEU G 245 -17.06 29.27 -32.81
C LEU G 245 -17.47 30.72 -32.52
N GLY G 246 -17.39 31.57 -33.53
CA GLY G 246 -17.80 32.95 -33.47
C GLY G 246 -16.73 33.88 -32.89
N THR G 247 -15.51 33.37 -32.73
CA THR G 247 -14.38 34.18 -32.27
C THR G 247 -13.28 34.19 -33.33
N ASP G 248 -12.40 35.17 -33.23
CA ASP G 248 -11.21 35.23 -34.07
C ASP G 248 -10.14 34.24 -33.58
N GLN G 249 -9.26 33.80 -34.50
CA GLN G 249 -8.15 32.85 -34.16
C GLN G 249 -7.23 33.40 -33.05
N SER G 250 -7.09 34.73 -32.98
CA SER G 250 -6.27 35.36 -31.92
C SER G 250 -6.81 35.11 -30.54
N GLU G 251 -8.08 34.72 -30.41
CA GLU G 251 -8.64 34.41 -29.11
C GLU G 251 -8.50 32.95 -28.72
N ASP G 252 -7.92 32.12 -29.58
CA ASP G 252 -7.96 30.67 -29.33
C ASP G 252 -7.09 30.34 -28.11
N ILE G 253 -7.55 29.41 -27.28
CA ILE G 253 -6.89 29.04 -26.01
C ILE G 253 -5.70 28.13 -26.26
N LEU G 254 -4.54 28.49 -25.69
CA LEU G 254 -3.35 27.69 -25.81
C LEU G 254 -3.45 26.56 -24.75
N LEU G 255 -3.46 25.31 -25.19
CA LEU G 255 -3.41 24.17 -24.26
C LEU G 255 -1.99 23.59 -24.08
N TRP G 256 -1.19 23.58 -25.14
CA TRP G 256 0.18 23.03 -25.02
C TRP G 256 1.10 23.66 -26.06
N ARG G 257 2.33 23.89 -25.65
CA ARG G 257 3.46 24.18 -26.55
C ARG G 257 4.75 23.75 -25.76
N ASP G 258 5.86 23.53 -26.42
CA ASP G 258 7.15 23.14 -25.80
C ASP G 258 8.27 23.79 -26.58
N LEU G 259 8.61 25.02 -26.18
CA LEU G 259 9.67 25.77 -26.89
C LEU G 259 11.02 25.13 -26.71
N GLU G 260 11.16 24.32 -25.66
CA GLU G 260 12.42 23.64 -25.40
C GLU G 260 12.61 22.40 -26.31
N ASN G 261 11.55 21.95 -26.99
CA ASN G 261 11.63 20.81 -27.91
C ASN G 261 10.86 21.11 -29.16
N PRO G 262 11.37 22.07 -29.94
CA PRO G 262 10.66 22.56 -31.07
C PRO G 262 10.29 21.54 -32.15
N ALA G 263 11.01 20.43 -32.25
CA ALA G 263 10.75 19.47 -33.29
C ALA G 263 9.68 18.43 -32.87
N HIS G 264 9.30 18.38 -31.59
CA HIS G 264 8.21 17.46 -31.16
C HIS G 264 6.93 17.88 -31.83
N HIS G 265 6.19 16.92 -32.33
CA HIS G 265 4.96 17.21 -33.03
C HIS G 265 3.75 16.49 -32.45
N LEU G 266 2.55 16.88 -32.86
CA LEU G 266 1.35 16.59 -32.04
C LEU G 266 0.25 15.87 -32.84
N LYS G 267 -0.46 14.98 -32.15
CA LYS G 267 -1.77 14.52 -32.62
C LYS G 267 -2.75 14.61 -31.46
N CYS G 268 -4.06 14.62 -31.72
CA CYS G 268 -4.98 14.72 -30.63
C CYS G 268 -6.33 14.06 -30.92
N GLN G 269 -7.14 13.95 -29.87
CA GLN G 269 -8.33 13.14 -29.89
C GLN G 269 -9.22 13.52 -28.68
N ILE G 270 -10.52 13.36 -28.83
CA ILE G 270 -11.39 13.49 -27.67
C ILE G 270 -12.02 12.12 -27.49
N THR G 271 -12.26 11.71 -26.25
CA THR G 271 -12.91 10.47 -26.06
C THR G 271 -14.37 10.50 -26.51
N ASP G 272 -14.91 9.33 -26.82
CA ASP G 272 -16.28 9.26 -27.41
C ASP G 272 -17.33 9.82 -26.46
N ASP G 273 -17.09 9.73 -25.15
CA ASP G 273 -18.00 10.36 -24.16
C ASP G 273 -17.86 11.86 -24.04
N GLY G 274 -16.89 12.44 -24.71
CA GLY G 274 -16.68 13.87 -24.66
C GLY G 274 -15.93 14.37 -23.45
N LYS G 275 -15.51 13.49 -22.56
CA LYS G 275 -14.97 13.91 -21.26
C LYS G 275 -13.48 14.27 -21.20
N TYR G 276 -12.69 13.63 -22.05
CA TYR G 276 -11.22 13.84 -22.04
C TYR G 276 -10.66 14.23 -23.38
N PHE G 277 -9.79 15.23 -23.34
CA PHE G 277 -8.99 15.62 -24.46
C PHE G 277 -7.64 14.91 -24.29
N LEU G 278 -7.22 14.18 -25.31
CA LEU G 278 -5.96 13.44 -25.30
C LEU G 278 -5.03 14.08 -26.29
N LEU G 279 -3.84 14.42 -25.81
CA LEU G 279 -2.79 14.95 -26.61
C LEU G 279 -1.66 13.93 -26.74
N TYR G 280 -1.24 13.65 -27.96
CA TYR G 280 -0.16 12.71 -28.20
C TYR G 280 1.03 13.49 -28.73
N ILE G 281 2.18 13.27 -28.13
CA ILE G 281 3.42 13.96 -28.51
C ILE G 281 4.35 12.96 -29.14
N LEU G 282 4.84 13.28 -30.33
CA LEU G 282 5.70 12.41 -31.08
C LEU G 282 7.02 13.09 -31.42
N ASP G 283 8.04 12.29 -31.65
CA ASP G 283 9.35 12.90 -31.97
C ASP G 283 9.74 13.04 -33.47
N GLY G 284 10.12 12.00 -34.13
CA GLY G 284 10.40 12.03 -35.58
C GLY G 284 9.29 11.20 -36.25
N CYS G 285 9.68 10.12 -36.91
CA CYS G 285 8.69 9.22 -37.54
C CYS G 285 8.57 7.89 -36.81
N ASP G 286 9.19 7.76 -35.65
CA ASP G 286 9.09 6.51 -34.88
C ASP G 286 7.65 6.21 -34.41
N ASP G 287 7.28 4.92 -34.32
CA ASP G 287 5.96 4.52 -33.81
C ASP G 287 6.06 4.47 -32.27
N ALA G 288 6.01 5.67 -31.67
CA ALA G 288 6.12 5.83 -30.24
C ALA G 288 5.64 7.24 -29.91
N ASN G 289 5.01 7.38 -28.75
CA ASN G 289 4.40 8.65 -28.37
C ASN G 289 4.05 8.79 -26.90
N LYS G 290 4.04 10.04 -26.48
CA LYS G 290 3.56 10.43 -25.17
C LYS G 290 2.04 10.40 -25.18
N VAL G 291 1.45 10.28 -24.00
CA VAL G 291 0.01 10.44 -23.80
C VAL G 291 -0.27 11.39 -22.63
N TYR G 292 -0.88 12.51 -22.95
CA TYR G 292 -1.34 13.48 -21.96
C TYR G 292 -2.85 13.55 -21.99
N CYS G 293 -3.45 13.47 -20.82
CA CYS G 293 -4.93 13.45 -20.72
C CYS G 293 -5.44 14.65 -19.90
N LEU G 294 -6.41 15.35 -20.47
CA LEU G 294 -7.05 16.50 -19.83
C LEU G 294 -8.51 16.23 -19.61
N ASP G 295 -8.88 16.18 -18.34
CA ASP G 295 -10.24 15.96 -17.94
C ASP G 295 -11.05 17.24 -18.12
N LEU G 296 -11.93 17.25 -19.11
CA LEU G 296 -12.70 18.44 -19.39
C LEU G 296 -13.79 18.63 -18.34
N THR G 297 -14.18 17.59 -17.64
CA THR G 297 -15.29 17.71 -16.72
C THR G 297 -14.86 18.46 -15.45
N LYS G 298 -13.56 18.66 -15.25
CA LYS G 298 -13.06 19.19 -13.96
C LYS G 298 -12.59 20.62 -14.05
N LEU G 299 -12.88 21.25 -15.16
CA LEU G 299 -12.52 22.64 -15.33
C LEU G 299 -13.62 23.49 -14.70
N PRO G 300 -13.22 24.41 -13.80
CA PRO G 300 -14.23 25.22 -13.11
C PRO G 300 -15.14 25.98 -14.10
N ASN G 301 -14.57 26.49 -15.19
CA ASN G 301 -15.29 27.25 -16.20
C ASN G 301 -14.99 26.80 -17.64
N GLY G 302 -15.09 25.51 -17.91
CA GLY G 302 -14.83 25.00 -19.26
C GLY G 302 -13.46 25.44 -19.78
N LEU G 303 -13.32 25.49 -21.07
CA LEU G 303 -12.01 25.81 -21.66
C LEU G 303 -11.64 27.27 -21.49
N ALA G 313 -1.81 23.80 -19.99
CA ALA G 313 -2.94 23.30 -19.20
C ALA G 313 -2.52 22.12 -18.33
N PRO G 314 -3.31 21.79 -17.26
CA PRO G 314 -2.97 20.74 -16.30
C PRO G 314 -3.27 19.34 -16.85
N PHE G 315 -2.43 18.91 -17.76
CA PHE G 315 -2.50 17.53 -18.25
C PHE G 315 -2.04 16.54 -17.16
N MET G 316 -2.71 15.40 -17.09
CA MET G 316 -2.17 14.24 -16.45
C MET G 316 -1.25 13.57 -17.48
N LYS G 317 0.03 13.52 -17.16
CA LYS G 317 1.03 12.99 -18.05
C LYS G 317 1.15 11.48 -17.90
N LEU G 318 0.16 10.73 -18.41
CA LEU G 318 0.11 9.31 -18.23
C LEU G 318 1.38 8.62 -18.73
N ILE G 319 1.84 9.00 -19.93
CA ILE G 319 3.08 8.49 -20.52
C ILE G 319 3.90 9.71 -20.95
N ASP G 320 5.11 9.81 -20.42
CA ASP G 320 5.93 10.99 -20.63
C ASP G 320 7.29 10.63 -21.16
N SER G 321 7.36 9.57 -21.94
CA SER G 321 8.56 9.20 -22.67
C SER G 321 8.20 8.73 -24.04
N PHE G 322 9.21 8.48 -24.86
CA PHE G 322 9.01 7.96 -26.22
C PHE G 322 9.33 6.45 -26.32
N ASP G 323 8.98 5.67 -25.28
CA ASP G 323 9.33 4.27 -25.27
C ASP G 323 8.43 3.39 -26.12
N ALA G 324 7.19 3.78 -26.32
CA ALA G 324 6.21 2.89 -27.03
C ALA G 324 5.05 3.69 -27.60
N SER G 325 4.26 3.05 -28.47
CA SER G 325 3.13 3.67 -29.10
C SER G 325 1.97 3.39 -28.23
N TYR G 326 1.06 4.37 -28.19
CA TYR G 326 -0.17 4.32 -27.39
C TYR G 326 -1.31 5.06 -28.15
N THR G 327 -2.39 4.33 -28.48
CA THR G 327 -3.56 4.89 -29.04
C THR G 327 -4.76 4.49 -28.17
N ALA G 328 -5.48 5.50 -27.68
CA ALA G 328 -6.68 5.25 -26.90
C ALA G 328 -7.79 4.70 -27.76
N ILE G 329 -8.39 3.61 -27.33
CA ILE G 329 -9.44 2.95 -28.10
C ILE G 329 -10.76 3.22 -27.46
N ALA G 330 -10.82 3.13 -26.13
CA ALA G 330 -12.02 3.34 -25.38
C ALA G 330 -11.77 3.75 -23.95
N ASN G 331 -12.79 4.28 -23.31
CA ASN G 331 -12.73 4.45 -21.86
C ASN G 331 -14.11 4.41 -21.24
N ASP G 332 -14.13 4.01 -19.99
CA ASP G 332 -15.29 4.05 -19.11
C ASP G 332 -14.85 4.89 -17.89
N GLY G 333 -15.25 6.13 -17.83
CA GLY G 333 -14.71 7.09 -16.86
C GLY G 333 -13.18 7.15 -16.96
N SER G 334 -12.50 6.88 -15.84
CA SER G 334 -11.06 6.94 -15.80
C SER G 334 -10.35 5.66 -16.28
N VAL G 335 -11.10 4.63 -16.69
CA VAL G 335 -10.54 3.36 -17.03
C VAL G 335 -10.41 3.28 -18.56
N PHE G 336 -9.17 3.34 -19.01
CA PHE G 336 -8.79 3.44 -20.44
C PHE G 336 -8.31 2.16 -21.05
N THR G 337 -8.69 1.94 -22.29
CA THR G 337 -8.16 0.85 -23.12
C THR G 337 -7.33 1.39 -24.23
N PHE G 338 -6.05 1.00 -24.28
CA PHE G 338 -5.09 1.45 -25.26
C PHE G 338 -4.59 0.32 -26.15
N GLN G 339 -4.32 0.64 -27.41
CA GLN G 339 -3.51 -0.17 -28.28
C GLN G 339 -2.08 0.26 -28.08
N THR G 340 -1.16 -0.68 -27.92
CA THR G 340 0.25 -0.33 -27.68
C THR G 340 1.20 -1.36 -28.28
N ASN G 341 2.42 -0.93 -28.62
CA ASN G 341 3.50 -1.86 -28.91
C ASN G 341 4.51 -2.04 -27.71
N LYS G 342 4.14 -1.55 -26.52
CA LYS G 342 4.99 -1.74 -25.34
C LYS G 342 5.22 -3.22 -25.05
N ASP G 343 6.47 -3.64 -25.12
CA ASP G 343 6.84 -5.08 -24.98
C ASP G 343 6.03 -5.96 -25.93
N ALA G 344 5.64 -5.43 -27.09
CA ALA G 344 4.75 -6.15 -27.97
C ALA G 344 4.91 -5.64 -29.43
N PRO G 345 5.93 -6.13 -30.11
CA PRO G 345 6.18 -5.61 -31.44
C PRO G 345 5.06 -5.90 -32.43
N ARG G 346 4.18 -6.88 -32.14
CA ARG G 346 2.99 -7.11 -32.94
C ARG G 346 1.74 -6.43 -32.35
N LYS G 347 1.94 -5.59 -31.34
CA LYS G 347 0.86 -4.80 -30.70
C LYS G 347 -0.16 -5.62 -29.92
N LYS G 348 -0.83 -4.95 -28.97
CA LYS G 348 -1.80 -5.57 -28.08
C LYS G 348 -2.75 -4.52 -27.51
N LEU G 349 -3.78 -4.94 -26.78
CA LEU G 349 -4.62 -4.04 -26.05
C LEU G 349 -4.39 -4.18 -24.56
N VAL G 350 -4.31 -3.04 -23.88
CA VAL G 350 -4.05 -2.96 -22.45
C VAL G 350 -5.06 -1.99 -21.81
N ARG G 351 -5.18 -2.09 -20.49
CA ARG G 351 -6.16 -1.32 -19.72
C ARG G 351 -5.46 -0.77 -18.48
N VAL G 352 -5.77 0.47 -18.18
CA VAL G 352 -5.19 1.20 -17.11
C VAL G 352 -6.23 2.18 -16.57
N ASP G 353 -6.24 2.37 -15.25
CA ASP G 353 -7.09 3.34 -14.62
C ASP G 353 -6.22 4.59 -14.40
N LEU G 354 -6.61 5.71 -14.95
CA LEU G 354 -5.85 6.95 -14.76
C LEU G 354 -5.70 7.33 -13.26
N ASN G 355 -6.65 6.91 -12.45
CA ASN G 355 -6.57 7.15 -10.99
C ASN G 355 -5.58 6.24 -10.28
N ASN G 356 -5.20 5.13 -10.90
CA ASN G 356 -4.18 4.19 -10.38
C ASN G 356 -3.23 3.83 -11.52
N PRO G 357 -2.51 4.84 -12.04
CA PRO G 357 -1.82 4.65 -13.31
C PRO G 357 -0.56 3.72 -13.32
N SER G 358 -0.14 3.16 -12.20
CA SER G 358 1.04 2.25 -12.14
C SER G 358 0.69 0.84 -12.61
N VAL G 359 -0.60 0.55 -12.70
CA VAL G 359 -1.09 -0.79 -12.93
C VAL G 359 -1.73 -0.96 -14.29
N TRP G 360 -1.00 -1.59 -15.21
CA TRP G 360 -1.45 -1.83 -16.58
C TRP G 360 -1.74 -3.32 -16.76
N THR G 361 -2.85 -3.68 -17.38
CA THR G 361 -3.20 -5.08 -17.55
C THR G 361 -3.51 -5.39 -19.00
N ASP G 362 -3.03 -6.52 -19.52
CA ASP G 362 -3.35 -6.90 -20.89
C ASP G 362 -4.85 -7.17 -20.93
N LEU G 363 -5.53 -6.64 -21.93
CA LEU G 363 -6.93 -7.00 -22.23
C LEU G 363 -6.96 -8.01 -23.36
N VAL G 364 -6.27 -7.69 -24.46
CA VAL G 364 -6.07 -8.63 -25.57
C VAL G 364 -4.57 -8.80 -25.74
N PRO G 365 -4.05 -9.94 -25.32
CA PRO G 365 -2.58 -10.14 -25.41
C PRO G 365 -2.05 -10.08 -26.84
N GLU G 366 -0.76 -9.77 -27.00
CA GLU G 366 -0.08 -9.82 -28.29
C GLU G 366 -0.21 -11.21 -28.92
N SER G 367 -0.48 -11.26 -30.22
CA SER G 367 -0.39 -12.51 -30.95
C SER G 367 1.08 -12.87 -31.14
N LYS G 368 1.39 -14.17 -31.03
CA LYS G 368 2.71 -14.67 -31.41
C LYS G 368 3.04 -14.46 -32.89
N LYS G 369 2.00 -14.33 -33.71
CA LYS G 369 2.19 -14.30 -35.16
C LYS G 369 1.70 -13.02 -35.88
N ASP G 370 0.57 -12.49 -35.48
CA ASP G 370 -0.12 -11.51 -36.27
C ASP G 370 -0.08 -10.12 -35.64
N LEU G 371 0.10 -9.14 -36.49
CA LEU G 371 0.05 -7.69 -36.12
C LEU G 371 -1.39 -7.34 -35.83
N LEU G 372 -1.61 -6.68 -34.68
CA LEU G 372 -2.85 -6.03 -34.40
C LEU G 372 -2.67 -4.66 -34.99
N GLU G 373 -3.28 -4.45 -36.16
CA GLU G 373 -3.04 -3.24 -36.90
C GLU G 373 -3.87 -2.08 -36.35
N SER G 374 -5.14 -2.34 -36.08
CA SER G 374 -6.02 -1.32 -35.52
C SER G 374 -7.15 -1.93 -34.69
N ALA G 375 -7.83 -1.08 -33.91
CA ALA G 375 -8.90 -1.55 -33.03
C ALA G 375 -9.89 -0.47 -32.87
N HIS G 376 -11.18 -0.85 -32.86
CA HIS G 376 -12.24 0.14 -32.89
C HIS G 376 -13.38 -0.25 -31.96
N ALA G 377 -13.71 0.63 -31.03
CA ALA G 377 -14.85 0.41 -30.18
C ALA G 377 -16.14 0.74 -30.96
N VAL G 378 -17.09 -0.17 -30.91
CA VAL G 378 -18.35 -0.02 -31.68
C VAL G 378 -19.54 -0.68 -30.96
N ASN G 379 -20.73 -0.22 -31.32
CA ASN G 379 -21.99 -0.74 -30.75
C ASN G 379 -22.04 -0.75 -29.26
N GLU G 380 -21.53 0.34 -28.65
CA GLU G 380 -21.48 0.52 -27.16
C GLU G 380 -20.54 -0.38 -26.40
N ASN G 381 -20.55 -1.67 -26.70
CA ASN G 381 -19.85 -2.60 -25.87
C ASN G 381 -19.02 -3.66 -26.61
N GLN G 382 -18.74 -3.40 -27.88
CA GLN G 382 -17.85 -4.26 -28.62
C GLN G 382 -16.59 -3.54 -29.17
N LEU G 383 -15.68 -4.37 -29.68
CA LEU G 383 -14.44 -3.97 -30.31
C LEU G 383 -14.35 -4.73 -31.61
N ILE G 384 -14.00 -4.05 -32.69
CA ILE G 384 -13.53 -4.71 -33.89
C ILE G 384 -12.02 -4.53 -33.95
N LEU G 385 -11.30 -5.65 -33.99
CA LEU G 385 -9.84 -5.71 -34.16
C LEU G 385 -9.52 -6.10 -35.59
N ARG G 386 -8.61 -5.32 -36.18
CA ARG G 386 -8.12 -5.59 -37.52
C ARG G 386 -6.71 -6.10 -37.37
N TYR G 387 -6.57 -7.40 -37.60
CA TYR G 387 -5.31 -8.09 -37.63
C TYR G 387 -4.77 -8.21 -39.09
N LEU G 388 -3.45 -8.23 -39.21
CA LEU G 388 -2.77 -8.46 -40.48
C LEU G 388 -1.99 -9.77 -40.28
N SER G 389 -2.42 -10.79 -41.01
CA SER G 389 -1.95 -12.13 -40.90
C SER G 389 -1.36 -12.56 -42.24
N ASP G 390 -0.03 -12.67 -42.32
CA ASP G 390 0.71 -12.82 -43.57
C ASP G 390 0.16 -11.90 -44.64
N VAL G 391 0.10 -10.63 -44.28
CA VAL G 391 -0.31 -9.54 -45.18
C VAL G 391 -1.72 -9.68 -45.78
N LYS G 392 -2.61 -10.33 -45.05
CA LYS G 392 -3.99 -10.35 -45.34
C LYS G 392 -4.77 -10.02 -44.04
N HIS G 393 -5.84 -9.25 -44.17
CA HIS G 393 -6.64 -8.86 -43.00
C HIS G 393 -7.52 -9.96 -42.38
N VAL G 394 -7.67 -9.88 -41.06
CA VAL G 394 -8.58 -10.71 -40.32
C VAL G 394 -9.32 -9.76 -39.36
N LEU G 395 -10.63 -9.79 -39.40
CA LEU G 395 -11.42 -8.98 -38.54
C LEU G 395 -11.94 -9.82 -37.40
N GLU G 396 -11.71 -9.36 -36.18
CA GLU G 396 -12.33 -10.00 -35.01
C GLU G 396 -13.29 -9.04 -34.32
N ILE G 397 -14.43 -9.59 -33.88
CA ILE G 397 -15.36 -8.88 -33.00
C ILE G 397 -15.19 -9.45 -31.59
N ARG G 398 -15.03 -8.56 -30.62
CA ARG G 398 -14.80 -8.96 -29.23
C ARG G 398 -15.65 -8.16 -28.28
N ASP G 399 -15.84 -8.70 -27.08
CA ASP G 399 -16.51 -7.96 -26.01
C ASP G 399 -15.50 -6.91 -25.45
N LEU G 400 -15.91 -5.65 -25.40
CA LEU G 400 -15.01 -4.56 -24.91
C LEU G 400 -14.59 -4.74 -23.47
N GLU G 401 -15.58 -5.03 -22.61
CA GLU G 401 -15.29 -5.16 -21.19
C GLU G 401 -14.38 -6.34 -20.85
N SER G 402 -14.67 -7.53 -21.37
CA SER G 402 -13.86 -8.71 -21.00
C SER G 402 -12.74 -9.01 -21.94
N GLY G 403 -12.80 -8.50 -23.19
CA GLY G 403 -11.75 -8.81 -24.18
C GLY G 403 -12.04 -10.11 -24.91
N ALA G 404 -13.17 -10.74 -24.58
CA ALA G 404 -13.48 -12.10 -25.10
C ALA G 404 -13.84 -12.11 -26.58
N LEU G 405 -13.27 -13.05 -27.33
CA LEU G 405 -13.58 -13.20 -28.75
C LEU G 405 -15.00 -13.67 -29.00
N GLN G 406 -15.70 -13.00 -29.91
CA GLN G 406 -17.08 -13.29 -30.26
C GLN G 406 -17.19 -13.86 -31.67
N HIS G 407 -16.56 -13.23 -32.66
CA HIS G 407 -16.53 -13.71 -34.03
C HIS G 407 -15.24 -13.35 -34.72
N ARG G 408 -14.93 -14.10 -35.76
CA ARG G 408 -13.66 -13.96 -36.44
C ARG G 408 -13.87 -14.14 -37.91
N LEU G 409 -13.48 -13.14 -38.71
CA LEU G 409 -13.73 -13.15 -40.15
C LEU G 409 -12.43 -12.89 -40.93
N PRO G 410 -11.89 -13.94 -41.55
CA PRO G 410 -10.69 -13.81 -42.42
C PRO G 410 -11.06 -13.17 -43.71
N ILE G 411 -10.23 -12.25 -44.21
CA ILE G 411 -10.54 -11.49 -45.42
C ILE G 411 -9.68 -12.07 -46.57
N ASP G 412 -10.22 -12.00 -47.78
CA ASP G 412 -9.51 -12.40 -48.95
C ASP G 412 -8.33 -11.49 -49.19
N ILE G 413 -7.46 -11.90 -50.11
CA ILE G 413 -6.36 -11.01 -50.59
C ILE G 413 -6.96 -9.65 -51.01
N GLY G 414 -6.37 -8.57 -50.49
CA GLY G 414 -6.92 -7.23 -50.57
C GLY G 414 -6.73 -6.48 -49.25
N SER G 415 -7.58 -5.47 -49.01
CA SER G 415 -7.42 -4.64 -47.85
C SER G 415 -8.76 -4.14 -47.37
N VAL G 416 -9.02 -4.28 -46.08
CA VAL G 416 -10.07 -3.63 -45.38
C VAL G 416 -9.57 -2.44 -44.64
N ASP G 417 -10.18 -1.30 -44.86
CA ASP G 417 -9.86 -0.12 -44.07
C ASP G 417 -11.05 0.85 -43.96
N GLY G 418 -10.79 2.01 -43.36
CA GLY G 418 -11.77 3.06 -43.23
C GLY G 418 -12.89 2.85 -42.24
N ILE G 419 -12.65 2.13 -41.16
CA ILE G 419 -13.66 1.98 -40.09
C ILE G 419 -13.72 3.29 -39.27
N THR G 420 -14.77 4.08 -39.48
CA THR G 420 -14.94 5.37 -38.81
C THR G 420 -16.05 5.38 -37.80
N ALA G 421 -16.78 4.26 -37.69
CA ALA G 421 -17.84 4.13 -36.69
C ALA G 421 -17.28 4.45 -35.31
N ARG G 422 -18.12 5.09 -34.52
CA ARG G 422 -17.74 5.45 -33.17
C ARG G 422 -18.39 4.48 -32.20
N ARG G 423 -17.94 4.52 -30.97
CA ARG G 423 -18.48 3.59 -29.96
C ARG G 423 -20.00 3.69 -29.86
N ARG G 424 -20.52 4.91 -30.04
CA ARG G 424 -21.96 5.15 -29.99
C ARG G 424 -22.74 4.49 -31.13
N ASP G 425 -22.08 4.16 -32.23
CA ASP G 425 -22.76 3.75 -33.46
C ASP G 425 -22.95 2.22 -33.45
N SER G 426 -24.12 1.77 -33.86
CA SER G 426 -24.37 0.35 -33.94
C SER G 426 -24.26 -0.25 -35.35
N VAL G 427 -24.19 0.58 -36.38
CA VAL G 427 -23.92 0.17 -37.78
C VAL G 427 -22.48 0.51 -38.13
N VAL G 428 -21.67 -0.52 -38.43
CA VAL G 428 -20.25 -0.37 -38.82
C VAL G 428 -20.13 -0.52 -40.32
N PHE G 429 -19.38 0.38 -40.92
CA PHE G 429 -19.10 0.31 -42.31
C PHE G 429 -17.60 0.26 -42.50
N PHE G 430 -17.18 -0.44 -43.54
CA PHE G 430 -15.79 -0.35 -43.98
C PHE G 430 -15.64 -0.67 -45.46
N LYS G 431 -14.44 -0.40 -45.95
CA LYS G 431 -14.17 -0.45 -47.37
C LYS G 431 -13.26 -1.66 -47.62
N PHE G 432 -13.58 -2.48 -48.61
CA PHE G 432 -12.70 -3.53 -49.12
C PHE G 432 -12.27 -3.20 -50.57
N THR G 433 -10.97 -3.29 -50.86
CA THR G 433 -10.46 -3.22 -52.24
C THR G 433 -9.40 -4.32 -52.43
N SER G 434 -9.17 -4.65 -53.68
CA SER G 434 -8.14 -5.56 -54.00
C SER G 434 -7.66 -5.30 -55.41
N ILE G 435 -6.62 -6.00 -55.82
CA ILE G 435 -6.11 -5.85 -57.16
C ILE G 435 -7.21 -6.05 -58.19
N LEU G 436 -8.10 -6.99 -57.96
CA LEU G 436 -9.20 -7.25 -58.89
C LEU G 436 -10.59 -6.83 -58.41
N THR G 437 -10.66 -6.05 -57.33
CA THR G 437 -11.94 -5.64 -56.74
C THR G 437 -11.87 -4.14 -56.50
N PRO G 438 -12.56 -3.34 -57.35
CA PRO G 438 -12.43 -1.92 -57.28
C PRO G 438 -12.85 -1.23 -55.99
N GLY G 439 -13.84 -1.74 -55.30
CA GLY G 439 -14.18 -1.07 -54.05
C GLY G 439 -15.58 -1.40 -53.65
N ILE G 440 -15.70 -2.08 -52.51
CA ILE G 440 -16.96 -2.43 -51.91
C ILE G 440 -17.07 -1.77 -50.51
N VAL G 441 -18.22 -1.15 -50.22
CA VAL G 441 -18.47 -0.66 -48.86
C VAL G 441 -19.38 -1.70 -48.27
N TYR G 442 -18.92 -2.33 -47.21
CA TYR G 442 -19.69 -3.31 -46.48
C TYR G 442 -20.31 -2.69 -45.28
N GLN G 443 -21.45 -3.22 -44.91
CA GLN G 443 -22.07 -2.83 -43.67
C GLN G 443 -22.53 -3.96 -42.76
N CYS G 444 -22.45 -3.71 -41.45
CA CYS G 444 -22.91 -4.68 -40.42
C CYS G 444 -23.67 -3.96 -39.31
N ASP G 445 -24.96 -4.27 -39.18
CA ASP G 445 -25.79 -3.69 -38.13
C ASP G 445 -25.65 -4.59 -36.94
N LEU G 446 -24.71 -4.21 -36.07
CA LEU G 446 -24.35 -5.03 -34.93
C LEU G 446 -25.51 -5.18 -33.90
N LYS G 447 -26.50 -4.29 -33.93
CA LYS G 447 -27.61 -4.31 -32.99
C LYS G 447 -28.69 -5.27 -33.44
N ASN G 448 -29.19 -5.06 -34.65
CA ASN G 448 -30.33 -5.84 -35.18
C ASN G 448 -30.00 -7.02 -36.06
N ASP G 449 -28.81 -7.08 -36.66
CA ASP G 449 -28.48 -8.22 -37.52
C ASP G 449 -26.99 -8.53 -37.58
N PRO G 450 -26.37 -8.87 -36.43
CA PRO G 450 -24.90 -8.93 -36.32
C PRO G 450 -24.23 -10.00 -37.18
N THR G 451 -24.98 -11.04 -37.55
CA THR G 451 -24.45 -12.19 -38.27
C THR G 451 -24.22 -11.95 -39.78
N GLN G 452 -24.85 -10.90 -40.34
CA GLN G 452 -24.70 -10.63 -41.81
C GLN G 452 -23.87 -9.37 -42.16
N LEU G 453 -22.86 -9.57 -43.02
CA LEU G 453 -22.18 -8.50 -43.76
C LEU G 453 -22.96 -8.25 -45.00
N LYS G 454 -23.45 -7.05 -45.18
CA LYS G 454 -24.08 -6.82 -46.47
C LYS G 454 -23.27 -5.82 -47.31
N ILE G 455 -23.34 -6.03 -48.61
CA ILE G 455 -22.82 -5.06 -49.58
C ILE G 455 -23.67 -3.81 -49.53
N PHE G 456 -23.07 -2.69 -49.14
CA PHE G 456 -23.81 -1.44 -49.08
C PHE G 456 -23.66 -0.64 -50.39
N ARG G 457 -22.44 -0.57 -50.94
CA ARG G 457 -22.13 0.01 -52.24
C ARG G 457 -21.07 -0.90 -52.88
N GLU G 458 -21.15 -1.05 -54.20
CA GLU G 458 -20.21 -1.91 -54.93
C GLU G 458 -19.80 -1.24 -56.20
N SER G 459 -18.54 -0.90 -56.30
CA SER G 459 -17.98 -0.27 -57.53
C SER G 459 -17.91 -1.30 -58.62
N VAL G 460 -18.14 -0.87 -59.85
CA VAL G 460 -18.04 -1.74 -61.02
C VAL G 460 -17.20 -1.12 -62.12
N VAL G 461 -16.08 -1.77 -62.47
CA VAL G 461 -15.19 -1.29 -63.54
C VAL G 461 -15.87 -1.65 -64.84
N PRO G 462 -16.13 -0.67 -65.71
CA PRO G 462 -16.77 -0.95 -67.00
C PRO G 462 -15.93 -1.87 -67.88
N ASP G 463 -16.54 -2.95 -68.41
CA ASP G 463 -15.86 -3.83 -69.37
C ASP G 463 -14.64 -4.53 -68.77
N PHE G 464 -14.74 -4.95 -67.52
CA PHE G 464 -13.61 -5.63 -66.87
C PHE G 464 -14.15 -6.91 -66.36
N ASP G 465 -13.60 -8.00 -66.87
CA ASP G 465 -13.99 -9.31 -66.37
C ASP G 465 -12.90 -9.81 -65.47
N ARG G 466 -13.17 -9.72 -64.16
CA ARG G 466 -12.18 -10.13 -63.17
C ARG G 466 -11.85 -11.62 -63.19
N SER G 467 -12.78 -12.44 -63.69
CA SER G 467 -12.53 -13.88 -63.70
C SER G 467 -11.45 -14.31 -64.67
N GLU G 468 -10.98 -13.42 -65.53
CA GLU G 468 -9.87 -13.76 -66.42
C GLU G 468 -8.50 -13.64 -65.74
N PHE G 469 -8.46 -13.11 -64.53
CA PHE G 469 -7.20 -12.85 -63.85
C PHE G 469 -7.17 -13.58 -62.52
N GLU G 470 -5.99 -13.66 -61.92
CA GLU G 470 -5.88 -14.20 -60.57
C GLU G 470 -4.69 -13.57 -59.84
N VAL G 471 -4.79 -13.63 -58.52
CA VAL G 471 -3.75 -13.09 -57.63
C VAL G 471 -3.35 -14.22 -56.69
N LYS G 472 -2.06 -14.34 -56.41
CA LYS G 472 -1.55 -15.31 -55.54
C LYS G 472 -0.50 -14.71 -54.65
N GLN G 473 -0.28 -15.34 -53.52
CA GLN G 473 0.80 -14.94 -52.63
C GLN G 473 1.84 -16.08 -52.57
N VAL G 474 3.11 -15.75 -52.67
CA VAL G 474 4.16 -16.70 -52.49
C VAL G 474 5.24 -16.07 -51.66
N PHE G 475 6.07 -16.91 -51.05
CA PHE G 475 7.14 -16.45 -50.18
C PHE G 475 8.42 -16.80 -50.89
N VAL G 476 9.33 -15.86 -50.95
CA VAL G 476 10.55 -16.06 -51.71
C VAL G 476 11.74 -15.77 -50.79
N PRO G 477 12.88 -16.44 -51.06
CA PRO G 477 14.04 -16.30 -50.18
C PRO G 477 14.87 -15.08 -50.46
N SER G 478 15.24 -14.31 -49.42
CA SER G 478 16.14 -13.18 -49.57
C SER G 478 17.60 -13.64 -49.39
N LYS G 479 18.56 -12.75 -49.68
CA LYS G 479 19.99 -13.08 -49.58
C LYS G 479 20.38 -13.67 -48.23
N ASP G 480 19.83 -13.13 -47.15
CA ASP G 480 20.18 -13.61 -45.83
C ASP G 480 19.39 -14.80 -45.34
N GLY G 481 18.61 -15.47 -46.22
CA GLY G 481 17.82 -16.61 -45.79
C GLY G 481 16.44 -16.31 -45.23
N THR G 482 16.09 -15.02 -45.05
CA THR G 482 14.71 -14.60 -44.68
C THR G 482 13.71 -14.81 -45.80
N LYS G 483 12.53 -15.23 -45.46
CA LYS G 483 11.54 -15.36 -46.54
C LYS G 483 10.66 -14.08 -46.63
N ILE G 484 10.37 -13.64 -47.83
CA ILE G 484 9.65 -12.36 -48.11
C ILE G 484 8.33 -12.73 -48.78
N PRO G 485 7.19 -12.21 -48.24
CA PRO G 485 5.92 -12.43 -48.95
C PRO G 485 5.79 -11.52 -50.18
N ILE G 486 5.30 -12.05 -51.29
CA ILE G 486 4.96 -11.23 -52.44
C ILE G 486 3.60 -11.62 -53.00
N PHE G 487 2.88 -10.68 -53.57
CA PHE G 487 1.69 -10.96 -54.34
C PHE G 487 2.03 -10.89 -55.83
N ILE G 488 1.43 -11.79 -56.58
CA ILE G 488 1.61 -11.84 -58.00
C ILE G 488 0.24 -11.85 -58.66
N ALA G 489 0.02 -10.88 -59.57
CA ALA G 489 -1.25 -10.84 -60.36
C ALA G 489 -0.96 -11.02 -61.87
N ALA G 490 -1.82 -11.79 -62.53
CA ALA G 490 -1.66 -12.04 -63.93
C ALA G 490 -2.89 -12.71 -64.49
N ARG G 491 -3.02 -12.66 -65.79
CA ARG G 491 -4.03 -13.47 -66.47
C ARG G 491 -3.97 -14.90 -66.03
N LYS G 492 -5.13 -15.54 -65.88
CA LYS G 492 -5.18 -16.98 -65.55
C LYS G 492 -4.58 -17.78 -66.68
N GLY G 493 -3.89 -18.85 -66.31
CA GLY G 493 -3.40 -19.85 -67.24
C GLY G 493 -2.21 -19.43 -68.10
N ILE G 494 -1.44 -18.41 -67.72
CA ILE G 494 -0.28 -18.05 -68.51
C ILE G 494 0.83 -19.11 -68.40
N SER G 495 1.61 -19.26 -69.46
CA SER G 495 2.80 -20.11 -69.42
C SER G 495 3.96 -19.38 -68.75
N LEU G 496 4.63 -20.09 -67.86
CA LEU G 496 5.81 -19.55 -67.21
C LEU G 496 7.02 -19.80 -68.08
N ASP G 497 7.03 -19.10 -69.20
CA ASP G 497 8.03 -19.30 -70.24
C ASP G 497 8.97 -18.11 -70.36
N GLY G 498 8.99 -17.23 -69.34
CA GLY G 498 9.89 -16.06 -69.29
C GLY G 498 9.54 -14.86 -70.14
N SER G 499 8.47 -14.97 -70.87
CA SER G 499 8.17 -14.01 -71.96
C SER G 499 7.35 -12.79 -71.53
N HIS G 500 6.92 -12.67 -70.28
CA HIS G 500 5.90 -11.64 -69.93
C HIS G 500 6.56 -10.38 -69.37
N PRO G 501 6.03 -9.24 -69.68
CA PRO G 501 6.59 -8.06 -68.98
C PRO G 501 6.10 -8.05 -67.56
N CYS G 502 6.89 -7.50 -66.68
CA CYS G 502 6.63 -7.57 -65.31
C CYS G 502 6.88 -6.23 -64.66
N GLU G 503 5.92 -5.80 -63.86
CA GLU G 503 6.05 -4.58 -63.06
C GLU G 503 6.09 -4.96 -61.61
N MET G 504 7.09 -4.47 -60.88
CA MET G 504 7.17 -4.77 -59.46
C MET G 504 7.19 -3.50 -58.66
N HIS G 505 6.39 -3.49 -57.59
CA HIS G 505 6.23 -2.31 -56.72
C HIS G 505 6.63 -2.66 -55.28
N GLY G 506 7.24 -1.69 -54.60
CA GLY G 506 7.59 -1.86 -53.21
C GLY G 506 7.84 -0.51 -52.56
N TYR G 507 8.02 -0.52 -51.25
CA TYR G 507 8.31 0.72 -50.48
C TYR G 507 9.44 0.42 -49.51
N GLY G 508 9.12 -0.29 -48.44
CA GLY G 508 10.14 -0.82 -47.56
C GLY G 508 10.72 0.24 -46.56
N GLY G 509 9.90 0.66 -45.66
CA GLY G 509 10.35 1.62 -44.62
C GLY G 509 9.23 2.15 -43.78
N PHE G 510 9.58 2.78 -42.69
CA PHE G 510 8.66 3.60 -41.88
C PHE G 510 7.49 2.84 -41.26
N GLY G 511 7.60 1.52 -41.14
CA GLY G 511 6.52 0.69 -40.61
C GLY G 511 5.29 0.70 -41.52
N ILE G 512 5.42 1.15 -42.77
CA ILE G 512 4.29 1.18 -43.67
C ILE G 512 3.97 -0.21 -44.22
N ASN G 513 2.69 -0.54 -44.17
CA ASN G 513 2.17 -1.84 -44.71
C ASN G 513 1.68 -1.71 -46.13
N MET G 514 2.30 -2.46 -47.05
CA MET G 514 1.96 -2.33 -48.45
C MET G 514 0.87 -3.36 -48.75
N MET G 515 -0.33 -2.88 -49.05
CA MET G 515 -1.46 -3.77 -49.34
C MET G 515 -1.80 -3.85 -50.81
N PRO G 516 -2.35 -5.01 -51.27
CA PRO G 516 -2.72 -5.16 -52.69
C PRO G 516 -4.07 -4.56 -53.04
N THR G 517 -4.11 -3.23 -53.17
CA THR G 517 -5.36 -2.49 -53.40
C THR G 517 -5.64 -2.32 -54.90
N PHE G 518 -6.78 -1.73 -55.24
CA PHE G 518 -7.21 -1.60 -56.63
C PHE G 518 -6.53 -0.45 -57.34
N SER G 519 -5.98 -0.74 -58.54
CA SER G 519 -5.49 0.27 -59.49
C SER G 519 -6.05 -0.01 -60.84
N ALA G 520 -6.69 1.02 -61.44
CA ALA G 520 -7.25 0.85 -62.77
C ALA G 520 -6.15 0.70 -63.82
N SER G 521 -5.10 1.47 -63.68
CA SER G 521 -3.99 1.38 -64.63
C SER G 521 -3.31 -0.01 -64.62
N ARG G 522 -3.28 -0.65 -63.44
CA ARG G 522 -2.64 -1.93 -63.32
C ARG G 522 -3.47 -2.94 -64.13
N ILE G 523 -4.79 -2.78 -64.15
CA ILE G 523 -5.61 -3.67 -64.96
C ILE G 523 -5.33 -3.48 -66.45
N VAL G 524 -5.05 -2.27 -66.87
CA VAL G 524 -4.67 -2.03 -68.26
C VAL G 524 -3.34 -2.73 -68.60
N PHE G 525 -2.39 -2.61 -67.69
CA PHE G 525 -1.14 -3.38 -67.77
C PHE G 525 -1.36 -4.89 -67.90
N LEU G 526 -2.14 -5.45 -67.02
CA LEU G 526 -2.43 -6.89 -67.07
C LEU G 526 -3.15 -7.28 -68.36
N LYS G 527 -4.17 -6.54 -68.74
CA LYS G 527 -5.03 -6.97 -69.83
C LYS G 527 -4.48 -6.58 -71.20
N HIS G 528 -3.97 -5.36 -71.33
CA HIS G 528 -3.57 -4.84 -72.64
C HIS G 528 -2.09 -4.86 -72.93
N LEU G 529 -1.32 -5.20 -71.93
CA LEU G 529 0.12 -5.46 -72.16
C LEU G 529 0.50 -6.87 -71.76
N GLY G 530 -0.49 -7.68 -71.38
CA GLY G 530 -0.19 -9.03 -70.91
C GLY G 530 0.80 -9.08 -69.77
N GLY G 531 0.75 -8.09 -68.87
CA GLY G 531 1.69 -7.95 -67.84
C GLY G 531 1.50 -8.88 -66.64
N VAL G 532 2.58 -9.08 -65.89
CA VAL G 532 2.57 -9.72 -64.58
C VAL G 532 2.92 -8.63 -63.56
N PHE G 533 2.04 -8.43 -62.56
CA PHE G 533 2.29 -7.40 -61.52
C PHE G 533 2.71 -8.09 -60.24
N CYS G 534 3.71 -7.52 -59.56
CA CYS G 534 4.14 -8.02 -58.29
C CYS G 534 4.20 -6.90 -57.30
N LEU G 535 3.62 -7.13 -56.12
CA LEU G 535 3.80 -6.29 -54.96
C LEU G 535 4.63 -7.06 -53.94
N ALA G 536 5.75 -6.48 -53.52
CA ALA G 536 6.69 -7.12 -52.66
C ALA G 536 6.71 -6.50 -51.27
N ASN G 537 6.37 -7.34 -50.26
CA ASN G 537 6.32 -6.91 -48.83
C ASN G 537 7.66 -7.06 -48.14
N ILE G 538 8.61 -6.29 -48.64
CA ILE G 538 9.92 -6.23 -48.14
C ILE G 538 10.02 -5.63 -46.70
N ARG G 539 11.15 -5.92 -46.07
CA ARG G 539 11.43 -5.48 -44.74
C ARG G 539 11.56 -3.95 -44.72
N GLY G 540 11.47 -3.37 -43.53
CA GLY G 540 11.35 -1.91 -43.40
C GLY G 540 9.87 -1.51 -43.25
N GLY G 541 8.94 -2.32 -43.81
CA GLY G 541 7.58 -2.14 -43.59
C GLY G 541 7.18 -2.58 -42.21
N GLY G 542 5.86 -2.52 -41.91
CA GLY G 542 5.40 -2.97 -40.59
C GLY G 542 4.65 -4.31 -40.63
N GLU G 543 4.78 -5.06 -41.70
CA GLU G 543 3.78 -6.16 -41.97
C GLU G 543 3.83 -7.26 -40.92
N TYR G 544 5.02 -7.50 -40.37
CA TYR G 544 5.20 -8.50 -39.31
C TYR G 544 5.62 -7.86 -38.02
N GLY G 545 5.22 -6.64 -37.81
CA GLY G 545 5.46 -5.94 -36.58
C GLY G 545 6.75 -5.14 -36.59
N GLU G 546 7.05 -4.58 -35.43
CA GLU G 546 8.19 -3.68 -35.33
C GLU G 546 9.52 -4.35 -35.66
N GLU G 547 9.60 -5.67 -35.45
CA GLU G 547 10.82 -6.39 -35.85
C GLU G 547 11.05 -6.39 -37.37
N TRP G 548 9.98 -6.44 -38.15
CA TRP G 548 10.10 -6.32 -39.61
C TRP G 548 10.58 -4.93 -40.04
N HIS G 549 10.07 -3.89 -39.37
CA HIS G 549 10.49 -2.52 -39.61
C HIS G 549 12.00 -2.43 -39.32
N LYS G 550 12.43 -2.88 -38.14
CA LYS G 550 13.80 -2.65 -37.71
C LYS G 550 14.83 -3.52 -38.46
N ALA G 551 14.39 -4.61 -39.10
CA ALA G 551 15.23 -5.41 -39.93
C ALA G 551 15.45 -4.73 -41.26
N GLY G 552 14.84 -3.56 -41.47
CA GLY G 552 15.01 -2.82 -42.72
C GLY G 552 15.16 -1.36 -42.50
N PHE G 553 15.89 -1.00 -41.45
CA PHE G 553 16.19 0.40 -41.18
C PHE G 553 17.59 0.57 -40.64
N ARG G 554 18.04 1.82 -40.65
CA ARG G 554 19.32 2.24 -40.12
C ARG G 554 20.49 1.43 -40.70
N ASP G 555 21.23 0.72 -39.84
CA ASP G 555 22.35 -0.13 -40.30
C ASP G 555 21.86 -1.27 -41.21
N LYS G 556 20.58 -1.58 -41.17
CA LYS G 556 20.05 -2.71 -41.96
C LYS G 556 19.18 -2.30 -43.17
N LYS G 557 19.23 -1.03 -43.53
CA LYS G 557 18.50 -0.53 -44.69
C LYS G 557 18.83 -1.37 -45.94
N GLN G 558 20.10 -1.81 -46.09
CA GLN G 558 20.46 -2.57 -47.28
C GLN G 558 19.58 -3.83 -47.45
N ASN G 559 19.09 -4.41 -46.31
CA ASN G 559 18.21 -5.57 -46.37
C ASN G 559 16.98 -5.36 -47.23
N VAL G 560 16.47 -4.12 -47.20
CA VAL G 560 15.33 -3.75 -48.01
C VAL G 560 15.58 -3.99 -49.51
N PHE G 561 16.70 -3.48 -49.97
CA PHE G 561 17.07 -3.53 -51.36
C PHE G 561 17.34 -4.99 -51.74
N ASP G 562 18.02 -5.73 -50.83
CA ASP G 562 18.29 -7.12 -51.07
C ASP G 562 16.97 -7.91 -51.21
N ASP G 563 16.00 -7.58 -50.37
CA ASP G 563 14.68 -8.26 -50.47
C ASP G 563 14.02 -8.02 -51.83
N PHE G 564 14.04 -6.78 -52.29
CA PHE G 564 13.41 -6.37 -53.55
C PHE G 564 14.16 -7.05 -54.69
N ILE G 565 15.47 -7.04 -54.63
CA ILE G 565 16.26 -7.75 -55.65
C ILE G 565 15.95 -9.24 -55.68
N SER G 566 15.77 -9.85 -54.51
CA SER G 566 15.45 -11.23 -54.38
C SER G 566 14.10 -11.60 -54.99
N ALA G 567 13.14 -10.69 -54.87
CA ALA G 567 11.86 -10.88 -55.51
C ALA G 567 11.93 -10.87 -57.05
N ALA G 568 12.68 -9.94 -57.60
CA ALA G 568 12.91 -9.90 -59.06
C ALA G 568 13.60 -11.17 -59.54
N GLU G 569 14.59 -11.65 -58.74
CA GLU G 569 15.28 -12.93 -59.08
C GLU G 569 14.31 -14.11 -59.07
N TYR G 570 13.36 -14.12 -58.15
CA TYR G 570 12.37 -15.19 -58.12
C TYR G 570 11.46 -15.15 -59.35
N LEU G 571 11.01 -13.95 -59.72
CA LEU G 571 10.10 -13.83 -60.84
C LEU G 571 10.80 -14.28 -62.13
N ILE G 572 12.09 -14.04 -62.22
CA ILE G 572 12.90 -14.54 -63.35
C ILE G 572 13.11 -16.06 -63.32
N SER G 573 13.52 -16.60 -62.15
CA SER G 573 13.81 -18.03 -62.03
C SER G 573 12.60 -18.86 -62.25
N SER G 574 11.45 -18.38 -61.77
CA SER G 574 10.21 -19.14 -61.82
C SER G 574 9.52 -19.06 -63.17
N GLY G 575 10.02 -18.18 -64.03
CA GLY G 575 9.60 -18.15 -65.39
C GLY G 575 8.44 -17.18 -65.66
N TYR G 576 8.17 -16.24 -64.78
CA TYR G 576 7.16 -15.22 -65.12
C TYR G 576 7.71 -14.26 -66.20
N THR G 577 9.00 -13.95 -66.10
CA THR G 577 9.60 -12.82 -66.84
C THR G 577 11.07 -13.12 -67.00
N LYS G 578 11.83 -12.16 -67.52
CA LYS G 578 13.24 -12.32 -67.63
C LYS G 578 13.97 -11.01 -67.35
N ALA G 579 15.28 -11.12 -67.15
CA ALA G 579 16.07 -9.99 -66.69
C ALA G 579 15.73 -8.64 -67.30
N ARG G 580 15.78 -8.48 -68.58
CA ARG G 580 15.57 -7.08 -68.99
C ARG G 580 14.11 -6.74 -69.29
N ARG G 581 13.20 -7.58 -68.81
CA ARG G 581 11.80 -7.38 -68.97
C ARG G 581 11.07 -7.04 -67.64
N VAL G 582 11.83 -6.60 -66.65
CA VAL G 582 11.27 -6.27 -65.33
C VAL G 582 11.31 -4.75 -65.12
N ALA G 583 10.17 -4.16 -64.79
CA ALA G 583 10.13 -2.77 -64.47
C ALA G 583 9.90 -2.67 -63.00
N ILE G 584 10.59 -1.71 -62.38
CA ILE G 584 10.36 -1.41 -60.98
C ILE G 584 9.88 0.01 -60.76
N GLU G 585 9.00 0.18 -59.78
CA GLU G 585 8.39 1.51 -59.52
C GLU G 585 8.18 1.68 -58.03
N GLY G 586 8.34 2.94 -57.57
CA GLY G 586 8.20 3.23 -56.17
C GLY G 586 8.28 4.73 -55.92
N GLY G 587 7.71 5.19 -54.82
CA GLY G 587 7.57 6.62 -54.48
C GLY G 587 8.09 7.00 -53.10
N SER G 588 8.78 8.15 -53.02
CA SER G 588 9.37 8.68 -51.81
C SER G 588 10.47 7.76 -51.29
N ASN G 589 10.32 7.20 -50.09
CA ASN G 589 11.22 6.14 -49.67
C ASN G 589 11.25 4.97 -50.69
N GLY G 590 10.17 4.75 -51.42
CA GLY G 590 10.12 3.78 -52.50
C GLY G 590 10.85 4.24 -53.78
N GLY G 591 11.06 5.56 -53.88
CA GLY G 591 11.87 6.09 -54.96
C GLY G 591 13.34 5.83 -54.69
N LEU G 592 13.74 5.99 -53.41
CA LEU G 592 15.04 5.52 -52.95
C LEU G 592 15.26 4.02 -53.25
N LEU G 593 14.27 3.20 -52.89
CA LEU G 593 14.29 1.75 -53.22
C LEU G 593 14.68 1.56 -54.68
N VAL G 594 13.95 2.18 -55.61
CA VAL G 594 14.25 2.03 -57.06
C VAL G 594 15.69 2.44 -57.42
N ALA G 595 16.11 3.60 -56.94
CA ALA G 595 17.35 4.17 -57.32
C ALA G 595 18.51 3.32 -56.81
N ALA G 596 18.44 2.87 -55.55
CA ALA G 596 19.50 2.04 -55.03
C ALA G 596 19.56 0.71 -55.78
N CYS G 597 18.41 0.13 -56.10
CA CYS G 597 18.39 -1.14 -56.77
C CYS G 597 18.95 -1.03 -58.19
N ILE G 598 18.70 0.06 -58.91
CA ILE G 598 19.26 0.11 -60.23
C ILE G 598 20.75 0.37 -60.19
N ASN G 599 21.24 1.07 -59.16
CA ASN G 599 22.69 1.27 -58.99
C ASN G 599 23.38 -0.06 -58.72
N GLN G 600 22.75 -0.89 -57.90
CA GLN G 600 23.33 -2.13 -57.43
C GLN G 600 23.20 -3.31 -58.40
N ARG G 601 22.06 -3.43 -59.09
CA ARG G 601 21.80 -4.49 -60.04
C ARG G 601 21.13 -3.98 -61.33
N PRO G 602 21.83 -3.09 -62.06
CA PRO G 602 21.22 -2.62 -63.30
C PRO G 602 20.90 -3.73 -64.29
N ASP G 603 21.60 -4.85 -64.19
CA ASP G 603 21.43 -5.93 -65.13
C ASP G 603 20.07 -6.60 -65.02
N LEU G 604 19.37 -6.41 -63.88
CA LEU G 604 18.10 -7.10 -63.67
C LEU G 604 16.95 -6.42 -64.34
N PHE G 605 17.07 -5.13 -64.54
CA PHE G 605 15.90 -4.35 -64.83
C PHE G 605 15.90 -3.78 -66.24
N GLY G 606 14.72 -3.75 -66.88
CA GLY G 606 14.52 -3.08 -68.14
C GLY G 606 13.98 -1.66 -68.05
N CYS G 607 13.39 -1.31 -66.92
CA CYS G 607 12.75 0.03 -66.75
C CYS G 607 12.70 0.36 -65.31
N ALA G 608 13.00 1.61 -64.97
CA ALA G 608 12.92 2.04 -63.57
C ALA G 608 12.20 3.39 -63.48
N GLU G 609 11.20 3.47 -62.59
CA GLU G 609 10.39 4.66 -62.44
C GLU G 609 10.36 5.08 -60.96
N ALA G 610 11.04 6.19 -60.67
CA ALA G 610 11.25 6.61 -59.28
C ALA G 610 10.50 7.91 -59.09
N ASN G 611 9.45 7.85 -58.28
CA ASN G 611 8.64 8.98 -57.96
C ASN G 611 9.10 9.70 -56.71
N CYS G 612 9.38 10.98 -56.84
CA CYS G 612 9.89 11.85 -55.78
C CYS G 612 10.75 11.15 -54.72
N GLY G 613 11.87 10.56 -55.17
CA GLY G 613 12.67 9.75 -54.29
C GLY G 613 13.59 10.59 -53.41
N VAL G 614 14.03 10.01 -52.30
CA VAL G 614 15.10 10.59 -51.49
C VAL G 614 16.40 10.03 -52.04
N MET G 615 17.08 10.86 -52.83
CA MET G 615 18.26 10.49 -53.55
C MET G 615 19.23 11.43 -52.80
N ASP G 616 20.45 11.23 -52.68
CA ASP G 616 21.08 12.22 -51.65
C ASP G 616 20.78 11.94 -50.17
N MET G 617 21.26 10.78 -49.79
CA MET G 617 21.11 10.34 -48.43
C MET G 617 22.12 11.08 -47.47
N LEU G 618 23.09 11.79 -48.02
CA LEU G 618 24.01 12.60 -47.13
C LEU G 618 23.48 13.91 -46.70
N ARG G 619 22.58 14.52 -47.50
CA ARG G 619 22.06 15.83 -47.21
C ARG G 619 20.58 15.93 -46.98
N PHE G 620 19.84 14.84 -47.12
CA PHE G 620 18.34 14.90 -46.98
C PHE G 620 17.86 15.55 -45.69
N HIS G 621 18.60 15.35 -44.61
CA HIS G 621 18.19 15.89 -43.31
C HIS G 621 18.19 17.43 -43.27
N LYS G 622 18.80 18.08 -44.26
CA LYS G 622 18.96 19.54 -44.23
C LYS G 622 17.79 20.30 -44.84
N PHE G 623 16.84 19.60 -45.49
CA PHE G 623 15.80 20.25 -46.24
C PHE G 623 14.42 19.92 -45.68
N THR G 624 13.59 20.96 -45.56
CA THR G 624 12.19 20.89 -45.11
C THR G 624 11.92 19.83 -44.05
N LEU G 625 11.22 18.75 -44.34
CA LEU G 625 10.91 17.86 -43.21
C LEU G 625 11.80 16.59 -43.23
N GLY G 626 12.90 16.62 -43.99
CA GLY G 626 13.85 15.54 -44.02
C GLY G 626 14.40 15.15 -42.65
N TYR G 627 14.51 16.12 -41.76
CA TYR G 627 14.99 15.85 -40.41
C TYR G 627 14.14 14.77 -39.70
N LEU G 628 12.88 14.63 -40.07
CA LEU G 628 12.05 13.61 -39.43
C LEU G 628 12.40 12.14 -39.76
N TRP G 629 13.20 11.93 -40.79
CA TRP G 629 13.49 10.60 -41.34
C TRP G 629 14.78 9.95 -40.82
N THR G 630 15.51 10.68 -40.00
CA THR G 630 16.74 10.20 -39.47
C THR G 630 16.52 8.97 -38.58
N GLY G 631 15.31 8.85 -38.02
CA GLY G 631 14.97 7.69 -37.24
C GLY G 631 15.11 6.41 -38.11
N ASP G 632 14.63 6.45 -39.36
CA ASP G 632 14.75 5.29 -40.24
C ASP G 632 16.11 5.21 -40.95
N TYR G 633 16.68 6.35 -41.29
CA TYR G 633 17.83 6.33 -42.16
C TYR G 633 18.92 6.64 -41.19
N GLY G 634 20.14 6.65 -41.44
CA GLY G 634 20.58 7.50 -40.13
C GLY G 634 20.69 9.01 -40.39
N CYS G 635 21.82 9.59 -39.97
CA CYS G 635 22.22 10.98 -40.32
C CYS G 635 23.73 11.06 -40.55
N SER G 636 24.15 11.65 -41.67
CA SER G 636 25.54 11.71 -42.04
C SER G 636 26.38 12.60 -41.10
N ASP G 637 25.75 13.28 -40.14
CA ASP G 637 26.47 14.03 -39.07
C ASP G 637 27.14 13.07 -38.08
N LYS G 638 26.79 11.78 -38.10
CA LYS G 638 27.39 10.83 -37.18
C LYS G 638 28.13 9.83 -37.99
N GLU G 639 29.40 9.65 -37.65
CA GLU G 639 30.31 8.86 -38.51
C GLU G 639 29.80 7.42 -38.81
N GLU G 640 29.39 6.70 -37.78
CA GLU G 640 28.89 5.32 -37.96
C GLU G 640 27.70 5.31 -38.95
N GLU G 641 26.87 6.35 -38.93
CA GLU G 641 25.65 6.36 -39.72
C GLU G 641 26.01 6.81 -41.13
N PHE G 642 26.90 7.81 -41.25
CA PHE G 642 27.53 8.11 -42.57
C PHE G 642 27.97 6.85 -43.28
N LYS G 643 28.57 5.90 -42.54
CA LYS G 643 29.18 4.73 -43.15
C LYS G 643 28.10 3.82 -43.76
N TRP G 644 26.91 3.77 -43.14
CA TRP G 644 25.76 3.05 -43.74
C TRP G 644 25.31 3.80 -44.98
N LEU G 645 25.17 5.11 -44.86
CA LEU G 645 24.47 5.95 -45.85
C LEU G 645 25.24 6.02 -47.16
N ILE G 646 26.56 6.14 -47.08
CA ILE G 646 27.38 6.32 -48.27
C ILE G 646 27.37 5.08 -49.16
N LYS G 647 27.10 3.94 -48.60
CA LYS G 647 27.10 2.73 -49.39
C LYS G 647 25.94 2.59 -50.34
N TYR G 648 24.82 3.21 -50.01
CA TYR G 648 23.64 3.13 -50.89
C TYR G 648 23.04 4.47 -51.39
N SER G 649 23.51 5.59 -50.87
CA SER G 649 23.01 6.90 -51.32
C SER G 649 23.00 6.98 -52.84
N PRO G 650 21.82 7.27 -53.43
CA PRO G 650 21.78 7.02 -54.86
C PRO G 650 22.72 7.95 -55.68
N ILE G 651 22.83 9.23 -55.33
CA ILE G 651 23.65 10.11 -56.10
C ILE G 651 25.14 9.92 -55.90
N HIS G 652 25.49 9.09 -54.92
CA HIS G 652 26.87 8.73 -54.66
C HIS G 652 27.28 7.34 -55.15
N ASN G 653 26.39 6.64 -55.83
CA ASN G 653 26.67 5.28 -56.25
C ASN G 653 26.28 4.99 -57.69
N VAL G 654 26.26 6.01 -58.51
CA VAL G 654 26.11 5.83 -59.93
C VAL G 654 27.47 5.43 -60.53
N ARG G 655 27.52 4.26 -61.15
CA ARG G 655 28.73 3.73 -61.74
C ARG G 655 28.38 3.07 -63.06
N ARG G 656 29.31 3.16 -64.01
CA ARG G 656 29.17 2.52 -65.32
C ARG G 656 29.27 1.02 -65.24
N PRO G 657 28.15 0.29 -65.42
CA PRO G 657 28.27 -1.14 -65.21
C PRO G 657 29.19 -1.88 -66.21
N TRP G 658 29.27 -1.35 -67.41
CA TRP G 658 30.06 -1.97 -68.47
C TRP G 658 31.58 -1.91 -68.24
N GLU G 659 32.05 -1.10 -67.30
CA GLU G 659 33.46 -1.11 -66.88
C GLU G 659 33.82 -2.24 -65.90
N GLN G 660 32.83 -3.00 -65.43
CA GLN G 660 33.08 -4.14 -64.57
C GLN G 660 33.33 -5.39 -65.40
N PRO G 661 34.40 -6.15 -65.07
CA PRO G 661 34.81 -7.28 -65.87
C PRO G 661 33.69 -8.27 -66.01
N GLY G 662 33.48 -8.75 -67.22
CA GLY G 662 32.40 -9.64 -67.49
C GLY G 662 31.09 -8.93 -67.74
N ASN G 663 30.98 -7.65 -67.37
CA ASN G 663 29.67 -6.97 -67.40
C ASN G 663 29.58 -5.96 -68.54
N GLU G 664 30.33 -6.21 -69.62
CA GLU G 664 30.42 -5.28 -70.77
C GLU G 664 29.09 -5.12 -71.53
N GLU G 665 28.22 -6.12 -71.50
CA GLU G 665 26.90 -6.04 -72.13
C GLU G 665 25.80 -5.25 -71.30
N THR G 666 26.10 -4.78 -70.09
CA THR G 666 25.09 -4.22 -69.19
C THR G 666 25.05 -2.71 -69.24
N GLN G 667 23.85 -2.15 -69.29
CA GLN G 667 23.63 -0.73 -69.09
C GLN G 667 22.50 -0.50 -68.05
N TYR G 668 22.32 0.74 -67.64
CA TYR G 668 21.20 1.05 -66.76
C TYR G 668 19.90 0.84 -67.55
N PRO G 669 18.85 0.40 -66.87
CA PRO G 669 17.53 0.41 -67.46
C PRO G 669 17.13 1.79 -67.92
N ALA G 670 16.20 1.83 -68.86
CA ALA G 670 15.49 3.04 -69.22
C ALA G 670 14.87 3.61 -67.91
N THR G 671 15.24 4.83 -67.57
CA THR G 671 14.94 5.38 -66.24
C THR G 671 14.11 6.66 -66.39
N MET G 672 12.96 6.72 -65.68
CA MET G 672 12.16 7.95 -65.53
C MET G 672 12.11 8.35 -64.09
N ILE G 673 12.60 9.54 -63.83
CA ILE G 673 12.64 10.11 -62.55
C ILE G 673 11.48 11.11 -62.50
N LEU G 674 10.48 10.87 -61.65
CA LEU G 674 9.30 11.75 -61.62
C LEU G 674 9.33 12.62 -60.40
N THR G 675 9.02 13.87 -60.54
CA THR G 675 8.77 14.75 -59.36
C THR G 675 7.87 15.96 -59.73
N ALA G 676 7.12 16.43 -58.73
CA ALA G 676 6.38 17.70 -58.81
C ALA G 676 7.37 18.83 -58.59
N ASP G 677 7.21 19.95 -59.31
CA ASP G 677 8.21 21.04 -59.27
C ASP G 677 8.24 21.71 -57.92
N HIS G 678 7.11 21.65 -57.17
CA HIS G 678 6.99 22.24 -55.82
C HIS G 678 6.66 21.20 -54.69
N ASP G 679 7.28 20.04 -54.80
CA ASP G 679 7.24 19.08 -53.69
C ASP G 679 8.03 19.67 -52.53
N ASP G 680 7.32 20.00 -51.44
CA ASP G 680 7.93 20.53 -50.21
C ASP G 680 8.12 19.43 -49.16
N ARG G 681 7.70 18.21 -49.46
CA ARG G 681 7.94 17.06 -48.58
C ARG G 681 9.27 16.39 -48.89
N VAL G 682 9.39 15.92 -50.12
CA VAL G 682 10.68 15.50 -50.70
C VAL G 682 11.10 16.53 -51.75
N VAL G 683 12.06 17.36 -51.38
CA VAL G 683 12.49 18.44 -52.25
C VAL G 683 13.05 17.92 -53.52
N PRO G 684 12.70 18.56 -54.65
CA PRO G 684 13.06 18.02 -55.97
C PRO G 684 14.56 18.06 -56.33
N LEU G 685 15.36 18.83 -55.59
CA LEU G 685 16.81 18.73 -55.74
C LEU G 685 17.28 17.27 -55.71
N HIS G 686 16.56 16.39 -54.99
CA HIS G 686 16.94 14.98 -54.94
C HIS G 686 16.91 14.34 -56.34
N SER G 687 15.74 14.45 -56.96
CA SER G 687 15.54 14.00 -58.29
C SER G 687 16.49 14.68 -59.23
N PHE G 688 16.68 15.99 -59.07
CA PHE G 688 17.47 16.74 -60.08
C PHE G 688 18.96 16.35 -60.03
N LYS G 689 19.48 16.22 -58.81
CA LYS G 689 20.88 15.79 -58.65
C LYS G 689 21.13 14.36 -59.09
N LEU G 690 20.15 13.47 -58.89
CA LEU G 690 20.29 12.14 -59.40
C LEU G 690 20.27 12.16 -60.91
N LEU G 691 19.34 12.88 -61.49
CA LEU G 691 19.24 12.98 -62.95
C LEU G 691 20.56 13.45 -63.54
N ALA G 692 21.12 14.51 -62.95
CA ALA G 692 22.37 15.14 -63.45
C ALA G 692 23.54 14.17 -63.36
N THR G 693 23.62 13.52 -62.20
CA THR G 693 24.65 12.54 -61.98
C THR G 693 24.58 11.37 -62.95
N MET G 694 23.40 10.79 -63.09
CA MET G 694 23.28 9.69 -64.07
C MET G 694 23.61 10.13 -65.46
N GLN G 695 23.08 11.27 -65.88
CA GLN G 695 23.30 11.67 -67.27
C GLN G 695 24.80 11.89 -67.57
N HIS G 696 25.51 12.47 -66.61
CA HIS G 696 26.94 12.72 -66.70
C HIS G 696 27.72 11.42 -66.72
N VAL G 697 27.58 10.61 -65.66
CA VAL G 697 28.40 9.39 -65.50
C VAL G 697 28.18 8.46 -66.69
N LEU G 698 26.93 8.34 -67.11
CA LEU G 698 26.53 7.28 -68.03
C LEU G 698 26.43 7.75 -69.45
N CYS G 699 26.27 9.05 -69.69
CA CYS G 699 26.01 9.48 -71.05
C CYS G 699 26.96 10.60 -71.57
N THR G 700 26.87 11.79 -70.99
CA THR G 700 27.60 12.97 -71.54
C THR G 700 29.12 13.05 -71.22
N SER G 701 29.61 12.28 -70.24
CA SER G 701 31.04 12.18 -69.98
C SER G 701 31.76 11.35 -71.04
N LEU G 702 31.03 10.71 -71.94
CA LEU G 702 31.62 9.82 -72.93
C LEU G 702 31.26 10.30 -74.30
N GLU G 703 32.09 10.00 -75.27
CA GLU G 703 31.83 10.44 -76.63
C GLU G 703 30.68 9.67 -77.23
N ASP G 704 30.71 8.34 -77.13
CA ASP G 704 29.63 7.55 -77.73
C ASP G 704 29.23 6.40 -76.80
N SER G 705 28.61 6.76 -75.68
CA SER G 705 28.37 5.83 -74.59
C SER G 705 27.61 4.57 -74.99
N PRO G 706 27.87 3.44 -74.30
CA PRO G 706 27.03 2.28 -74.45
C PRO G 706 25.62 2.45 -73.84
N GLN G 707 25.46 3.45 -72.99
CA GLN G 707 24.18 3.73 -72.39
C GLN G 707 23.24 4.32 -73.42
N LYS G 708 22.39 3.45 -73.97
CA LYS G 708 21.39 3.84 -74.96
C LYS G 708 20.02 3.97 -74.42
N ASN G 709 19.69 3.21 -73.37
CA ASN G 709 18.39 3.38 -72.70
C ASN G 709 18.31 4.81 -72.15
N PRO G 710 17.19 5.51 -72.44
CA PRO G 710 17.06 6.86 -72.00
C PRO G 710 16.97 7.06 -70.47
N ILE G 711 17.51 8.20 -70.04
CA ILE G 711 17.47 8.65 -68.66
C ILE G 711 16.85 10.06 -68.67
N ILE G 712 15.61 10.16 -68.18
CA ILE G 712 14.82 11.38 -68.26
C ILE G 712 14.08 11.64 -66.96
N ALA G 713 13.64 12.87 -66.77
CA ALA G 713 12.76 13.22 -65.66
C ALA G 713 11.45 13.70 -66.17
N ARG G 714 10.36 13.23 -65.54
CA ARG G 714 9.04 13.79 -65.86
C ARG G 714 8.71 14.75 -64.74
N ILE G 715 8.80 16.05 -65.01
CA ILE G 715 8.67 17.07 -63.97
C ILE G 715 7.32 17.66 -64.10
N GLN G 716 6.48 17.50 -63.10
CA GLN G 716 5.13 18.05 -63.15
C GLN G 716 5.20 19.54 -62.76
N ARG G 717 4.78 20.40 -63.67
CA ARG G 717 4.67 21.84 -63.40
C ARG G 717 3.50 22.17 -62.47
N LYS G 718 3.74 23.14 -61.60
CA LYS G 718 2.69 23.72 -60.74
C LYS G 718 1.98 22.64 -59.95
N ALA G 719 2.80 21.83 -59.28
CA ALA G 719 2.32 20.73 -58.48
C ALA G 719 3.05 20.71 -57.17
N ALA G 720 2.29 20.42 -56.11
CA ALA G 720 2.85 20.05 -54.82
C ALA G 720 2.89 18.53 -54.71
N HIS G 721 3.38 18.05 -53.57
CA HIS G 721 3.39 16.61 -53.30
C HIS G 721 1.93 16.08 -53.27
N TYR G 722 1.04 16.84 -52.63
CA TYR G 722 -0.36 16.38 -52.32
C TYR G 722 -1.46 16.22 -53.41
N GLY G 723 -2.20 15.10 -53.21
CA GLY G 723 -3.49 14.74 -53.80
C GLY G 723 -3.83 15.31 -55.17
N ARG G 724 -3.01 15.05 -56.15
CA ARG G 724 -3.31 15.49 -57.44
C ARG G 724 -4.68 14.94 -58.08
N ALA G 725 -5.22 15.88 -58.82
CA ALA G 725 -6.47 15.72 -59.48
C ALA G 725 -6.47 14.45 -60.41
N THR G 726 -7.62 13.84 -60.57
CA THR G 726 -7.80 12.67 -61.42
C THR G 726 -7.07 12.70 -62.75
N MET G 727 -7.34 13.73 -63.57
CA MET G 727 -6.75 13.79 -64.88
C MET G 727 -5.25 14.02 -64.85
N THR G 728 -4.76 14.79 -63.89
CA THR G 728 -3.34 14.99 -63.73
C THR G 728 -2.64 13.68 -63.38
N GLN G 729 -3.21 12.92 -62.45
CA GLN G 729 -2.67 11.64 -62.08
C GLN G 729 -2.77 10.60 -63.23
N ILE G 730 -3.89 10.58 -63.93
CA ILE G 730 -3.98 9.75 -65.13
C ILE G 730 -2.93 10.09 -66.16
N ALA G 731 -2.68 11.38 -66.42
CA ALA G 731 -1.66 11.77 -67.45
C ALA G 731 -0.28 11.27 -67.05
N GLU G 732 0.04 11.38 -65.76
CA GLU G 732 1.35 10.87 -65.24
C GLU G 732 1.50 9.36 -65.44
N VAL G 733 0.51 8.63 -65.00
CA VAL G 733 0.50 7.18 -65.09
C VAL G 733 0.48 6.65 -66.54
N ALA G 734 -0.24 7.29 -67.43
CA ALA G 734 -0.20 6.95 -68.84
C ALA G 734 1.17 7.12 -69.40
N ASP G 735 1.87 8.24 -69.03
CA ASP G 735 3.23 8.45 -69.46
C ASP G 735 4.12 7.39 -68.91
N ARG G 736 3.97 7.09 -67.63
CA ARG G 736 4.86 6.07 -67.02
C ARG G 736 4.68 4.66 -67.66
N TYR G 737 3.44 4.23 -67.94
CA TYR G 737 3.21 2.95 -68.62
C TYR G 737 3.65 2.94 -70.10
N GLY G 738 3.45 4.05 -70.81
CA GLY G 738 3.87 4.06 -72.22
C GLY G 738 5.37 3.95 -72.30
N PHE G 739 6.09 4.70 -71.44
CA PHE G 739 7.56 4.62 -71.32
C PHE G 739 8.01 3.21 -70.98
N MET G 740 7.34 2.60 -70.03
CA MET G 740 7.58 1.23 -69.68
C MET G 740 7.33 0.28 -70.82
N ALA G 741 6.21 0.40 -71.53
CA ALA G 741 5.97 -0.58 -72.62
C ALA G 741 7.08 -0.47 -73.69
N LYS G 742 7.54 0.74 -73.91
CA LYS G 742 8.60 0.98 -74.90
C LYS G 742 9.94 0.44 -74.41
N ALA G 743 10.27 0.70 -73.13
CA ALA G 743 11.49 0.21 -72.50
C ALA G 743 11.53 -1.31 -72.54
N LEU G 744 10.42 -1.96 -72.27
CA LEU G 744 10.36 -3.42 -72.26
C LEU G 744 10.07 -4.07 -73.59
N GLU G 745 9.95 -3.29 -74.65
CA GLU G 745 9.58 -3.81 -75.96
C GLU G 745 8.35 -4.68 -75.92
N ALA G 746 7.33 -4.20 -75.21
CA ALA G 746 6.12 -4.97 -75.02
C ALA G 746 5.01 -4.44 -75.91
N PRO G 747 4.40 -5.32 -76.72
CA PRO G 747 3.31 -4.92 -77.60
C PRO G 747 1.98 -4.78 -76.90
N TRP G 748 1.16 -3.91 -77.44
CA TRP G 748 -0.22 -3.76 -77.01
C TRP G 748 -1.04 -4.96 -77.47
N ILE G 749 -1.95 -5.42 -76.63
CA ILE G 749 -2.88 -6.48 -76.97
C ILE G 749 -4.29 -5.88 -77.01
N ASN H 14 -7.68 10.70 -49.01
CA ASN H 14 -8.96 10.90 -49.79
C ASN H 14 -8.63 11.06 -51.32
N ALA H 15 -7.98 10.03 -51.88
CA ALA H 15 -7.60 10.04 -53.27
C ALA H 15 -8.85 10.20 -54.12
N SER H 16 -8.77 11.00 -55.18
CA SER H 16 -9.94 11.23 -56.03
C SER H 16 -10.35 9.98 -56.86
N ALA H 17 -9.39 9.09 -57.11
CA ALA H 17 -9.62 7.95 -58.03
C ALA H 17 -8.51 6.90 -57.87
N PRO H 18 -8.81 5.61 -57.98
CA PRO H 18 -7.82 4.55 -57.88
C PRO H 18 -7.08 4.35 -59.22
N VAL H 19 -6.23 5.28 -59.53
CA VAL H 19 -5.63 5.32 -60.85
C VAL H 19 -4.69 4.14 -60.99
AS CAC I . -43.70 -5.42 10.50
O1 CAC I . -42.58 -6.63 10.20
O2 CAC I . -43.17 -4.34 11.81
C1 CAC I . -44.02 -4.45 8.85
C2 CAC I . -45.42 -6.23 11.10
AS CAC J . 39.54 0.97 -14.13
O1 CAC J . 37.80 1.46 -14.23
O2 CAC J . 39.67 -0.26 -12.95
C1 CAC J . 40.16 0.42 -15.89
C2 CAC J . 40.45 2.47 -13.38
AS CAC K . -6.33 -4.52 51.14
O1 CAC K . -7.06 -3.57 52.44
O2 CAC K . -5.25 -5.53 51.99
C1 CAC K . -7.51 -5.70 50.23
C2 CAC K . -5.36 -3.31 49.92
AS CAC L . 8.91 9.32 -46.94
O1 CAC L . 8.67 7.92 -47.97
O2 CAC L . 7.93 10.55 -47.63
C1 CAC L . 8.28 8.85 -45.15
C2 CAC L . 10.79 9.84 -46.96
#